data_9DQL
#
_entry.id   9DQL
#
_cell.length_a   122.190
_cell.length_b   93.880
_cell.length_c   133.720
_cell.angle_alpha   90.000
_cell.angle_beta   97.870
_cell.angle_gamma   90.000
#
_symmetry.space_group_name_H-M   'P 1 21 1'
#
loop_
_entity.id
_entity.type
_entity.pdbx_description
1 polymer 'ATP-dependent Clp protease proteolytic subunit, mitochondrial'
2 non-polymer N-[(1R)-1-(DIHYDROXYBORYL)-3-METHYLBUTYL]-N-(PYRAZIN-2-YLCARBONYL)-L-PHENYLALANINAMIDE
3 non-polymer 'CHLORIDE ION'
#
_entity_poly.entity_id   1
_entity_poly.type   'polypeptide(L)'
_entity_poly.pdbx_seq_one_letter_code
;MWPGILVGGARVASCRYPALGPRLAAHFPAQRPPQRTLQNGLALQRCLHATATRALPLIPIVVEQTGRGERAYDIYSRLL
RERIVCVMGPIDDSVASLVIAQLLFLQSESNKKPIHMYINSPGGVVTAGLAIYDTMQYILNPICTWCVGQAASMGSLLLA
AGTPGMRHSLPNSRIMIHQPSGGARGQATDIEIQAREIMKLKKQLYNIYAKHTKQSLQVIESAMERDRYMSPMEAQEFGI
LDKVLVHPPQDGEDEPTLVQKEPVEAAPAAEPVPAST
;
_entity_poly.pdbx_strand_id   A,B,C,D,E,F,G,H,I,J,K,L,M,N
#
loop_
_chem_comp.id
_chem_comp.type
_chem_comp.name
_chem_comp.formula
BO2 non-polymer N-[(1R)-1-(DIHYDROXYBORYL)-3-METHYLBUTYL]-N-(PYRAZIN-2-YLCARBONYL)-L-PHENYLALANINAMIDE 'C19 H25 B N4 O4'
CL non-polymer 'CHLORIDE ION' 'Cl -1'
#
# COMPACT_ATOMS: atom_id res chain seq x y z
N ILE A 59 11.70 -3.30 -30.02
CA ILE A 59 12.98 -3.40 -30.74
C ILE A 59 12.79 -4.05 -32.10
N PRO A 60 12.95 -3.27 -33.18
CA PRO A 60 12.79 -3.84 -34.52
C PRO A 60 13.94 -4.76 -34.89
N ILE A 61 13.66 -5.68 -35.81
CA ILE A 61 14.63 -6.68 -36.25
C ILE A 61 15.01 -6.39 -37.70
N VAL A 62 16.31 -6.30 -37.97
CA VAL A 62 16.80 -6.04 -39.31
C VAL A 62 17.74 -7.16 -39.75
N TYR A 73 18.86 -8.51 -36.78
CA TYR A 73 19.03 -8.20 -35.37
C TYR A 73 18.40 -6.86 -34.99
N ASP A 74 18.58 -6.44 -33.74
CA ASP A 74 17.98 -5.19 -33.27
C ASP A 74 18.52 -4.01 -34.06
N ILE A 75 17.71 -2.95 -34.13
CA ILE A 75 18.07 -1.78 -34.93
C ILE A 75 19.34 -1.12 -34.39
N TYR A 76 19.60 -1.26 -33.08
CA TYR A 76 20.82 -0.68 -32.52
C TYR A 76 22.06 -1.49 -32.94
N SER A 77 21.91 -2.79 -33.15
CA SER A 77 23.03 -3.59 -33.64
C SER A 77 23.39 -3.22 -35.08
N ARG A 78 22.39 -2.84 -35.88
CA ARG A 78 22.67 -2.41 -37.24
C ARG A 78 23.42 -1.09 -37.26
N LEU A 79 23.05 -0.16 -36.37
CA LEU A 79 23.79 1.10 -36.28
C LEU A 79 25.17 0.88 -35.68
N LEU A 80 25.32 -0.15 -34.84
CA LEU A 80 26.66 -0.46 -34.33
C LEU A 80 27.56 -0.97 -35.43
N ARG A 81 27.00 -1.66 -36.43
CA ARG A 81 27.78 -2.02 -37.61
C ARG A 81 28.27 -0.78 -38.35
N GLU A 82 27.44 0.25 -38.41
CA GLU A 82 27.83 1.55 -38.96
C GLU A 82 28.68 2.36 -37.98
N ARG A 83 29.15 1.74 -36.89
CA ARG A 83 29.98 2.40 -35.88
C ARG A 83 29.25 3.57 -35.22
N ILE A 84 28.02 3.32 -34.81
CA ILE A 84 27.19 4.29 -34.11
C ILE A 84 26.83 3.74 -32.75
N VAL A 85 27.01 4.55 -31.71
CA VAL A 85 26.69 4.17 -30.33
C VAL A 85 25.65 5.15 -29.81
N CYS A 86 24.52 4.61 -29.32
CA CYS A 86 23.43 5.42 -28.81
C CYS A 86 23.52 5.52 -27.30
N VAL A 87 23.68 6.74 -26.79
CA VAL A 87 23.65 6.97 -25.35
C VAL A 87 22.42 7.80 -25.03
N MET A 88 21.27 7.15 -24.95
CA MET A 88 20.01 7.84 -24.74
C MET A 88 19.34 7.32 -23.46
N GLY A 89 18.63 8.22 -22.79
CA GLY A 89 18.03 7.90 -21.52
C GLY A 89 18.98 8.20 -20.37
N PRO A 90 18.51 8.02 -19.15
CA PRO A 90 19.38 8.23 -17.98
C PRO A 90 20.58 7.31 -18.03
N ILE A 91 21.67 7.77 -17.38
CA ILE A 91 22.96 7.10 -17.43
C ILE A 91 23.24 6.52 -16.06
N ASP A 92 23.19 5.19 -15.95
CA ASP A 92 23.57 4.48 -14.73
C ASP A 92 24.63 3.44 -15.07
N ASP A 93 24.95 2.58 -14.09
CA ASP A 93 25.98 1.58 -14.31
C ASP A 93 25.62 0.63 -15.44
N SER A 94 24.33 0.37 -15.65
CA SER A 94 23.93 -0.51 -16.73
C SER A 94 24.17 0.14 -18.09
N VAL A 95 23.81 1.43 -18.22
CA VAL A 95 24.03 2.13 -19.48
C VAL A 95 25.52 2.28 -19.74
N ALA A 96 26.31 2.55 -18.69
CA ALA A 96 27.74 2.67 -18.86
C ALA A 96 28.35 1.35 -19.33
N SER A 97 27.86 0.24 -18.81
CA SER A 97 28.38 -1.06 -19.23
C SER A 97 28.14 -1.30 -20.71
N LEU A 98 26.93 -1.02 -21.18
CA LEU A 98 26.62 -1.23 -22.60
C LEU A 98 27.42 -0.28 -23.49
N VAL A 99 27.56 0.98 -23.06
CA VAL A 99 28.27 1.95 -23.88
C VAL A 99 29.75 1.61 -23.96
N ILE A 100 30.36 1.29 -22.82
CA ILE A 100 31.78 0.94 -22.81
C ILE A 100 32.02 -0.34 -23.61
N ALA A 101 31.12 -1.31 -23.49
CA ALA A 101 31.29 -2.57 -24.22
C ALA A 101 31.24 -2.34 -25.73
N GLN A 102 30.35 -1.46 -26.19
CA GLN A 102 30.30 -1.14 -27.62
C GLN A 102 31.55 -0.39 -28.06
N LEU A 103 32.03 0.56 -27.24
CA LEU A 103 33.22 1.32 -27.62
C LEU A 103 34.43 0.41 -27.72
N LEU A 104 34.60 -0.50 -26.76
CA LEU A 104 35.71 -1.43 -26.81
C LEU A 104 35.58 -2.37 -28.00
N PHE A 105 34.36 -2.83 -28.27
CA PHE A 105 34.14 -3.67 -29.45
C PHE A 105 34.43 -2.89 -30.73
N LEU A 106 34.06 -1.61 -30.78
CA LEU A 106 34.32 -0.82 -31.98
C LEU A 106 35.80 -0.52 -32.15
N GLN A 107 36.56 -0.42 -31.04
CA GLN A 107 37.99 -0.19 -31.17
C GLN A 107 38.71 -1.45 -31.63
N SER A 108 38.24 -2.62 -31.20
CA SER A 108 38.83 -3.87 -31.67
C SER A 108 38.60 -4.08 -33.15
N GLU A 109 37.48 -3.62 -33.68
CA GLU A 109 37.23 -3.74 -35.11
C GLU A 109 38.16 -2.83 -35.91
N SER A 110 38.37 -1.60 -35.44
CA SER A 110 39.25 -0.65 -36.12
C SER A 110 39.58 0.47 -35.15
N ASN A 111 40.86 0.59 -34.78
CA ASN A 111 41.31 1.66 -33.90
C ASN A 111 41.55 2.96 -34.64
N LYS A 112 41.22 3.02 -35.93
CA LYS A 112 41.39 4.23 -36.73
C LYS A 112 40.07 4.82 -37.20
N LYS A 113 39.07 3.98 -37.48
CA LYS A 113 37.80 4.48 -37.96
C LYS A 113 37.09 5.26 -36.84
N PRO A 114 36.36 6.32 -37.17
CA PRO A 114 35.70 7.11 -36.13
C PRO A 114 34.49 6.38 -35.58
N ILE A 115 34.09 6.80 -34.38
CA ILE A 115 32.92 6.26 -33.69
C ILE A 115 31.95 7.41 -33.48
N HIS A 116 30.71 7.22 -33.92
CA HIS A 116 29.68 8.23 -33.76
C HIS A 116 28.87 7.90 -32.51
N MET A 117 28.77 8.86 -31.60
CA MET A 117 28.08 8.68 -30.33
C MET A 117 26.92 9.66 -30.27
N TYR A 118 25.70 9.14 -30.36
CA TYR A 118 24.49 9.95 -30.30
C TYR A 118 24.00 10.02 -28.86
N ILE A 119 23.78 11.23 -28.37
CA ILE A 119 23.42 11.48 -26.98
C ILE A 119 22.06 12.13 -26.92
N ASN A 120 21.16 11.57 -26.10
CA ASN A 120 19.86 12.14 -25.77
C ASN A 120 19.56 11.78 -24.32
N SER A 121 20.35 12.35 -23.41
CA SER A 121 20.31 11.96 -22.02
C SER A 121 20.06 13.17 -21.12
N PRO A 122 19.20 13.03 -20.11
CA PRO A 122 19.05 14.09 -19.12
C PRO A 122 20.09 14.06 -18.02
N GLY A 123 21.04 13.14 -18.07
CA GLY A 123 22.04 13.00 -17.02
C GLY A 123 22.02 11.63 -16.37
N GLY A 124 22.61 11.52 -15.19
CA GLY A 124 22.63 10.24 -14.48
C GLY A 124 23.72 10.22 -13.43
N VAL A 125 24.22 9.00 -13.17
CA VAL A 125 25.22 8.78 -12.13
C VAL A 125 26.54 9.40 -12.54
N VAL A 126 27.22 10.02 -11.57
CA VAL A 126 28.51 10.65 -11.87
C VAL A 126 29.55 9.59 -12.20
N THR A 127 29.63 8.54 -11.38
CA THR A 127 30.64 7.51 -11.59
C THR A 127 30.42 6.79 -12.92
N ALA A 128 29.17 6.49 -13.26
CA ALA A 128 28.90 5.82 -14.52
C ALA A 128 29.25 6.71 -15.71
N GLY A 129 28.93 8.00 -15.63
CA GLY A 129 29.27 8.90 -16.71
C GLY A 129 30.78 9.08 -16.86
N LEU A 130 31.50 9.16 -15.74
CA LEU A 130 32.95 9.24 -15.80
C LEU A 130 33.56 7.96 -16.36
N ALA A 131 32.89 6.82 -16.19
CA ALA A 131 33.35 5.60 -16.82
C ALA A 131 33.25 5.69 -18.34
N ILE A 132 32.14 6.26 -18.83
CA ILE A 132 31.99 6.47 -20.25
C ILE A 132 33.00 7.49 -20.76
N TYR A 133 33.22 8.56 -20.00
CA TYR A 133 34.16 9.60 -20.40
C TYR A 133 35.58 9.04 -20.54
N ASP A 134 36.05 8.33 -19.51
CA ASP A 134 37.41 7.80 -19.55
C ASP A 134 37.59 6.78 -20.66
N THR A 135 36.55 6.01 -20.96
CA THR A 135 36.63 5.07 -22.07
C THR A 135 36.70 5.81 -23.40
N MET A 136 35.98 6.93 -23.52
CA MET A 136 36.08 7.75 -24.73
C MET A 136 37.49 8.27 -24.94
N GLN A 137 38.10 8.82 -23.88
CA GLN A 137 39.42 9.40 -24.02
C GLN A 137 40.49 8.33 -24.18
N TYR A 138 40.25 7.13 -23.67
CA TYR A 138 41.27 6.09 -23.72
C TYR A 138 41.39 5.51 -25.12
N ILE A 139 40.27 5.21 -25.77
CA ILE A 139 40.30 4.58 -27.08
C ILE A 139 40.87 5.54 -28.11
N LEU A 140 41.64 5.00 -29.06
CA LEU A 140 42.33 5.82 -30.03
C LEU A 140 41.40 6.38 -31.10
N ASN A 141 40.21 5.83 -31.24
CA ASN A 141 39.30 6.26 -32.27
C ASN A 141 38.83 7.69 -32.01
N PRO A 142 38.75 8.52 -33.04
CA PRO A 142 38.04 9.80 -32.90
C PRO A 142 36.56 9.56 -32.69
N ILE A 143 35.95 10.35 -31.80
CA ILE A 143 34.56 10.16 -31.44
C ILE A 143 33.80 11.42 -31.79
N CYS A 144 32.79 11.28 -32.64
CA CYS A 144 31.92 12.38 -33.03
C CYS A 144 30.66 12.32 -32.18
N THR A 145 30.53 13.25 -31.25
CA THR A 145 29.35 13.34 -30.41
C THR A 145 28.28 14.17 -31.11
N TRP A 146 27.03 13.70 -31.02
CA TRP A 146 25.89 14.36 -31.63
C TRP A 146 24.82 14.58 -30.57
N CYS A 147 24.55 15.84 -30.24
CA CYS A 147 23.50 16.17 -29.28
C CYS A 147 22.15 16.18 -30.00
N VAL A 148 21.32 15.19 -29.69
CA VAL A 148 19.99 15.08 -30.29
C VAL A 148 18.96 15.19 -29.17
N GLY A 149 18.00 16.09 -29.33
CA GLY A 149 17.03 16.31 -28.28
C GLY A 149 17.56 17.12 -27.13
N GLN A 150 18.36 16.50 -26.26
CA GLN A 150 18.96 17.21 -25.14
C GLN A 150 20.19 16.45 -24.65
N ALA A 151 21.13 17.21 -24.09
CA ALA A 151 22.32 16.66 -23.43
C ALA A 151 22.49 17.45 -22.14
N ALA A 152 21.92 16.93 -21.05
CA ALA A 152 21.91 17.59 -19.76
C ALA A 152 22.76 16.81 -18.77
N SER A 153 23.34 17.54 -17.83
CA SER A 153 24.13 16.94 -16.76
C SER A 153 25.27 16.12 -17.35
N MET A 154 25.32 14.82 -17.07
CA MET A 154 26.40 14.00 -17.59
C MET A 154 26.38 13.93 -19.11
N GLY A 155 25.20 14.04 -19.71
CA GLY A 155 25.11 14.01 -21.16
C GLY A 155 25.89 15.14 -21.81
N SER A 156 25.81 16.35 -21.24
CA SER A 156 26.58 17.45 -21.79
C SER A 156 28.08 17.25 -21.57
N LEU A 157 28.46 16.54 -20.51
CA LEU A 157 29.87 16.22 -20.34
C LEU A 157 30.35 15.28 -21.45
N LEU A 158 29.57 14.23 -21.73
CA LEU A 158 29.91 13.35 -22.84
C LEU A 158 29.89 14.08 -24.18
N LEU A 159 28.95 15.02 -24.35
CA LEU A 159 28.92 15.81 -25.58
C LEU A 159 30.21 16.61 -25.76
N ALA A 160 30.65 17.28 -24.69
CA ALA A 160 31.90 18.03 -24.75
C ALA A 160 33.11 17.12 -24.85
N ALA A 161 33.00 15.87 -24.42
CA ALA A 161 34.13 14.94 -24.43
C ALA A 161 34.44 14.41 -25.82
N GLY A 162 33.73 14.85 -26.85
CA GLY A 162 34.03 14.40 -28.20
C GLY A 162 35.36 14.94 -28.69
N THR A 163 35.80 14.36 -29.80
CA THR A 163 37.04 14.80 -30.43
C THR A 163 36.92 16.25 -30.86
N PRO A 164 37.92 17.09 -30.57
CA PRO A 164 37.85 18.51 -30.96
C PRO A 164 37.54 18.69 -32.44
N GLY A 165 36.50 19.45 -32.73
CA GLY A 165 36.03 19.64 -34.08
C GLY A 165 34.97 18.66 -34.53
N MET A 166 34.61 17.69 -33.69
CA MET A 166 33.64 16.65 -34.06
C MET A 166 32.48 16.59 -33.09
N ARG A 167 32.22 17.66 -32.35
CA ARG A 167 31.11 17.73 -31.39
C ARG A 167 29.99 18.52 -32.05
N HIS A 168 28.95 17.81 -32.50
CA HIS A 168 27.86 18.40 -33.25
C HIS A 168 26.58 18.43 -32.42
N SER A 169 25.59 19.15 -32.94
CA SER A 169 24.30 19.26 -32.28
C SER A 169 23.25 19.63 -33.32
N LEU A 170 22.07 19.04 -33.19
CA LEU A 170 20.96 19.40 -34.03
C LEU A 170 20.38 20.75 -33.59
N PRO A 171 19.70 21.46 -34.50
CA PRO A 171 19.36 22.88 -34.22
C PRO A 171 18.49 23.07 -32.98
N ASN A 172 17.56 22.16 -32.71
CA ASN A 172 16.58 22.34 -31.65
C ASN A 172 16.92 21.56 -30.38
N SER A 173 18.16 21.09 -30.27
CA SER A 173 18.59 20.46 -29.04
C SER A 173 18.76 21.50 -27.94
N ARG A 174 18.89 21.03 -26.70
CA ARG A 174 19.22 21.91 -25.59
C ARG A 174 20.30 21.24 -24.74
N ILE A 175 21.18 22.07 -24.17
CA ILE A 175 22.29 21.61 -23.35
C ILE A 175 22.16 22.23 -21.98
N MET A 176 22.26 21.40 -20.93
CA MET A 176 22.15 21.87 -19.56
C MET A 176 23.38 21.43 -18.77
N ILE A 177 23.92 22.34 -17.97
CA ILE A 177 25.07 22.07 -17.12
C ILE A 177 24.76 22.52 -15.70
N HIS A 178 25.16 21.73 -14.72
CA HIS A 178 24.94 22.06 -13.32
C HIS A 178 25.93 21.30 -12.46
N GLN A 179 26.07 21.73 -11.21
CA GLN A 179 26.96 21.08 -10.28
C GLN A 179 26.33 19.76 -9.81
N PRO A 180 27.15 18.80 -9.38
CA PRO A 180 26.61 17.51 -8.98
C PRO A 180 25.73 17.63 -7.74
N SER A 181 24.76 16.73 -7.65
CA SER A 181 23.87 16.62 -6.50
C SER A 181 24.00 15.23 -5.89
N GLY A 182 23.67 15.13 -4.62
CA GLY A 182 23.75 13.85 -3.93
C GLY A 182 23.15 13.92 -2.55
N GLY A 183 23.44 12.88 -1.76
CA GLY A 183 22.97 12.82 -0.39
C GLY A 183 24.00 12.20 0.53
N ALA A 184 23.77 12.37 1.83
CA ALA A 184 24.66 11.82 2.84
C ALA A 184 23.89 11.56 4.13
N ARG A 185 24.20 10.45 4.79
CA ARG A 185 23.52 10.08 6.01
C ARG A 185 24.48 9.30 6.90
N GLY A 186 24.36 9.48 8.19
CA GLY A 186 25.15 8.76 9.17
C GLY A 186 25.58 9.69 10.28
N GLN A 187 26.62 9.26 10.99
CA GLN A 187 27.20 10.10 12.02
C GLN A 187 27.86 11.33 11.40
N ALA A 188 28.18 12.31 12.26
CA ALA A 188 28.79 13.55 11.79
C ALA A 188 30.11 13.30 11.08
N THR A 189 30.85 12.27 11.49
CA THR A 189 32.06 11.90 10.76
C THR A 189 31.72 11.39 9.37
N ASP A 190 30.69 10.55 9.26
CA ASP A 190 30.29 10.04 7.95
C ASP A 190 29.78 11.16 7.06
N ILE A 191 28.99 12.08 7.61
CA ILE A 191 28.49 13.21 6.85
C ILE A 191 29.63 14.02 6.26
N GLU A 192 30.71 14.21 7.04
CA GLU A 192 31.83 15.00 6.56
C GLU A 192 32.57 14.29 5.43
N ILE A 193 32.71 12.97 5.52
CA ILE A 193 33.43 12.22 4.49
C ILE A 193 32.68 12.28 3.16
N GLN A 194 31.37 12.07 3.20
CA GLN A 194 30.57 12.13 1.98
C GLN A 194 30.55 13.54 1.39
N ALA A 195 30.55 14.55 2.25
CA ALA A 195 30.53 15.93 1.75
C ALA A 195 31.86 16.27 1.08
N ARG A 196 32.98 15.80 1.64
CA ARG A 196 34.27 16.03 1.01
C ARG A 196 34.37 15.31 -0.33
N GLU A 197 33.82 14.09 -0.42
CA GLU A 197 33.84 13.37 -1.68
C GLU A 197 32.91 13.98 -2.71
N ILE A 198 31.76 14.52 -2.27
CA ILE A 198 30.87 15.21 -3.19
C ILE A 198 31.52 16.49 -3.69
N MET A 199 32.41 17.10 -2.90
CA MET A 199 33.12 18.28 -3.35
C MET A 199 34.26 17.94 -4.29
N LYS A 200 34.92 16.80 -4.06
CA LYS A 200 35.98 16.36 -4.97
C LYS A 200 35.42 16.10 -6.37
N LEU A 201 34.25 15.46 -6.46
CA LEU A 201 33.62 15.26 -7.76
C LEU A 201 33.23 16.59 -8.38
N LYS A 202 32.81 17.56 -7.57
CA LYS A 202 32.46 18.87 -8.10
C LYS A 202 33.67 19.54 -8.76
N LYS A 203 34.83 19.49 -8.10
CA LYS A 203 36.03 20.06 -8.70
C LYS A 203 36.54 19.21 -9.85
N GLN A 204 36.40 17.89 -9.75
CA GLN A 204 36.85 17.01 -10.82
C GLN A 204 36.04 17.22 -12.10
N LEU A 205 34.72 17.31 -11.96
CA LEU A 205 33.87 17.56 -13.13
C LEU A 205 34.10 18.97 -13.69
N TYR A 206 34.33 19.94 -12.81
CA TYR A 206 34.65 21.29 -13.26
C TYR A 206 35.94 21.32 -14.07
N ASN A 207 36.93 20.53 -13.66
CA ASN A 207 38.19 20.52 -14.40
C ASN A 207 38.02 19.86 -15.77
N ILE A 208 37.20 18.81 -15.84
CA ILE A 208 36.93 18.16 -17.12
C ILE A 208 36.23 19.13 -18.07
N TYR A 209 35.21 19.85 -17.57
CA TYR A 209 34.51 20.81 -18.42
C TYR A 209 35.46 21.91 -18.90
N ALA A 210 36.27 22.46 -18.01
CA ALA A 210 37.22 23.49 -18.40
C ALA A 210 38.24 22.97 -19.40
N LYS A 211 38.53 21.68 -19.37
CA LYS A 211 39.50 21.10 -20.29
C LYS A 211 38.98 21.10 -21.72
N HIS A 212 37.74 20.66 -21.92
CA HIS A 212 37.21 20.48 -23.26
C HIS A 212 36.52 21.73 -23.80
N THR A 213 35.97 22.57 -22.93
CA THR A 213 35.38 23.83 -23.39
C THR A 213 36.42 24.94 -23.52
N LYS A 214 37.66 24.69 -23.15
CA LYS A 214 38.74 25.68 -23.19
C LYS A 214 38.38 26.92 -22.38
N GLN A 215 37.57 26.75 -21.33
CA GLN A 215 37.14 27.84 -20.47
C GLN A 215 37.94 27.86 -19.18
N SER A 216 37.98 29.03 -18.55
CA SER A 216 38.63 29.16 -17.26
C SER A 216 37.78 28.52 -16.17
N LEU A 217 38.45 28.05 -15.12
CA LEU A 217 37.73 27.48 -13.98
C LEU A 217 36.79 28.51 -13.35
N GLN A 218 37.11 29.80 -13.48
CA GLN A 218 36.22 30.84 -13.00
C GLN A 218 34.87 30.78 -13.70
N VAL A 219 34.88 30.64 -15.02
CA VAL A 219 33.63 30.65 -15.78
C VAL A 219 32.86 29.36 -15.54
N ILE A 220 33.56 28.23 -15.37
CA ILE A 220 32.89 26.96 -15.17
C ILE A 220 32.14 26.96 -13.84
N GLU A 221 32.75 27.46 -12.78
CA GLU A 221 32.08 27.48 -11.48
C GLU A 221 30.87 28.41 -11.50
N SER A 222 31.01 29.59 -12.11
CA SER A 222 29.92 30.55 -12.15
C SER A 222 28.76 30.05 -13.00
N ALA A 223 29.04 29.26 -14.05
CA ALA A 223 27.97 28.75 -14.88
C ALA A 223 27.28 27.54 -14.26
N MET A 224 28.05 26.60 -13.74
CA MET A 224 27.51 25.34 -13.24
C MET A 224 27.08 25.41 -11.78
N GLU A 225 27.12 26.60 -11.17
CA GLU A 225 26.66 26.71 -9.78
C GLU A 225 25.17 26.44 -9.68
N ARG A 226 24.38 26.99 -10.59
CA ARG A 226 22.97 26.69 -10.72
C ARG A 226 22.73 25.99 -12.05
N ASP A 227 21.48 25.57 -12.28
CA ASP A 227 21.14 24.96 -13.55
C ASP A 227 21.25 25.99 -14.66
N ARG A 228 22.07 25.70 -15.67
CA ARG A 228 22.29 26.59 -16.80
C ARG A 228 21.85 25.89 -18.08
N TYR A 229 20.88 26.48 -18.78
CA TYR A 229 20.39 25.95 -20.03
C TYR A 229 20.94 26.78 -21.20
N MET A 230 21.37 26.08 -22.25
CA MET A 230 21.99 26.69 -23.41
C MET A 230 21.40 26.13 -24.70
N SER A 231 21.20 27.02 -25.67
CA SER A 231 20.85 26.59 -27.02
C SER A 231 22.09 25.96 -27.65
N PRO A 232 21.94 25.27 -28.79
CA PRO A 232 23.14 24.72 -29.45
C PRO A 232 24.15 25.79 -29.83
N MET A 233 23.70 26.99 -30.18
CA MET A 233 24.62 28.08 -30.45
C MET A 233 25.33 28.54 -29.19
N GLU A 234 24.60 28.68 -28.08
CA GLU A 234 25.21 29.10 -26.82
C GLU A 234 26.24 28.10 -26.34
N ALA A 235 25.97 26.80 -26.53
CA ALA A 235 26.95 25.79 -26.14
C ALA A 235 28.14 25.79 -27.09
N GLN A 236 27.92 26.16 -28.36
CA GLN A 236 29.04 26.31 -29.28
C GLN A 236 29.93 27.48 -28.88
N GLU A 237 29.32 28.57 -28.41
CA GLU A 237 30.09 29.69 -27.89
C GLU A 237 30.81 29.33 -26.60
N PHE A 238 30.16 28.55 -25.74
CA PHE A 238 30.76 28.17 -24.46
C PHE A 238 31.87 27.15 -24.63
N GLY A 239 31.88 26.41 -25.75
CA GLY A 239 32.87 25.37 -25.97
C GLY A 239 32.39 23.96 -25.74
N ILE A 240 31.09 23.76 -25.53
CA ILE A 240 30.57 22.42 -25.31
C ILE A 240 30.52 21.62 -26.61
N LEU A 241 30.11 22.26 -27.70
CA LEU A 241 30.06 21.63 -29.01
C LEU A 241 30.72 22.54 -30.04
N ASP A 242 30.89 22.01 -31.25
CA ASP A 242 31.65 22.66 -32.31
C ASP A 242 30.79 23.15 -33.46
N LYS A 243 29.77 22.38 -33.87
CA LYS A 243 28.98 22.72 -35.04
C LYS A 243 27.51 22.53 -34.73
N VAL A 244 26.69 23.47 -35.20
CA VAL A 244 25.23 23.35 -35.16
C VAL A 244 24.78 23.31 -36.62
N LEU A 245 24.41 22.13 -37.09
CA LEU A 245 24.05 21.91 -38.49
C LEU A 245 22.59 21.52 -38.60
N VAL A 246 21.87 22.19 -39.50
CA VAL A 246 20.47 21.88 -39.76
C VAL A 246 20.40 20.68 -40.70
N HIS A 247 20.83 20.88 -41.95
CA HIS A 247 20.99 19.82 -42.93
C HIS A 247 22.47 19.45 -43.06
N PRO A 248 22.77 18.22 -43.46
CA PRO A 248 24.17 17.81 -43.61
C PRO A 248 24.85 18.59 -44.72
N PRO A 249 26.00 19.23 -44.44
CA PRO A 249 26.75 20.03 -45.42
C PRO A 249 27.17 19.23 -46.65
N LEU B 58 0.74 -10.21 -28.93
CA LEU B 58 2.13 -9.80 -29.06
C LEU B 58 2.46 -9.41 -30.49
N ILE B 59 3.71 -9.08 -30.74
CA ILE B 59 4.19 -8.76 -32.08
C ILE B 59 4.04 -10.01 -32.96
N PRO B 60 3.26 -9.96 -34.03
CA PRO B 60 3.13 -11.13 -34.90
C PRO B 60 4.40 -11.35 -35.71
N ILE B 61 4.67 -12.61 -36.00
CA ILE B 61 5.84 -13.00 -36.76
C ILE B 61 5.41 -13.21 -38.21
N VAL B 62 6.39 -13.14 -39.12
CA VAL B 62 6.15 -13.46 -40.53
C VAL B 62 7.20 -14.48 -40.97
N VAL B 63 7.41 -14.60 -42.28
CA VAL B 63 8.41 -15.52 -42.83
C VAL B 63 9.14 -14.90 -44.02
N TYR B 73 10.33 -11.98 -39.42
CA TYR B 73 10.48 -10.95 -38.40
C TYR B 73 9.15 -10.43 -37.87
N ASP B 74 9.20 -9.44 -36.97
CA ASP B 74 7.98 -8.87 -36.44
C ASP B 74 7.27 -8.02 -37.50
N ILE B 75 6.02 -7.68 -37.22
CA ILE B 75 5.23 -6.98 -38.22
C ILE B 75 5.80 -5.59 -38.49
N TYR B 76 6.38 -4.95 -37.47
CA TYR B 76 6.95 -3.62 -37.67
C TYR B 76 8.26 -3.68 -38.44
N SER B 77 9.03 -4.76 -38.25
CA SER B 77 10.23 -4.97 -39.05
C SER B 77 9.89 -5.14 -40.52
N ARG B 78 8.81 -5.87 -40.81
CA ARG B 78 8.37 -6.00 -42.19
C ARG B 78 7.96 -4.65 -42.76
N LEU B 79 7.36 -3.80 -41.91
CA LEU B 79 7.03 -2.45 -42.36
C LEU B 79 8.26 -1.58 -42.48
N LEU B 80 9.28 -1.80 -41.63
CA LEU B 80 10.53 -1.05 -41.77
C LEU B 80 11.21 -1.36 -43.09
N ARG B 81 11.12 -2.61 -43.55
CA ARG B 81 11.61 -2.94 -44.89
C ARG B 81 10.87 -2.12 -45.95
N GLU B 82 9.55 -1.94 -45.76
CA GLU B 82 8.75 -1.10 -46.64
C GLU B 82 8.96 0.39 -46.41
N ARG B 83 10.01 0.77 -45.67
CA ARG B 83 10.33 2.17 -45.39
C ARG B 83 9.18 2.87 -44.66
N ILE B 84 8.64 2.21 -43.64
CA ILE B 84 7.54 2.71 -42.84
C ILE B 84 7.95 2.68 -41.38
N VAL B 85 7.87 3.84 -40.72
CA VAL B 85 8.19 3.97 -39.31
C VAL B 85 6.91 4.31 -38.56
N CYS B 86 6.60 3.54 -37.51
CA CYS B 86 5.41 3.75 -36.72
C CYS B 86 5.75 4.55 -35.47
N VAL B 87 5.16 5.73 -35.36
CA VAL B 87 5.29 6.54 -34.15
C VAL B 87 3.93 6.59 -33.47
N MET B 88 3.59 5.53 -32.75
CA MET B 88 2.30 5.42 -32.09
C MET B 88 2.48 5.28 -30.59
N GLY B 89 1.57 5.90 -29.83
CA GLY B 89 1.69 5.93 -28.40
C GLY B 89 2.44 7.15 -27.92
N PRO B 90 2.53 7.32 -26.60
CA PRO B 90 3.26 8.47 -26.06
C PRO B 90 4.73 8.47 -26.46
N ILE B 91 5.28 9.67 -26.59
CA ILE B 91 6.63 9.88 -27.12
C ILE B 91 7.55 10.23 -25.96
N ASP B 92 8.41 9.29 -25.58
CA ASP B 92 9.44 9.53 -24.58
C ASP B 92 10.82 9.33 -25.23
N ASP B 93 11.86 9.35 -24.40
CA ASP B 93 13.20 9.14 -24.93
C ASP B 93 13.37 7.76 -25.54
N SER B 94 12.63 6.77 -25.05
CA SER B 94 12.74 5.43 -25.63
C SER B 94 12.12 5.39 -27.01
N VAL B 95 10.96 6.02 -27.19
CA VAL B 95 10.33 6.07 -28.51
C VAL B 95 11.19 6.89 -29.48
N ALA B 96 11.78 7.98 -29.00
CA ALA B 96 12.64 8.79 -29.86
C ALA B 96 13.86 8.00 -30.32
N SER B 97 14.40 7.14 -29.45
CA SER B 97 15.56 6.33 -29.82
C SER B 97 15.20 5.37 -30.96
N LEU B 98 14.07 4.67 -30.84
CA LEU B 98 13.69 3.71 -31.87
C LEU B 98 13.36 4.40 -33.18
N VAL B 99 12.65 5.54 -33.12
CA VAL B 99 12.27 6.23 -34.34
C VAL B 99 13.50 6.78 -35.06
N ILE B 100 14.39 7.46 -34.32
CA ILE B 100 15.58 8.01 -34.94
C ILE B 100 16.46 6.90 -35.49
N ALA B 101 16.52 5.77 -34.80
CA ALA B 101 17.30 4.64 -35.29
C ALA B 101 16.73 4.12 -36.60
N GLN B 102 15.40 4.07 -36.72
CA GLN B 102 14.79 3.61 -37.96
C GLN B 102 14.99 4.62 -39.07
N LEU B 103 14.92 5.92 -38.77
CA LEU B 103 15.13 6.93 -39.80
C LEU B 103 16.56 6.92 -40.31
N LEU B 104 17.53 6.65 -39.43
CA LEU B 104 18.92 6.59 -39.87
C LEU B 104 19.19 5.33 -40.66
N PHE B 105 18.62 4.20 -40.23
CA PHE B 105 18.73 2.97 -41.00
C PHE B 105 18.13 3.15 -42.39
N LEU B 106 16.98 3.83 -42.48
CA LEU B 106 16.32 4.00 -43.78
C LEU B 106 17.06 4.98 -44.68
N GLN B 107 17.80 5.93 -44.09
CA GLN B 107 18.61 6.83 -44.91
C GLN B 107 19.85 6.13 -45.44
N SER B 108 20.46 5.27 -44.64
CA SER B 108 21.65 4.55 -45.09
C SER B 108 21.31 3.60 -46.23
N GLU B 109 20.12 3.00 -46.18
CA GLU B 109 19.68 2.14 -47.27
C GLU B 109 19.45 2.94 -48.55
N SER B 110 18.86 4.13 -48.42
CA SER B 110 18.60 4.99 -49.58
C SER B 110 18.34 6.40 -49.07
N ASN B 111 19.19 7.34 -49.48
CA ASN B 111 19.00 8.74 -49.13
C ASN B 111 18.10 9.48 -50.12
N LYS B 112 17.42 8.76 -51.00
CA LYS B 112 16.50 9.35 -51.95
C LYS B 112 15.08 8.79 -51.83
N LYS B 113 14.92 7.54 -51.39
CA LYS B 113 13.59 6.95 -51.30
C LYS B 113 12.82 7.57 -50.14
N PRO B 114 11.51 7.78 -50.29
CA PRO B 114 10.75 8.44 -49.22
C PRO B 114 10.51 7.51 -48.05
N ILE B 115 10.34 8.12 -46.88
CA ILE B 115 10.06 7.42 -45.64
C ILE B 115 8.63 7.77 -45.23
N HIS B 116 7.82 6.74 -44.99
CA HIS B 116 6.45 6.91 -44.53
C HIS B 116 6.41 6.78 -43.02
N MET B 117 5.96 7.84 -42.35
CA MET B 117 5.92 7.91 -40.90
C MET B 117 4.46 7.97 -40.47
N TYR B 118 3.98 6.90 -39.83
CA TYR B 118 2.60 6.81 -39.39
C TYR B 118 2.51 7.22 -37.92
N ILE B 119 1.63 8.18 -37.63
CA ILE B 119 1.56 8.86 -36.35
C ILE B 119 0.21 8.60 -35.72
N ASN B 120 0.20 8.01 -34.52
CA ASN B 120 -0.99 7.86 -33.68
C ASN B 120 -0.56 8.12 -32.24
N SER B 121 -0.24 9.38 -31.95
CA SER B 121 0.34 9.72 -30.66
C SER B 121 -0.49 10.77 -29.95
N PRO B 122 -0.69 10.63 -28.64
CA PRO B 122 -1.30 11.71 -27.84
C PRO B 122 -0.31 12.75 -27.34
N GLY B 123 0.97 12.65 -27.69
CA GLY B 123 1.96 13.58 -27.22
C GLY B 123 3.11 12.92 -26.48
N GLY B 124 3.87 13.70 -25.72
CA GLY B 124 4.98 13.13 -24.98
C GLY B 124 6.01 14.20 -24.63
N VAL B 125 7.22 13.72 -24.31
CA VAL B 125 8.28 14.61 -23.86
C VAL B 125 8.64 15.58 -24.97
N VAL B 126 8.95 16.82 -24.57
CA VAL B 126 9.30 17.84 -25.57
C VAL B 126 10.65 17.53 -26.19
N THR B 127 11.66 17.25 -25.36
CA THR B 127 13.00 16.99 -25.89
C THR B 127 13.03 15.77 -26.79
N ALA B 128 12.28 14.72 -26.43
CA ALA B 128 12.23 13.52 -27.26
C ALA B 128 11.55 13.81 -28.59
N GLY B 129 10.45 14.57 -28.57
CA GLY B 129 9.79 14.91 -29.82
C GLY B 129 10.61 15.83 -30.68
N LEU B 130 11.33 16.76 -30.06
CA LEU B 130 12.23 17.63 -30.81
C LEU B 130 13.41 16.85 -31.39
N ALA B 131 13.86 15.80 -30.70
CA ALA B 131 14.89 14.93 -31.27
C ALA B 131 14.38 14.27 -32.55
N ILE B 132 13.13 13.81 -32.55
CA ILE B 132 12.55 13.23 -33.76
C ILE B 132 12.37 14.29 -34.84
N TYR B 133 11.98 15.50 -34.43
CA TYR B 133 11.77 16.58 -35.42
C TYR B 133 13.07 16.92 -36.14
N ASP B 134 14.16 17.12 -35.39
CA ASP B 134 15.43 17.48 -36.00
C ASP B 134 15.95 16.37 -36.89
N THR B 135 15.73 15.12 -36.50
CA THR B 135 16.14 14.00 -37.35
C THR B 135 15.35 13.99 -38.65
N MET B 136 14.06 14.34 -38.59
CA MET B 136 13.25 14.43 -39.80
C MET B 136 13.78 15.51 -40.74
N GLN B 137 14.13 16.67 -40.19
CA GLN B 137 14.64 17.76 -41.02
C GLN B 137 16.07 17.51 -41.48
N TYR B 138 16.83 16.68 -40.76
CA TYR B 138 18.22 16.45 -41.13
C TYR B 138 18.34 15.49 -42.30
N ILE B 139 17.69 14.33 -42.21
CA ILE B 139 17.82 13.33 -43.26
C ILE B 139 17.27 13.88 -44.58
N LEU B 140 17.96 13.55 -45.67
CA LEU B 140 17.61 14.10 -46.96
C LEU B 140 16.35 13.46 -47.54
N ASN B 141 15.93 12.32 -47.00
CA ASN B 141 14.78 11.62 -47.54
C ASN B 141 13.51 12.45 -47.36
N PRO B 142 12.65 12.52 -48.36
CA PRO B 142 11.31 13.05 -48.15
C PRO B 142 10.54 12.17 -47.19
N ILE B 143 9.75 12.79 -46.33
CA ILE B 143 9.03 12.09 -45.28
C ILE B 143 7.54 12.33 -45.47
N CYS B 144 6.79 11.25 -45.65
CA CYS B 144 5.34 11.29 -45.75
C CYS B 144 4.76 10.97 -44.38
N THR B 145 4.27 12.00 -43.70
CA THR B 145 3.64 11.83 -42.41
C THR B 145 2.16 11.53 -42.61
N TRP B 146 1.66 10.54 -41.87
CA TRP B 146 0.26 10.12 -41.96
C TRP B 146 -0.37 10.15 -40.57
N CYS B 147 -1.35 11.04 -40.39
CA CYS B 147 -2.09 11.09 -39.13
C CYS B 147 -3.18 10.02 -39.16
N VAL B 148 -3.02 9.02 -38.31
CA VAL B 148 -3.97 7.92 -38.19
C VAL B 148 -4.48 7.91 -36.76
N GLY B 149 -5.80 8.00 -36.60
CA GLY B 149 -6.38 8.09 -35.27
C GLY B 149 -6.26 9.48 -34.69
N GLN B 150 -5.08 9.83 -34.19
CA GLN B 150 -4.89 11.16 -33.63
C GLN B 150 -3.42 11.52 -33.69
N ALA B 151 -3.15 12.83 -33.76
CA ALA B 151 -1.81 13.40 -33.66
C ALA B 151 -1.96 14.60 -32.72
N ALA B 152 -1.77 14.35 -31.43
CA ALA B 152 -1.95 15.36 -30.40
C ALA B 152 -0.61 15.74 -29.80
N SER B 153 -0.51 17.01 -29.37
CA SER B 153 0.69 17.56 -28.75
C SER B 153 1.90 17.41 -29.67
N MET B 154 2.94 16.72 -29.20
CA MET B 154 4.12 16.51 -30.04
C MET B 154 3.77 15.72 -31.29
N GLY B 155 2.75 14.87 -31.23
CA GLY B 155 2.35 14.12 -32.41
C GLY B 155 1.92 15.02 -33.55
N SER B 156 1.24 16.12 -33.23
CA SER B 156 0.84 17.07 -34.27
C SER B 156 2.02 17.82 -34.83
N LEU B 157 3.05 18.08 -34.03
CA LEU B 157 4.25 18.73 -34.56
C LEU B 157 5.00 17.82 -35.52
N LEU B 158 5.11 16.54 -35.19
CA LEU B 158 5.73 15.58 -36.10
C LEU B 158 4.91 15.41 -37.38
N LEU B 159 3.58 15.52 -37.28
CA LEU B 159 2.74 15.46 -38.46
C LEU B 159 3.02 16.65 -39.37
N ALA B 160 3.10 17.86 -38.80
CA ALA B 160 3.39 19.04 -39.61
C ALA B 160 4.83 19.09 -40.07
N ALA B 161 5.74 18.33 -39.43
CA ALA B 161 7.15 18.34 -39.81
C ALA B 161 7.42 17.58 -41.09
N GLY B 162 6.41 16.93 -41.67
CA GLY B 162 6.62 16.18 -42.88
C GLY B 162 6.99 17.08 -44.05
N THR B 163 7.54 16.44 -45.08
CA THR B 163 7.89 17.16 -46.29
C THR B 163 6.66 17.84 -46.86
N PRO B 164 6.74 19.11 -47.26
CA PRO B 164 5.56 19.83 -47.76
C PRO B 164 4.90 19.11 -48.92
N GLY B 165 3.57 19.02 -48.87
CA GLY B 165 2.80 18.29 -49.85
C GLY B 165 2.68 16.80 -49.59
N MET B 166 3.36 16.29 -48.56
CA MET B 166 3.38 14.86 -48.26
C MET B 166 2.86 14.56 -46.86
N ARG B 167 2.14 15.50 -46.25
CA ARG B 167 1.53 15.30 -44.94
C ARG B 167 0.06 14.92 -45.16
N HIS B 168 -0.26 13.66 -44.88
CA HIS B 168 -1.59 13.14 -45.08
C HIS B 168 -2.28 12.88 -43.75
N SER B 169 -3.59 12.66 -43.82
CA SER B 169 -4.39 12.34 -42.65
C SER B 169 -5.64 11.61 -43.10
N LEU B 170 -6.05 10.63 -42.30
CA LEU B 170 -7.27 9.90 -42.59
C LEU B 170 -8.48 10.73 -42.20
N PRO B 171 -9.66 10.41 -42.74
CA PRO B 171 -10.81 11.31 -42.56
C PRO B 171 -11.23 11.50 -41.12
N ASN B 172 -11.20 10.45 -40.29
CA ASN B 172 -11.72 10.50 -38.93
C ASN B 172 -10.63 10.66 -37.88
N SER B 173 -9.47 11.17 -38.26
CA SER B 173 -8.42 11.50 -37.30
C SER B 173 -8.73 12.84 -36.64
N ARG B 174 -8.03 13.13 -35.55
CA ARG B 174 -8.14 14.42 -34.89
C ARG B 174 -6.76 14.94 -34.54
N ILE B 175 -6.62 16.26 -34.59
CA ILE B 175 -5.34 16.93 -34.33
C ILE B 175 -5.55 17.90 -33.17
N MET B 176 -4.64 17.86 -32.20
CA MET B 176 -4.72 18.72 -31.04
C MET B 176 -3.40 19.46 -30.89
N ILE B 177 -3.48 20.76 -30.60
CA ILE B 177 -2.31 21.60 -30.39
C ILE B 177 -2.51 22.40 -29.11
N HIS B 178 -1.44 22.58 -28.35
CA HIS B 178 -1.51 23.30 -27.10
C HIS B 178 -0.10 23.69 -26.68
N GLN B 179 0.00 24.65 -25.77
CA GLN B 179 1.30 25.09 -25.29
C GLN B 179 1.91 24.02 -24.38
N PRO B 180 3.23 24.02 -24.24
CA PRO B 180 3.87 23.00 -23.41
C PRO B 180 3.51 23.15 -21.94
N SER B 181 3.42 22.00 -21.26
CA SER B 181 3.17 21.95 -19.84
C SER B 181 4.33 21.28 -19.13
N GLY B 182 4.47 21.58 -17.84
CA GLY B 182 5.58 21.03 -17.09
C GLY B 182 5.51 21.41 -15.63
N GLY B 183 6.64 21.25 -14.94
CA GLY B 183 6.69 21.50 -13.52
C GLY B 183 8.02 22.13 -13.12
N ALA B 184 8.05 22.62 -11.88
CA ALA B 184 9.23 23.27 -11.34
C ALA B 184 9.16 23.19 -9.82
N ARG B 185 10.27 22.83 -9.18
CA ARG B 185 10.33 22.71 -7.74
C ARG B 185 11.74 23.03 -7.27
N GLY B 186 11.84 23.77 -6.17
CA GLY B 186 13.11 24.08 -5.56
C GLY B 186 13.10 25.48 -4.99
N GLN B 187 14.29 26.04 -4.82
CA GLN B 187 14.40 27.41 -4.35
C GLN B 187 13.89 28.37 -5.42
N ALA B 188 13.63 29.61 -5.00
CA ALA B 188 13.07 30.59 -5.90
C ALA B 188 13.97 30.83 -7.11
N THR B 189 15.29 30.78 -6.90
CA THR B 189 16.22 30.93 -8.01
C THR B 189 16.09 29.77 -9.01
N ASP B 190 15.91 28.55 -8.50
CA ASP B 190 15.69 27.41 -9.37
C ASP B 190 14.36 27.51 -10.08
N ILE B 191 13.30 27.92 -9.36
CA ILE B 191 11.98 28.05 -9.95
C ILE B 191 12.02 29.00 -11.15
N GLU B 192 12.73 30.13 -11.02
CA GLU B 192 12.87 31.04 -12.14
C GLU B 192 13.60 30.37 -13.30
N ILE B 193 14.60 29.54 -13.00
CA ILE B 193 15.37 28.91 -14.06
C ILE B 193 14.48 27.95 -14.86
N GLN B 194 13.73 27.10 -14.17
CA GLN B 194 12.84 26.17 -14.87
C GLN B 194 11.75 26.93 -15.62
N ALA B 195 11.23 28.01 -15.04
CA ALA B 195 10.17 28.77 -15.69
C ALA B 195 10.67 29.47 -16.93
N ARG B 196 11.88 30.05 -16.87
CA ARG B 196 12.44 30.69 -18.05
C ARG B 196 12.73 29.67 -19.15
N GLU B 197 13.09 28.44 -18.76
CA GLU B 197 13.37 27.41 -19.76
C GLU B 197 12.09 26.90 -20.42
N ILE B 198 11.02 26.71 -19.65
CA ILE B 198 9.79 26.25 -20.27
C ILE B 198 9.17 27.35 -21.13
N MET B 199 9.49 28.61 -20.85
CA MET B 199 9.04 29.68 -21.73
C MET B 199 9.83 29.69 -23.03
N LYS B 200 11.13 29.39 -22.96
CA LYS B 200 11.94 29.26 -24.17
C LYS B 200 11.39 28.17 -25.08
N LEU B 201 11.09 27.00 -24.51
CA LEU B 201 10.49 25.92 -25.29
C LEU B 201 9.15 26.35 -25.89
N LYS B 202 8.38 27.17 -25.16
CA LYS B 202 7.11 27.64 -25.68
C LYS B 202 7.29 28.48 -26.94
N LYS B 203 8.24 29.42 -26.92
CA LYS B 203 8.51 30.20 -28.12
C LYS B 203 9.15 29.36 -29.20
N GLN B 204 9.99 28.40 -28.81
CA GLN B 204 10.66 27.53 -29.77
C GLN B 204 9.66 26.67 -30.52
N LEU B 205 8.74 26.04 -29.80
CA LEU B 205 7.72 25.21 -30.43
C LEU B 205 6.74 26.06 -31.23
N TYR B 206 6.43 27.27 -30.76
CA TYR B 206 5.60 28.16 -31.56
C TYR B 206 6.28 28.50 -32.88
N ASN B 207 7.61 28.66 -32.86
CA ASN B 207 8.34 28.95 -34.09
C ASN B 207 8.32 27.77 -35.05
N ILE B 208 8.42 26.55 -34.53
CA ILE B 208 8.38 25.37 -35.38
C ILE B 208 7.01 25.22 -36.03
N TYR B 209 5.94 25.42 -35.26
CA TYR B 209 4.61 25.37 -35.84
C TYR B 209 4.41 26.46 -36.89
N ALA B 210 4.84 27.68 -36.58
CA ALA B 210 4.68 28.78 -37.53
C ALA B 210 5.54 28.55 -38.78
N LYS B 211 6.62 27.79 -38.67
CA LYS B 211 7.48 27.51 -39.82
C LYS B 211 6.77 26.61 -40.83
N HIS B 212 6.12 25.56 -40.34
CA HIS B 212 5.55 24.55 -41.22
C HIS B 212 4.07 24.79 -41.53
N THR B 213 3.35 25.51 -40.67
CA THR B 213 1.96 25.84 -40.96
C THR B 213 1.82 27.14 -41.74
N LYS B 214 2.92 27.84 -42.00
CA LYS B 214 2.94 29.13 -42.69
C LYS B 214 2.05 30.16 -42.01
N GLN B 215 1.77 29.97 -40.72
CA GLN B 215 0.93 30.88 -39.95
C GLN B 215 1.78 31.94 -39.28
N SER B 216 1.12 33.04 -38.90
CA SER B 216 1.80 34.07 -38.13
C SER B 216 2.06 33.56 -36.72
N LEU B 217 3.13 34.09 -36.10
CA LEU B 217 3.46 33.67 -34.75
C LEU B 217 2.36 34.04 -33.77
N GLN B 218 1.66 35.15 -34.03
CA GLN B 218 0.55 35.52 -33.16
C GLN B 218 -0.57 34.49 -33.23
N VAL B 219 -0.96 34.09 -34.44
CA VAL B 219 -2.01 33.08 -34.60
C VAL B 219 -1.64 31.81 -33.86
N ILE B 220 -0.35 31.45 -33.86
CA ILE B 220 0.09 30.26 -33.14
C ILE B 220 -0.06 30.47 -31.63
N GLU B 221 0.27 31.66 -31.14
CA GLU B 221 0.09 31.95 -29.72
C GLU B 221 -1.38 31.89 -29.33
N SER B 222 -2.23 32.50 -30.14
CA SER B 222 -3.65 32.56 -29.82
C SER B 222 -4.31 31.19 -29.92
N ALA B 223 -3.82 30.33 -30.81
CA ALA B 223 -4.47 29.04 -31.00
C ALA B 223 -4.03 28.01 -29.97
N MET B 224 -2.77 28.05 -29.57
CA MET B 224 -2.20 27.04 -28.69
C MET B 224 -2.19 27.46 -27.24
N GLU B 225 -2.88 28.54 -26.88
CA GLU B 225 -2.93 28.96 -25.48
C GLU B 225 -3.64 27.92 -24.64
N ARG B 226 -4.82 27.49 -25.08
CA ARG B 226 -5.52 26.36 -24.49
C ARG B 226 -5.45 25.18 -25.45
N ASP B 227 -6.09 24.08 -25.07
CA ASP B 227 -6.16 22.92 -25.95
C ASP B 227 -7.08 23.24 -27.13
N ARG B 228 -6.56 23.04 -28.34
CA ARG B 228 -7.30 23.33 -29.57
C ARG B 228 -7.42 22.05 -30.38
N TYR B 229 -8.65 21.58 -30.55
CA TYR B 229 -8.91 20.37 -31.31
C TYR B 229 -9.37 20.72 -32.72
N MET B 230 -8.89 19.96 -33.70
CA MET B 230 -9.16 20.23 -35.10
C MET B 230 -9.51 18.95 -35.83
N SER B 231 -10.43 19.06 -36.79
CA SER B 231 -10.69 18.00 -37.74
C SER B 231 -9.53 17.96 -38.74
N PRO B 232 -9.43 16.89 -39.55
CA PRO B 232 -8.40 16.89 -40.59
C PRO B 232 -8.51 18.06 -41.56
N MET B 233 -9.74 18.51 -41.85
CA MET B 233 -9.89 19.67 -42.72
C MET B 233 -9.49 20.96 -41.99
N GLU B 234 -9.84 21.08 -40.72
CA GLU B 234 -9.44 22.26 -39.95
C GLU B 234 -7.93 22.34 -39.83
N ALA B 235 -7.25 21.20 -39.70
CA ALA B 235 -5.80 21.20 -39.65
C ALA B 235 -5.18 21.46 -41.01
N GLN B 236 -5.84 21.04 -42.09
CA GLN B 236 -5.35 21.38 -43.43
C GLN B 236 -5.47 22.88 -43.68
N GLU B 237 -6.58 23.48 -43.23
CA GLU B 237 -6.73 24.93 -43.32
C GLU B 237 -5.75 25.65 -42.43
N PHE B 238 -5.43 25.06 -41.27
CA PHE B 238 -4.44 25.63 -40.37
C PHE B 238 -3.02 25.49 -40.91
N GLY B 239 -2.76 24.50 -41.76
CA GLY B 239 -1.45 24.28 -42.30
C GLY B 239 -0.70 23.12 -41.67
N ILE B 240 -1.35 22.32 -40.82
CA ILE B 240 -0.67 21.19 -40.19
C ILE B 240 -0.48 20.05 -41.17
N LEU B 241 -1.49 19.76 -41.98
CA LEU B 241 -1.40 18.70 -42.98
C LEU B 241 -1.82 19.26 -44.34
N ASP B 242 -1.65 18.43 -45.37
CA ASP B 242 -1.87 18.84 -46.75
C ASP B 242 -3.05 18.19 -47.42
N LYS B 243 -3.28 16.89 -47.19
CA LYS B 243 -4.35 16.19 -47.89
C LYS B 243 -5.15 15.34 -46.91
N VAL B 244 -6.48 15.37 -47.08
CA VAL B 244 -7.39 14.51 -46.33
C VAL B 244 -8.00 13.54 -47.34
N LEU B 245 -7.61 12.27 -47.28
CA LEU B 245 -8.02 11.28 -48.25
C LEU B 245 -8.73 10.12 -47.56
N VAL B 246 -9.91 9.78 -48.08
CA VAL B 246 -10.64 8.60 -47.59
C VAL B 246 -10.05 7.33 -48.17
N HIS B 247 -10.07 7.22 -49.49
CA HIS B 247 -9.45 6.14 -50.24
C HIS B 247 -8.28 6.68 -51.04
N PRO B 248 -7.30 5.84 -51.38
CA PRO B 248 -6.16 6.32 -52.18
C PRO B 248 -6.58 6.63 -53.60
N PRO B 249 -6.21 7.81 -54.12
CA PRO B 249 -6.58 8.28 -55.47
C PRO B 249 -6.09 7.34 -56.57
N LEU C 58 0.73 -18.81 -23.22
CA LEU C 58 1.77 -18.86 -24.24
C LEU C 58 1.18 -19.06 -25.63
N ILE C 59 1.63 -18.28 -26.60
CA ILE C 59 1.21 -18.41 -27.99
C ILE C 59 1.72 -19.74 -28.53
N PRO C 60 0.84 -20.64 -28.98
CA PRO C 60 1.29 -21.94 -29.48
C PRO C 60 2.11 -21.78 -30.77
N ILE C 61 3.26 -22.45 -30.81
CA ILE C 61 4.20 -22.32 -31.92
C ILE C 61 3.85 -23.37 -32.97
N VAL C 62 3.24 -22.94 -34.06
CA VAL C 62 2.87 -23.85 -35.14
C VAL C 62 4.08 -24.21 -35.98
N TYR C 73 5.72 -20.51 -35.84
CA TYR C 73 5.45 -19.25 -35.16
C TYR C 73 4.13 -19.29 -34.38
N ASP C 74 3.72 -18.15 -33.83
CA ASP C 74 2.48 -18.09 -33.07
C ASP C 74 1.28 -18.35 -33.98
N ILE C 75 0.20 -18.86 -33.36
CA ILE C 75 -1.00 -19.21 -34.12
C ILE C 75 -1.58 -17.99 -34.82
N TYR C 76 -1.42 -16.80 -34.22
CA TYR C 76 -1.92 -15.59 -34.86
C TYR C 76 -1.17 -15.29 -36.15
N SER C 77 0.13 -15.54 -36.17
CA SER C 77 0.90 -15.37 -37.41
C SER C 77 0.42 -16.33 -38.47
N ARG C 78 0.10 -17.56 -38.09
CA ARG C 78 -0.42 -18.53 -39.06
C ARG C 78 -1.74 -18.03 -39.65
N LEU C 79 -2.60 -17.42 -38.82
CA LEU C 79 -3.84 -16.85 -39.34
C LEU C 79 -3.59 -15.59 -40.15
N LEU C 80 -2.54 -14.83 -39.81
CA LEU C 80 -2.21 -13.66 -40.62
C LEU C 80 -1.78 -14.06 -42.02
N ARG C 81 -1.08 -15.19 -42.15
CA ARG C 81 -0.79 -15.76 -43.46
C ARG C 81 -2.07 -16.11 -44.21
N GLU C 82 -3.10 -16.56 -43.47
CA GLU C 82 -4.42 -16.80 -44.02
C GLU C 82 -5.25 -15.52 -44.15
N ARG C 83 -4.63 -14.34 -44.00
CA ARG C 83 -5.30 -13.06 -44.15
C ARG C 83 -6.43 -12.89 -43.14
N ILE C 84 -6.13 -13.22 -41.89
CA ILE C 84 -7.07 -13.12 -40.77
C ILE C 84 -6.45 -12.23 -39.71
N VAL C 85 -7.12 -11.14 -39.37
CA VAL C 85 -6.67 -10.20 -38.35
C VAL C 85 -7.62 -10.30 -37.16
N CYS C 86 -7.06 -10.50 -35.96
CA CYS C 86 -7.85 -10.64 -34.74
C CYS C 86 -7.85 -9.32 -33.99
N VAL C 87 -9.05 -8.77 -33.78
CA VAL C 87 -9.23 -7.58 -32.97
C VAL C 87 -10.03 -7.97 -31.74
N MET C 88 -9.38 -8.62 -30.78
CA MET C 88 -10.04 -9.14 -29.59
C MET C 88 -9.43 -8.54 -28.34
N GLY C 89 -10.29 -8.18 -27.39
CA GLY C 89 -9.86 -7.49 -26.19
C GLY C 89 -10.18 -6.01 -26.27
N PRO C 90 -9.89 -5.26 -25.21
CA PRO C 90 -10.08 -3.81 -25.24
C PRO C 90 -9.18 -3.16 -26.28
N ILE C 91 -9.72 -2.16 -26.97
CA ILE C 91 -9.04 -1.48 -28.08
C ILE C 91 -8.37 -0.22 -27.56
N ASP C 92 -7.05 -0.23 -27.48
CA ASP C 92 -6.24 0.92 -27.11
C ASP C 92 -5.27 1.25 -28.26
N ASP C 93 -4.38 2.21 -28.02
CA ASP C 93 -3.40 2.58 -29.05
C ASP C 93 -2.52 1.40 -29.42
N SER C 94 -2.29 0.48 -28.48
CA SER C 94 -1.44 -0.67 -28.75
C SER C 94 -2.13 -1.65 -29.70
N VAL C 95 -3.39 -1.97 -29.43
CA VAL C 95 -4.15 -2.85 -30.33
C VAL C 95 -4.30 -2.21 -31.69
N ALA C 96 -4.55 -0.89 -31.72
CA ALA C 96 -4.68 -0.19 -32.99
C ALA C 96 -3.41 -0.30 -33.82
N SER C 97 -2.25 -0.18 -33.18
CA SER C 97 -1.00 -0.26 -33.93
C SER C 97 -0.85 -1.63 -34.58
N LEU C 98 -1.05 -2.70 -33.81
CA LEU C 98 -0.88 -4.05 -34.35
C LEU C 98 -1.89 -4.35 -35.45
N VAL C 99 -3.16 -3.99 -35.22
CA VAL C 99 -4.18 -4.27 -36.23
C VAL C 99 -3.89 -3.50 -37.51
N ILE C 100 -3.57 -2.21 -37.39
CA ILE C 100 -3.24 -1.42 -38.56
C ILE C 100 -2.02 -1.99 -39.27
N ALA C 101 -1.01 -2.41 -38.51
CA ALA C 101 0.18 -2.99 -39.12
C ALA C 101 -0.15 -4.28 -39.87
N GLN C 102 -1.03 -5.10 -39.30
CA GLN C 102 -1.42 -6.32 -39.98
C GLN C 102 -2.24 -6.03 -41.24
N LEU C 103 -3.08 -5.01 -41.19
CA LEU C 103 -3.88 -4.65 -42.36
C LEU C 103 -3.01 -4.12 -43.49
N LEU C 104 -2.00 -3.30 -43.16
CA LEU C 104 -1.11 -2.78 -44.18
C LEU C 104 -0.26 -3.88 -44.79
N PHE C 105 0.24 -4.80 -43.96
CA PHE C 105 0.98 -5.94 -44.48
C PHE C 105 0.11 -6.78 -45.40
N LEU C 106 -1.15 -6.99 -45.04
CA LEU C 106 -2.03 -7.79 -45.90
C LEU C 106 -2.37 -7.06 -47.18
N GLN C 107 -2.47 -5.73 -47.14
CA GLN C 107 -2.71 -4.98 -48.38
C GLN C 107 -1.48 -5.01 -49.28
N SER C 108 -0.29 -4.92 -48.70
CA SER C 108 0.92 -4.98 -49.50
C SER C 108 1.04 -6.34 -50.19
N GLU C 109 0.71 -7.43 -49.49
CA GLU C 109 0.78 -8.75 -50.09
C GLU C 109 -0.18 -8.88 -51.26
N SER C 110 -1.37 -8.32 -51.14
CA SER C 110 -2.35 -8.31 -52.23
C SER C 110 -3.44 -7.29 -51.98
N ASN C 111 -3.52 -6.26 -52.82
CA ASN C 111 -4.56 -5.25 -52.67
C ASN C 111 -5.89 -5.68 -53.27
N LYS C 112 -6.06 -6.96 -53.57
CA LYS C 112 -7.33 -7.50 -54.06
C LYS C 112 -7.87 -8.62 -53.19
N LYS C 113 -7.00 -9.46 -52.63
CA LYS C 113 -7.47 -10.56 -51.81
C LYS C 113 -8.18 -10.03 -50.56
N PRO C 114 -9.30 -10.63 -50.17
CA PRO C 114 -10.03 -10.13 -49.01
C PRO C 114 -9.26 -10.36 -47.71
N ILE C 115 -9.63 -9.58 -46.71
CA ILE C 115 -9.03 -9.65 -45.38
C ILE C 115 -10.13 -9.95 -44.38
N HIS C 116 -9.95 -11.01 -43.59
CA HIS C 116 -10.92 -11.40 -42.58
C HIS C 116 -10.52 -10.80 -41.25
N MET C 117 -11.43 -10.05 -40.64
CA MET C 117 -11.19 -9.36 -39.38
C MET C 117 -12.12 -9.94 -38.32
N TYR C 118 -11.54 -10.68 -37.37
CA TYR C 118 -12.31 -11.27 -36.28
C TYR C 118 -12.33 -10.33 -35.08
N ILE C 119 -13.53 -10.02 -34.60
CA ILE C 119 -13.76 -9.01 -33.58
C ILE C 119 -14.38 -9.67 -32.36
N ASN C 120 -13.71 -9.55 -31.21
CA ASN C 120 -14.24 -9.98 -29.91
C ASN C 120 -13.85 -8.91 -28.89
N SER C 121 -14.46 -7.73 -29.00
CA SER C 121 -14.01 -6.56 -28.26
C SER C 121 -15.12 -6.01 -27.37
N PRO C 122 -14.80 -5.63 -26.14
CA PRO C 122 -15.75 -4.88 -25.30
C PRO C 122 -15.72 -3.38 -25.52
N GLY C 123 -14.90 -2.89 -26.44
CA GLY C 123 -14.79 -1.47 -26.69
C GLY C 123 -13.39 -0.97 -26.41
N GLY C 124 -13.23 0.34 -26.30
CA GLY C 124 -11.93 0.91 -26.00
C GLY C 124 -11.92 2.40 -26.31
N VAL C 125 -10.71 2.91 -26.52
CA VAL C 125 -10.51 4.33 -26.81
C VAL C 125 -11.12 4.65 -28.16
N VAL C 126 -11.71 5.84 -28.27
CA VAL C 126 -12.36 6.23 -29.52
C VAL C 126 -11.33 6.45 -30.62
N THR C 127 -10.23 7.15 -30.30
CA THR C 127 -9.25 7.47 -31.33
C THR C 127 -8.61 6.20 -31.87
N ALA C 128 -8.35 5.22 -31.00
CA ALA C 128 -7.73 3.97 -31.43
C ALA C 128 -8.66 3.19 -32.36
N GLY C 129 -9.94 3.09 -32.01
CA GLY C 129 -10.88 2.42 -32.89
C GLY C 129 -11.10 3.17 -34.19
N LEU C 130 -11.09 4.51 -34.14
CA LEU C 130 -11.25 5.28 -35.36
C LEU C 130 -10.02 5.18 -36.26
N ALA C 131 -8.85 4.88 -35.68
CA ALA C 131 -7.68 4.61 -36.50
C ALA C 131 -7.85 3.31 -37.28
N ILE C 132 -8.37 2.27 -36.63
CA ILE C 132 -8.67 1.01 -37.30
C ILE C 132 -9.78 1.19 -38.32
N TYR C 133 -10.80 2.00 -37.98
CA TYR C 133 -11.90 2.24 -38.90
C TYR C 133 -11.42 2.91 -40.19
N ASP C 134 -10.61 3.96 -40.05
CA ASP C 134 -10.12 4.68 -41.22
C ASP C 134 -9.19 3.81 -42.07
N THR C 135 -8.39 2.96 -41.40
CA THR C 135 -7.52 2.05 -42.13
C THR C 135 -8.34 1.03 -42.90
N MET C 136 -9.44 0.56 -42.31
CA MET C 136 -10.34 -0.33 -43.03
C MET C 136 -10.90 0.34 -44.29
N GLN C 137 -11.34 1.60 -44.16
CA GLN C 137 -11.94 2.29 -45.28
C GLN C 137 -10.90 2.68 -46.33
N TYR C 138 -9.65 2.86 -45.93
CA TYR C 138 -8.63 3.32 -46.87
C TYR C 138 -8.14 2.20 -47.77
N ILE C 139 -7.77 1.05 -47.18
CA ILE C 139 -7.20 -0.02 -47.98
C ILE C 139 -8.21 -0.52 -49.00
N LEU C 140 -7.70 -0.93 -50.18
CA LEU C 140 -8.55 -1.37 -51.28
C LEU C 140 -9.14 -2.75 -51.04
N ASN C 141 -8.60 -3.52 -50.12
CA ASN C 141 -9.04 -4.89 -49.93
C ASN C 141 -10.42 -4.92 -49.30
N PRO C 142 -11.32 -5.77 -49.79
CA PRO C 142 -12.58 -6.01 -49.07
C PRO C 142 -12.30 -6.65 -47.73
N ILE C 143 -13.07 -6.25 -46.72
CA ILE C 143 -12.88 -6.70 -45.35
C ILE C 143 -14.13 -7.40 -44.88
N CYS C 144 -14.01 -8.69 -44.55
CA CYS C 144 -15.09 -9.47 -43.98
C CYS C 144 -14.95 -9.44 -42.46
N THR C 145 -15.80 -8.67 -41.80
CA THR C 145 -15.78 -8.56 -40.35
C THR C 145 -16.65 -9.67 -39.75
N TRP C 146 -16.11 -10.38 -38.76
CA TRP C 146 -16.79 -11.48 -38.10
C TRP C 146 -16.92 -11.16 -36.62
N CYS C 147 -18.15 -11.06 -36.12
CA CYS C 147 -18.41 -10.80 -34.71
C CYS C 147 -18.43 -12.13 -33.97
N VAL C 148 -17.43 -12.35 -33.11
CA VAL C 148 -17.30 -13.57 -32.34
C VAL C 148 -17.30 -13.20 -30.86
N GLY C 149 -18.17 -13.85 -30.08
CA GLY C 149 -18.29 -13.52 -28.68
C GLY C 149 -19.14 -12.28 -28.46
N GLN C 150 -18.53 -11.10 -28.61
CA GLN C 150 -19.24 -9.85 -28.46
C GLN C 150 -18.55 -8.77 -29.27
N ALA C 151 -19.31 -7.74 -29.63
CA ALA C 151 -18.78 -6.55 -30.32
C ALA C 151 -19.51 -5.35 -29.72
N ALA C 152 -18.89 -4.76 -28.70
CA ALA C 152 -19.48 -3.65 -27.96
C ALA C 152 -18.68 -2.38 -28.18
N SER C 153 -19.38 -1.25 -28.14
CA SER C 153 -18.78 0.09 -28.21
C SER C 153 -18.01 0.19 -29.53
N MET C 154 -16.69 0.39 -29.51
CA MET C 154 -15.91 0.45 -30.74
C MET C 154 -15.96 -0.86 -31.50
N GLY C 155 -16.07 -1.99 -30.80
CA GLY C 155 -16.17 -3.27 -31.48
C GLY C 155 -17.33 -3.35 -32.46
N SER C 156 -18.51 -2.86 -32.04
CA SER C 156 -19.64 -2.86 -32.95
C SER C 156 -19.42 -1.93 -34.13
N LEU C 157 -18.67 -0.85 -33.92
CA LEU C 157 -18.35 0.07 -35.01
C LEU C 157 -17.46 -0.61 -36.05
N LEU C 158 -16.41 -1.30 -35.60
CA LEU C 158 -15.57 -2.04 -36.54
C LEU C 158 -16.34 -3.17 -37.20
N LEU C 159 -17.32 -3.74 -36.50
CA LEU C 159 -18.15 -4.78 -37.08
C LEU C 159 -18.95 -4.23 -38.26
N ALA C 160 -19.68 -3.12 -38.04
CA ALA C 160 -20.42 -2.48 -39.11
C ALA C 160 -19.53 -1.83 -40.15
N ALA C 161 -18.24 -1.63 -39.87
CA ALA C 161 -17.33 -0.97 -40.80
C ALA C 161 -16.87 -1.88 -41.93
N GLY C 162 -17.19 -3.16 -41.87
CA GLY C 162 -16.79 -4.08 -42.92
C GLY C 162 -17.44 -3.75 -44.25
N THR C 163 -16.91 -4.38 -45.28
CA THR C 163 -17.45 -4.22 -46.63
C THR C 163 -18.92 -4.63 -46.64
N PRO C 164 -19.79 -3.84 -47.25
CA PRO C 164 -21.22 -4.19 -47.29
C PRO C 164 -21.45 -5.59 -47.82
N GLY C 165 -22.28 -6.35 -47.12
CA GLY C 165 -22.56 -7.72 -47.47
C GLY C 165 -21.56 -8.73 -46.94
N MET C 166 -20.55 -8.29 -46.19
CA MET C 166 -19.53 -9.18 -45.68
C MET C 166 -19.34 -9.03 -44.17
N ARG C 167 -20.34 -8.46 -43.49
CA ARG C 167 -20.30 -8.25 -42.04
C ARG C 167 -21.08 -9.38 -41.38
N HIS C 168 -20.38 -10.39 -40.90
CA HIS C 168 -20.98 -11.61 -40.40
C HIS C 168 -20.96 -11.65 -38.88
N SER C 169 -21.72 -12.59 -38.33
CA SER C 169 -21.78 -12.77 -36.88
C SER C 169 -22.20 -14.20 -36.59
N LEU C 170 -21.71 -14.73 -35.46
CA LEU C 170 -22.09 -16.05 -34.99
C LEU C 170 -23.42 -15.98 -34.26
N PRO C 171 -24.15 -17.10 -34.18
CA PRO C 171 -25.53 -17.03 -33.67
C PRO C 171 -25.67 -16.54 -32.24
N ASN C 172 -24.68 -16.78 -31.38
CA ASN C 172 -24.80 -16.43 -29.97
C ASN C 172 -23.96 -15.22 -29.57
N SER C 173 -23.46 -14.45 -30.53
CA SER C 173 -22.73 -13.23 -30.22
C SER C 173 -23.71 -12.12 -29.82
N ARG C 174 -23.18 -11.06 -29.22
CA ARG C 174 -23.98 -9.91 -28.85
C ARG C 174 -23.31 -8.63 -29.32
N ILE C 175 -24.13 -7.63 -29.64
CA ILE C 175 -23.66 -6.36 -30.17
C ILE C 175 -24.24 -5.24 -29.31
N MET C 176 -23.38 -4.34 -28.83
CA MET C 176 -23.78 -3.26 -27.97
C MET C 176 -23.35 -1.93 -28.57
N ILE C 177 -24.23 -0.95 -28.55
CA ILE C 177 -23.94 0.40 -29.05
C ILE C 177 -24.38 1.41 -28.01
N HIS C 178 -23.54 2.41 -27.76
CA HIS C 178 -23.86 3.46 -26.81
C HIS C 178 -23.01 4.67 -27.12
N GLN C 179 -23.37 5.81 -26.52
CA GLN C 179 -22.68 7.05 -26.79
C GLN C 179 -21.32 7.08 -26.08
N PRO C 180 -20.39 7.90 -26.58
CA PRO C 180 -19.05 7.92 -25.99
C PRO C 180 -19.07 8.42 -24.54
N SER C 181 -18.11 7.95 -23.77
CA SER C 181 -17.96 8.35 -22.38
C SER C 181 -16.53 8.80 -22.13
N GLY C 182 -16.36 9.67 -21.14
CA GLY C 182 -15.05 10.20 -20.85
C GLY C 182 -15.05 11.04 -19.60
N GLY C 183 -14.03 11.89 -19.48
CA GLY C 183 -13.90 12.76 -18.34
C GLY C 183 -13.18 14.04 -18.70
N ALA C 184 -13.25 15.00 -17.76
CA ALA C 184 -12.57 16.27 -17.92
C ALA C 184 -12.21 16.81 -16.54
N ARG C 185 -11.09 17.53 -16.46
CA ARG C 185 -10.65 18.14 -15.22
C ARG C 185 -9.80 19.36 -15.55
N GLY C 186 -9.96 20.42 -14.77
CA GLY C 186 -9.21 21.63 -14.94
C GLY C 186 -10.08 22.85 -14.70
N GLN C 187 -9.65 23.99 -15.23
CA GLN C 187 -10.44 25.21 -15.12
C GLN C 187 -11.69 25.09 -15.99
N ALA C 188 -12.64 25.99 -15.74
CA ALA C 188 -13.90 25.97 -16.48
C ALA C 188 -13.68 26.08 -17.98
N THR C 189 -12.66 26.85 -18.40
CA THR C 189 -12.35 26.96 -19.82
C THR C 189 -11.90 25.62 -20.40
N ASP C 190 -11.06 24.90 -19.66
CA ASP C 190 -10.62 23.58 -20.10
C ASP C 190 -11.79 22.60 -20.10
N ILE C 191 -12.65 22.67 -19.08
CA ILE C 191 -13.78 21.76 -19.00
C ILE C 191 -14.68 21.90 -20.22
N GLU C 192 -14.91 23.14 -20.66
CA GLU C 192 -15.75 23.38 -21.82
C GLU C 192 -15.11 22.85 -23.10
N ILE C 193 -13.78 22.97 -23.22
CA ILE C 193 -13.10 22.50 -24.41
C ILE C 193 -13.23 20.98 -24.54
N GLN C 194 -13.00 20.26 -23.44
CA GLN C 194 -13.14 18.80 -23.47
C GLN C 194 -14.59 18.40 -23.69
N ALA C 195 -15.53 19.14 -23.09
CA ALA C 195 -16.94 18.82 -23.26
C ALA C 195 -17.37 18.98 -24.71
N ARG C 196 -16.97 20.07 -25.37
CA ARG C 196 -17.28 20.22 -26.78
C ARG C 196 -16.66 19.09 -27.60
N GLU C 197 -15.43 18.71 -27.26
CA GLU C 197 -14.74 17.68 -28.03
C GLU C 197 -15.43 16.32 -27.90
N ILE C 198 -15.85 15.96 -26.69
CA ILE C 198 -16.55 14.69 -26.52
C ILE C 198 -17.92 14.73 -27.17
N MET C 199 -18.49 15.92 -27.37
CA MET C 199 -19.72 16.02 -28.14
C MET C 199 -19.45 15.90 -29.63
N LYS C 200 -18.31 16.45 -30.09
CA LYS C 200 -17.92 16.28 -31.49
C LYS C 200 -17.72 14.81 -31.83
N LEU C 201 -17.05 14.07 -30.94
CA LEU C 201 -16.91 12.63 -31.14
C LEU C 201 -18.29 11.96 -31.18
N LYS C 202 -19.21 12.41 -30.33
CA LYS C 202 -20.54 11.83 -30.30
C LYS C 202 -21.24 11.98 -31.64
N LYS C 203 -21.21 13.19 -32.22
CA LYS C 203 -21.80 13.39 -33.54
C LYS C 203 -21.04 12.62 -34.61
N GLN C 204 -19.71 12.58 -34.49
CA GLN C 204 -18.89 11.90 -35.50
C GLN C 204 -19.19 10.41 -35.52
N LEU C 205 -19.25 9.78 -34.34
CA LEU C 205 -19.53 8.35 -34.28
C LEU C 205 -20.96 8.06 -34.73
N TYR C 206 -21.89 8.95 -34.38
CA TYR C 206 -23.28 8.76 -34.81
C TYR C 206 -23.39 8.79 -36.32
N ASN C 207 -22.63 9.67 -36.98
CA ASN C 207 -22.67 9.73 -38.43
C ASN C 207 -22.04 8.48 -39.05
N ILE C 208 -20.98 7.97 -38.44
CA ILE C 208 -20.36 6.74 -38.93
C ILE C 208 -21.34 5.57 -38.83
N TYR C 209 -22.04 5.47 -37.68
CA TYR C 209 -23.05 4.45 -37.54
C TYR C 209 -24.16 4.62 -38.58
N ALA C 210 -24.62 5.85 -38.78
CA ALA C 210 -25.66 6.10 -39.77
C ALA C 210 -25.20 5.80 -41.19
N LYS C 211 -23.89 5.92 -41.44
CA LYS C 211 -23.37 5.66 -42.77
C LYS C 211 -23.43 4.18 -43.11
N HIS C 212 -23.03 3.32 -42.17
CA HIS C 212 -22.91 1.89 -42.46
C HIS C 212 -24.17 1.11 -42.12
N THR C 213 -24.97 1.57 -41.16
CA THR C 213 -26.24 0.93 -40.84
C THR C 213 -27.38 1.39 -41.72
N LYS C 214 -27.14 2.38 -42.59
CA LYS C 214 -28.15 2.93 -43.49
C LYS C 214 -29.34 3.49 -42.71
N GLN C 215 -29.10 3.96 -41.49
CA GLN C 215 -30.15 4.51 -40.64
C GLN C 215 -30.12 6.04 -40.67
N SER C 216 -31.25 6.63 -40.32
CA SER C 216 -31.30 8.07 -40.16
C SER C 216 -30.61 8.47 -38.86
N LEU C 217 -30.19 9.74 -38.80
CA LEU C 217 -29.55 10.22 -37.58
C LEU C 217 -30.50 10.21 -36.39
N GLN C 218 -31.80 10.34 -36.65
CA GLN C 218 -32.79 10.25 -35.58
C GLN C 218 -32.71 8.91 -34.87
N VAL C 219 -32.65 7.81 -35.64
CA VAL C 219 -32.64 6.48 -35.04
C VAL C 219 -31.32 6.21 -34.33
N ILE C 220 -30.21 6.72 -34.88
CA ILE C 220 -28.91 6.51 -34.26
C ILE C 220 -28.85 7.20 -32.90
N GLU C 221 -29.37 8.43 -32.82
CA GLU C 221 -29.35 9.16 -31.56
C GLU C 221 -30.24 8.49 -30.53
N SER C 222 -31.43 8.04 -30.94
CA SER C 222 -32.36 7.44 -29.99
C SER C 222 -31.85 6.11 -29.47
N ALA C 223 -31.14 5.34 -30.29
CA ALA C 223 -30.71 4.01 -29.88
C ALA C 223 -29.48 4.05 -29.00
N MET C 224 -28.52 4.91 -29.32
CA MET C 224 -27.23 4.95 -28.64
C MET C 224 -27.22 5.88 -27.43
N GLU C 225 -28.36 6.45 -27.07
CA GLU C 225 -28.39 7.34 -25.90
C GLU C 225 -28.03 6.59 -24.63
N ARG C 226 -28.58 5.39 -24.46
CA ARG C 226 -28.19 4.48 -23.40
C ARG C 226 -27.55 3.23 -24.01
N ASP C 227 -27.19 2.30 -23.15
CA ASP C 227 -26.65 1.02 -23.62
C ASP C 227 -27.74 0.24 -24.36
N ARG C 228 -27.54 0.02 -25.64
CA ARG C 228 -28.47 -0.73 -26.48
C ARG C 228 -27.81 -2.06 -26.85
N TYR C 229 -28.35 -3.15 -26.31
CA TYR C 229 -27.85 -4.50 -26.60
C TYR C 229 -28.70 -5.13 -27.70
N MET C 230 -28.03 -5.80 -28.64
CA MET C 230 -28.68 -6.36 -29.82
C MET C 230 -28.27 -7.80 -30.02
N SER C 231 -29.24 -8.65 -30.33
CA SER C 231 -28.97 -9.98 -30.84
C SER C 231 -28.46 -9.87 -32.28
N PRO C 232 -27.81 -10.92 -32.79
CA PRO C 232 -27.36 -10.87 -34.21
C PRO C 232 -28.47 -10.56 -35.19
N MET C 233 -29.71 -11.01 -34.92
CA MET C 233 -30.82 -10.63 -35.78
C MET C 233 -31.17 -9.16 -35.62
N GLU C 234 -31.15 -8.66 -34.39
CA GLU C 234 -31.48 -7.25 -34.15
C GLU C 234 -30.46 -6.33 -34.78
N ALA C 235 -29.18 -6.71 -34.75
CA ALA C 235 -28.15 -5.90 -35.39
C ALA C 235 -28.20 -6.01 -36.90
N GLN C 236 -28.63 -7.15 -37.42
CA GLN C 236 -28.84 -7.26 -38.87
C GLN C 236 -30.01 -6.40 -39.31
N GLU C 237 -31.10 -6.39 -38.54
CA GLU C 237 -32.23 -5.53 -38.84
C GLU C 237 -31.83 -4.06 -38.74
N PHE C 238 -31.01 -3.72 -37.74
CA PHE C 238 -30.55 -2.35 -37.56
C PHE C 238 -29.51 -1.94 -38.61
N GLY C 239 -28.86 -2.90 -39.25
CA GLY C 239 -27.87 -2.62 -40.26
C GLY C 239 -26.43 -2.73 -39.80
N ILE C 240 -26.18 -3.24 -38.60
CA ILE C 240 -24.81 -3.36 -38.12
C ILE C 240 -24.08 -4.48 -38.84
N LEU C 241 -24.73 -5.63 -39.00
CA LEU C 241 -24.14 -6.75 -39.71
C LEU C 241 -25.10 -7.19 -40.81
N ASP C 242 -24.66 -8.17 -41.60
CA ASP C 242 -25.41 -8.60 -42.77
C ASP C 242 -25.82 -10.07 -42.73
N LYS C 243 -25.00 -10.95 -42.16
CA LYS C 243 -25.26 -12.38 -42.19
C LYS C 243 -25.04 -12.99 -40.81
N VAL C 244 -25.99 -13.82 -40.37
CA VAL C 244 -25.89 -14.59 -39.14
C VAL C 244 -25.87 -16.06 -39.54
N LEU C 245 -24.70 -16.68 -39.49
CA LEU C 245 -24.52 -18.04 -39.97
C LEU C 245 -24.05 -18.95 -38.84
N VAL C 246 -24.62 -20.15 -38.79
CA VAL C 246 -24.19 -21.16 -37.83
C VAL C 246 -23.04 -21.98 -38.39
N HIS C 247 -23.09 -22.30 -39.67
CA HIS C 247 -22.14 -23.18 -40.33
C HIS C 247 -21.58 -22.49 -41.57
N PRO C 248 -20.46 -22.97 -42.11
CA PRO C 248 -19.83 -22.27 -43.22
C PRO C 248 -20.77 -22.14 -44.40
N PRO C 249 -20.64 -21.07 -45.19
CA PRO C 249 -21.46 -20.84 -46.40
C PRO C 249 -21.15 -21.83 -47.52
N ILE D 59 7.00 -24.58 -19.78
CA ILE D 59 6.58 -25.25 -21.00
C ILE D 59 7.70 -26.12 -21.54
N PRO D 60 7.43 -27.42 -21.66
CA PRO D 60 8.43 -28.33 -22.25
C PRO D 60 8.44 -28.22 -23.78
N ILE D 61 9.55 -28.69 -24.35
CA ILE D 61 9.79 -28.60 -25.78
C ILE D 61 9.85 -30.00 -26.35
N VAL D 62 9.23 -30.20 -27.50
CA VAL D 62 9.21 -31.49 -28.18
C VAL D 62 9.52 -31.32 -29.66
N TYR D 73 8.74 -28.04 -31.20
CA TYR D 73 7.77 -27.10 -30.66
C TYR D 73 7.41 -27.37 -29.20
N ASP D 74 6.44 -26.61 -28.68
CA ASP D 74 5.99 -26.82 -27.32
C ASP D 74 5.03 -28.01 -27.27
N ILE D 75 4.78 -28.49 -26.05
CA ILE D 75 3.98 -29.70 -25.88
C ILE D 75 2.55 -29.47 -26.32
N TYR D 76 2.04 -28.24 -26.21
CA TYR D 76 0.68 -27.97 -26.67
C TYR D 76 0.61 -27.91 -28.19
N SER D 77 1.69 -27.49 -28.84
CA SER D 77 1.74 -27.52 -30.30
C SER D 77 1.79 -28.95 -30.81
N ARG D 78 2.53 -29.82 -30.10
CA ARG D 78 2.58 -31.22 -30.50
C ARG D 78 1.20 -31.87 -30.40
N LEU D 79 0.46 -31.56 -29.33
CA LEU D 79 -0.91 -32.06 -29.22
C LEU D 79 -1.81 -31.45 -30.28
N LEU D 80 -1.56 -30.19 -30.66
CA LEU D 80 -2.31 -29.61 -31.77
C LEU D 80 -2.07 -30.36 -33.06
N ARG D 81 -0.84 -30.88 -33.25
CA ARG D 81 -0.58 -31.76 -34.39
C ARG D 81 -1.42 -33.02 -34.30
N GLU D 82 -1.65 -33.51 -33.08
CA GLU D 82 -2.56 -34.63 -32.83
C GLU D 82 -4.02 -34.19 -32.79
N ARG D 83 -4.31 -32.97 -33.22
CA ARG D 83 -5.68 -32.42 -33.24
C ARG D 83 -6.28 -32.41 -31.84
N ILE D 84 -5.50 -31.95 -30.87
CA ILE D 84 -5.91 -31.89 -29.48
C ILE D 84 -5.84 -30.44 -29.02
N VAL D 85 -6.98 -29.91 -28.57
CA VAL D 85 -7.06 -28.55 -28.05
C VAL D 85 -7.27 -28.63 -26.55
N CYS D 86 -6.45 -27.89 -25.80
CA CYS D 86 -6.51 -27.88 -24.35
C CYS D 86 -7.23 -26.61 -23.88
N VAL D 87 -8.38 -26.80 -23.24
CA VAL D 87 -9.13 -25.68 -22.67
C VAL D 87 -9.12 -25.83 -21.16
N MET D 88 -8.02 -25.44 -20.53
CA MET D 88 -7.85 -25.61 -19.10
C MET D 88 -7.57 -24.26 -18.45
N GLY D 89 -8.10 -24.07 -17.25
CA GLY D 89 -8.02 -22.80 -16.57
C GLY D 89 -9.26 -21.97 -16.85
N PRO D 90 -9.37 -20.83 -16.17
CA PRO D 90 -10.52 -19.95 -16.41
C PRO D 90 -10.59 -19.49 -17.87
N ILE D 91 -11.79 -19.14 -18.29
CA ILE D 91 -12.11 -18.83 -19.68
C ILE D 91 -12.36 -17.33 -19.80
N ASP D 92 -11.48 -16.63 -20.50
CA ASP D 92 -11.69 -15.22 -20.79
C ASP D 92 -11.49 -14.96 -22.28
N ASP D 93 -11.44 -13.69 -22.68
CA ASP D 93 -11.28 -13.38 -24.10
C ASP D 93 -9.94 -13.88 -24.63
N SER D 94 -8.93 -13.97 -23.77
CA SER D 94 -7.62 -14.43 -24.22
C SER D 94 -7.64 -15.94 -24.51
N VAL D 95 -8.16 -16.72 -23.57
CA VAL D 95 -8.25 -18.17 -23.78
C VAL D 95 -9.19 -18.48 -24.93
N ALA D 96 -10.27 -17.70 -25.07
CA ALA D 96 -11.18 -17.90 -26.19
C ALA D 96 -10.47 -17.66 -27.52
N SER D 97 -9.65 -16.62 -27.60
CA SER D 97 -8.94 -16.33 -28.84
C SER D 97 -7.98 -17.46 -29.21
N LEU D 98 -7.25 -17.99 -28.23
CA LEU D 98 -6.33 -19.08 -28.51
C LEU D 98 -7.07 -20.34 -28.94
N VAL D 99 -8.15 -20.68 -28.24
CA VAL D 99 -8.87 -21.91 -28.55
C VAL D 99 -9.54 -21.82 -29.92
N ILE D 100 -10.15 -20.68 -30.23
CA ILE D 100 -10.81 -20.53 -31.52
C ILE D 100 -9.79 -20.56 -32.66
N ALA D 101 -8.63 -19.95 -32.44
CA ALA D 101 -7.58 -19.95 -33.46
C ALA D 101 -7.08 -21.37 -33.73
N GLN D 102 -7.01 -22.19 -32.69
CA GLN D 102 -6.59 -23.58 -32.88
C GLN D 102 -7.65 -24.38 -33.62
N LEU D 103 -8.94 -24.14 -33.30
CA LEU D 103 -10.00 -24.88 -33.99
C LEU D 103 -10.07 -24.51 -35.46
N LEU D 104 -9.88 -23.23 -35.78
CA LEU D 104 -9.88 -22.83 -37.18
C LEU D 104 -8.66 -23.38 -37.91
N PHE D 105 -7.50 -23.41 -37.23
CA PHE D 105 -6.33 -24.03 -37.82
C PHE D 105 -6.55 -25.53 -38.04
N LEU D 106 -7.22 -26.20 -37.10
CA LEU D 106 -7.47 -27.63 -37.27
C LEU D 106 -8.49 -27.90 -38.35
N GLN D 107 -9.45 -26.99 -38.55
CA GLN D 107 -10.41 -27.18 -39.64
C GLN D 107 -9.76 -26.95 -40.99
N SER D 108 -8.80 -26.01 -41.08
CA SER D 108 -8.11 -25.79 -42.34
C SER D 108 -7.24 -26.98 -42.70
N GLU D 109 -6.68 -27.67 -41.71
CA GLU D 109 -5.91 -28.88 -41.99
C GLU D 109 -6.80 -29.99 -42.53
N SER D 110 -7.95 -30.21 -41.91
CA SER D 110 -8.89 -31.25 -42.33
C SER D 110 -10.25 -30.96 -41.73
N ASN D 111 -11.24 -30.68 -42.58
CA ASN D 111 -12.60 -30.44 -42.11
C ASN D 111 -13.36 -31.73 -41.83
N LYS D 112 -12.69 -32.88 -41.89
CA LYS D 112 -13.30 -34.17 -41.65
C LYS D 112 -12.74 -34.88 -40.43
N LYS D 113 -11.44 -34.80 -40.20
CA LYS D 113 -10.84 -35.43 -39.04
C LYS D 113 -11.43 -34.84 -37.77
N PRO D 114 -11.67 -35.65 -36.74
CA PRO D 114 -12.25 -35.12 -35.50
C PRO D 114 -11.24 -34.25 -34.76
N ILE D 115 -11.78 -33.47 -33.82
CA ILE D 115 -10.99 -32.59 -32.97
C ILE D 115 -11.25 -32.96 -31.51
N HIS D 116 -10.17 -33.22 -30.77
CA HIS D 116 -10.27 -33.54 -29.35
C HIS D 116 -10.10 -32.27 -28.53
N MET D 117 -11.01 -32.06 -27.58
CA MET D 117 -11.04 -30.86 -26.75
C MET D 117 -11.07 -31.29 -25.29
N TYR D 118 -9.95 -31.10 -24.60
CA TYR D 118 -9.80 -31.50 -23.20
C TYR D 118 -10.10 -30.29 -22.31
N ILE D 119 -11.05 -30.44 -21.40
CA ILE D 119 -11.60 -29.35 -20.62
C ILE D 119 -11.27 -29.58 -19.16
N ASN D 120 -10.61 -28.59 -18.54
CA ASN D 120 -10.35 -28.57 -17.11
C ASN D 120 -10.48 -27.11 -16.66
N SER D 121 -11.71 -26.62 -16.64
CA SER D 121 -11.95 -25.20 -16.43
C SER D 121 -12.94 -24.98 -15.31
N PRO D 122 -12.70 -24.01 -14.43
CA PRO D 122 -13.69 -23.67 -13.40
C PRO D 122 -14.75 -22.69 -13.86
N GLY D 123 -14.75 -22.28 -15.13
CA GLY D 123 -15.69 -21.32 -15.64
C GLY D 123 -14.99 -20.06 -16.11
N GLY D 124 -15.79 -19.04 -16.41
CA GLY D 124 -15.22 -17.79 -16.86
C GLY D 124 -16.26 -16.86 -17.44
N VAL D 125 -15.81 -16.00 -18.34
CA VAL D 125 -16.70 -15.00 -18.92
C VAL D 125 -17.71 -15.68 -19.83
N VAL D 126 -18.95 -15.19 -19.80
CA VAL D 126 -20.01 -15.80 -20.60
C VAL D 126 -19.78 -15.54 -22.09
N THR D 127 -19.41 -14.31 -22.45
CA THR D 127 -19.20 -13.99 -23.85
C THR D 127 -18.03 -14.77 -24.43
N ALA D 128 -17.01 -15.05 -23.62
CA ALA D 128 -15.86 -15.83 -24.09
C ALA D 128 -16.25 -17.28 -24.36
N GLY D 129 -16.97 -17.90 -23.41
CA GLY D 129 -17.37 -19.27 -23.58
C GLY D 129 -18.39 -19.47 -24.69
N LEU D 130 -19.24 -18.47 -24.92
CA LEU D 130 -20.17 -18.55 -26.05
C LEU D 130 -19.44 -18.37 -27.39
N ALA D 131 -18.31 -17.66 -27.38
CA ALA D 131 -17.49 -17.57 -28.58
C ALA D 131 -16.91 -18.94 -28.95
N ILE D 132 -16.41 -19.66 -27.94
CA ILE D 132 -15.91 -21.02 -28.18
C ILE D 132 -17.06 -21.94 -28.60
N TYR D 133 -18.23 -21.77 -27.98
CA TYR D 133 -19.38 -22.59 -28.32
C TYR D 133 -19.77 -22.41 -29.79
N ASP D 134 -19.92 -21.16 -30.22
CA ASP D 134 -20.31 -20.88 -31.60
C ASP D 134 -19.27 -21.38 -32.58
N THR D 135 -17.99 -21.25 -32.23
CA THR D 135 -16.93 -21.78 -33.08
C THR D 135 -17.00 -23.30 -33.14
N MET D 136 -17.34 -23.94 -32.03
CA MET D 136 -17.49 -25.39 -32.02
C MET D 136 -18.62 -25.83 -32.95
N GLN D 137 -19.76 -25.13 -32.90
CA GLN D 137 -20.87 -25.50 -33.77
C GLN D 137 -20.59 -25.11 -35.22
N TYR D 138 -19.73 -24.12 -35.44
CA TYR D 138 -19.48 -23.64 -36.80
C TYR D 138 -18.70 -24.65 -37.61
N ILE D 139 -17.53 -25.06 -37.10
CA ILE D 139 -16.68 -25.96 -37.86
C ILE D 139 -17.38 -27.30 -38.08
N LEU D 140 -17.13 -27.89 -39.24
CA LEU D 140 -17.75 -29.15 -39.62
C LEU D 140 -17.10 -30.36 -38.96
N ASN D 141 -15.99 -30.16 -38.26
CA ASN D 141 -15.28 -31.27 -37.65
C ASN D 141 -16.08 -31.82 -36.46
N PRO D 142 -16.24 -33.13 -36.34
CA PRO D 142 -16.77 -33.69 -35.10
C PRO D 142 -15.82 -33.37 -33.95
N ILE D 143 -16.41 -32.98 -32.82
CA ILE D 143 -15.63 -32.50 -31.68
C ILE D 143 -15.86 -33.43 -30.50
N CYS D 144 -14.79 -34.05 -30.02
CA CYS D 144 -14.84 -34.95 -28.87
C CYS D 144 -14.40 -34.18 -27.64
N THR D 145 -15.35 -33.88 -26.75
CA THR D 145 -15.06 -33.17 -25.52
C THR D 145 -14.79 -34.14 -24.39
N TRP D 146 -13.76 -33.84 -23.59
CA TRP D 146 -13.32 -34.71 -22.51
C TRP D 146 -13.24 -33.88 -21.23
N CYS D 147 -14.05 -34.26 -20.24
CA CYS D 147 -14.01 -33.61 -18.93
C CYS D 147 -12.88 -34.22 -18.11
N VAL D 148 -11.83 -33.45 -17.87
CA VAL D 148 -10.70 -33.89 -17.08
C VAL D 148 -10.59 -32.99 -15.86
N GLY D 149 -10.60 -33.59 -14.67
CA GLY D 149 -10.56 -32.82 -13.45
C GLY D 149 -11.90 -32.18 -13.10
N GLN D 150 -12.31 -31.18 -13.88
CA GLN D 150 -13.60 -30.53 -13.66
C GLN D 150 -13.99 -29.76 -14.91
N ALA D 151 -15.29 -29.51 -15.04
CA ALA D 151 -15.86 -28.67 -16.10
C ALA D 151 -17.02 -27.90 -15.47
N ALA D 152 -16.71 -26.76 -14.86
CA ALA D 152 -17.68 -25.99 -14.12
C ALA D 152 -18.07 -24.73 -14.88
N SER D 153 -19.29 -24.25 -14.61
CA SER D 153 -19.84 -23.06 -15.24
C SER D 153 -19.78 -23.17 -16.77
N MET D 154 -19.00 -22.28 -17.41
CA MET D 154 -18.89 -22.34 -18.87
C MET D 154 -18.20 -23.60 -19.34
N GLY D 155 -17.36 -24.20 -18.49
CA GLY D 155 -16.69 -25.44 -18.86
C GLY D 155 -17.67 -26.58 -19.08
N SER D 156 -18.72 -26.64 -18.26
CA SER D 156 -19.75 -27.66 -18.47
C SER D 156 -20.53 -27.43 -19.75
N LEU D 157 -20.71 -26.16 -20.15
CA LEU D 157 -21.36 -25.88 -21.42
C LEU D 157 -20.50 -26.35 -22.58
N LEU D 158 -19.20 -26.05 -22.54
CA LEU D 158 -18.30 -26.53 -23.58
C LEU D 158 -18.18 -28.05 -23.56
N LEU D 159 -18.35 -28.68 -22.39
CA LEU D 159 -18.36 -30.13 -22.32
C LEU D 159 -19.57 -30.72 -23.03
N ALA D 160 -20.74 -30.09 -22.84
CA ALA D 160 -21.96 -30.54 -23.50
C ALA D 160 -22.05 -30.09 -24.95
N ALA D 161 -21.22 -29.14 -25.38
CA ALA D 161 -21.25 -28.67 -26.76
C ALA D 161 -20.55 -29.61 -27.73
N GLY D 162 -20.02 -30.73 -27.27
CA GLY D 162 -19.38 -31.68 -28.15
C GLY D 162 -20.36 -32.40 -29.05
N THR D 163 -19.80 -33.08 -30.04
CA THR D 163 -20.62 -33.85 -30.96
C THR D 163 -21.37 -34.95 -30.20
N PRO D 164 -22.67 -35.12 -30.45
CA PRO D 164 -23.43 -36.14 -29.70
C PRO D 164 -22.80 -37.51 -29.83
N GLY D 165 -22.67 -38.19 -28.68
CA GLY D 165 -22.00 -39.47 -28.62
C GLY D 165 -20.51 -39.40 -28.46
N MET D 166 -19.94 -38.19 -28.39
CA MET D 166 -18.49 -38.02 -28.26
C MET D 166 -18.13 -37.11 -27.09
N ARG D 167 -19.02 -36.97 -26.11
CA ARG D 167 -18.77 -36.14 -24.92
C ARG D 167 -18.40 -37.08 -23.77
N HIS D 168 -17.11 -37.14 -23.46
CA HIS D 168 -16.58 -38.09 -22.50
C HIS D 168 -16.16 -37.38 -21.22
N SER D 169 -15.92 -38.18 -20.19
CA SER D 169 -15.46 -37.67 -18.90
C SER D 169 -14.69 -38.75 -18.17
N LEU D 170 -13.63 -38.35 -17.50
CA LEU D 170 -12.85 -39.27 -16.68
C LEU D 170 -13.60 -39.56 -15.38
N PRO D 171 -13.27 -40.67 -14.71
CA PRO D 171 -14.11 -41.12 -13.59
C PRO D 171 -14.21 -40.13 -12.43
N ASN D 172 -13.10 -39.47 -12.07
CA ASN D 172 -13.06 -38.63 -10.89
C ASN D 172 -13.26 -37.15 -11.21
N SER D 173 -13.84 -36.83 -12.36
CA SER D 173 -14.14 -35.46 -12.68
C SER D 173 -15.46 -35.04 -12.02
N ARG D 174 -15.68 -33.73 -11.96
CA ARG D 174 -16.94 -33.19 -11.46
C ARG D 174 -17.45 -32.15 -12.45
N ILE D 175 -18.77 -32.08 -12.57
CA ILE D 175 -19.44 -31.19 -13.50
C ILE D 175 -20.38 -30.28 -12.72
N MET D 176 -20.23 -28.97 -12.88
CA MET D 176 -21.02 -28.00 -12.15
C MET D 176 -21.78 -27.11 -13.12
N ILE D 177 -23.04 -26.83 -12.79
CA ILE D 177 -23.89 -25.93 -13.55
C ILE D 177 -24.54 -24.95 -12.59
N HIS D 178 -24.64 -23.69 -13.01
CA HIS D 178 -25.29 -22.67 -12.21
C HIS D 178 -25.73 -21.55 -13.15
N GLN D 179 -26.59 -20.69 -12.64
CA GLN D 179 -27.06 -19.56 -13.43
C GLN D 179 -25.96 -18.51 -13.54
N PRO D 180 -26.01 -17.66 -14.56
CA PRO D 180 -24.96 -16.64 -14.73
C PRO D 180 -24.97 -15.62 -13.60
N SER D 181 -23.77 -15.16 -13.27
CA SER D 181 -23.57 -14.14 -12.24
C SER D 181 -22.94 -12.91 -12.87
N GLY D 182 -23.20 -11.76 -12.24
CA GLY D 182 -22.66 -10.52 -12.77
C GLY D 182 -22.90 -9.36 -11.83
N GLY D 183 -22.88 -8.17 -12.40
CA GLY D 183 -23.09 -6.96 -11.62
C GLY D 183 -23.49 -5.80 -12.50
N ALA D 184 -23.95 -4.73 -11.85
CA ALA D 184 -24.37 -3.52 -12.53
C ALA D 184 -24.17 -2.32 -11.62
N ARG D 185 -23.91 -1.17 -12.22
CA ARG D 185 -23.70 0.05 -11.47
C ARG D 185 -24.00 1.24 -12.35
N GLY D 186 -24.72 2.22 -11.81
CA GLY D 186 -25.08 3.42 -12.52
C GLY D 186 -26.44 3.91 -12.06
N GLN D 187 -27.07 4.71 -12.91
CA GLN D 187 -28.41 5.19 -12.63
C GLN D 187 -29.42 4.07 -12.78
N ALA D 188 -30.64 4.31 -12.29
CA ALA D 188 -31.68 3.28 -12.30
C ALA D 188 -31.97 2.82 -13.73
N THR D 189 -31.89 3.73 -14.70
CA THR D 189 -32.10 3.36 -16.09
C THR D 189 -31.03 2.38 -16.56
N ASP D 190 -29.76 2.66 -16.23
CA ASP D 190 -28.69 1.76 -16.59
C ASP D 190 -28.83 0.43 -15.87
N ILE D 191 -29.07 0.48 -14.55
CA ILE D 191 -29.22 -0.75 -13.75
C ILE D 191 -30.23 -1.69 -14.38
N GLU D 192 -31.36 -1.13 -14.83
CA GLU D 192 -32.40 -1.93 -15.46
C GLU D 192 -31.90 -2.56 -16.77
N ILE D 193 -31.18 -1.79 -17.58
CA ILE D 193 -30.70 -2.31 -18.86
C ILE D 193 -29.75 -3.48 -18.64
N GLN D 194 -28.86 -3.36 -17.66
CA GLN D 194 -27.93 -4.45 -17.37
C GLN D 194 -28.66 -5.68 -16.85
N ALA D 195 -29.63 -5.47 -15.95
CA ALA D 195 -30.38 -6.60 -15.40
C ALA D 195 -31.20 -7.29 -16.49
N ARG D 196 -31.72 -6.52 -17.45
CA ARG D 196 -32.40 -7.15 -18.59
C ARG D 196 -31.43 -7.99 -19.40
N GLU D 197 -30.21 -7.50 -19.61
CA GLU D 197 -29.24 -8.24 -20.41
C GLU D 197 -28.81 -9.52 -19.73
N ILE D 198 -28.54 -9.48 -18.43
CA ILE D 198 -28.10 -10.69 -17.74
C ILE D 198 -29.24 -11.70 -17.66
N MET D 199 -30.49 -11.25 -17.70
CA MET D 199 -31.60 -12.20 -17.78
C MET D 199 -31.67 -12.82 -19.17
N LYS D 200 -31.35 -12.05 -20.20
CA LYS D 200 -31.31 -12.60 -21.56
C LYS D 200 -30.29 -13.73 -21.65
N LEU D 201 -29.09 -13.51 -21.10
CA LEU D 201 -28.07 -14.55 -21.10
C LEU D 201 -28.53 -15.76 -20.29
N LYS D 202 -29.22 -15.52 -19.17
CA LYS D 202 -29.74 -16.63 -18.37
C LYS D 202 -30.68 -17.50 -19.18
N LYS D 203 -31.58 -16.89 -19.95
CA LYS D 203 -32.46 -17.68 -20.80
C LYS D 203 -31.70 -18.28 -21.97
N GLN D 204 -30.76 -17.52 -22.55
CA GLN D 204 -29.99 -18.02 -23.68
C GLN D 204 -29.19 -19.25 -23.29
N LEU D 205 -28.53 -19.21 -22.13
CA LEU D 205 -27.76 -20.36 -21.66
C LEU D 205 -28.67 -21.52 -21.27
N TYR D 206 -29.85 -21.21 -20.71
CA TYR D 206 -30.81 -22.27 -20.39
C TYR D 206 -31.28 -22.99 -21.65
N ASN D 207 -31.49 -22.23 -22.74
CA ASN D 207 -31.92 -22.85 -23.99
C ASN D 207 -30.80 -23.66 -24.61
N ILE D 208 -29.56 -23.17 -24.51
CA ILE D 208 -28.41 -23.93 -24.99
C ILE D 208 -28.24 -25.22 -24.19
N TYR D 209 -28.35 -25.13 -22.87
CA TYR D 209 -28.27 -26.33 -22.04
C TYR D 209 -29.40 -27.30 -22.37
N ALA D 210 -30.62 -26.78 -22.54
CA ALA D 210 -31.74 -27.65 -22.90
C ALA D 210 -31.55 -28.28 -24.27
N LYS D 211 -30.81 -27.62 -25.16
CA LYS D 211 -30.60 -28.14 -26.51
C LYS D 211 -29.71 -29.38 -26.49
N HIS D 212 -28.58 -29.30 -25.79
CA HIS D 212 -27.59 -30.38 -25.82
C HIS D 212 -27.84 -31.46 -24.77
N THR D 213 -28.47 -31.12 -23.64
CA THR D 213 -28.81 -32.10 -22.62
C THR D 213 -30.13 -32.81 -22.88
N LYS D 214 -30.84 -32.43 -23.94
CA LYS D 214 -32.11 -33.05 -24.31
C LYS D 214 -33.13 -32.96 -23.18
N GLN D 215 -33.02 -31.92 -22.34
CA GLN D 215 -33.88 -31.74 -21.19
C GLN D 215 -34.91 -30.65 -21.47
N SER D 216 -35.98 -30.66 -20.69
CA SER D 216 -36.98 -29.60 -20.78
C SER D 216 -36.44 -28.33 -20.16
N LEU D 217 -37.05 -27.21 -20.53
CA LEU D 217 -36.63 -25.92 -19.99
C LEU D 217 -36.86 -25.84 -18.49
N GLN D 218 -37.89 -26.55 -17.99
CA GLN D 218 -38.16 -26.53 -16.55
C GLN D 218 -37.05 -27.22 -15.77
N VAL D 219 -36.57 -28.37 -16.26
CA VAL D 219 -35.49 -29.07 -15.58
C VAL D 219 -34.22 -28.22 -15.54
N ILE D 220 -33.96 -27.48 -16.62
CA ILE D 220 -32.79 -26.62 -16.67
C ILE D 220 -32.91 -25.48 -15.66
N GLU D 221 -34.08 -24.86 -15.59
CA GLU D 221 -34.28 -23.75 -14.65
C GLU D 221 -34.17 -24.23 -13.20
N SER D 222 -34.76 -25.39 -12.89
CA SER D 222 -34.74 -25.88 -11.51
C SER D 222 -33.35 -26.33 -11.09
N ALA D 223 -32.57 -26.88 -12.02
CA ALA D 223 -31.25 -27.38 -11.67
C ALA D 223 -30.23 -26.25 -11.57
N MET D 224 -30.24 -25.31 -12.50
CA MET D 224 -29.24 -24.27 -12.60
C MET D 224 -29.57 -23.03 -11.79
N GLU D 225 -30.65 -23.06 -11.00
CA GLU D 225 -30.97 -21.90 -10.17
C GLU D 225 -29.89 -21.69 -9.12
N ARG D 226 -29.53 -22.74 -8.40
CA ARG D 226 -28.40 -22.73 -7.49
C ARG D 226 -27.25 -23.53 -8.10
N ASP D 227 -26.12 -23.56 -7.41
CA ASP D 227 -24.98 -24.35 -7.86
C ASP D 227 -25.32 -25.83 -7.75
N ARG D 228 -25.25 -26.53 -8.87
CA ARG D 228 -25.55 -27.96 -8.95
C ARG D 228 -24.30 -28.72 -9.33
N TYR D 229 -23.85 -29.60 -8.44
CA TYR D 229 -22.68 -30.43 -8.69
C TYR D 229 -23.12 -31.83 -9.04
N MET D 230 -22.52 -32.39 -10.10
CA MET D 230 -22.88 -33.71 -10.59
C MET D 230 -21.63 -34.56 -10.77
N SER D 231 -21.77 -35.85 -10.49
CA SER D 231 -20.75 -36.83 -10.83
C SER D 231 -20.78 -37.09 -12.33
N PRO D 232 -19.71 -37.68 -12.90
CA PRO D 232 -19.74 -37.98 -14.33
C PRO D 232 -20.91 -38.87 -14.73
N MET D 233 -21.35 -39.77 -13.84
CA MET D 233 -22.54 -40.55 -14.14
C MET D 233 -23.80 -39.70 -14.03
N GLU D 234 -23.85 -38.78 -13.07
CA GLU D 234 -25.01 -37.92 -12.92
C GLU D 234 -25.15 -36.97 -14.11
N ALA D 235 -24.03 -36.47 -14.62
CA ALA D 235 -24.08 -35.61 -15.80
C ALA D 235 -24.42 -36.40 -17.05
N GLN D 236 -24.05 -37.69 -17.10
CA GLN D 236 -24.42 -38.52 -18.23
C GLN D 236 -25.93 -38.76 -18.28
N GLU D 237 -26.55 -38.97 -17.11
CA GLU D 237 -28.01 -39.11 -17.07
C GLU D 237 -28.70 -37.79 -17.36
N PHE D 238 -28.15 -36.68 -16.85
CA PHE D 238 -28.72 -35.38 -17.14
C PHE D 238 -28.57 -34.99 -18.59
N GLY D 239 -27.58 -35.53 -19.29
CA GLY D 239 -27.37 -35.25 -20.70
C GLY D 239 -26.18 -34.38 -21.02
N ILE D 240 -25.31 -34.10 -20.05
CA ILE D 240 -24.17 -33.23 -20.30
C ILE D 240 -23.10 -33.96 -21.11
N LEU D 241 -22.80 -35.20 -20.73
CA LEU D 241 -21.81 -36.02 -21.41
C LEU D 241 -22.47 -37.32 -21.86
N ASP D 242 -21.67 -38.15 -22.54
CA ASP D 242 -22.15 -39.40 -23.11
C ASP D 242 -21.51 -40.64 -22.51
N LYS D 243 -20.20 -40.61 -22.26
CA LYS D 243 -19.47 -41.79 -21.82
C LYS D 243 -18.59 -41.44 -20.63
N VAL D 244 -18.57 -42.34 -19.66
CA VAL D 244 -17.70 -42.24 -18.49
C VAL D 244 -16.74 -43.43 -18.56
N LEU D 245 -15.53 -43.19 -19.06
CA LEU D 245 -14.55 -44.24 -19.25
C LEU D 245 -13.51 -44.21 -18.13
N VAL D 246 -13.02 -45.39 -17.77
CA VAL D 246 -11.93 -45.53 -16.80
C VAL D 246 -10.65 -45.80 -17.57
N HIS D 247 -10.55 -46.98 -18.17
CA HIS D 247 -9.52 -47.35 -19.11
C HIS D 247 -10.11 -47.41 -20.51
N PRO D 248 -9.33 -47.12 -21.57
CA PRO D 248 -9.81 -47.07 -22.96
C PRO D 248 -10.65 -48.27 -23.38
N ILE E 59 16.95 -21.97 -16.64
CA ILE E 59 16.80 -23.31 -17.19
C ILE E 59 18.03 -23.68 -18.03
N PRO E 60 18.76 -24.72 -17.61
CA PRO E 60 19.94 -25.15 -18.37
C PRO E 60 19.54 -25.73 -19.72
N ILE E 61 20.30 -25.38 -20.74
CA ILE E 61 20.01 -25.75 -22.13
C ILE E 61 21.10 -26.71 -22.59
N VAL E 62 20.77 -28.00 -22.63
CA VAL E 62 21.72 -29.02 -23.09
C VAL E 62 21.68 -29.11 -24.61
N TYR E 73 18.19 -28.65 -25.77
CA TYR E 73 17.03 -27.99 -25.18
C TYR E 73 17.10 -27.98 -23.65
N ASP E 74 16.02 -27.55 -23.01
CA ASP E 74 15.96 -27.56 -21.56
C ASP E 74 16.12 -28.98 -21.03
N ILE E 75 16.70 -29.09 -19.84
CA ILE E 75 16.96 -30.40 -19.27
C ILE E 75 15.67 -31.19 -19.08
N TYR E 76 14.55 -30.51 -18.87
CA TYR E 76 13.28 -31.21 -18.69
C TYR E 76 12.82 -31.84 -20.00
N SER E 77 13.09 -31.18 -21.14
CA SER E 77 12.78 -31.79 -22.42
C SER E 77 13.68 -32.98 -22.69
N ARG E 78 14.94 -32.91 -22.26
CA ARG E 78 15.84 -34.05 -22.37
C ARG E 78 15.34 -35.23 -21.55
N LEU E 79 14.81 -34.96 -20.36
CA LEU E 79 14.22 -36.02 -19.55
C LEU E 79 12.91 -36.52 -20.16
N LEU E 80 12.14 -35.63 -20.79
CA LEU E 80 10.93 -36.08 -21.48
C LEU E 80 11.25 -37.02 -22.62
N ARG E 81 12.38 -36.81 -23.31
CA ARG E 81 12.85 -37.78 -24.28
C ARG E 81 13.16 -39.11 -23.61
N GLU E 82 13.70 -39.07 -22.39
CA GLU E 82 13.94 -40.27 -21.61
C GLU E 82 12.68 -40.79 -20.92
N ARG E 83 11.51 -40.30 -21.32
CA ARG E 83 10.22 -40.71 -20.74
C ARG E 83 10.19 -40.44 -19.23
N ILE E 84 10.56 -39.22 -18.86
CA ILE E 84 10.56 -38.79 -17.47
C ILE E 84 9.73 -37.51 -17.38
N VAL E 85 8.72 -37.52 -16.53
CA VAL E 85 7.87 -36.36 -16.28
C VAL E 85 8.12 -35.89 -14.86
N CYS E 86 8.45 -34.60 -14.71
CA CYS E 86 8.72 -34.01 -13.41
C CYS E 86 7.48 -33.29 -12.91
N VAL E 87 6.94 -33.74 -11.78
CA VAL E 87 5.79 -33.10 -11.16
C VAL E 87 6.23 -32.52 -9.82
N MET E 88 6.92 -31.38 -9.86
CA MET E 88 7.49 -30.77 -8.68
C MET E 88 6.90 -29.39 -8.48
N GLY E 89 6.72 -29.00 -7.22
CA GLY E 89 6.09 -27.74 -6.88
C GLY E 89 4.60 -27.89 -6.65
N PRO E 90 3.92 -26.77 -6.39
CA PRO E 90 2.48 -26.83 -6.18
C PRO E 90 1.75 -27.29 -7.43
N ILE E 91 0.61 -27.96 -7.23
CA ILE E 91 -0.15 -28.58 -8.31
C ILE E 91 -1.43 -27.77 -8.53
N ASP E 92 -1.47 -27.02 -9.62
CA ASP E 92 -2.66 -26.27 -10.03
C ASP E 92 -3.10 -26.73 -11.42
N ASP E 93 -4.07 -26.02 -12.00
CA ASP E 93 -4.53 -26.37 -13.34
C ASP E 93 -3.41 -26.21 -14.36
N SER E 94 -2.47 -25.31 -14.12
CA SER E 94 -1.35 -25.13 -15.03
C SER E 94 -0.41 -26.32 -14.99
N VAL E 95 -0.01 -26.75 -13.79
CA VAL E 95 0.85 -27.92 -13.66
C VAL E 95 0.13 -29.17 -14.13
N ALA E 96 -1.18 -29.26 -13.87
CA ALA E 96 -1.95 -30.39 -14.36
C ALA E 96 -1.96 -30.45 -15.88
N SER E 97 -2.10 -29.29 -16.54
CA SER E 97 -2.13 -29.28 -17.99
C SER E 97 -0.80 -29.77 -18.57
N LEU E 98 0.31 -29.29 -18.02
CA LEU E 98 1.61 -29.70 -18.54
C LEU E 98 1.85 -31.19 -18.32
N VAL E 99 1.53 -31.70 -17.13
CA VAL E 99 1.79 -33.11 -16.83
C VAL E 99 0.93 -34.01 -17.71
N ILE E 100 -0.36 -33.69 -17.84
CA ILE E 100 -1.25 -34.49 -18.66
C ILE E 100 -0.80 -34.47 -20.12
N ALA E 101 -0.31 -33.32 -20.59
CA ALA E 101 0.16 -33.23 -21.96
C ALA E 101 1.41 -34.08 -22.19
N GLN E 102 2.31 -34.09 -21.21
CA GLN E 102 3.52 -34.92 -21.32
C GLN E 102 3.17 -36.41 -21.30
N LEU E 103 2.22 -36.81 -20.45
CA LEU E 103 1.82 -38.21 -20.41
C LEU E 103 1.18 -38.64 -21.72
N LEU E 104 0.34 -37.79 -22.30
CA LEU E 104 -0.29 -38.11 -23.58
C LEU E 104 0.74 -38.19 -24.70
N PHE E 105 1.72 -37.28 -24.68
CA PHE E 105 2.80 -37.36 -25.65
C PHE E 105 3.62 -38.63 -25.46
N LEU E 106 3.87 -39.01 -24.21
CA LEU E 106 4.67 -40.21 -23.96
C LEU E 106 3.89 -41.48 -24.28
N GLN E 107 2.55 -41.43 -24.21
CA GLN E 107 1.75 -42.58 -24.60
C GLN E 107 1.69 -42.72 -26.12
N SER E 108 1.62 -41.60 -26.84
CA SER E 108 1.58 -41.65 -28.30
C SER E 108 2.89 -42.13 -28.88
N GLU E 109 4.01 -41.85 -28.20
CA GLU E 109 5.30 -42.37 -28.65
C GLU E 109 5.38 -43.88 -28.46
N SER E 110 4.90 -44.38 -27.33
CA SER E 110 4.90 -45.82 -27.05
C SER E 110 3.93 -46.09 -25.91
N ASN E 111 2.90 -46.88 -26.18
CA ASN E 111 1.95 -47.27 -25.14
C ASN E 111 2.42 -48.47 -24.33
N LYS E 112 3.66 -48.92 -24.55
CA LYS E 112 4.23 -50.03 -23.80
C LYS E 112 5.40 -49.61 -22.92
N LYS E 113 6.22 -48.66 -23.38
CA LYS E 113 7.36 -48.24 -22.60
C LYS E 113 6.89 -47.54 -21.32
N PRO E 114 7.59 -47.74 -20.21
CA PRO E 114 7.15 -47.11 -18.95
C PRO E 114 7.43 -45.62 -18.94
N ILE E 115 6.72 -44.94 -18.05
CA ILE E 115 6.84 -43.49 -17.85
C ILE E 115 7.29 -43.26 -16.42
N HIS E 116 8.42 -42.57 -16.27
CA HIS E 116 8.93 -42.23 -14.95
C HIS E 116 8.39 -40.87 -14.54
N MET E 117 7.79 -40.81 -13.35
CA MET E 117 7.16 -39.61 -12.83
C MET E 117 7.82 -39.25 -11.51
N TYR E 118 8.63 -38.20 -11.52
CA TYR E 118 9.31 -37.72 -10.32
C TYR E 118 8.43 -36.69 -9.62
N ILE E 119 8.18 -36.91 -8.32
CA ILE E 119 7.22 -36.11 -7.56
C ILE E 119 7.96 -35.44 -6.41
N ASN E 120 7.96 -34.12 -6.41
CA ASN E 120 8.44 -33.31 -5.29
C ASN E 120 7.44 -32.18 -5.08
N SER E 121 6.25 -32.55 -4.63
CA SER E 121 5.17 -31.60 -4.52
C SER E 121 4.71 -31.44 -3.08
N PRO E 122 4.40 -30.22 -2.64
CA PRO E 122 3.79 -30.03 -1.33
C PRO E 122 2.27 -30.21 -1.33
N GLY E 123 1.66 -30.38 -2.49
CA GLY E 123 0.23 -30.54 -2.63
C GLY E 123 -0.29 -29.64 -3.74
N GLY E 124 -1.58 -29.34 -3.67
CA GLY E 124 -2.17 -28.41 -4.63
C GLY E 124 -3.68 -28.56 -4.68
N VAL E 125 -4.25 -28.10 -5.79
CA VAL E 125 -5.69 -28.16 -5.97
C VAL E 125 -6.14 -29.60 -6.13
N VAL E 126 -7.29 -29.93 -5.54
CA VAL E 126 -7.78 -31.30 -5.59
C VAL E 126 -8.17 -31.69 -7.01
N THR E 127 -8.89 -30.81 -7.71
CA THR E 127 -9.34 -31.12 -9.07
C THR E 127 -8.16 -31.32 -10.00
N ALA E 128 -7.12 -30.47 -9.88
CA ALA E 128 -5.96 -30.61 -10.76
C ALA E 128 -5.22 -31.91 -10.49
N GLY E 129 -5.08 -32.29 -9.21
CA GLY E 129 -4.44 -33.55 -8.90
C GLY E 129 -5.26 -34.76 -9.30
N LEU E 130 -6.60 -34.66 -9.19
CA LEU E 130 -7.45 -35.73 -9.67
C LEU E 130 -7.43 -35.83 -11.18
N ALA E 131 -7.26 -34.71 -11.87
CA ALA E 131 -7.09 -34.75 -13.32
C ALA E 131 -5.82 -35.51 -13.69
N ILE E 132 -4.72 -35.24 -12.97
CA ILE E 132 -3.48 -35.98 -13.18
C ILE E 132 -3.67 -37.45 -12.80
N TYR E 133 -4.45 -37.70 -11.74
CA TYR E 133 -4.68 -39.08 -11.31
C TYR E 133 -5.42 -39.88 -12.38
N ASP E 134 -6.52 -39.32 -12.90
CA ASP E 134 -7.30 -40.04 -13.91
C ASP E 134 -6.51 -40.23 -15.19
N THR E 135 -5.63 -39.29 -15.52
CA THR E 135 -4.78 -39.48 -16.69
C THR E 135 -3.78 -40.61 -16.47
N MET E 136 -3.27 -40.75 -15.26
CA MET E 136 -2.31 -41.82 -14.97
C MET E 136 -2.97 -43.18 -15.11
N GLN E 137 -4.19 -43.33 -14.60
CA GLN E 137 -4.88 -44.61 -14.66
C GLN E 137 -5.39 -44.91 -16.07
N TYR E 138 -5.68 -43.88 -16.86
CA TYR E 138 -6.23 -44.11 -18.19
C TYR E 138 -5.17 -44.64 -19.14
N ILE E 139 -3.99 -44.02 -19.15
CA ILE E 139 -2.95 -44.42 -20.08
C ILE E 139 -2.48 -45.84 -19.76
N LEU E 140 -2.16 -46.59 -20.80
CA LEU E 140 -1.79 -47.99 -20.64
C LEU E 140 -0.36 -48.17 -20.17
N ASN E 141 0.45 -47.14 -20.25
CA ASN E 141 1.85 -47.28 -19.87
C ASN E 141 1.97 -47.48 -18.36
N PRO E 142 2.77 -48.44 -17.91
CA PRO E 142 3.10 -48.49 -16.48
C PRO E 142 3.86 -47.24 -16.08
N ILE E 143 3.56 -46.73 -14.89
CA ILE E 143 4.11 -45.47 -14.42
C ILE E 143 4.93 -45.73 -13.17
N CYS E 144 6.21 -45.34 -13.21
CA CYS E 144 7.14 -45.49 -12.09
C CYS E 144 7.21 -44.17 -11.35
N THR E 145 6.49 -44.06 -10.24
CA THR E 145 6.51 -42.85 -9.44
C THR E 145 7.72 -42.86 -8.51
N TRP E 146 8.34 -41.70 -8.36
CA TRP E 146 9.52 -41.54 -7.51
C TRP E 146 9.30 -40.35 -6.59
N CYS E 147 9.27 -40.60 -5.28
CA CYS E 147 9.15 -39.53 -4.30
C CYS E 147 10.53 -38.95 -4.02
N VAL E 148 10.73 -37.69 -4.40
CA VAL E 148 12.00 -37.00 -4.17
C VAL E 148 11.71 -35.80 -3.28
N GLY E 149 12.48 -35.66 -2.21
CA GLY E 149 12.27 -34.57 -1.28
C GLY E 149 11.03 -34.75 -0.43
N GLN E 150 9.86 -34.52 -1.03
CA GLN E 150 8.60 -34.68 -0.31
C GLN E 150 7.47 -34.91 -1.31
N ALA E 151 6.47 -35.67 -0.86
CA ALA E 151 5.24 -35.94 -1.61
C ALA E 151 4.08 -35.77 -0.63
N ALA E 152 3.63 -34.52 -0.46
CA ALA E 152 2.61 -34.19 0.52
C ALA E 152 1.29 -33.89 -0.17
N SER E 153 0.20 -34.07 0.59
CA SER E 153 -1.15 -33.81 0.12
C SER E 153 -1.42 -34.54 -1.19
N MET E 154 -1.73 -33.81 -2.26
CA MET E 154 -1.99 -34.45 -3.55
C MET E 154 -0.75 -35.14 -4.09
N GLY E 155 0.44 -34.69 -3.67
CA GLY E 155 1.66 -35.34 -4.12
C GLY E 155 1.76 -36.79 -3.69
N SER E 156 1.33 -37.07 -2.45
CA SER E 156 1.35 -38.45 -1.96
C SER E 156 0.33 -39.32 -2.70
N LEU E 157 -0.80 -38.75 -3.12
CA LEU E 157 -1.76 -39.50 -3.90
C LEU E 157 -1.17 -39.87 -5.26
N LEU E 158 -0.54 -38.92 -5.94
CA LEU E 158 0.13 -39.23 -7.19
C LEU E 158 1.28 -40.22 -6.98
N LEU E 159 1.91 -40.19 -5.81
CA LEU E 159 2.95 -41.18 -5.51
C LEU E 159 2.35 -42.57 -5.38
N ALA E 160 1.18 -42.67 -4.74
CA ALA E 160 0.53 -43.96 -4.58
C ALA E 160 -0.20 -44.41 -5.84
N ALA E 161 -0.47 -43.49 -6.76
CA ALA E 161 -1.17 -43.83 -8.00
C ALA E 161 -0.29 -44.55 -9.00
N GLY E 162 0.98 -44.79 -8.68
CA GLY E 162 1.85 -45.50 -9.58
C GLY E 162 1.47 -46.96 -9.75
N THR E 163 2.03 -47.56 -10.79
CA THR E 163 1.80 -48.97 -11.06
C THR E 163 2.31 -49.81 -9.90
N PRO E 164 1.53 -50.80 -9.44
CA PRO E 164 1.95 -51.62 -8.30
C PRO E 164 3.33 -52.23 -8.51
N GLY E 165 4.20 -52.05 -7.51
CA GLY E 165 5.58 -52.47 -7.59
C GLY E 165 6.52 -51.51 -8.25
N MET E 166 6.05 -50.30 -8.61
CA MET E 166 6.88 -49.31 -9.28
C MET E 166 6.85 -47.95 -8.58
N ARG E 167 6.49 -47.92 -7.29
CA ARG E 167 6.40 -46.70 -6.52
C ARG E 167 7.59 -46.63 -5.57
N HIS E 168 8.56 -45.77 -5.87
CA HIS E 168 9.81 -45.70 -5.14
C HIS E 168 9.87 -44.43 -4.32
N SER E 169 10.88 -44.36 -3.45
CA SER E 169 11.11 -43.19 -2.64
C SER E 169 12.55 -43.18 -2.16
N LEU E 170 13.17 -42.01 -2.16
CA LEU E 170 14.52 -41.87 -1.68
C LEU E 170 14.53 -42.00 -0.15
N PRO E 171 15.69 -42.29 0.45
CA PRO E 171 15.72 -42.56 1.90
C PRO E 171 15.21 -41.42 2.76
N ASN E 172 15.59 -40.19 2.47
CA ASN E 172 15.29 -39.05 3.32
C ASN E 172 14.08 -38.26 2.84
N SER E 173 13.21 -38.85 2.04
CA SER E 173 12.04 -38.15 1.57
C SER E 173 10.98 -38.10 2.68
N ARG E 174 9.90 -37.36 2.41
CA ARG E 174 8.83 -37.16 3.36
C ARG E 174 7.49 -37.35 2.64
N ILE E 175 6.56 -38.02 3.29
CA ILE E 175 5.24 -38.26 2.73
C ILE E 175 4.20 -37.82 3.75
N MET E 176 3.23 -37.01 3.29
CA MET E 176 2.18 -36.47 4.15
C MET E 176 0.82 -36.75 3.54
N ILE E 177 -0.12 -37.16 4.38
CA ILE E 177 -1.51 -37.36 3.98
C ILE E 177 -2.41 -36.61 4.95
N HIS E 178 -3.49 -36.05 4.43
CA HIS E 178 -4.46 -35.34 5.27
C HIS E 178 -5.76 -35.20 4.51
N GLN E 179 -6.81 -34.81 5.23
CA GLN E 179 -8.11 -34.62 4.62
C GLN E 179 -8.11 -33.32 3.81
N PRO E 180 -9.02 -33.20 2.84
CA PRO E 180 -9.05 -31.99 2.02
C PRO E 180 -9.43 -30.77 2.83
N SER E 181 -8.98 -29.61 2.35
CA SER E 181 -9.33 -28.33 2.95
C SER E 181 -9.89 -27.41 1.87
N GLY E 182 -10.79 -26.51 2.29
CA GLY E 182 -11.38 -25.54 1.38
C GLY E 182 -12.06 -24.36 2.05
N GLY E 183 -13.06 -23.80 1.37
CA GLY E 183 -13.83 -22.70 1.94
C GLY E 183 -15.18 -22.56 1.27
N ALA E 184 -16.10 -21.91 1.97
CA ALA E 184 -17.42 -21.64 1.43
C ALA E 184 -17.90 -20.29 1.94
N ARG E 185 -18.58 -19.55 1.07
CA ARG E 185 -19.08 -18.22 1.42
C ARG E 185 -20.32 -17.94 0.59
N GLY E 186 -21.28 -17.28 1.20
CA GLY E 186 -22.54 -16.95 0.56
C GLY E 186 -23.68 -17.16 1.53
N GLN E 187 -24.88 -17.37 0.98
CA GLN E 187 -26.04 -17.65 1.79
C GLN E 187 -25.97 -19.07 2.36
N ALA E 188 -26.82 -19.33 3.36
CA ALA E 188 -26.84 -20.64 4.00
C ALA E 188 -27.14 -21.74 2.98
N THR E 189 -27.95 -21.44 1.97
CA THR E 189 -28.18 -22.41 0.90
C THR E 189 -26.89 -22.72 0.15
N ASP E 190 -26.11 -21.68 -0.16
CA ASP E 190 -24.84 -21.89 -0.84
C ASP E 190 -23.88 -22.70 0.03
N ILE E 191 -23.68 -22.25 1.28
CA ILE E 191 -22.78 -22.95 2.20
C ILE E 191 -23.16 -24.42 2.29
N GLU E 192 -24.45 -24.71 2.23
CA GLU E 192 -24.91 -26.10 2.28
C GLU E 192 -24.43 -26.85 1.04
N ILE E 193 -24.50 -26.23 -0.12
CA ILE E 193 -24.08 -26.89 -1.35
C ILE E 193 -22.57 -27.08 -1.37
N GLN E 194 -21.82 -26.03 -1.00
CA GLN E 194 -20.36 -26.14 -1.03
C GLN E 194 -19.85 -27.14 -0.01
N ALA E 195 -20.42 -27.13 1.20
CA ALA E 195 -19.99 -28.09 2.22
C ALA E 195 -20.35 -29.52 1.85
N ARG E 196 -21.45 -29.72 1.12
CA ARG E 196 -21.78 -31.07 0.68
C ARG E 196 -20.77 -31.59 -0.32
N GLU E 197 -20.26 -30.71 -1.19
CA GLU E 197 -19.28 -31.13 -2.19
C GLU E 197 -17.94 -31.45 -1.55
N ILE E 198 -17.52 -30.64 -0.57
CA ILE E 198 -16.20 -30.89 0.03
C ILE E 198 -16.21 -32.17 0.84
N MET E 199 -17.36 -32.59 1.36
CA MET E 199 -17.45 -33.90 2.01
C MET E 199 -17.36 -35.01 0.98
N LYS E 200 -18.02 -34.84 -0.17
CA LYS E 200 -17.90 -35.81 -1.25
C LYS E 200 -16.44 -35.99 -1.67
N LEU E 201 -15.70 -34.89 -1.77
CA LEU E 201 -14.29 -34.98 -2.12
C LEU E 201 -13.51 -35.71 -1.04
N LYS E 202 -13.87 -35.51 0.24
CA LYS E 202 -13.19 -36.19 1.33
C LYS E 202 -13.38 -37.70 1.25
N LYS E 203 -14.62 -38.15 1.00
CA LYS E 203 -14.86 -39.58 0.83
C LYS E 203 -14.22 -40.08 -0.46
N GLN E 204 -14.30 -39.28 -1.52
CA GLN E 204 -13.70 -39.68 -2.79
C GLN E 204 -12.20 -39.89 -2.64
N LEU E 205 -11.51 -38.91 -2.06
CA LEU E 205 -10.06 -39.04 -1.88
C LEU E 205 -9.73 -40.18 -0.94
N TYR E 206 -10.55 -40.41 0.10
CA TYR E 206 -10.33 -41.53 0.99
C TYR E 206 -10.46 -42.86 0.25
N ASN E 207 -11.38 -42.93 -0.72
CA ASN E 207 -11.55 -44.17 -1.47
C ASN E 207 -10.36 -44.43 -2.38
N ILE E 208 -9.81 -43.37 -2.99
CA ILE E 208 -8.64 -43.52 -3.83
C ILE E 208 -7.45 -43.97 -3.00
N TYR E 209 -7.27 -43.39 -1.81
CA TYR E 209 -6.15 -43.77 -0.95
C TYR E 209 -6.29 -45.22 -0.48
N ALA E 210 -7.50 -45.63 -0.09
CA ALA E 210 -7.69 -47.02 0.33
C ALA E 210 -7.46 -48.00 -0.82
N LYS E 211 -7.74 -47.58 -2.06
CA LYS E 211 -7.55 -48.47 -3.20
C LYS E 211 -6.07 -48.76 -3.43
N HIS E 212 -5.24 -47.72 -3.44
CA HIS E 212 -3.84 -47.87 -3.83
C HIS E 212 -2.94 -48.22 -2.66
N THR E 213 -3.30 -47.85 -1.43
CA THR E 213 -2.52 -48.24 -0.26
C THR E 213 -2.94 -49.58 0.31
N LYS E 214 -3.91 -50.25 -0.33
CA LYS E 214 -4.42 -51.55 0.14
C LYS E 214 -4.89 -51.49 1.58
N GLN E 215 -5.45 -50.35 1.99
CA GLN E 215 -5.92 -50.14 3.35
C GLN E 215 -7.44 -50.11 3.38
N SER E 216 -7.99 -50.29 4.57
CA SER E 216 -9.42 -50.17 4.77
C SER E 216 -9.80 -48.70 4.98
N LEU E 217 -11.08 -48.38 4.72
CA LEU E 217 -11.55 -47.03 4.94
C LEU E 217 -11.46 -46.61 6.40
N GLN E 218 -11.44 -47.57 7.32
CA GLN E 218 -11.28 -47.26 8.74
C GLN E 218 -9.93 -46.61 9.01
N VAL E 219 -8.85 -47.19 8.46
CA VAL E 219 -7.52 -46.66 8.73
C VAL E 219 -7.26 -45.38 7.94
N ILE E 220 -7.86 -45.25 6.76
CA ILE E 220 -7.66 -44.05 5.95
C ILE E 220 -8.29 -42.84 6.64
N GLU E 221 -9.50 -43.00 7.18
CA GLU E 221 -10.14 -41.91 7.91
C GLU E 221 -9.35 -41.54 9.15
N SER E 222 -8.89 -42.54 9.90
CA SER E 222 -8.17 -42.28 11.15
C SER E 222 -6.82 -41.61 10.90
N ALA E 223 -6.17 -41.92 9.78
CA ALA E 223 -4.83 -41.38 9.54
C ALA E 223 -4.90 -40.00 8.89
N MET E 224 -5.81 -39.81 7.95
CA MET E 224 -5.90 -38.58 7.18
C MET E 224 -6.82 -37.56 7.80
N GLU E 225 -7.33 -37.81 9.01
CA GLU E 225 -8.18 -36.82 9.67
C GLU E 225 -7.40 -35.54 9.94
N ARG E 226 -6.18 -35.67 10.42
CA ARG E 226 -5.25 -34.55 10.55
C ARG E 226 -4.01 -34.83 9.72
N ASP E 227 -3.04 -33.93 9.78
CA ASP E 227 -1.79 -34.12 9.05
C ASP E 227 -1.05 -35.33 9.61
N ARG E 228 -0.75 -36.28 8.73
CA ARG E 228 -0.01 -37.48 9.09
C ARG E 228 1.27 -37.52 8.27
N TYR E 229 2.41 -37.36 8.95
CA TYR E 229 3.71 -37.38 8.30
C TYR E 229 4.36 -38.75 8.44
N MET E 230 4.94 -39.23 7.34
CA MET E 230 5.53 -40.56 7.30
C MET E 230 6.92 -40.51 6.67
N SER E 231 7.80 -41.36 7.17
CA SER E 231 9.06 -41.63 6.50
C SER E 231 8.80 -42.52 5.29
N PRO E 232 9.77 -42.65 4.37
CA PRO E 232 9.58 -43.58 3.26
C PRO E 232 9.29 -45.00 3.72
N MET E 233 9.88 -45.44 4.83
CA MET E 233 9.58 -46.77 5.35
C MET E 233 8.17 -46.85 5.92
N GLU E 234 7.72 -45.78 6.59
CA GLU E 234 6.37 -45.77 7.14
C GLU E 234 5.33 -45.77 6.03
N ALA E 235 5.59 -45.06 4.94
CA ALA E 235 4.65 -45.07 3.82
C ALA E 235 4.66 -46.40 3.09
N GLN E 236 5.80 -47.11 3.09
CA GLN E 236 5.86 -48.44 2.51
C GLN E 236 5.02 -49.43 3.32
N GLU E 237 5.11 -49.34 4.65
CA GLU E 237 4.25 -50.16 5.49
C GLU E 237 2.78 -49.79 5.31
N PHE E 238 2.50 -48.50 5.14
CA PHE E 238 1.12 -48.06 4.95
C PHE E 238 0.61 -48.42 3.56
N GLY E 239 1.50 -48.55 2.59
CA GLY E 239 1.13 -48.90 1.24
C GLY E 239 1.17 -47.76 0.24
N ILE E 240 1.71 -46.61 0.62
CA ILE E 240 1.79 -45.48 -0.31
C ILE E 240 2.80 -45.77 -1.40
N LEU E 241 3.96 -46.30 -1.05
CA LEU E 241 4.99 -46.66 -2.01
C LEU E 241 5.38 -48.13 -1.80
N ASP E 242 6.25 -48.62 -2.67
CA ASP E 242 6.64 -50.03 -2.67
C ASP E 242 8.10 -50.26 -2.27
N LYS E 243 9.02 -49.40 -2.70
CA LYS E 243 10.44 -49.61 -2.45
C LYS E 243 11.07 -48.33 -1.93
N VAL E 244 11.88 -48.47 -0.88
CA VAL E 244 12.71 -47.40 -0.35
C VAL E 244 14.15 -47.75 -0.71
N LEU E 245 14.61 -47.23 -1.84
CA LEU E 245 15.94 -47.55 -2.35
C LEU E 245 16.95 -46.51 -1.88
N VAL E 246 18.08 -46.97 -1.36
CA VAL E 246 19.16 -46.08 -0.96
C VAL E 246 20.11 -45.81 -2.12
N HIS E 247 20.49 -46.87 -2.83
CA HIS E 247 21.36 -46.81 -3.99
C HIS E 247 20.73 -47.66 -5.09
N PRO E 248 21.17 -47.49 -6.34
CA PRO E 248 20.59 -48.28 -7.43
C PRO E 248 20.69 -49.76 -7.16
N PRO E 249 19.58 -50.51 -7.34
CA PRO E 249 19.49 -51.96 -7.09
C PRO E 249 20.55 -52.78 -7.83
N ILE F 59 22.78 -13.88 -18.33
CA ILE F 59 23.44 -15.12 -18.71
C ILE F 59 24.13 -14.97 -20.07
N PRO F 60 25.45 -15.10 -20.08
CA PRO F 60 26.20 -15.01 -21.34
C PRO F 60 26.10 -16.29 -22.15
N ILE F 61 26.31 -16.14 -23.45
CA ILE F 61 26.09 -17.21 -24.43
C ILE F 61 27.40 -17.55 -25.12
N VAL F 62 27.82 -18.81 -25.05
CA VAL F 62 29.00 -19.29 -25.76
C VAL F 62 28.60 -19.69 -27.17
N VAL F 63 29.59 -19.97 -28.02
CA VAL F 63 29.33 -20.37 -29.39
C VAL F 63 30.44 -21.29 -29.93
N TYR F 73 25.59 -21.43 -26.17
CA TYR F 73 24.57 -21.52 -25.12
C TYR F 73 25.03 -20.85 -23.83
N ASP F 74 24.18 -20.90 -22.80
CA ASP F 74 24.49 -20.22 -21.54
C ASP F 74 25.76 -20.78 -20.92
N ILE F 75 26.42 -19.94 -20.11
CA ILE F 75 27.72 -20.30 -19.55
C ILE F 75 27.59 -21.50 -18.62
N TYR F 76 26.42 -21.68 -17.99
CA TYR F 76 26.24 -22.81 -17.08
C TYR F 76 26.12 -24.13 -17.83
N SER F 77 25.52 -24.10 -19.02
CA SER F 77 25.46 -25.30 -19.84
C SER F 77 26.85 -25.72 -20.29
N ARG F 78 27.72 -24.74 -20.59
CA ARG F 78 29.10 -25.06 -20.93
C ARG F 78 29.80 -25.73 -19.76
N LEU F 79 29.52 -25.27 -18.53
CA LEU F 79 30.11 -25.92 -17.36
C LEU F 79 29.47 -27.30 -17.12
N LEU F 80 28.20 -27.46 -17.47
CA LEU F 80 27.57 -28.77 -17.36
C LEU F 80 28.20 -29.78 -18.33
N ARG F 81 28.66 -29.30 -19.49
CA ARG F 81 29.44 -30.15 -20.37
C ARG F 81 30.73 -30.60 -19.69
N GLU F 82 31.33 -29.72 -18.90
CA GLU F 82 32.51 -30.05 -18.10
C GLU F 82 32.16 -30.85 -16.85
N ARG F 83 30.91 -31.34 -16.76
CA ARG F 83 30.45 -32.13 -15.62
C ARG F 83 30.51 -31.32 -14.32
N ILE F 84 30.01 -30.09 -14.39
CA ILE F 84 30.01 -29.16 -13.27
C ILE F 84 28.57 -28.71 -13.03
N VAL F 85 28.10 -28.90 -11.80
CA VAL F 85 26.77 -28.47 -11.38
C VAL F 85 26.94 -27.36 -10.35
N CYS F 86 26.23 -26.25 -10.56
CA CYS F 86 26.31 -25.09 -9.67
C CYS F 86 25.12 -25.08 -8.72
N VAL F 87 25.40 -25.16 -7.42
CA VAL F 87 24.37 -25.02 -6.40
C VAL F 87 24.62 -23.73 -5.63
N MET F 88 24.22 -22.61 -6.20
CA MET F 88 24.47 -21.30 -5.61
C MET F 88 23.15 -20.58 -5.40
N GLY F 89 23.09 -19.81 -4.32
CA GLY F 89 21.87 -19.13 -3.94
C GLY F 89 21.02 -19.99 -3.03
N PRO F 90 19.88 -19.47 -2.61
CA PRO F 90 18.98 -20.24 -1.75
C PRO F 90 18.53 -21.53 -2.43
N ILE F 91 18.16 -22.51 -1.61
CA ILE F 91 17.80 -23.85 -2.07
C ILE F 91 16.32 -24.07 -1.82
N ASP F 92 15.54 -24.18 -2.89
CA ASP F 92 14.12 -24.47 -2.80
C ASP F 92 13.76 -25.65 -3.70
N ASP F 93 12.46 -25.90 -3.92
CA ASP F 93 12.06 -26.99 -4.79
C ASP F 93 12.50 -26.75 -6.23
N SER F 94 12.54 -25.49 -6.66
CA SER F 94 12.97 -25.18 -8.02
C SER F 94 14.46 -25.43 -8.19
N VAL F 95 15.28 -24.95 -7.25
CA VAL F 95 16.71 -25.19 -7.32
C VAL F 95 17.01 -26.68 -7.19
N ALA F 96 16.25 -27.37 -6.33
CA ALA F 96 16.43 -28.81 -6.19
C ALA F 96 16.08 -29.54 -7.49
N SER F 97 15.03 -29.08 -8.17
CA SER F 97 14.63 -29.72 -9.42
C SER F 97 15.72 -29.58 -10.49
N LEU F 98 16.33 -28.40 -10.58
CA LEU F 98 17.38 -28.20 -11.59
C LEU F 98 18.63 -28.99 -11.24
N VAL F 99 19.03 -28.99 -9.98
CA VAL F 99 20.24 -29.68 -9.57
C VAL F 99 20.09 -31.19 -9.75
N ILE F 100 18.94 -31.74 -9.36
CA ILE F 100 18.73 -33.18 -9.51
C ILE F 100 18.65 -33.56 -10.99
N ALA F 101 18.06 -32.69 -11.81
CA ALA F 101 17.95 -32.98 -13.24
C ALA F 101 19.33 -32.99 -13.90
N GLN F 102 20.22 -32.09 -13.48
CA GLN F 102 21.58 -32.08 -14.00
C GLN F 102 22.35 -33.31 -13.54
N LEU F 103 22.16 -33.71 -12.29
CA LEU F 103 22.86 -34.90 -11.78
C LEU F 103 22.44 -36.15 -12.54
N LEU F 104 21.14 -36.28 -12.82
CA LEU F 104 20.67 -37.43 -13.57
C LEU F 104 21.17 -37.40 -15.01
N PHE F 105 21.23 -36.20 -15.61
CA PHE F 105 21.78 -36.09 -16.96
C PHE F 105 23.26 -36.45 -16.98
N LEU F 106 24.01 -36.02 -15.97
CA LEU F 106 25.44 -36.31 -15.95
C LEU F 106 25.72 -37.79 -15.67
N GLN F 107 24.84 -38.46 -14.94
CA GLN F 107 25.01 -39.89 -14.73
C GLN F 107 24.71 -40.67 -16.01
N SER F 108 23.70 -40.23 -16.76
CA SER F 108 23.38 -40.90 -18.02
C SER F 108 24.49 -40.74 -19.04
N GLU F 109 25.20 -39.60 -19.03
CA GLU F 109 26.33 -39.43 -19.93
C GLU F 109 27.46 -40.39 -19.56
N SER F 110 27.72 -40.55 -18.27
CA SER F 110 28.77 -41.44 -17.78
C SER F 110 28.60 -41.71 -16.29
N ASN F 111 28.30 -42.95 -15.93
CA ASN F 111 28.12 -43.30 -14.52
C ASN F 111 29.45 -43.51 -13.79
N LYS F 112 30.57 -43.18 -14.41
CA LYS F 112 31.88 -43.31 -13.79
C LYS F 112 32.62 -41.99 -13.68
N LYS F 113 32.45 -41.09 -14.66
CA LYS F 113 33.13 -39.82 -14.62
C LYS F 113 32.68 -39.02 -13.40
N PRO F 114 33.58 -38.27 -12.77
CA PRO F 114 33.19 -37.51 -11.58
C PRO F 114 32.32 -36.33 -11.94
N ILE F 115 31.55 -35.88 -10.95
CA ILE F 115 30.67 -34.73 -11.07
C ILE F 115 31.12 -33.69 -10.06
N HIS F 116 31.37 -32.47 -10.53
CA HIS F 116 31.78 -31.38 -9.66
C HIS F 116 30.56 -30.55 -9.28
N MET F 117 30.40 -30.31 -7.98
CA MET F 117 29.26 -29.58 -7.44
C MET F 117 29.78 -28.38 -6.65
N TYR F 118 29.63 -27.19 -7.23
CA TYR F 118 30.10 -25.95 -6.60
C TYR F 118 28.95 -25.33 -5.80
N ILE F 119 29.18 -25.14 -4.51
CA ILE F 119 28.14 -24.74 -3.57
C ILE F 119 28.45 -23.35 -3.05
N ASN F 120 27.52 -22.41 -3.28
CA ASN F 120 27.58 -21.06 -2.71
C ASN F 120 26.15 -20.72 -2.28
N SER F 121 25.69 -21.39 -1.23
CA SER F 121 24.30 -21.27 -0.78
C SER F 121 24.24 -20.85 0.68
N PRO F 122 23.32 -19.95 1.03
CA PRO F 122 23.08 -19.64 2.44
C PRO F 122 22.14 -20.62 3.13
N GLY F 123 21.68 -21.66 2.44
CA GLY F 123 20.74 -22.62 2.99
C GLY F 123 19.45 -22.69 2.19
N GLY F 124 18.39 -23.18 2.79
CA GLY F 124 17.11 -23.20 2.11
C GLY F 124 16.14 -24.16 2.79
N VAL F 125 15.19 -24.65 1.99
CA VAL F 125 14.20 -25.59 2.49
C VAL F 125 14.88 -26.91 2.86
N VAL F 126 14.36 -27.55 3.91
CA VAL F 126 14.95 -28.80 4.36
C VAL F 126 14.70 -29.92 3.35
N THR F 127 13.45 -30.04 2.88
CA THR F 127 13.10 -31.13 1.96
C THR F 127 13.83 -30.97 0.62
N ALA F 128 13.95 -29.74 0.12
CA ALA F 128 14.68 -29.54 -1.12
C ALA F 128 16.13 -29.97 -0.98
N GLY F 129 16.77 -29.58 0.11
CA GLY F 129 18.16 -29.95 0.33
C GLY F 129 18.36 -31.45 0.53
N LEU F 130 17.38 -32.10 1.17
CA LEU F 130 17.47 -33.55 1.34
C LEU F 130 17.19 -34.29 0.04
N ALA F 131 16.43 -33.68 -0.86
CA ALA F 131 16.25 -34.25 -2.20
C ALA F 131 17.56 -34.25 -2.96
N ILE F 132 18.30 -33.14 -2.91
CA ILE F 132 19.62 -33.08 -3.53
C ILE F 132 20.56 -34.05 -2.85
N TYR F 133 20.47 -34.17 -1.52
CA TYR F 133 21.35 -35.07 -0.78
C TYR F 133 21.11 -36.52 -1.19
N ASP F 134 19.84 -36.93 -1.24
CA ASP F 134 19.54 -38.32 -1.63
C ASP F 134 19.93 -38.59 -3.07
N THR F 135 19.76 -37.59 -3.95
CA THR F 135 20.23 -37.74 -5.32
C THR F 135 21.75 -37.86 -5.38
N MET F 136 22.45 -37.11 -4.53
CA MET F 136 23.90 -37.21 -4.47
C MET F 136 24.32 -38.61 -4.03
N GLN F 137 23.64 -39.17 -3.03
CA GLN F 137 24.00 -40.49 -2.54
C GLN F 137 23.58 -41.60 -3.52
N TYR F 138 22.55 -41.37 -4.32
CA TYR F 138 22.04 -42.42 -5.19
C TYR F 138 22.99 -42.67 -6.36
N ILE F 139 23.28 -41.62 -7.15
CA ILE F 139 24.08 -41.81 -8.35
C ILE F 139 25.45 -42.37 -7.99
N LEU F 140 26.05 -43.08 -8.95
CA LEU F 140 27.30 -43.78 -8.74
C LEU F 140 28.52 -42.92 -9.02
N ASN F 141 28.34 -41.74 -9.61
CA ASN F 141 29.48 -40.91 -9.96
C ASN F 141 30.10 -40.30 -8.70
N PRO F 142 31.41 -40.37 -8.54
CA PRO F 142 32.05 -39.62 -7.46
C PRO F 142 31.77 -38.14 -7.60
N ILE F 143 31.42 -37.50 -6.49
CA ILE F 143 31.00 -36.11 -6.50
C ILE F 143 32.04 -35.28 -5.76
N CYS F 144 32.57 -34.27 -6.44
CA CYS F 144 33.54 -33.33 -5.85
C CYS F 144 32.80 -32.05 -5.49
N THR F 145 32.49 -31.90 -4.20
CA THR F 145 31.81 -30.71 -3.71
C THR F 145 32.82 -29.64 -3.32
N TRP F 146 32.53 -28.40 -3.71
CA TRP F 146 33.43 -27.28 -3.49
C TRP F 146 32.68 -26.16 -2.79
N CYS F 147 33.23 -25.68 -1.67
CA CYS F 147 32.65 -24.58 -0.92
C CYS F 147 33.28 -23.28 -1.40
N VAL F 148 32.52 -22.48 -2.13
CA VAL F 148 32.97 -21.20 -2.66
C VAL F 148 32.12 -20.11 -2.02
N GLY F 149 32.77 -19.12 -1.44
CA GLY F 149 32.05 -18.05 -0.77
C GLY F 149 31.51 -18.49 0.58
N GLN F 150 30.42 -19.27 0.57
CA GLN F 150 29.87 -19.79 1.81
C GLN F 150 29.05 -21.03 1.51
N ALA F 151 28.82 -21.82 2.56
CA ALA F 151 27.99 -23.03 2.50
C ALA F 151 27.33 -23.15 3.87
N ALA F 152 26.16 -22.54 4.01
CA ALA F 152 25.47 -22.44 5.28
C ALA F 152 24.18 -23.24 5.26
N SER F 153 23.79 -23.73 6.44
CA SER F 153 22.54 -24.48 6.62
C SER F 153 22.57 -25.69 5.71
N MET F 154 21.64 -25.80 4.74
CA MET F 154 21.65 -26.92 3.81
C MET F 154 22.90 -26.93 2.94
N GLY F 155 23.45 -25.75 2.63
CA GLY F 155 24.68 -25.70 1.84
C GLY F 155 25.84 -26.44 2.47
N SER F 156 25.91 -26.45 3.80
CA SER F 156 26.98 -27.20 4.47
C SER F 156 26.71 -28.70 4.42
N LEU F 157 25.44 -29.11 4.49
CA LEU F 157 25.11 -30.53 4.41
C LEU F 157 25.49 -31.09 3.05
N LEU F 158 25.07 -30.44 1.97
CA LEU F 158 25.45 -30.90 0.64
C LEU F 158 26.96 -30.85 0.43
N LEU F 159 27.65 -29.93 1.11
CA LEU F 159 29.10 -29.89 1.04
C LEU F 159 29.70 -31.13 1.69
N ALA F 160 29.22 -31.50 2.87
CA ALA F 160 29.72 -32.70 3.53
C ALA F 160 29.22 -33.98 2.87
N ALA F 161 28.19 -33.89 2.05
CA ALA F 161 27.63 -35.06 1.37
C ALA F 161 28.47 -35.53 0.20
N GLY F 162 29.59 -34.88 -0.07
CA GLY F 162 30.42 -35.28 -1.19
C GLY F 162 31.14 -36.59 -0.94
N THR F 163 31.65 -37.15 -2.03
CA THR F 163 32.42 -38.38 -1.95
C THR F 163 33.60 -38.18 -1.00
N PRO F 164 33.84 -39.10 -0.06
CA PRO F 164 34.89 -38.89 0.93
C PRO F 164 36.24 -38.64 0.27
N GLY F 165 36.92 -37.59 0.73
CA GLY F 165 38.19 -37.18 0.17
C GLY F 165 38.09 -36.19 -0.97
N MET F 166 36.87 -35.86 -1.43
CA MET F 166 36.67 -34.98 -2.58
C MET F 166 35.80 -33.78 -2.24
N ARG F 167 35.76 -33.38 -0.96
CA ARG F 167 34.98 -32.23 -0.52
C ARG F 167 35.98 -31.11 -0.23
N HIS F 168 36.03 -30.12 -1.13
CA HIS F 168 37.02 -29.07 -1.05
C HIS F 168 36.37 -27.75 -0.65
N SER F 169 37.23 -26.80 -0.29
CA SER F 169 36.78 -25.46 0.08
C SER F 169 37.89 -24.47 -0.19
N LEU F 170 37.54 -23.35 -0.80
CA LEU F 170 38.49 -22.29 -1.05
C LEU F 170 38.89 -21.62 0.27
N PRO F 171 40.03 -20.94 0.30
CA PRO F 171 40.58 -20.51 1.60
C PRO F 171 39.72 -19.53 2.37
N ASN F 172 38.99 -18.66 1.69
CA ASN F 172 38.24 -17.59 2.34
C ASN F 172 36.73 -17.87 2.41
N SER F 173 36.33 -19.13 2.24
CA SER F 173 34.93 -19.49 2.38
C SER F 173 34.56 -19.66 3.84
N ARG F 174 33.27 -19.80 4.11
CA ARG F 174 32.82 -20.07 5.46
C ARG F 174 31.75 -21.16 5.41
N ILE F 175 31.65 -21.91 6.50
CA ILE F 175 30.72 -23.02 6.61
C ILE F 175 29.95 -22.86 7.92
N MET F 176 28.62 -22.89 7.83
CA MET F 176 27.76 -22.67 8.98
C MET F 176 26.80 -23.84 9.15
N ILE F 177 26.64 -24.30 10.38
CA ILE F 177 25.75 -25.39 10.73
C ILE F 177 24.85 -24.95 11.88
N HIS F 178 23.57 -25.29 11.77
CA HIS F 178 22.60 -24.96 12.81
C HIS F 178 21.40 -25.86 12.66
N GLN F 179 20.59 -25.93 13.72
CA GLN F 179 19.42 -26.78 13.74
C GLN F 179 18.33 -26.21 12.84
N PRO F 180 17.41 -27.06 12.37
CA PRO F 180 16.36 -26.57 11.47
C PRO F 180 15.43 -25.60 12.16
N SER F 181 14.95 -24.63 11.40
CA SER F 181 14.02 -23.63 11.87
C SER F 181 12.71 -23.75 11.10
N GLY F 182 11.62 -23.36 11.75
CA GLY F 182 10.33 -23.45 11.09
C GLY F 182 9.24 -22.73 11.85
N GLY F 183 8.00 -23.04 11.48
CA GLY F 183 6.85 -22.43 12.13
C GLY F 183 5.70 -23.40 12.21
N ALA F 184 4.76 -23.10 13.10
CA ALA F 184 3.58 -23.94 13.31
C ALA F 184 2.40 -23.07 13.69
N ARG F 185 1.22 -23.40 13.14
CA ARG F 185 0.01 -22.64 13.42
C ARG F 185 -1.19 -23.54 13.22
N GLY F 186 -2.19 -23.38 14.08
CA GLY F 186 -3.42 -24.13 14.05
C GLY F 186 -3.88 -24.47 15.45
N GLN F 187 -4.73 -25.49 15.54
CA GLN F 187 -5.17 -25.99 16.84
C GLN F 187 -4.03 -26.68 17.58
N ALA F 188 -4.22 -26.86 18.89
CA ALA F 188 -3.17 -27.43 19.72
C ALA F 188 -2.74 -28.80 19.23
N THR F 189 -3.68 -29.60 18.71
CA THR F 189 -3.31 -30.89 18.15
C THR F 189 -2.43 -30.73 16.92
N ASP F 190 -2.78 -29.77 16.05
CA ASP F 190 -1.98 -29.51 14.86
C ASP F 190 -0.60 -28.97 15.21
N ILE F 191 -0.52 -28.18 16.28
CA ILE F 191 0.76 -27.69 16.75
C ILE F 191 1.65 -28.84 17.22
N GLU F 192 1.04 -29.88 17.83
CA GLU F 192 1.82 -31.03 18.27
C GLU F 192 2.34 -31.83 17.08
N ILE F 193 1.50 -32.02 16.06
CA ILE F 193 1.90 -32.77 14.87
C ILE F 193 3.06 -32.07 14.17
N GLN F 194 2.95 -30.75 14.01
N GLN F 194 2.95 -30.74 14.02
CA GLN F 194 3.99 -29.99 13.32
CA GLN F 194 3.98 -29.99 13.32
C GLN F 194 5.27 -29.94 14.16
C GLN F 194 5.26 -29.90 14.15
N ALA F 195 5.14 -29.76 15.47
CA ALA F 195 6.32 -29.70 16.32
C ALA F 195 7.02 -31.05 16.43
N ARG F 196 6.26 -32.13 16.43
CA ARG F 196 6.88 -33.46 16.44
C ARG F 196 7.63 -33.72 15.14
N GLU F 197 7.12 -33.20 14.03
CA GLU F 197 7.78 -33.41 12.75
C GLU F 197 9.11 -32.66 12.68
N ILE F 198 9.15 -31.41 13.15
CA ILE F 198 10.39 -30.65 13.08
C ILE F 198 11.42 -31.23 14.04
N MET F 199 11.00 -31.89 15.11
CA MET F 199 11.96 -32.60 15.96
C MET F 199 12.56 -33.79 15.22
N LYS F 200 11.75 -34.49 14.43
CA LYS F 200 12.25 -35.60 13.63
C LYS F 200 13.30 -35.11 12.63
N LEU F 201 13.06 -33.94 12.02
CA LEU F 201 14.05 -33.38 11.10
C LEU F 201 15.34 -33.04 11.82
N LYS F 202 15.24 -32.59 13.07
CA LYS F 202 16.45 -32.26 13.83
C LYS F 202 17.29 -33.50 14.09
N LYS F 203 16.65 -34.61 14.47
CA LYS F 203 17.41 -35.85 14.69
C LYS F 203 17.91 -36.41 13.36
N GLN F 204 17.09 -36.31 12.31
CA GLN F 204 17.48 -36.86 11.01
C GLN F 204 18.70 -36.14 10.45
N LEU F 205 18.69 -34.81 10.49
CA LEU F 205 19.83 -34.04 9.99
C LEU F 205 21.05 -34.24 10.88
N TYR F 206 20.85 -34.37 12.20
CA TYR F 206 21.98 -34.63 13.09
C TYR F 206 22.62 -35.97 12.77
N ASN F 207 21.82 -36.97 12.40
CA ASN F 207 22.37 -38.28 12.05
C ASN F 207 23.12 -38.24 10.73
N ILE F 208 22.63 -37.46 9.77
CA ILE F 208 23.33 -37.32 8.50
C ILE F 208 24.66 -36.62 8.70
N TYR F 209 24.68 -35.54 9.48
CA TYR F 209 25.94 -34.84 9.76
C TYR F 209 26.93 -35.74 10.48
N ALA F 210 26.47 -36.49 11.48
CA ALA F 210 27.37 -37.38 12.20
C ALA F 210 27.89 -38.50 11.30
N LYS F 211 27.15 -38.86 10.25
CA LYS F 211 27.59 -39.91 9.35
C LYS F 211 28.78 -39.45 8.51
N HIS F 212 28.70 -38.25 7.93
CA HIS F 212 29.71 -37.80 7.00
C HIS F 212 30.87 -37.07 7.68
N THR F 213 30.65 -36.50 8.86
CA THR F 213 31.71 -35.80 9.58
C THR F 213 32.50 -36.72 10.52
N LYS F 214 32.11 -37.98 10.64
CA LYS F 214 32.77 -38.94 11.53
C LYS F 214 32.75 -38.46 12.98
N GLN F 215 31.74 -37.68 13.35
CA GLN F 215 31.61 -37.12 14.68
C GLN F 215 30.49 -37.81 15.44
N SER F 216 30.62 -37.80 16.78
CA SER F 216 29.57 -38.38 17.61
C SER F 216 28.32 -37.52 17.56
N LEU F 217 27.18 -38.15 17.87
CA LEU F 217 25.91 -37.43 17.87
C LEU F 217 25.90 -36.36 18.95
N GLN F 218 26.63 -36.57 20.05
CA GLN F 218 26.71 -35.55 21.09
C GLN F 218 27.40 -34.29 20.57
N VAL F 219 28.49 -34.45 19.81
CA VAL F 219 29.19 -33.30 19.28
C VAL F 219 28.31 -32.56 18.28
N ILE F 220 27.49 -33.29 17.53
CA ILE F 220 26.60 -32.66 16.57
C ILE F 220 25.51 -31.87 17.28
N GLU F 221 24.94 -32.44 18.35
CA GLU F 221 23.93 -31.72 19.13
C GLU F 221 24.50 -30.46 19.75
N SER F 222 25.71 -30.54 20.30
CA SER F 222 26.31 -29.40 20.97
C SER F 222 26.67 -28.29 19.98
N ALA F 223 27.11 -28.66 18.78
CA ALA F 223 27.56 -27.66 17.82
C ALA F 223 26.39 -26.98 17.10
N MET F 224 25.40 -27.76 16.68
CA MET F 224 24.32 -27.23 15.85
C MET F 224 23.12 -26.75 16.66
N GLU F 225 23.24 -26.65 17.98
CA GLU F 225 22.15 -26.10 18.78
C GLU F 225 21.92 -24.64 18.44
N ARG F 226 22.99 -23.87 18.36
CA ARG F 226 22.96 -22.50 17.88
C ARG F 226 23.71 -22.44 16.55
N ASP F 227 23.76 -21.25 15.96
CA ASP F 227 24.50 -21.06 14.73
C ASP F 227 25.99 -21.22 15.01
N ARG F 228 26.63 -22.17 14.31
CA ARG F 228 28.05 -22.43 14.46
C ARG F 228 28.76 -22.05 13.16
N TYR F 229 29.65 -21.07 13.23
CA TYR F 229 30.42 -20.62 12.09
C TYR F 229 31.83 -21.22 12.15
N MET F 230 32.29 -21.73 11.01
CA MET F 230 33.56 -22.42 10.91
C MET F 230 34.35 -21.92 9.70
N SER F 231 35.65 -21.72 9.90
CA SER F 231 36.56 -21.46 8.79
C SER F 231 36.76 -22.75 8.01
N PRO F 232 37.34 -22.68 6.81
CA PRO F 232 37.61 -23.92 6.07
C PRO F 232 38.47 -24.91 6.83
N MET F 233 39.47 -24.43 7.58
CA MET F 233 40.29 -25.33 8.38
C MET F 233 39.49 -25.92 9.54
N GLU F 234 38.64 -25.10 10.18
CA GLU F 234 37.80 -25.60 11.26
C GLU F 234 36.82 -26.65 10.75
N ALA F 235 36.26 -26.44 9.56
CA ALA F 235 35.34 -27.43 9.00
C ALA F 235 36.08 -28.67 8.54
N GLN F 236 37.34 -28.55 8.15
CA GLN F 236 38.13 -29.72 7.82
C GLN F 236 38.37 -30.59 9.04
N GLU F 237 38.65 -29.96 10.19
CA GLU F 237 38.84 -30.71 11.43
C GLU F 237 37.53 -31.33 11.90
N PHE F 238 36.43 -30.59 11.79
CA PHE F 238 35.13 -31.12 12.18
C PHE F 238 34.68 -32.26 11.28
N GLY F 239 35.21 -32.35 10.05
CA GLY F 239 34.85 -33.39 9.13
C GLY F 239 33.86 -32.99 8.06
N ILE F 240 33.58 -31.69 7.90
CA ILE F 240 32.64 -31.25 6.89
C ILE F 240 33.27 -31.34 5.51
N LEU F 241 34.51 -30.89 5.37
CA LEU F 241 35.23 -30.93 4.11
C LEU F 241 36.55 -31.67 4.31
N ASP F 242 37.28 -31.84 3.21
CA ASP F 242 38.49 -32.65 3.19
C ASP F 242 39.75 -31.86 2.90
N LYS F 243 39.70 -30.89 1.98
CA LYS F 243 40.89 -30.15 1.57
C LYS F 243 40.60 -28.65 1.55
N VAL F 244 41.50 -27.87 2.13
CA VAL F 244 41.47 -26.42 2.03
C VAL F 244 42.60 -25.96 1.13
N LEU F 245 42.30 -25.74 -0.15
CA LEU F 245 43.32 -25.45 -1.16
C LEU F 245 43.32 -23.96 -1.50
N VAL F 246 44.50 -23.45 -1.84
CA VAL F 246 44.63 -22.06 -2.26
C VAL F 246 44.85 -22.03 -3.76
N HIS F 247 45.97 -22.58 -4.20
CA HIS F 247 46.26 -22.78 -5.60
C HIS F 247 46.44 -24.28 -5.87
N PRO F 248 45.87 -24.78 -6.97
CA PRO F 248 45.91 -26.22 -7.25
C PRO F 248 47.32 -26.76 -7.52
N PRO G 57 20.89 0.30 -26.77
CA PRO G 57 20.29 0.56 -25.46
C PRO G 57 19.49 -0.61 -24.90
N LEU G 58 19.80 -1.83 -25.35
CA LEU G 58 19.14 -3.03 -24.85
C LEU G 58 19.82 -4.29 -25.37
N ILE G 59 20.64 -4.93 -24.52
CA ILE G 59 21.40 -6.15 -24.81
C ILE G 59 21.75 -6.26 -26.30
N PRO G 60 22.77 -5.53 -26.77
CA PRO G 60 23.03 -5.51 -28.22
C PRO G 60 23.54 -6.85 -28.73
N ILE G 61 23.18 -7.15 -29.97
CA ILE G 61 23.54 -8.42 -30.60
C ILE G 61 24.65 -8.25 -31.62
N TYR G 73 25.08 -12.35 -30.59
CA TYR G 73 24.74 -12.56 -29.19
C TYR G 73 25.01 -11.32 -28.36
N ASP G 74 24.81 -11.43 -27.05
CA ASP G 74 25.04 -10.30 -26.17
C ASP G 74 26.48 -9.81 -26.28
N ILE G 75 26.66 -8.50 -26.17
CA ILE G 75 27.98 -7.89 -26.32
C ILE G 75 28.94 -8.45 -25.29
N TYR G 76 28.43 -8.89 -24.14
CA TYR G 76 29.30 -9.46 -23.12
C TYR G 76 29.82 -10.83 -23.52
N SER G 77 29.07 -11.55 -24.37
CA SER G 77 29.57 -12.82 -24.88
C SER G 77 30.70 -12.60 -25.89
N ARG G 78 30.61 -11.53 -26.68
CA ARG G 78 31.71 -11.18 -27.56
C ARG G 78 32.95 -10.81 -26.78
N LEU G 79 32.77 -10.08 -25.67
CA LEU G 79 33.91 -9.73 -24.82
C LEU G 79 34.45 -10.96 -24.09
N LEU G 80 33.59 -11.92 -23.76
CA LEU G 80 34.06 -13.15 -23.13
C LEU G 80 34.95 -13.94 -24.08
N ARG G 81 34.68 -13.87 -25.39
CA ARG G 81 35.57 -14.48 -26.37
C ARG G 81 36.96 -13.84 -26.33
N GLU G 82 37.00 -12.52 -26.10
CA GLU G 82 38.24 -11.81 -25.88
C GLU G 82 38.75 -11.91 -24.44
N ARG G 83 38.22 -12.86 -23.67
CA ARG G 83 38.69 -13.15 -22.30
C ARG G 83 38.47 -11.95 -21.38
N ILE G 84 37.35 -11.28 -21.55
CA ILE G 84 36.99 -10.11 -20.76
C ILE G 84 35.76 -10.46 -19.93
N VAL G 85 35.86 -10.28 -18.62
CA VAL G 85 34.74 -10.51 -17.70
C VAL G 85 34.36 -9.17 -17.09
N CYS G 86 33.07 -8.84 -17.15
CA CYS G 86 32.57 -7.58 -16.61
C CYS G 86 31.98 -7.83 -15.23
N VAL G 87 32.51 -7.14 -14.23
CA VAL G 87 31.97 -7.21 -12.88
C VAL G 87 31.46 -5.83 -12.48
N MET G 88 30.29 -5.46 -13.00
CA MET G 88 29.72 -4.14 -12.79
C MET G 88 28.39 -4.25 -12.06
N GLY G 89 28.11 -3.27 -11.21
CA GLY G 89 26.91 -3.26 -10.41
C GLY G 89 27.13 -3.91 -9.06
N PRO G 90 26.09 -3.97 -8.24
CA PRO G 90 26.21 -4.64 -6.94
C PRO G 90 26.58 -6.10 -7.10
N ILE G 91 27.23 -6.64 -6.07
CA ILE G 91 27.78 -7.99 -6.09
C ILE G 91 26.98 -8.85 -5.12
N ASP G 92 26.25 -9.83 -5.64
CA ASP G 92 25.55 -10.79 -4.80
C ASP G 92 25.82 -12.22 -5.28
N ASP G 93 25.08 -13.20 -4.76
CA ASP G 93 25.32 -14.58 -5.17
C ASP G 93 25.09 -14.78 -6.66
N SER G 94 24.19 -13.99 -7.25
CA SER G 94 23.92 -14.11 -8.68
C SER G 94 25.10 -13.59 -9.50
N VAL G 95 25.60 -12.40 -9.15
CA VAL G 95 26.77 -11.86 -9.84
C VAL G 95 27.98 -12.74 -9.59
N ALA G 96 28.09 -13.30 -8.38
CA ALA G 96 29.20 -14.20 -8.08
C ALA G 96 29.12 -15.47 -8.92
N SER G 97 27.91 -15.98 -9.14
CA SER G 97 27.76 -17.19 -9.95
C SER G 97 28.20 -16.94 -11.39
N LEU G 98 27.76 -15.83 -11.98
CA LEU G 98 28.12 -15.54 -13.36
C LEU G 98 29.61 -15.29 -13.51
N VAL G 99 30.20 -14.52 -12.60
CA VAL G 99 31.62 -14.20 -12.70
C VAL G 99 32.46 -15.47 -12.55
N ILE G 100 32.12 -16.30 -11.57
CA ILE G 100 32.90 -17.53 -11.36
C ILE G 100 32.76 -18.46 -12.56
N ALA G 101 31.55 -18.53 -13.15
CA ALA G 101 31.35 -19.39 -14.31
C ALA G 101 32.17 -18.91 -15.49
N GLN G 102 32.26 -17.60 -15.69
CA GLN G 102 33.05 -17.07 -16.79
C GLN G 102 34.53 -17.32 -16.56
N LEU G 103 35.00 -17.16 -15.32
CA LEU G 103 36.42 -17.40 -15.04
C LEU G 103 36.79 -18.85 -15.26
N LEU G 104 35.93 -19.79 -14.84
CA LEU G 104 36.22 -21.20 -15.04
C LEU G 104 36.20 -21.55 -16.52
N PHE G 105 35.24 -21.02 -17.26
CA PHE G 105 35.22 -21.25 -18.70
C PHE G 105 36.49 -20.72 -19.35
N LEU G 106 36.94 -19.54 -18.95
CA LEU G 106 38.14 -18.97 -19.55
C LEU G 106 39.39 -19.76 -19.16
N GLN G 107 39.39 -20.41 -17.99
CA GLN G 107 40.52 -21.26 -17.62
C GLN G 107 40.53 -22.55 -18.43
N SER G 108 39.35 -23.14 -18.64
CA SER G 108 39.29 -24.37 -19.43
C SER G 108 39.67 -24.13 -20.88
N GLU G 109 39.38 -22.93 -21.41
CA GLU G 109 39.81 -22.61 -22.77
C GLU G 109 41.32 -22.51 -22.86
N SER G 110 41.94 -21.80 -21.90
CA SER G 110 43.38 -21.66 -21.88
C SER G 110 43.77 -21.29 -20.45
N ASN G 111 44.46 -22.20 -19.75
CA ASN G 111 44.84 -21.96 -18.37
C ASN G 111 46.11 -21.12 -18.25
N LYS G 112 46.51 -20.41 -19.32
CA LYS G 112 47.66 -19.53 -19.23
C LYS G 112 47.35 -18.12 -19.74
N LYS G 113 46.43 -18.02 -20.69
CA LYS G 113 46.08 -16.72 -21.24
C LYS G 113 45.56 -15.80 -20.15
N PRO G 114 45.91 -14.52 -20.17
CA PRO G 114 45.38 -13.59 -19.17
C PRO G 114 43.88 -13.40 -19.31
N ILE G 115 43.24 -13.07 -18.20
CA ILE G 115 41.82 -12.79 -18.15
C ILE G 115 41.64 -11.33 -17.74
N HIS G 116 40.85 -10.60 -18.50
CA HIS G 116 40.57 -9.21 -18.20
C HIS G 116 39.27 -9.11 -17.42
N MET G 117 39.31 -8.39 -16.29
CA MET G 117 38.18 -8.26 -15.38
C MET G 117 37.91 -6.79 -15.16
N TYR G 118 36.87 -6.26 -15.81
CA TYR G 118 36.48 -4.86 -15.67
C TYR G 118 35.52 -4.72 -14.49
N ILE G 119 35.83 -3.79 -13.59
CA ILE G 119 35.12 -3.64 -12.32
C ILE G 119 34.52 -2.23 -12.27
N ASN G 120 33.18 -2.17 -12.13
CA ASN G 120 32.45 -0.93 -11.89
C ASN G 120 31.37 -1.26 -10.85
N SER G 121 31.82 -1.55 -9.64
CA SER G 121 30.93 -2.05 -8.61
C SER G 121 30.94 -1.13 -7.40
N PRO G 122 29.78 -0.84 -6.82
CA PRO G 122 29.72 -0.17 -5.52
C PRO G 122 29.90 -1.11 -4.34
N GLY G 123 30.12 -2.39 -4.60
CA GLY G 123 30.24 -3.39 -3.56
C GLY G 123 29.11 -4.40 -3.59
N GLY G 124 28.88 -5.01 -2.42
CA GLY G 124 27.79 -5.97 -2.29
C GLY G 124 28.04 -6.94 -1.14
N VAL G 125 27.55 -8.16 -1.31
CA VAL G 125 27.65 -9.19 -0.29
C VAL G 125 29.11 -9.59 -0.07
N VAL G 126 29.50 -9.75 1.19
CA VAL G 126 30.87 -10.15 1.50
C VAL G 126 31.12 -11.57 1.01
N THR G 127 30.21 -12.50 1.31
CA THR G 127 30.42 -13.89 0.93
C THR G 127 30.53 -14.04 -0.58
N ALA G 128 29.68 -13.34 -1.33
CA ALA G 128 29.76 -13.41 -2.79
C ALA G 128 31.05 -12.81 -3.31
N GLY G 129 31.49 -11.70 -2.71
CA GLY G 129 32.75 -11.10 -3.14
C GLY G 129 33.95 -11.96 -2.80
N LEU G 130 33.91 -12.63 -1.65
CA LEU G 130 35.00 -13.56 -1.32
C LEU G 130 34.97 -14.80 -2.20
N ALA G 131 33.80 -15.17 -2.71
CA ALA G 131 33.73 -16.24 -3.69
C ALA G 131 34.50 -15.87 -4.95
N ILE G 132 34.27 -14.64 -5.46
CA ILE G 132 34.96 -14.17 -6.64
C ILE G 132 36.46 -14.02 -6.38
N TYR G 133 36.82 -13.57 -5.17
CA TYR G 133 38.23 -13.40 -4.84
C TYR G 133 38.97 -14.72 -4.82
N ASP G 134 38.37 -15.75 -4.21
CA ASP G 134 39.05 -17.05 -4.14
C ASP G 134 39.14 -17.71 -5.51
N THR G 135 38.14 -17.53 -6.36
CA THR G 135 38.24 -18.07 -7.71
C THR G 135 39.33 -17.36 -8.51
N MET G 136 39.49 -16.05 -8.30
CA MET G 136 40.58 -15.33 -8.96
C MET G 136 41.93 -15.91 -8.56
N GLN G 137 42.12 -16.18 -7.28
CA GLN G 137 43.39 -16.72 -6.80
C GLN G 137 43.58 -18.18 -7.20
N TYR G 138 42.49 -18.93 -7.34
CA TYR G 138 42.63 -20.36 -7.62
C TYR G 138 43.02 -20.61 -9.07
N ILE G 139 42.36 -19.95 -10.01
CA ILE G 139 42.65 -20.21 -11.43
C ILE G 139 44.07 -19.76 -11.74
N LEU G 140 44.71 -20.48 -12.64
CA LEU G 140 46.10 -20.23 -12.99
C LEU G 140 46.28 -19.04 -13.91
N ASN G 141 45.21 -18.56 -14.54
CA ASN G 141 45.34 -17.46 -15.48
C ASN G 141 45.70 -16.17 -14.75
N PRO G 142 46.63 -15.39 -15.28
CA PRO G 142 46.81 -14.02 -14.78
C PRO G 142 45.55 -13.23 -15.02
N ILE G 143 45.22 -12.36 -14.07
CA ILE G 143 43.99 -11.58 -14.14
C ILE G 143 44.36 -10.10 -14.12
N CYS G 144 43.91 -9.38 -15.13
CA CYS G 144 44.12 -7.94 -15.23
C CYS G 144 42.84 -7.24 -14.78
N THR G 145 42.88 -6.64 -13.60
CA THR G 145 41.75 -5.92 -13.04
C THR G 145 41.79 -4.46 -13.48
N TRP G 146 40.64 -3.95 -13.92
CA TRP G 146 40.55 -2.60 -14.47
C TRP G 146 39.45 -1.83 -13.73
N CYS G 147 39.86 -0.79 -13.00
CA CYS G 147 38.92 0.05 -12.27
C CYS G 147 38.29 1.03 -13.24
N VAL G 148 37.03 0.84 -13.56
CA VAL G 148 36.29 1.70 -14.48
C VAL G 148 35.16 2.36 -13.70
N GLY G 149 35.13 3.69 -13.72
CA GLY G 149 34.08 4.41 -13.03
C GLY G 149 34.27 4.45 -11.52
N GLN G 150 34.13 3.31 -10.87
CA GLN G 150 34.34 3.22 -9.42
C GLN G 150 34.64 1.76 -9.05
N ALA G 151 35.27 1.59 -7.89
CA ALA G 151 35.57 0.28 -7.32
C ALA G 151 35.47 0.45 -5.81
N ALA G 152 34.27 0.28 -5.28
CA ALA G 152 34.00 0.54 -3.88
C ALA G 152 33.69 -0.76 -3.14
N SER G 153 33.91 -0.73 -1.83
CA SER G 153 33.62 -1.85 -0.95
C SER G 153 34.28 -3.14 -1.46
N MET G 154 33.47 -4.10 -1.90
CA MET G 154 34.04 -5.33 -2.44
C MET G 154 34.70 -5.11 -3.79
N GLY G 155 34.23 -4.12 -4.56
CA GLY G 155 34.85 -3.81 -5.84
C GLY G 155 36.31 -3.45 -5.69
N SER G 156 36.66 -2.74 -4.61
CA SER G 156 38.06 -2.40 -4.36
C SER G 156 38.88 -3.61 -3.97
N LEU G 157 38.27 -4.59 -3.30
CA LEU G 157 39.00 -5.80 -2.95
C LEU G 157 39.32 -6.62 -4.20
N LEU G 158 38.34 -6.77 -5.09
CA LEU G 158 38.59 -7.48 -6.34
C LEU G 158 39.59 -6.75 -7.22
N LEU G 159 39.58 -5.41 -7.19
CA LEU G 159 40.56 -4.65 -7.95
C LEU G 159 41.98 -4.93 -7.46
N ALA G 160 42.16 -4.98 -6.14
CA ALA G 160 43.47 -5.31 -5.57
C ALA G 160 43.77 -6.80 -5.63
N ALA G 161 42.78 -7.64 -5.93
CA ALA G 161 42.96 -9.08 -6.04
C ALA G 161 43.64 -9.49 -7.34
N GLY G 162 43.89 -8.56 -8.26
CA GLY G 162 44.47 -8.90 -9.54
C GLY G 162 45.91 -9.39 -9.42
N THR G 163 46.38 -9.95 -10.53
CA THR G 163 47.77 -10.38 -10.61
C THR G 163 48.68 -9.17 -10.41
N PRO G 164 49.71 -9.28 -9.57
CA PRO G 164 50.56 -8.11 -9.28
C PRO G 164 51.13 -7.51 -10.55
N GLY G 165 51.04 -6.19 -10.66
CA GLY G 165 51.49 -5.47 -11.83
C GLY G 165 50.46 -5.36 -12.93
N MET G 166 49.28 -5.94 -12.76
CA MET G 166 48.24 -5.93 -13.79
C MET G 166 46.93 -5.34 -13.25
N ARG G 167 46.99 -4.54 -12.21
CA ARG G 167 45.83 -3.86 -11.66
C ARG G 167 45.83 -2.42 -12.14
N HIS G 168 44.87 -2.07 -12.99
CA HIS G 168 44.84 -0.78 -13.65
C HIS G 168 43.58 -0.01 -13.26
N SER G 169 43.59 1.28 -13.60
CA SER G 169 42.47 2.16 -13.30
C SER G 169 42.46 3.31 -14.28
N LEU G 170 41.27 3.68 -14.73
CA LEU G 170 41.11 4.84 -15.58
C LEU G 170 41.39 6.11 -14.81
N PRO G 171 41.67 7.23 -15.50
CA PRO G 171 42.09 8.44 -14.77
C PRO G 171 41.05 8.98 -13.80
N ASN G 172 39.78 8.97 -14.16
CA ASN G 172 38.72 9.60 -13.37
C ASN G 172 37.90 8.60 -12.55
N SER G 173 38.50 7.46 -12.21
CA SER G 173 37.81 6.50 -11.36
C SER G 173 38.00 6.90 -9.89
N ARG G 174 37.25 6.22 -9.02
CA ARG G 174 37.42 6.42 -7.59
C ARG G 174 37.35 5.05 -6.90
N ILE G 175 38.12 4.91 -5.83
CA ILE G 175 38.26 3.65 -5.11
C ILE G 175 37.91 3.90 -3.66
N MET G 176 36.99 3.12 -3.13
CA MET G 176 36.49 3.28 -1.76
C MET G 176 36.74 2.00 -0.97
N ILE G 177 37.25 2.16 0.25
CA ILE G 177 37.48 1.04 1.15
C ILE G 177 36.86 1.36 2.49
N HIS G 178 36.15 0.39 3.08
CA HIS G 178 35.53 0.58 4.37
C HIS G 178 35.33 -0.79 5.02
N GLN G 179 35.09 -0.78 6.32
CA GLN G 179 34.89 -2.02 7.07
C GLN G 179 33.52 -2.61 6.73
N PRO G 180 33.35 -3.93 6.94
CA PRO G 180 32.09 -4.56 6.59
C PRO G 180 30.93 -4.06 7.46
N SER G 181 29.76 -3.99 6.84
CA SER G 181 28.53 -3.59 7.51
C SER G 181 27.51 -4.71 7.42
N GLY G 182 26.60 -4.75 8.38
CA GLY G 182 25.61 -5.80 8.40
C GLY G 182 24.58 -5.59 9.49
N GLY G 183 23.86 -6.66 9.81
CA GLY G 183 22.83 -6.60 10.82
C GLY G 183 22.74 -7.89 11.58
N ALA G 184 22.06 -7.82 12.74
CA ALA G 184 21.88 -8.97 13.62
C ALA G 184 20.56 -8.82 14.36
N ARG G 185 19.88 -9.93 14.57
CA ARG G 185 18.61 -9.90 15.28
C ARG G 185 18.36 -11.28 15.89
N GLY G 186 17.79 -11.29 17.09
CA GLY G 186 17.47 -12.50 17.81
C GLY G 186 17.79 -12.34 19.28
N GLN G 187 17.92 -13.47 19.97
CA GLN G 187 18.28 -13.44 21.37
C GLN G 187 19.72 -12.99 21.55
N ALA G 188 20.05 -12.58 22.77
CA ALA G 188 21.38 -12.05 23.06
C ALA G 188 22.48 -13.05 22.73
N THR G 189 22.22 -14.34 22.99
CA THR G 189 23.19 -15.36 22.60
C THR G 189 23.39 -15.37 21.09
N ASP G 190 22.28 -15.30 20.34
CA ASP G 190 22.38 -15.21 18.89
C ASP G 190 23.11 -13.93 18.48
N ILE G 191 22.71 -12.79 19.07
CA ILE G 191 23.32 -11.50 18.73
C ILE G 191 24.84 -11.57 18.85
N GLU G 192 25.33 -12.23 19.91
CA GLU G 192 26.77 -12.37 20.07
C GLU G 192 27.38 -13.24 18.97
N ILE G 193 26.64 -14.25 18.49
CA ILE G 193 27.18 -15.13 17.47
C ILE G 193 27.41 -14.37 16.16
N GLN G 194 26.40 -13.63 15.70
CA GLN G 194 26.54 -12.93 14.43
C GLN G 194 27.56 -11.78 14.54
N ALA G 195 27.61 -11.12 15.70
CA ALA G 195 28.59 -10.05 15.88
C ALA G 195 30.01 -10.59 15.86
N ARG G 196 30.22 -11.77 16.45
CA ARG G 196 31.53 -12.40 16.38
C ARG G 196 31.88 -12.77 14.93
N GLU G 197 30.91 -13.31 14.19
CA GLU G 197 31.15 -13.62 12.79
C GLU G 197 31.40 -12.36 11.98
N ILE G 198 30.69 -11.27 12.29
CA ILE G 198 30.94 -10.00 11.60
C ILE G 198 32.37 -9.55 11.83
N MET G 199 32.86 -9.65 13.06
CA MET G 199 34.23 -9.23 13.35
C MET G 199 35.26 -10.12 12.64
N LYS G 200 35.00 -11.43 12.59
CA LYS G 200 35.89 -12.31 11.84
C LYS G 200 36.03 -11.86 10.39
N LEU G 201 34.92 -11.51 9.75
CA LEU G 201 34.98 -10.99 8.40
C LEU G 201 35.78 -9.69 8.35
N LYS G 202 35.61 -8.83 9.35
CA LYS G 202 36.37 -7.58 9.39
C LYS G 202 37.87 -7.86 9.43
N LYS G 203 38.31 -8.78 10.29
CA LYS G 203 39.73 -9.14 10.32
C LYS G 203 40.12 -9.88 9.04
N GLN G 204 39.22 -10.72 8.52
CA GLN G 204 39.52 -11.46 7.30
C GLN G 204 39.76 -10.53 6.13
N LEU G 205 38.86 -9.57 5.92
CA LEU G 205 39.04 -8.64 4.83
C LEU G 205 40.25 -7.73 5.04
N TYR G 206 40.55 -7.39 6.31
CA TYR G 206 41.73 -6.57 6.58
C TYR G 206 43.01 -7.30 6.22
N ASN G 207 43.04 -8.62 6.42
CA ASN G 207 44.22 -9.40 6.05
C ASN G 207 44.35 -9.52 4.55
N ILE G 208 43.23 -9.70 3.85
CA ILE G 208 43.28 -9.77 2.39
C ILE G 208 43.78 -8.46 1.81
N TYR G 209 43.29 -7.32 2.31
CA TYR G 209 43.76 -6.04 1.81
C TYR G 209 45.24 -5.84 2.08
N ALA G 210 45.70 -6.20 3.28
CA ALA G 210 47.11 -6.04 3.61
C ALA G 210 47.99 -6.96 2.76
N LYS G 211 47.45 -8.09 2.33
CA LYS G 211 48.22 -9.02 1.50
C LYS G 211 48.53 -8.41 0.14
N HIS G 212 47.52 -7.81 -0.51
CA HIS G 212 47.69 -7.32 -1.87
C HIS G 212 48.16 -5.87 -1.93
N THR G 213 47.95 -5.09 -0.88
CA THR G 213 48.42 -3.71 -0.85
C THR G 213 49.81 -3.57 -0.24
N LYS G 214 50.36 -4.66 0.33
CA LYS G 214 51.67 -4.65 0.97
C LYS G 214 51.73 -3.64 2.11
N GLN G 215 50.58 -3.34 2.71
CA GLN G 215 50.46 -2.38 3.79
C GLN G 215 50.36 -3.09 5.13
N SER G 216 50.57 -2.33 6.20
CA SER G 216 50.46 -2.88 7.54
C SER G 216 49.00 -3.11 7.91
N LEU G 217 48.79 -4.05 8.83
CA LEU G 217 47.44 -4.25 9.37
C LEU G 217 46.97 -3.02 10.13
N GLN G 218 47.89 -2.27 10.73
CA GLN G 218 47.54 -0.99 11.35
C GLN G 218 47.05 0.01 10.30
N VAL G 219 47.75 0.09 9.17
CA VAL G 219 47.33 0.99 8.10
C VAL G 219 45.95 0.62 7.61
N ILE G 220 45.67 -0.68 7.48
CA ILE G 220 44.38 -1.13 6.98
C ILE G 220 43.26 -0.80 7.97
N GLU G 221 43.50 -1.00 9.26
CA GLU G 221 42.49 -0.69 10.27
C GLU G 221 42.19 0.80 10.31
N SER G 222 43.25 1.62 10.29
CA SER G 222 43.06 3.07 10.30
C SER G 222 42.33 3.55 9.06
N ALA G 223 42.65 2.99 7.90
CA ALA G 223 42.07 3.47 6.65
C ALA G 223 40.64 2.98 6.49
N MET G 224 40.37 1.72 6.82
CA MET G 224 39.06 1.13 6.59
C MET G 224 38.14 1.27 7.79
N GLU G 225 38.53 2.04 8.81
CA GLU G 225 37.64 2.24 9.95
C GLU G 225 36.40 3.03 9.54
N ARG G 226 36.60 4.15 8.86
CA ARG G 226 35.51 4.87 8.23
C ARG G 226 35.60 4.69 6.71
N ASP G 227 34.60 5.23 6.02
CA ASP G 227 34.62 5.17 4.56
C ASP G 227 35.77 6.02 4.03
N ARG G 228 36.65 5.40 3.26
CA ARG G 228 37.85 6.04 2.74
C ARG G 228 37.79 6.08 1.22
N TYR G 229 37.71 7.30 0.67
CA TYR G 229 37.65 7.51 -0.77
C TYR G 229 39.01 7.91 -1.31
N MET G 230 39.47 7.23 -2.37
CA MET G 230 40.79 7.44 -2.95
C MET G 230 40.68 7.68 -4.45
N SER G 231 41.59 8.52 -4.96
CA SER G 231 41.79 8.69 -6.39
C SER G 231 42.63 7.53 -6.92
N PRO G 232 42.69 7.34 -8.25
CA PRO G 232 43.53 6.25 -8.78
C PRO G 232 44.99 6.35 -8.37
N MET G 233 45.54 7.56 -8.31
CA MET G 233 46.91 7.73 -7.85
C MET G 233 47.05 7.40 -6.37
N GLU G 234 46.08 7.82 -5.56
CA GLU G 234 46.12 7.50 -4.14
C GLU G 234 46.01 5.99 -3.92
N ALA G 235 45.12 5.33 -4.65
CA ALA G 235 45.01 3.88 -4.54
C ALA G 235 46.25 3.18 -5.07
N GLN G 236 46.90 3.77 -6.08
CA GLN G 236 48.17 3.21 -6.55
C GLN G 236 49.25 3.32 -5.47
N GLU G 237 49.29 4.46 -4.77
CA GLU G 237 50.24 4.61 -3.66
C GLU G 237 49.89 3.67 -2.51
N PHE G 238 48.59 3.56 -2.20
CA PHE G 238 48.17 2.67 -1.12
C PHE G 238 48.43 1.20 -1.44
N GLY G 239 48.52 0.86 -2.72
CA GLY G 239 48.75 -0.51 -3.14
C GLY G 239 47.56 -1.25 -3.68
N ILE G 240 46.42 -0.57 -3.86
CA ILE G 240 45.23 -1.24 -4.37
C ILE G 240 45.40 -1.60 -5.84
N LEU G 241 45.91 -0.66 -6.64
CA LEU G 241 46.15 -0.88 -8.05
C LEU G 241 47.62 -0.54 -8.36
N ASP G 242 48.04 -0.90 -9.57
CA ASP G 242 49.43 -0.78 -10.00
C ASP G 242 49.66 0.37 -10.98
N LYS G 243 48.77 0.56 -11.95
CA LYS G 243 48.98 1.53 -13.01
C LYS G 243 47.75 2.42 -13.18
N VAL G 244 47.99 3.72 -13.30
CA VAL G 244 46.93 4.69 -13.56
C VAL G 244 47.12 5.19 -14.99
N LEU G 245 46.38 4.61 -15.94
CA LEU G 245 46.47 5.06 -17.32
C LEU G 245 45.97 6.50 -17.43
N VAL G 246 46.57 7.25 -18.35
CA VAL G 246 46.19 8.64 -18.61
C VAL G 246 46.44 8.93 -20.09
N HIS G 247 45.87 10.04 -20.57
CA HIS G 247 46.06 10.42 -21.96
C HIS G 247 46.28 11.92 -22.11
N LEU H 58 -5.90 5.11 30.02
CA LEU H 58 -5.48 6.48 29.75
C LEU H 58 -4.84 7.10 30.99
N ILE H 59 -4.53 8.39 30.91
CA ILE H 59 -3.97 9.14 32.04
C ILE H 59 -4.89 9.01 33.25
N PRO H 60 -4.41 8.50 34.38
CA PRO H 60 -5.25 8.43 35.57
C PRO H 60 -5.54 9.83 36.12
N ILE H 61 -6.68 9.94 36.80
CA ILE H 61 -7.17 11.21 37.31
C ILE H 61 -7.16 11.18 38.84
N VAL H 62 -6.66 12.25 39.45
CA VAL H 62 -6.66 12.40 40.89
C VAL H 62 -7.64 13.52 41.24
N VAL H 63 -8.56 13.24 42.16
CA VAL H 63 -9.54 14.24 42.60
C VAL H 63 -9.44 14.51 44.10
N ARG H 71 -11.88 20.16 41.74
CA ARG H 71 -11.07 20.02 40.52
C ARG H 71 -10.92 18.56 40.06
N ALA H 72 -9.87 18.33 39.26
CA ALA H 72 -9.44 17.05 38.71
C ALA H 72 -8.21 17.29 37.84
N TYR H 73 -7.36 16.28 37.68
CA TYR H 73 -6.20 16.41 36.80
C TYR H 73 -5.57 15.04 36.57
N ASP H 74 -4.65 15.00 35.62
CA ASP H 74 -3.86 13.83 35.30
C ASP H 74 -2.79 13.60 36.37
N ILE H 75 -2.19 12.41 36.34
CA ILE H 75 -1.19 12.07 37.35
C ILE H 75 0.06 12.94 37.20
N TYR H 76 0.34 13.41 35.99
CA TYR H 76 1.50 14.26 35.77
C TYR H 76 1.27 15.67 36.28
N SER H 77 0.01 16.12 36.30
CA SER H 77 -0.31 17.40 36.93
C SER H 77 -0.05 17.33 38.43
N ARG H 78 -0.42 16.22 39.07
CA ARG H 78 -0.17 16.07 40.49
C ARG H 78 1.33 16.09 40.78
N LEU H 79 2.13 15.44 39.94
CA LEU H 79 3.57 15.49 40.10
C LEU H 79 4.12 16.87 39.78
N LEU H 80 3.48 17.60 38.86
CA LEU H 80 3.91 18.96 38.59
C LEU H 80 3.66 19.87 39.77
N ARG H 81 2.60 19.62 40.53
CA ARG H 81 2.38 20.35 41.78
C ARG H 81 3.53 20.10 42.76
N GLU H 82 4.04 18.87 42.80
CA GLU H 82 5.20 18.51 43.61
C GLU H 82 6.51 18.93 42.98
N ARG H 83 6.47 19.79 41.96
CA ARG H 83 7.67 20.32 41.30
C ARG H 83 8.51 19.20 40.67
N ILE H 84 7.83 18.30 39.96
CA ILE H 84 8.47 17.18 39.29
C ILE H 84 8.10 17.22 37.82
N VAL H 85 9.11 17.36 36.96
CA VAL H 85 8.94 17.39 35.52
C VAL H 85 9.43 16.07 34.96
N CYS H 86 8.61 15.41 34.15
CA CYS H 86 8.94 14.13 33.55
C CYS H 86 9.40 14.34 32.11
N VAL H 87 10.66 14.00 31.83
CA VAL H 87 11.18 14.02 30.48
C VAL H 87 11.47 12.59 30.05
N MET H 88 10.43 11.88 29.60
CA MET H 88 10.56 10.49 29.21
C MET H 88 10.10 10.32 27.77
N GLY H 89 10.77 9.43 27.04
CA GLY H 89 10.47 9.22 25.65
C GLY H 89 11.36 10.02 24.74
N PRO H 90 11.12 9.93 23.43
CA PRO H 90 11.92 10.71 22.47
C PRO H 90 11.72 12.21 22.68
N ILE H 91 12.78 12.97 22.42
CA ILE H 91 12.81 14.40 22.68
C ILE H 91 12.71 15.13 21.35
N ASP H 92 11.54 15.70 21.05
CA ASP H 92 11.34 16.50 19.85
C ASP H 92 10.85 17.89 20.26
N ASP H 93 10.43 18.68 19.26
CA ASP H 93 9.98 20.04 19.53
C ASP H 93 8.72 20.04 20.40
N SER H 94 7.93 18.97 20.34
CA SER H 94 6.72 18.90 21.15
C SER H 94 7.06 18.62 22.62
N VAL H 95 7.95 17.65 22.85
CA VAL H 95 8.38 17.34 24.21
C VAL H 95 9.14 18.51 24.82
N ALA H 96 10.00 19.16 24.02
CA ALA H 96 10.74 20.31 24.51
C ALA H 96 9.79 21.42 24.96
N SER H 97 8.70 21.62 24.23
CA SER H 97 7.74 22.66 24.60
C SER H 97 7.10 22.38 25.95
N LEU H 98 6.61 21.16 26.17
CA LEU H 98 5.97 20.83 27.44
C LEU H 98 6.96 20.92 28.58
N VAL H 99 8.20 20.46 28.37
CA VAL H 99 9.20 20.54 29.43
C VAL H 99 9.51 21.99 29.74
N ILE H 100 9.75 22.80 28.71
CA ILE H 100 10.09 24.20 28.95
C ILE H 100 8.91 24.93 29.58
N ALA H 101 7.69 24.62 29.13
CA ALA H 101 6.51 25.27 29.71
C ALA H 101 6.38 24.95 31.18
N GLN H 102 6.60 23.69 31.56
CA GLN H 102 6.52 23.32 32.97
C GLN H 102 7.63 23.98 33.78
N LEU H 103 8.83 24.09 33.21
CA LEU H 103 9.93 24.72 33.94
C LEU H 103 9.65 26.19 34.21
N LEU H 104 9.04 26.89 33.24
CA LEU H 104 8.71 28.29 33.45
C LEU H 104 7.57 28.45 34.44
N PHE H 105 6.58 27.57 34.37
CA PHE H 105 5.52 27.57 35.36
C PHE H 105 6.06 27.34 36.76
N LEU H 106 7.01 26.40 36.90
CA LEU H 106 7.59 26.14 38.20
C LEU H 106 8.45 27.31 38.67
N GLN H 107 9.08 28.04 37.75
CA GLN H 107 9.88 29.19 38.17
C GLN H 107 9.00 30.35 38.60
N SER H 108 7.85 30.54 37.95
CA SER H 108 6.95 31.62 38.35
C SER H 108 6.31 31.34 39.70
N GLU H 109 6.10 30.07 40.04
CA GLU H 109 5.56 29.73 41.35
C GLU H 109 6.58 30.02 42.44
N SER H 110 7.84 29.67 42.22
CA SER H 110 8.90 29.91 43.18
C SER H 110 10.23 29.82 42.47
N ASN H 111 10.97 30.94 42.44
CA ASN H 111 12.29 30.96 41.79
C ASN H 111 13.39 30.44 42.69
N LYS H 112 13.05 29.89 43.87
CA LYS H 112 14.03 29.30 44.77
C LYS H 112 13.79 27.82 45.04
N LYS H 113 12.53 27.36 45.02
CA LYS H 113 12.26 25.97 45.28
C LYS H 113 12.89 25.09 44.20
N PRO H 114 13.44 23.93 44.56
CA PRO H 114 14.09 23.09 43.55
C PRO H 114 13.08 22.43 42.64
N ILE H 115 13.55 22.11 41.44
CA ILE H 115 12.74 21.47 40.40
C ILE H 115 13.34 20.09 40.13
N HIS H 116 12.53 19.06 40.30
CA HIS H 116 12.98 17.69 40.06
C HIS H 116 12.61 17.29 38.63
N MET H 117 13.61 16.80 37.90
CA MET H 117 13.45 16.43 36.50
C MET H 117 13.81 14.96 36.36
N TYR H 118 12.82 14.13 36.02
CA TYR H 118 13.01 12.70 35.83
C TYR H 118 13.18 12.41 34.35
N ILE H 119 14.25 11.70 34.00
CA ILE H 119 14.66 11.50 32.61
C ILE H 119 14.66 10.00 32.31
N ASN H 120 13.87 9.59 31.29
CA ASN H 120 13.88 8.23 30.76
C ASN H 120 13.73 8.38 29.24
N SER H 121 14.80 8.86 28.61
CA SER H 121 14.74 9.18 27.19
C SER H 121 15.79 8.40 26.42
N PRO H 122 15.47 7.96 25.20
CA PRO H 122 16.49 7.39 24.33
C PRO H 122 17.22 8.42 23.49
N GLY H 123 16.81 9.70 23.54
CA GLY H 123 17.40 10.78 22.79
C GLY H 123 16.36 11.56 22.04
N GLY H 124 16.79 12.23 20.97
CA GLY H 124 15.86 12.99 20.15
C GLY H 124 16.59 14.05 19.34
N VAL H 125 15.82 15.09 18.96
CA VAL H 125 16.36 16.16 18.13
C VAL H 125 17.35 16.99 18.92
N VAL H 126 18.42 17.43 18.25
CA VAL H 126 19.46 18.20 18.93
C VAL H 126 18.92 19.56 19.34
N THR H 127 18.20 20.23 18.43
CA THR H 127 17.72 21.58 18.71
C THR H 127 16.70 21.58 19.86
N ALA H 128 15.89 20.53 19.96
CA ALA H 128 14.92 20.46 21.05
C ALA H 128 15.59 20.18 22.38
N GLY H 129 16.54 19.24 22.41
CA GLY H 129 17.25 18.95 23.64
C GLY H 129 18.06 20.14 24.11
N LEU H 130 18.62 20.90 23.17
CA LEU H 130 19.33 22.12 23.55
C LEU H 130 18.36 23.19 24.02
N ALA H 131 17.12 23.19 23.54
CA ALA H 131 16.12 24.12 24.06
C ALA H 131 15.83 23.82 25.53
N ILE H 132 15.70 22.53 25.88
CA ILE H 132 15.54 22.13 27.27
C ILE H 132 16.79 22.48 28.07
N TYR H 133 17.97 22.25 27.50
CA TYR H 133 19.22 22.53 28.20
C TYR H 133 19.32 24.00 28.58
N ASP H 134 19.12 24.90 27.61
CA ASP H 134 19.27 26.33 27.88
C ASP H 134 18.21 26.85 28.83
N THR H 135 17.00 26.30 28.78
CA THR H 135 15.97 26.71 29.73
C THR H 135 16.36 26.30 31.16
N MET H 136 16.93 25.11 31.31
CA MET H 136 17.42 24.68 32.63
C MET H 136 18.50 25.62 33.15
N GLN H 137 19.44 25.99 32.28
CA GLN H 137 20.49 26.90 32.70
C GLN H 137 19.96 28.30 32.96
N TYR H 138 18.86 28.68 32.30
CA TYR H 138 18.35 30.04 32.47
C TYR H 138 17.63 30.20 33.80
N ILE H 139 16.67 29.32 34.09
CA ILE H 139 15.88 29.47 35.29
C ILE H 139 16.76 29.39 36.53
N LEU H 140 16.43 30.17 37.54
CA LEU H 140 17.25 30.27 38.74
C LEU H 140 17.08 29.09 39.67
N ASN H 141 16.05 28.28 39.47
CA ASN H 141 15.77 27.19 40.40
C ASN H 141 16.83 26.10 40.25
N PRO H 142 17.37 25.58 41.35
CA PRO H 142 18.19 24.37 41.28
C PRO H 142 17.35 23.21 40.74
N ILE H 143 17.97 22.41 39.88
CA ILE H 143 17.28 21.33 39.19
C ILE H 143 17.96 20.01 39.54
N CYS H 144 17.19 19.08 40.10
CA CYS H 144 17.69 17.74 40.40
C CYS H 144 17.30 16.80 39.26
N THR H 145 18.30 16.38 38.49
CA THR H 145 18.08 15.41 37.43
C THR H 145 18.19 13.99 37.97
N TRP H 146 17.28 13.13 37.54
CA TRP H 146 17.25 11.74 37.98
C TRP H 146 17.20 10.83 36.76
N CYS H 147 18.21 9.99 36.61
CA CYS H 147 18.29 9.06 35.50
C CYS H 147 17.57 7.77 35.87
N VAL H 148 16.41 7.54 35.26
CA VAL H 148 15.58 6.37 35.54
C VAL H 148 15.40 5.61 34.23
N GLY H 149 15.74 4.31 34.26
CA GLY H 149 15.64 3.50 33.07
C GLY H 149 16.82 3.69 32.13
N GLN H 150 16.82 4.80 31.39
CA GLN H 150 17.93 5.10 30.49
C GLN H 150 17.95 6.60 30.20
N ALA H 151 19.16 7.11 29.97
CA ALA H 151 19.37 8.49 29.52
C ALA H 151 20.39 8.41 28.38
N ALA H 152 19.89 8.25 27.16
CA ALA H 152 20.71 8.09 25.97
C ALA H 152 20.65 9.33 25.09
N SER H 153 21.74 9.56 24.36
CA SER H 153 21.85 10.69 23.43
C SER H 153 21.56 12.00 24.14
N MET H 154 20.50 12.70 23.72
CA MET H 154 20.17 13.98 24.34
C MET H 154 19.72 13.82 25.79
N GLY H 155 19.19 12.65 26.14
CA GLY H 155 18.80 12.43 27.53
C GLY H 155 19.99 12.46 28.47
N SER H 156 21.15 11.97 28.02
CA SER H 156 22.34 11.99 28.86
C SER H 156 22.85 13.42 29.04
N LEU H 157 22.72 14.25 28.02
CA LEU H 157 23.11 15.65 28.17
C LEU H 157 22.21 16.37 29.16
N LEU H 158 20.91 16.05 29.14
CA LEU H 158 20.01 16.66 30.11
C LEU H 158 20.26 16.14 31.52
N LEU H 159 20.73 14.90 31.66
CA LEU H 159 21.09 14.39 32.96
C LEU H 159 22.27 15.15 33.56
N ALA H 160 23.30 15.40 32.77
CA ALA H 160 24.49 16.12 33.21
C ALA H 160 24.27 17.61 33.34
N ALA H 161 23.16 18.15 32.81
CA ALA H 161 22.88 19.58 32.89
C ALA H 161 22.27 19.99 34.22
N GLY H 162 22.03 19.04 35.12
CA GLY H 162 21.47 19.37 36.40
C GLY H 162 22.41 20.17 37.27
N THR H 163 21.85 20.75 38.32
CA THR H 163 22.63 21.52 39.27
C THR H 163 23.72 20.63 39.87
N PRO H 164 24.97 21.09 39.90
CA PRO H 164 26.05 20.27 40.46
C PRO H 164 25.72 19.74 41.85
N GLY H 165 25.97 18.44 42.04
CA GLY H 165 25.61 17.77 43.26
C GLY H 165 24.20 17.26 43.30
N MET H 166 23.40 17.54 42.26
CA MET H 166 21.99 17.14 42.22
C MET H 166 21.68 16.30 40.98
N ARG H 167 22.68 15.66 40.40
CA ARG H 167 22.49 14.77 39.25
C ARG H 167 22.53 13.34 39.78
N HIS H 168 21.37 12.70 39.85
CA HIS H 168 21.22 11.38 40.43
C HIS H 168 20.93 10.35 39.35
N SER H 169 21.02 9.08 39.75
CA SER H 169 20.72 7.96 38.87
C SER H 169 20.37 6.75 39.71
N LEU H 170 19.36 6.00 39.27
CA LEU H 170 19.00 4.77 39.92
C LEU H 170 19.96 3.66 39.52
N PRO H 171 20.08 2.61 40.35
CA PRO H 171 21.19 1.65 40.16
C PRO H 171 21.20 0.95 38.81
N ASN H 172 20.03 0.65 38.23
CA ASN H 172 19.96 -0.14 37.01
C ASN H 172 19.73 0.70 35.76
N SER H 173 19.91 2.01 35.84
CA SER H 173 19.81 2.84 34.66
C SER H 173 21.06 2.68 33.79
N ARG H 174 20.98 3.18 32.56
CA ARG H 174 22.13 3.19 31.68
C ARG H 174 22.22 4.53 30.97
N ILE H 175 23.45 5.01 30.77
CA ILE H 175 23.72 6.31 30.18
C ILE H 175 24.57 6.09 28.93
N MET H 176 24.17 6.72 27.82
CA MET H 176 24.83 6.55 26.54
C MET H 176 25.16 7.91 25.94
N ILE H 177 26.39 8.05 25.42
CA ILE H 177 26.86 9.27 24.78
C ILE H 177 27.42 8.93 23.40
N HIS H 178 27.13 9.78 22.42
CA HIS H 178 27.64 9.61 21.07
C HIS H 178 27.55 10.95 20.35
N GLN H 179 28.18 11.02 19.18
CA GLN H 179 28.16 12.23 18.39
C GLN H 179 26.83 12.35 17.63
N PRO H 180 26.43 13.57 17.28
CA PRO H 180 25.15 13.74 16.58
C PRO H 180 25.18 13.09 15.20
N SER H 181 24.03 12.58 14.78
CA SER H 181 23.86 12.00 13.46
C SER H 181 22.78 12.78 12.71
N GLY H 182 22.84 12.71 11.39
CA GLY H 182 21.88 13.42 10.59
C GLY H 182 21.93 13.02 9.13
N GLY H 183 21.37 13.89 8.30
CA GLY H 183 21.38 13.66 6.87
C GLY H 183 21.42 14.97 6.11
N ALA H 184 21.77 14.88 4.82
CA ALA H 184 21.84 16.04 3.95
C ALA H 184 21.54 15.61 2.52
N ARG H 185 20.84 16.47 1.79
CA ARG H 185 20.46 16.19 0.41
C ARG H 185 20.36 17.50 -0.34
N GLY H 186 20.76 17.48 -1.61
CA GLY H 186 20.69 18.64 -2.46
C GLY H 186 21.94 18.75 -3.32
N GLN H 187 22.20 19.97 -3.80
CA GLN H 187 23.40 20.22 -4.58
C GLN H 187 24.64 20.17 -3.67
N ALA H 188 25.81 20.09 -4.31
CA ALA H 188 27.05 19.95 -3.56
C ALA H 188 27.28 21.14 -2.62
N THR H 189 26.87 22.34 -3.05
CA THR H 189 26.94 23.50 -2.18
C THR H 189 26.06 23.32 -0.95
N ASP H 190 24.86 22.80 -1.14
CA ASP H 190 23.98 22.53 0.00
C ASP H 190 24.59 21.48 0.91
N ILE H 191 25.06 20.37 0.34
CA ILE H 191 25.65 19.29 1.14
C ILE H 191 26.77 19.83 2.02
N GLU H 192 27.60 20.72 1.46
CA GLU H 192 28.70 21.29 2.24
C GLU H 192 28.20 22.18 3.37
N ILE H 193 27.06 22.85 3.19
CA ILE H 193 26.51 23.70 4.25
C ILE H 193 25.98 22.84 5.39
N GLN H 194 25.23 21.78 5.05
CA GLN H 194 24.67 20.91 6.08
C GLN H 194 25.77 20.19 6.84
N ALA H 195 26.80 19.74 6.15
CA ALA H 195 27.89 19.02 6.81
C ALA H 195 28.61 19.93 7.79
N ARG H 196 28.83 21.20 7.42
CA ARG H 196 29.47 22.13 8.32
C ARG H 196 28.61 22.40 9.54
N GLU H 197 27.30 22.61 9.34
CA GLU H 197 26.40 22.81 10.47
C GLU H 197 26.40 21.58 11.39
N ILE H 198 26.40 20.37 10.81
CA ILE H 198 26.43 19.17 11.62
C ILE H 198 27.72 19.08 12.43
N MET H 199 28.82 19.62 11.89
CA MET H 199 30.08 19.64 12.63
C MET H 199 30.07 20.69 13.73
N LYS H 200 29.45 21.85 13.46
CA LYS H 200 29.29 22.86 14.50
C LYS H 200 28.55 22.29 15.70
N LEU H 201 27.44 21.58 15.45
CA LEU H 201 26.72 20.94 16.54
C LEU H 201 27.59 19.92 17.26
N LYS H 202 28.46 19.23 16.53
CA LYS H 202 29.34 18.24 17.17
C LYS H 202 30.32 18.93 18.12
N LYS H 203 30.96 20.03 17.69
CA LYS H 203 31.85 20.75 18.58
C LYS H 203 31.07 21.43 19.70
N GLN H 204 29.86 21.89 19.40
CA GLN H 204 29.04 22.54 20.40
C GLN H 204 28.63 21.58 21.50
N LEU H 205 28.13 20.40 21.13
CA LEU H 205 27.76 19.40 22.13
C LEU H 205 28.98 18.87 22.87
N TYR H 206 30.12 18.76 22.19
CA TYR H 206 31.35 18.39 22.88
C TYR H 206 31.71 19.43 23.94
N ASN H 207 31.49 20.70 23.66
CA ASN H 207 31.81 21.75 24.62
C ASN H 207 30.85 21.73 25.80
N ILE H 208 29.59 21.40 25.55
CA ILE H 208 28.62 21.30 26.64
C ILE H 208 28.96 20.13 27.55
N TYR H 209 29.28 18.98 26.97
CA TYR H 209 29.65 17.82 27.78
C TYR H 209 30.92 18.08 28.57
N ALA H 210 31.92 18.70 27.95
CA ALA H 210 33.15 19.00 28.66
C ALA H 210 32.91 20.01 29.77
N LYS H 211 31.94 20.90 29.60
CA LYS H 211 31.65 21.89 30.64
C LYS H 211 31.12 21.24 31.90
N HIS H 212 30.12 20.36 31.77
CA HIS H 212 29.45 19.79 32.93
C HIS H 212 30.11 18.52 33.46
N THR H 213 30.81 17.77 32.62
CA THR H 213 31.55 16.61 33.11
C THR H 213 32.92 16.98 33.66
N LYS H 214 33.34 18.22 33.51
CA LYS H 214 34.66 18.69 33.95
C LYS H 214 35.78 17.90 33.27
N GLN H 215 35.51 17.37 32.08
CA GLN H 215 36.48 16.60 31.31
C GLN H 215 37.11 17.48 30.24
N SER H 216 38.33 17.11 29.85
CA SER H 216 38.99 17.82 28.76
C SER H 216 38.29 17.51 27.44
N LEU H 217 38.42 18.44 26.48
CA LEU H 217 37.80 18.25 25.18
C LEU H 217 38.37 17.02 24.47
N GLN H 218 39.61 16.66 24.79
CA GLN H 218 40.20 15.44 24.22
C GLN H 218 39.42 14.21 24.62
N VAL H 219 39.11 14.07 25.91
CA VAL H 219 38.39 12.90 26.39
C VAL H 219 36.99 12.84 25.78
N ILE H 220 36.35 13.99 25.61
CA ILE H 220 35.01 14.03 25.06
C ILE H 220 35.00 13.54 23.61
N GLU H 221 35.95 14.03 22.81
CA GLU H 221 36.04 13.60 21.42
C GLU H 221 36.31 12.11 21.31
N SER H 222 37.23 11.61 22.14
CA SER H 222 37.57 10.19 22.10
C SER H 222 36.42 9.32 22.59
N ALA H 223 35.60 9.82 23.50
CA ALA H 223 34.54 8.99 24.06
C ALA H 223 33.32 8.96 23.16
N MET H 224 32.93 10.10 22.60
CA MET H 224 31.68 10.24 21.88
C MET H 224 31.82 10.02 20.38
N GLU H 225 32.96 9.53 19.92
CA GLU H 225 33.13 9.24 18.49
C GLU H 225 32.19 8.13 18.06
N ARG H 226 32.15 7.04 18.82
CA ARG H 226 31.17 5.98 18.63
C ARG H 226 30.21 5.97 19.81
N ASP H 227 29.27 5.02 19.78
CA ASP H 227 28.32 4.90 20.88
C ASP H 227 29.04 4.39 22.12
N ARG H 228 28.98 5.16 23.20
CA ARG H 228 29.62 4.81 24.47
C ARG H 228 28.53 4.59 25.52
N TYR H 229 28.46 3.37 26.04
CA TYR H 229 27.48 3.01 27.07
C TYR H 229 28.14 2.94 28.43
N MET H 230 27.45 3.45 29.44
CA MET H 230 27.98 3.54 30.79
C MET H 230 26.97 3.04 31.81
N SER H 231 27.47 2.42 32.86
CA SER H 231 26.70 2.15 34.05
C SER H 231 26.56 3.45 34.85
N PRO H 232 25.63 3.51 35.81
CA PRO H 232 25.53 4.74 36.62
C PRO H 232 26.84 5.08 37.32
N MET H 233 27.61 4.08 37.75
CA MET H 233 28.91 4.37 38.35
C MET H 233 29.91 4.86 37.32
N GLU H 234 29.85 4.31 36.10
CA GLU H 234 30.76 4.76 35.05
C GLU H 234 30.48 6.21 34.66
N ALA H 235 29.21 6.60 34.62
CA ALA H 235 28.87 7.98 34.31
C ALA H 235 29.21 8.91 35.47
N GLN H 236 29.20 8.40 36.70
CA GLN H 236 29.58 9.22 37.84
C GLN H 236 31.08 9.49 37.84
N GLU H 237 31.88 8.49 37.46
CA GLU H 237 33.32 8.71 37.31
C GLU H 237 33.61 9.68 36.17
N PHE H 238 32.87 9.55 35.07
CA PHE H 238 33.07 10.42 33.92
C PHE H 238 32.63 11.86 34.23
N GLY H 239 31.71 12.03 35.17
CA GLY H 239 31.19 13.34 35.48
C GLY H 239 29.80 13.62 34.96
N ILE H 240 29.11 12.61 34.41
CA ILE H 240 27.76 12.83 33.90
C ILE H 240 26.78 13.04 35.04
N LEU H 241 26.89 12.23 36.09
CA LEU H 241 26.02 12.35 37.25
C LEU H 241 26.87 12.41 38.51
N ASP H 242 26.22 12.71 39.63
CA ASP H 242 26.90 12.95 40.89
C ASP H 242 26.77 11.81 41.88
N LYS H 243 25.60 11.18 41.98
CA LYS H 243 25.36 10.17 42.99
C LYS H 243 24.48 9.07 42.44
N VAL H 244 24.88 7.83 42.70
CA VAL H 244 24.08 6.64 42.39
C VAL H 244 23.45 6.16 43.69
N LEU H 245 22.13 6.15 43.74
CA LEU H 245 21.40 5.86 44.97
C LEU H 245 20.44 4.70 44.75
N VAL H 246 20.48 3.72 45.66
CA VAL H 246 19.57 2.59 45.62
C VAL H 246 18.27 2.98 46.31
N HIS H 247 18.23 2.86 47.64
CA HIS H 247 17.14 3.34 48.47
C HIS H 247 17.38 4.80 48.85
N PRO H 248 16.35 5.51 49.32
CA PRO H 248 16.54 6.90 49.75
C PRO H 248 17.50 6.98 50.92
N PRO H 249 18.58 7.76 50.79
CA PRO H 249 19.61 7.91 51.82
C PRO H 249 19.06 8.35 53.17
N ILE I 59 -14.09 2.74 28.92
CA ILE I 59 -13.82 2.97 30.33
C ILE I 59 -15.01 3.65 31.01
N PRO I 60 -15.42 3.14 32.20
CA PRO I 60 -16.51 3.72 32.99
C PRO I 60 -16.06 4.83 33.92
N TYR I 73 -14.91 9.35 37.91
CA TYR I 73 -13.74 9.28 37.03
C TYR I 73 -13.55 7.87 36.44
N ASP I 74 -12.36 7.60 35.94
CA ASP I 74 -12.05 6.28 35.41
C ASP I 74 -11.81 5.28 36.53
N ILE I 75 -12.09 4.01 36.24
CA ILE I 75 -12.02 2.96 37.27
C ILE I 75 -10.60 2.83 37.80
N TYR I 76 -9.60 2.97 36.92
CA TYR I 76 -8.21 2.86 37.37
C TYR I 76 -7.84 3.97 38.34
N SER I 77 -8.50 5.13 38.26
CA SER I 77 -8.31 6.16 39.26
C SER I 77 -8.91 5.74 40.60
N ARG I 78 -10.05 5.07 40.56
CA ARG I 78 -10.66 4.56 41.79
C ARG I 78 -9.75 3.53 42.44
N LEU I 79 -9.12 2.66 41.64
CA LEU I 79 -8.17 1.69 42.17
C LEU I 79 -6.90 2.37 42.66
N LEU I 80 -6.47 3.44 41.99
CA LEU I 80 -5.31 4.19 42.48
C LEU I 80 -5.61 4.85 43.81
N ARG I 81 -6.86 5.25 44.04
CA ARG I 81 -7.27 5.72 45.37
C ARG I 81 -7.11 4.62 46.41
N GLU I 82 -7.46 3.39 46.04
CA GLU I 82 -7.24 2.22 46.89
C GLU I 82 -5.80 1.74 46.89
N ARG I 83 -4.87 2.54 46.34
CA ARG I 83 -3.46 2.21 46.27
C ARG I 83 -3.21 0.94 45.44
N ILE I 84 -3.81 0.91 44.26
CA ILE I 84 -3.65 -0.19 43.32
C ILE I 84 -3.14 0.38 42.00
N VAL I 85 -2.00 -0.11 41.55
CA VAL I 85 -1.41 0.27 40.27
C VAL I 85 -1.51 -0.93 39.34
N CYS I 86 -2.15 -0.75 38.19
CA CYS I 86 -2.33 -1.82 37.22
C CYS I 86 -1.21 -1.75 36.18
N VAL I 87 -0.40 -2.80 36.12
CA VAL I 87 0.65 -2.92 35.11
C VAL I 87 0.25 -4.04 34.15
N MET I 88 -0.63 -3.73 33.21
CA MET I 88 -1.18 -4.72 32.30
C MET I 88 -0.92 -4.29 30.86
N GLY I 89 -0.56 -5.26 30.02
CA GLY I 89 -0.22 -4.99 28.65
C GLY I 89 1.28 -4.87 28.45
N PRO I 90 1.70 -4.72 27.19
CA PRO I 90 3.14 -4.53 26.92
C PRO I 90 3.71 -3.32 27.64
N ILE I 91 5.00 -3.38 27.95
CA ILE I 91 5.69 -2.36 28.74
C ILE I 91 6.61 -1.57 27.81
N ASP I 92 6.30 -0.29 27.63
CA ASP I 92 7.21 0.62 26.92
C ASP I 92 7.50 1.85 27.78
N ASP I 93 8.10 2.88 27.18
CA ASP I 93 8.42 4.07 27.96
C ASP I 93 7.16 4.79 28.43
N SER I 94 6.06 4.66 27.69
CA SER I 94 4.81 5.31 28.08
C SER I 94 4.18 4.62 29.28
N VAL I 95 4.09 3.28 29.23
CA VAL I 95 3.55 2.52 30.36
C VAL I 95 4.46 2.69 31.58
N ALA I 96 5.77 2.72 31.36
CA ALA I 96 6.69 2.90 32.48
C ALA I 96 6.49 4.27 33.14
N SER I 97 6.22 5.30 32.35
CA SER I 97 6.02 6.62 32.91
C SER I 97 4.75 6.68 33.77
N LEU I 98 3.67 6.08 33.30
CA LEU I 98 2.42 6.08 34.05
C LEU I 98 2.57 5.30 35.35
N VAL I 99 3.17 4.11 35.29
CA VAL I 99 3.34 3.30 36.49
C VAL I 99 4.21 4.02 37.51
N ILE I 100 5.32 4.59 37.05
CA ILE I 100 6.21 5.31 37.95
C ILE I 100 5.50 6.52 38.55
N ALA I 101 4.70 7.22 37.74
CA ALA I 101 3.96 8.37 38.25
C ALA I 101 2.95 7.96 39.30
N GLN I 102 2.26 6.84 39.08
CA GLN I 102 1.32 6.35 40.09
C GLN I 102 2.05 5.93 41.36
N LEU I 103 3.23 5.32 41.22
CA LEU I 103 3.98 4.88 42.39
C LEU I 103 4.47 6.06 43.21
N LEU I 104 4.88 7.15 42.54
CA LEU I 104 5.36 8.32 43.27
C LEU I 104 4.23 9.06 43.95
N PHE I 105 3.08 9.15 43.28
CA PHE I 105 1.90 9.76 43.90
C PHE I 105 1.46 8.95 45.11
N LEU I 106 1.50 7.62 45.02
CA LEU I 106 1.09 6.80 46.15
C LEU I 106 2.08 6.90 47.30
N GLN I 107 3.36 7.13 47.01
CA GLN I 107 4.32 7.31 48.08
C GLN I 107 4.12 8.66 48.77
N SER I 108 3.81 9.71 48.00
CA SER I 108 3.56 11.00 48.60
C SER I 108 2.32 11.00 49.48
N GLU I 109 1.33 10.16 49.14
CA GLU I 109 0.16 10.04 50.00
C GLU I 109 0.49 9.36 51.31
N SER I 110 1.28 8.28 51.25
CA SER I 110 1.68 7.55 52.45
C SER I 110 2.87 6.68 52.09
N ASN I 111 4.02 6.97 52.69
CA ASN I 111 5.22 6.18 52.45
C ASN I 111 5.29 4.92 53.31
N LYS I 112 4.21 4.57 53.99
CA LYS I 112 4.15 3.37 54.82
C LYS I 112 3.09 2.39 54.37
N LYS I 113 1.95 2.88 53.88
CA LYS I 113 0.90 1.99 53.43
C LYS I 113 1.36 1.21 52.21
N PRO I 114 0.95 -0.06 52.09
CA PRO I 114 1.42 -0.88 50.96
C PRO I 114 0.81 -0.41 49.64
N ILE I 115 1.48 -0.77 48.56
CA ILE I 115 1.05 -0.48 47.20
C ILE I 115 0.80 -1.80 46.49
N HIS I 116 -0.41 -1.99 45.98
CA HIS I 116 -0.77 -3.19 45.25
C HIS I 116 -0.50 -2.99 43.77
N MET I 117 0.25 -3.92 43.18
CA MET I 117 0.66 -3.85 41.78
C MET I 117 0.16 -5.11 41.08
N TYR I 118 -0.91 -4.97 40.30
CA TYR I 118 -1.48 -6.09 39.56
C TYR I 118 -0.80 -6.16 38.19
N ILE I 119 -0.23 -7.33 37.88
CA ILE I 119 0.62 -7.49 36.70
C ILE I 119 -0.02 -8.49 35.76
N ASN I 120 -0.26 -8.06 34.51
CA ASN I 120 -0.74 -8.91 33.44
C ASN I 120 -0.05 -8.44 32.16
N SER I 121 1.25 -8.72 32.05
CA SER I 121 2.07 -8.17 30.99
C SER I 121 2.83 -9.29 30.27
N PRO I 122 2.79 -9.33 28.94
CA PRO I 122 3.66 -10.25 28.19
C PRO I 122 5.10 -9.78 28.07
N GLY I 123 5.45 -8.66 28.69
CA GLY I 123 6.81 -8.15 28.63
C GLY I 123 6.90 -6.80 27.96
N GLY I 124 8.09 -6.41 27.53
CA GLY I 124 8.27 -5.15 26.84
C GLY I 124 9.73 -4.73 26.83
N VAL I 125 9.93 -3.41 26.76
CA VAL I 125 11.28 -2.85 26.68
C VAL I 125 12.04 -3.13 27.98
N VAL I 126 13.33 -3.39 27.85
CA VAL I 126 14.15 -3.65 29.02
C VAL I 126 14.34 -2.38 29.84
N THR I 127 14.70 -1.28 29.17
CA THR I 127 14.95 -0.04 29.88
C THR I 127 13.71 0.45 30.62
N ALA I 128 12.54 0.29 30.00
CA ALA I 128 11.30 0.72 30.65
C ALA I 128 10.99 -0.13 31.87
N GLY I 129 11.10 -1.46 31.73
CA GLY I 129 10.85 -2.32 32.87
C GLY I 129 11.87 -2.16 33.98
N LEU I 130 13.12 -1.82 33.63
CA LEU I 130 14.11 -1.51 34.65
C LEU I 130 13.79 -0.20 35.35
N ALA I 131 13.15 0.73 34.65
CA ALA I 131 12.73 1.98 35.28
C ALA I 131 11.63 1.73 36.31
N ILE I 132 10.68 0.87 36.00
CA ILE I 132 9.64 0.51 36.96
C ILE I 132 10.25 -0.25 38.13
N TYR I 133 11.19 -1.16 37.85
CA TYR I 133 11.80 -1.96 38.91
C TYR I 133 12.55 -1.08 39.90
N ASP I 134 13.40 -0.17 39.41
CA ASP I 134 14.13 0.71 40.30
C ASP I 134 13.19 1.62 41.08
N THR I 135 12.08 2.04 40.46
CA THR I 135 11.07 2.81 41.19
C THR I 135 10.45 1.96 42.28
N MET I 136 10.22 0.68 42.02
CA MET I 136 9.72 -0.22 43.06
C MET I 136 10.73 -0.37 44.19
N GLN I 137 12.01 -0.45 43.86
CA GLN I 137 13.03 -0.61 44.90
C GLN I 137 13.32 0.70 45.63
N TYR I 138 13.08 1.84 44.98
CA TYR I 138 13.40 3.11 45.61
C TYR I 138 12.35 3.52 46.63
N ILE I 139 11.06 3.47 46.25
CA ILE I 139 10.01 3.91 47.16
C ILE I 139 10.00 3.02 48.40
N LEU I 140 9.62 3.62 49.54
CA LEU I 140 9.68 2.91 50.81
C LEU I 140 8.49 2.00 51.04
N ASN I 141 7.39 2.20 50.32
CA ASN I 141 6.18 1.42 50.57
C ASN I 141 6.41 -0.04 50.23
N PRO I 142 5.94 -0.96 51.07
CA PRO I 142 5.91 -2.37 50.68
C PRO I 142 5.00 -2.56 49.48
N ILE I 143 5.47 -3.33 48.51
CA ILE I 143 4.77 -3.50 47.23
C ILE I 143 4.26 -4.92 47.14
N CYS I 144 2.95 -5.06 46.95
CA CYS I 144 2.31 -6.37 46.81
C CYS I 144 2.05 -6.63 45.33
N THR I 145 2.85 -7.50 44.74
CA THR I 145 2.69 -7.85 43.34
C THR I 145 1.75 -9.02 43.18
N TRP I 146 0.84 -8.90 42.21
CA TRP I 146 -0.17 -9.92 41.96
C TRP I 146 -0.13 -10.31 40.49
N CYS I 147 0.18 -11.58 40.23
CA CYS I 147 0.22 -12.10 38.86
C CYS I 147 -1.18 -12.56 38.47
N VAL I 148 -1.79 -11.86 37.53
CA VAL I 148 -3.13 -12.17 37.04
C VAL I 148 -3.03 -12.43 35.54
N GLY I 149 -3.57 -13.56 35.10
CA GLY I 149 -3.51 -13.92 33.70
C GLY I 149 -2.14 -14.42 33.28
N GLN I 150 -1.17 -13.54 33.20
CA GLN I 150 0.20 -13.92 32.88
C GLN I 150 1.15 -12.83 33.33
N ALA I 151 2.41 -13.23 33.55
CA ALA I 151 3.49 -12.30 33.86
C ALA I 151 4.73 -12.83 33.17
N ALA I 152 4.93 -12.44 31.91
CA ALA I 152 6.01 -12.94 31.09
C ALA I 152 7.05 -11.86 30.82
N SER I 153 8.28 -12.30 30.52
CA SER I 153 9.40 -11.43 30.14
C SER I 153 9.62 -10.42 31.26
N MET I 154 9.47 -9.11 31.00
CA MET I 154 9.66 -8.11 32.04
C MET I 154 8.59 -8.21 33.13
N GLY I 155 7.40 -8.71 32.79
CA GLY I 155 6.34 -8.83 33.79
C GLY I 155 6.70 -9.76 34.94
N SER I 156 7.40 -10.86 34.64
CA SER I 156 7.84 -11.76 35.70
C SER I 156 8.88 -11.11 36.59
N LEU I 157 9.75 -10.26 36.03
CA LEU I 157 10.71 -9.54 36.86
C LEU I 157 10.00 -8.58 37.81
N LEU I 158 9.00 -7.86 37.30
CA LEU I 158 8.22 -6.98 38.16
C LEU I 158 7.38 -7.77 39.15
N LEU I 159 7.01 -9.01 38.80
CA LEU I 159 6.32 -9.88 39.75
C LEU I 159 7.26 -10.31 40.88
N ALA I 160 8.51 -10.63 40.54
CA ALA I 160 9.50 -10.99 41.54
C ALA I 160 10.03 -9.77 42.29
N ALA I 161 9.92 -8.58 41.71
CA ALA I 161 10.38 -7.35 42.35
C ALA I 161 9.52 -6.94 43.54
N GLY I 162 8.43 -7.66 43.80
CA GLY I 162 7.60 -7.32 44.93
C GLY I 162 8.32 -7.51 46.25
N THR I 163 7.75 -6.91 47.29
CA THR I 163 8.31 -7.02 48.63
C THR I 163 8.33 -8.50 49.04
N PRO I 164 9.43 -8.98 49.61
CA PRO I 164 9.51 -10.39 50.01
C PRO I 164 8.34 -10.81 50.89
N GLY I 165 7.69 -11.91 50.50
CA GLY I 165 6.49 -12.36 51.18
C GLY I 165 5.20 -11.73 50.68
N MET I 166 5.28 -10.78 49.74
CA MET I 166 4.11 -10.08 49.24
C MET I 166 3.92 -10.29 47.73
N ARG I 167 4.50 -11.34 47.17
CA ARG I 167 4.36 -11.65 45.76
C ARG I 167 3.36 -12.79 45.62
N HIS I 168 2.20 -12.50 45.04
CA HIS I 168 1.11 -13.46 44.96
C HIS I 168 0.83 -13.81 43.50
N SER I 169 0.01 -14.83 43.32
CA SER I 169 -0.37 -15.27 41.98
C SER I 169 -1.67 -16.06 42.05
N LEU I 170 -2.56 -15.80 41.09
CA LEU I 170 -3.81 -16.51 40.98
C LEU I 170 -3.56 -17.92 40.44
N PRO I 171 -4.54 -18.83 40.58
CA PRO I 171 -4.27 -20.24 40.26
C PRO I 171 -3.92 -20.50 38.80
N ASN I 172 -4.62 -19.88 37.85
CA ASN I 172 -4.46 -20.16 36.43
C ASN I 172 -3.55 -19.16 35.74
N SER I 173 -2.62 -18.56 36.46
CA SER I 173 -1.69 -17.61 35.87
C SER I 173 -0.52 -18.32 35.20
N ARG I 174 0.24 -17.58 34.40
CA ARG I 174 1.38 -18.12 33.69
C ARG I 174 2.58 -17.19 33.88
N ILE I 175 3.74 -17.78 34.15
CA ILE I 175 4.97 -17.01 34.35
C ILE I 175 6.00 -17.52 33.34
N MET I 176 6.59 -16.58 32.59
CA MET I 176 7.58 -16.91 31.58
C MET I 176 8.83 -16.07 31.80
N ILE I 177 9.99 -16.69 31.61
CA ILE I 177 11.28 -16.03 31.76
C ILE I 177 12.17 -16.40 30.58
N HIS I 178 12.89 -15.42 30.04
CA HIS I 178 13.78 -15.67 28.92
C HIS I 178 14.81 -14.54 28.85
N GLN I 179 15.86 -14.78 28.07
CA GLN I 179 16.93 -13.81 27.94
C GLN I 179 16.48 -12.65 27.05
N PRO I 180 17.11 -11.47 27.21
CA PRO I 180 16.69 -10.32 26.40
C PRO I 180 16.89 -10.57 24.92
N SER I 181 16.00 -9.98 24.12
CA SER I 181 16.07 -10.04 22.68
C SER I 181 16.20 -8.63 22.12
N GLY I 182 16.79 -8.54 20.94
CA GLY I 182 16.97 -7.24 20.32
C GLY I 182 17.55 -7.36 18.92
N GLY I 183 18.10 -6.25 18.45
CA GLY I 183 18.71 -6.21 17.13
C GLY I 183 19.81 -5.19 17.06
N ALA I 184 20.62 -5.30 16.01
CA ALA I 184 21.73 -4.39 15.78
C ALA I 184 21.95 -4.21 14.29
N ARG I 185 22.44 -3.03 13.92
CA ARG I 185 22.71 -2.75 12.52
C ARG I 185 23.74 -1.63 12.44
N GLY I 186 24.59 -1.70 11.43
CA GLY I 186 25.60 -0.70 11.18
C GLY I 186 26.90 -1.35 10.76
N GLN I 187 27.98 -0.59 10.86
CA GLN I 187 29.30 -1.12 10.57
C GLN I 187 29.70 -2.13 11.66
N ALA I 188 30.80 -2.85 11.38
CA ALA I 188 31.24 -3.89 12.30
C ALA I 188 31.56 -3.34 13.69
N THR I 189 32.12 -2.13 13.75
CA THR I 189 32.40 -1.51 15.05
C THR I 189 31.11 -1.27 15.82
N ASP I 190 30.08 -0.76 15.13
CA ASP I 190 28.80 -0.54 15.78
C ASP I 190 28.18 -1.86 16.23
N ILE I 191 28.18 -2.86 15.34
CA ILE I 191 27.60 -4.16 15.65
C ILE I 191 28.18 -4.72 16.94
N GLU I 192 29.49 -4.57 17.13
CA GLU I 192 30.11 -5.05 18.37
C GLU I 192 29.59 -4.26 19.57
N ILE I 193 29.51 -2.93 19.45
CA ILE I 193 29.09 -2.10 20.57
C ILE I 193 27.68 -2.48 21.02
N GLN I 194 26.77 -2.69 20.06
CA GLN I 194 25.41 -3.09 20.43
C GLN I 194 25.40 -4.47 21.07
N ALA I 195 26.18 -5.41 20.52
CA ALA I 195 26.18 -6.77 21.05
C ALA I 195 26.75 -6.80 22.46
N ARG I 196 27.80 -6.00 22.73
CA ARG I 196 28.35 -5.96 24.08
C ARG I 196 27.33 -5.39 25.06
N GLU I 197 26.53 -4.41 24.61
CA GLU I 197 25.55 -3.80 25.50
C GLU I 197 24.38 -4.74 25.78
N ILE I 198 23.88 -5.43 24.75
CA ILE I 198 22.81 -6.39 24.97
C ILE I 198 23.29 -7.57 25.81
N MET I 199 24.59 -7.83 25.83
CA MET I 199 25.11 -8.84 26.75
C MET I 199 25.15 -8.32 28.17
N LYS I 200 25.49 -7.03 28.35
CA LYS I 200 25.45 -6.44 29.68
C LYS I 200 24.04 -6.49 30.25
N LEU I 201 23.03 -6.18 29.44
CA LEU I 201 21.65 -6.31 29.90
C LEU I 201 21.31 -7.76 30.24
N LYS I 202 21.89 -8.70 29.50
CA LYS I 202 21.65 -10.12 29.81
C LYS I 202 22.17 -10.46 31.19
N LYS I 203 23.39 -10.03 31.52
CA LYS I 203 23.93 -10.29 32.86
C LYS I 203 23.19 -9.48 33.91
N GLN I 204 22.84 -8.24 33.57
CA GLN I 204 22.15 -7.37 34.52
C GLN I 204 20.81 -7.96 34.95
N LEU I 205 19.98 -8.34 33.98
CA LEU I 205 18.70 -8.98 34.29
C LEU I 205 18.90 -10.31 34.98
N TYR I 206 19.97 -11.03 34.66
CA TYR I 206 20.23 -12.29 35.35
C TYR I 206 20.51 -12.06 36.83
N ASN I 207 21.25 -11.00 37.15
CA ASN I 207 21.56 -10.69 38.54
C ASN I 207 20.32 -10.23 39.30
N ILE I 208 19.46 -9.45 38.65
CA ILE I 208 18.23 -9.00 39.29
C ILE I 208 17.34 -10.20 39.60
N TYR I 209 17.19 -11.11 38.64
CA TYR I 209 16.40 -12.31 38.88
C TYR I 209 17.02 -13.17 39.98
N ALA I 210 18.35 -13.26 40.02
CA ALA I 210 18.99 -14.06 41.06
C ALA I 210 18.85 -13.42 42.43
N LYS I 211 18.68 -12.11 42.48
CA LYS I 211 18.53 -11.41 43.76
C LYS I 211 17.19 -11.71 44.41
N HIS I 212 16.09 -11.58 43.66
CA HIS I 212 14.77 -11.74 44.24
C HIS I 212 14.32 -13.19 44.32
N THR I 213 14.87 -14.06 43.48
CA THR I 213 14.53 -15.47 43.52
C THR I 213 15.45 -16.27 44.43
N LYS I 214 16.46 -15.62 45.01
CA LYS I 214 17.41 -16.29 45.91
C LYS I 214 18.10 -17.47 45.23
N GLN I 215 18.26 -17.38 43.92
CA GLN I 215 18.89 -18.44 43.15
C GLN I 215 20.31 -18.06 42.77
N SER I 216 21.12 -19.07 42.49
CA SER I 216 22.45 -18.81 41.97
C SER I 216 22.36 -18.25 40.56
N LEU I 217 23.39 -17.49 40.17
CA LEU I 217 23.41 -16.91 38.84
C LEU I 217 23.46 -17.98 37.76
N GLN I 218 24.05 -19.14 38.08
CA GLN I 218 24.17 -20.21 37.09
C GLN I 218 22.81 -20.77 36.71
N VAL I 219 21.93 -20.96 37.69
CA VAL I 219 20.59 -21.48 37.38
C VAL I 219 19.79 -20.45 36.60
N ILE I 220 20.11 -19.16 36.76
CA ILE I 220 19.39 -18.11 36.04
C ILE I 220 19.77 -18.11 34.57
N GLU I 221 21.06 -18.27 34.26
CA GLU I 221 21.48 -18.41 32.87
C GLU I 221 20.80 -19.61 32.22
N SER I 222 20.82 -20.76 32.90
CA SER I 222 20.28 -21.99 32.32
C SER I 222 18.78 -21.90 32.10
N ALA I 223 18.05 -21.31 33.05
CA ALA I 223 16.60 -21.24 32.93
C ALA I 223 16.18 -20.24 31.85
N MET I 224 16.87 -19.10 31.78
CA MET I 224 16.50 -18.02 30.87
C MET I 224 17.25 -18.08 29.54
N GLU I 225 18.01 -19.15 29.29
CA GLU I 225 18.67 -19.28 28.00
C GLU I 225 17.65 -19.44 26.88
N ARG I 226 16.61 -20.22 27.12
CA ARG I 226 15.47 -20.32 26.22
C ARG I 226 14.21 -19.90 26.98
N ASP I 227 13.10 -19.83 26.26
CA ASP I 227 11.83 -19.48 26.88
C ASP I 227 11.41 -20.57 27.86
N ARG I 228 11.25 -20.19 29.12
CA ARG I 228 10.87 -21.11 30.18
C ARG I 228 9.50 -20.69 30.72
N TYR I 229 8.50 -21.57 30.59
CA TYR I 229 7.17 -21.31 31.12
C TYR I 229 6.98 -22.06 32.43
N MET I 230 6.35 -21.40 33.40
CA MET I 230 6.16 -21.93 34.75
C MET I 230 4.72 -21.72 35.19
N SER I 231 4.19 -22.70 35.92
CA SER I 231 2.91 -22.55 36.60
C SER I 231 3.10 -21.71 37.85
N PRO I 232 2.01 -21.25 38.47
CA PRO I 232 2.16 -20.47 39.71
C PRO I 232 2.92 -21.21 40.80
N MET I 233 2.71 -22.53 40.94
CA MET I 233 3.43 -23.29 41.94
C MET I 233 4.89 -23.47 41.55
N GLU I 234 5.17 -23.65 40.26
CA GLU I 234 6.55 -23.78 39.81
C GLU I 234 7.32 -22.50 40.05
N ALA I 235 6.70 -21.35 39.80
CA ALA I 235 7.37 -20.07 40.03
C ALA I 235 7.61 -19.85 41.52
N GLN I 236 6.66 -20.26 42.36
CA GLN I 236 6.87 -20.20 43.80
C GLN I 236 8.07 -21.03 44.22
N GLU I 237 8.25 -22.19 43.58
CA GLU I 237 9.44 -23.01 43.81
C GLU I 237 10.69 -22.29 43.35
N PHE I 238 10.65 -21.68 42.16
CA PHE I 238 11.81 -20.99 41.63
C PHE I 238 12.18 -19.75 42.44
N GLY I 239 11.22 -19.18 43.17
CA GLY I 239 11.46 -17.98 43.94
C GLY I 239 10.93 -16.70 43.33
N ILE I 240 10.13 -16.79 42.27
CA ILE I 240 9.59 -15.60 41.63
C ILE I 240 8.50 -14.97 42.51
N LEU I 241 7.60 -15.80 43.04
CA LEU I 241 6.51 -15.33 43.88
C LEU I 241 6.55 -16.09 45.20
N ASP I 242 5.57 -15.79 46.06
CA ASP I 242 5.54 -16.33 47.42
C ASP I 242 4.28 -17.11 47.73
N LYS I 243 3.12 -16.65 47.27
CA LYS I 243 1.84 -17.27 47.62
C LYS I 243 1.00 -17.50 46.37
N VAL I 244 0.40 -18.67 46.28
CA VAL I 244 -0.53 -19.00 45.20
C VAL I 244 -1.90 -19.19 45.85
N LEU I 245 -2.75 -18.19 45.76
CA LEU I 245 -4.07 -18.22 46.38
C LEU I 245 -5.17 -18.49 45.36
N VAL I 246 -6.19 -19.22 45.80
CA VAL I 246 -7.41 -19.43 45.02
C VAL I 246 -8.54 -18.50 45.49
N HIS I 247 -8.88 -18.57 46.80
CA HIS I 247 -9.78 -17.67 47.51
C HIS I 247 -9.01 -16.97 48.63
N PRO I 248 -9.37 -15.72 48.98
CA PRO I 248 -8.66 -14.96 50.02
C PRO I 248 -8.76 -15.62 51.40
N LEU J 58 -18.31 6.40 26.33
CA LEU J 58 -18.41 7.61 25.52
C LEU J 58 -19.53 7.52 24.48
N ILE J 59 -20.72 7.10 24.89
CA ILE J 59 -21.88 7.16 24.01
C ILE J 59 -23.07 7.70 24.80
N PRO J 60 -23.69 6.94 25.76
CA PRO J 60 -24.90 7.49 26.42
C PRO J 60 -24.64 8.01 27.82
N ILE J 61 -25.38 9.03 28.22
CA ILE J 61 -25.18 9.61 29.56
C ILE J 61 -26.47 9.54 30.36
N ASP J 74 -21.65 7.23 31.58
CA ASP J 74 -21.93 6.22 30.58
C ASP J 74 -22.96 5.22 31.09
N ILE J 75 -23.66 4.54 30.17
CA ILE J 75 -24.70 3.60 30.57
C ILE J 75 -24.09 2.42 31.31
N TYR J 76 -22.83 2.07 31.01
CA TYR J 76 -22.18 0.96 31.70
C TYR J 76 -21.85 1.31 33.14
N SER J 77 -21.53 2.58 33.41
CA SER J 77 -21.38 3.02 34.79
C SER J 77 -22.70 2.91 35.54
N ARG J 78 -23.81 3.20 34.87
CA ARG J 78 -25.12 3.03 35.49
C ARG J 78 -25.38 1.56 35.77
N LEU J 79 -24.98 0.67 34.87
CA LEU J 79 -25.14 -0.76 35.13
C LEU J 79 -24.19 -1.25 36.20
N LEU J 80 -22.97 -0.71 36.26
CA LEU J 80 -22.04 -1.07 37.32
C LEU J 80 -22.58 -0.70 38.70
N ARG J 81 -23.36 0.40 38.78
CA ARG J 81 -24.01 0.73 40.04
C ARG J 81 -25.02 -0.34 40.45
N GLU J 82 -25.74 -0.89 39.49
CA GLU J 82 -26.62 -2.03 39.73
C GLU J 82 -25.87 -3.35 39.84
N ARG J 83 -24.55 -3.30 40.01
CA ARG J 83 -23.70 -4.49 40.13
C ARG J 83 -23.82 -5.39 38.90
N ILE J 84 -23.69 -4.77 37.74
CA ILE J 84 -23.73 -5.47 36.45
C ILE J 84 -22.42 -5.21 35.74
N VAL J 85 -21.74 -6.29 35.33
CA VAL J 85 -20.52 -6.21 34.55
C VAL J 85 -20.80 -6.81 33.18
N CYS J 86 -20.47 -6.07 32.12
CA CYS J 86 -20.70 -6.50 30.75
C CYS J 86 -19.40 -7.04 30.16
N VAL J 87 -19.42 -8.31 29.75
CA VAL J 87 -18.28 -8.93 29.09
C VAL J 87 -18.69 -9.27 27.66
N MET J 88 -18.63 -8.28 26.78
CA MET J 88 -19.10 -8.44 25.41
C MET J 88 -17.99 -8.05 24.44
N GLY J 89 -17.99 -8.72 23.29
CA GLY J 89 -16.95 -8.53 22.30
C GLY J 89 -15.78 -9.45 22.54
N PRO J 90 -14.75 -9.35 21.69
CA PRO J 90 -13.55 -10.18 21.88
C PRO J 90 -12.85 -9.86 23.19
N ILE J 91 -12.27 -10.89 23.79
CA ILE J 91 -11.68 -10.79 25.12
C ILE J 91 -10.17 -10.73 24.99
N ASP J 92 -9.58 -9.59 25.37
CA ASP J 92 -8.14 -9.48 25.39
C ASP J 92 -7.68 -8.97 26.75
N ASP J 93 -6.40 -8.58 26.86
CA ASP J 93 -5.91 -8.06 28.13
C ASP J 93 -6.62 -6.76 28.51
N SER J 94 -7.08 -5.99 27.53
CA SER J 94 -7.77 -4.75 27.82
C SER J 94 -9.16 -5.02 28.40
N VAL J 95 -9.92 -5.92 27.77
CA VAL J 95 -11.23 -6.28 28.29
C VAL J 95 -11.10 -6.97 29.65
N ALA J 96 -10.07 -7.79 29.79
CA ALA J 96 -9.83 -8.46 31.08
C ALA J 96 -9.53 -7.44 32.17
N SER J 97 -8.74 -6.41 31.86
CA SER J 97 -8.42 -5.40 32.86
C SER J 97 -9.66 -4.65 33.32
N LEU J 98 -10.55 -4.31 32.39
CA LEU J 98 -11.77 -3.59 32.76
C LEU J 98 -12.70 -4.48 33.56
N VAL J 99 -12.85 -5.75 33.17
CA VAL J 99 -13.78 -6.64 33.85
C VAL J 99 -13.28 -6.94 35.27
N ILE J 100 -11.98 -7.22 35.41
CA ILE J 100 -11.42 -7.52 36.73
C ILE J 100 -11.53 -6.31 37.64
N ALA J 101 -11.31 -5.11 37.10
CA ALA J 101 -11.41 -3.90 37.91
C ALA J 101 -12.85 -3.66 38.36
N GLN J 102 -13.82 -3.89 37.49
CA GLN J 102 -15.22 -3.77 37.89
C GLN J 102 -15.57 -4.80 38.96
N LEU J 103 -15.05 -6.02 38.83
CA LEU J 103 -15.35 -7.05 39.83
C LEU J 103 -14.74 -6.70 41.18
N LEU J 104 -13.53 -6.16 41.18
CA LEU J 104 -12.90 -5.77 42.44
C LEU J 104 -13.61 -4.58 43.06
N PHE J 105 -14.07 -3.65 42.23
CA PHE J 105 -14.83 -2.51 42.75
C PHE J 105 -16.16 -2.96 43.33
N LEU J 106 -16.82 -3.93 42.69
CA LEU J 106 -18.10 -4.41 43.20
C LEU J 106 -17.92 -5.24 44.47
N GLN J 107 -16.76 -5.88 44.64
CA GLN J 107 -16.51 -6.60 45.88
C GLN J 107 -16.23 -5.64 47.03
N SER J 108 -15.56 -4.52 46.75
CA SER J 108 -15.28 -3.55 47.80
C SER J 108 -16.55 -2.88 48.29
N GLU J 109 -17.52 -2.67 47.40
CA GLU J 109 -18.80 -2.09 47.82
C GLU J 109 -19.55 -3.04 48.74
N SER J 110 -19.65 -4.31 48.36
CA SER J 110 -20.34 -5.30 49.18
C SER J 110 -19.85 -6.67 48.75
N ASN J 111 -19.22 -7.40 49.68
CA ASN J 111 -18.73 -8.74 49.41
C ASN J 111 -19.80 -9.81 49.57
N LYS J 112 -21.06 -9.42 49.75
CA LYS J 112 -22.17 -10.36 49.84
C LYS J 112 -23.16 -10.24 48.71
N LYS J 113 -23.44 -9.02 48.26
CA LYS J 113 -24.41 -8.81 47.19
C LYS J 113 -23.91 -9.49 45.91
N PRO J 114 -24.80 -10.09 45.12
CA PRO J 114 -24.35 -10.80 43.93
C PRO J 114 -23.90 -9.83 42.84
N ILE J 115 -23.10 -10.38 41.92
CA ILE J 115 -22.59 -9.64 40.76
C ILE J 115 -23.15 -10.30 39.51
N HIS J 116 -23.79 -9.51 38.66
CA HIS J 116 -24.34 -9.99 37.40
C HIS J 116 -23.36 -9.74 36.27
N MET J 117 -23.05 -10.78 35.52
CA MET J 117 -22.05 -10.73 34.46
C MET J 117 -22.71 -11.19 33.15
N TYR J 118 -23.00 -10.23 32.28
CA TYR J 118 -23.63 -10.52 31.00
C TYR J 118 -22.56 -10.74 29.95
N ILE J 119 -22.62 -11.89 29.27
CA ILE J 119 -21.57 -12.33 28.36
C ILE J 119 -22.15 -12.40 26.95
N ASN J 120 -21.50 -11.70 26.01
CA ASN J 120 -21.82 -11.76 24.59
C ASN J 120 -20.48 -11.72 23.84
N SER J 121 -19.72 -12.80 23.96
CA SER J 121 -18.36 -12.80 23.47
C SER J 121 -18.13 -14.01 22.57
N PRO J 122 -17.47 -13.81 21.42
CA PRO J 122 -17.05 -14.95 20.59
C PRO J 122 -15.77 -15.62 21.09
N GLY J 123 -15.20 -15.14 22.19
CA GLY J 123 -13.96 -15.71 22.71
C GLY J 123 -12.84 -14.69 22.81
N GLY J 124 -11.60 -15.16 22.90
CA GLY J 124 -10.47 -14.24 22.95
C GLY J 124 -9.20 -14.94 23.40
N VAL J 125 -8.32 -14.17 24.04
CA VAL J 125 -7.03 -14.68 24.50
C VAL J 125 -7.25 -15.64 25.66
N VAL J 126 -6.43 -16.68 25.72
CA VAL J 126 -6.54 -17.67 26.79
C VAL J 126 -6.13 -17.06 28.12
N THR J 127 -5.00 -16.36 28.15
CA THR J 127 -4.51 -15.80 29.40
C THR J 127 -5.47 -14.75 29.95
N ALA J 128 -6.04 -13.92 29.06
CA ALA J 128 -7.00 -12.92 29.49
C ALA J 128 -8.26 -13.57 30.07
N GLY J 129 -8.73 -14.64 29.43
CA GLY J 129 -9.91 -15.32 29.94
C GLY J 129 -9.66 -16.06 31.24
N LEU J 130 -8.44 -16.58 31.43
CA LEU J 130 -8.11 -17.20 32.69
C LEU J 130 -7.94 -16.17 33.81
N ALA J 131 -7.52 -14.95 33.46
CA ALA J 131 -7.45 -13.88 34.45
C ALA J 131 -8.85 -13.55 34.97
N ILE J 132 -9.82 -13.43 34.06
CA ILE J 132 -11.20 -13.17 34.47
C ILE J 132 -11.75 -14.35 35.25
N TYR J 133 -11.39 -15.58 34.85
CA TYR J 133 -11.87 -16.75 35.56
C TYR J 133 -11.33 -16.79 36.98
N ASP J 134 -10.03 -16.51 37.16
CA ASP J 134 -9.45 -16.53 38.50
C ASP J 134 -10.05 -15.43 39.36
N THR J 135 -10.35 -14.28 38.76
CA THR J 135 -10.97 -13.19 39.52
C THR J 135 -12.39 -13.55 39.91
N MET J 136 -13.11 -14.28 39.05
CA MET J 136 -14.44 -14.73 39.41
C MET J 136 -14.38 -15.70 40.58
N GLN J 137 -13.44 -16.65 40.55
CA GLN J 137 -13.36 -17.63 41.63
C GLN J 137 -12.79 -17.03 42.90
N TYR J 138 -11.95 -16.00 42.78
CA TYR J 138 -11.34 -15.42 43.98
C TYR J 138 -12.36 -14.66 44.81
N ILE J 139 -13.09 -13.73 44.18
CA ILE J 139 -13.99 -12.88 44.93
C ILE J 139 -15.09 -13.72 45.58
N LEU J 140 -15.55 -13.27 46.74
CA LEU J 140 -16.55 -14.00 47.51
C LEU J 140 -17.97 -13.79 47.00
N ASN J 141 -18.19 -12.83 46.11
CA ASN J 141 -19.53 -12.55 45.64
C ASN J 141 -20.01 -13.69 44.74
N PRO J 142 -21.24 -14.18 44.93
CA PRO J 142 -21.82 -15.07 43.93
C PRO J 142 -22.03 -14.31 42.62
N ILE J 143 -21.66 -14.95 41.52
CA ILE J 143 -21.65 -14.31 40.22
C ILE J 143 -22.70 -14.97 39.33
N CYS J 144 -23.66 -14.18 38.85
CA CYS J 144 -24.71 -14.66 37.97
C CYS J 144 -24.31 -14.40 36.54
N THR J 145 -23.94 -15.45 35.82
CA THR J 145 -23.53 -15.35 34.42
C THR J 145 -24.73 -15.52 33.50
N TRP J 146 -24.84 -14.63 32.52
CA TRP J 146 -25.96 -14.63 31.58
C TRP J 146 -25.43 -14.68 30.15
N CYS J 147 -25.75 -15.76 29.44
CA CYS J 147 -25.35 -15.91 28.04
C CYS J 147 -26.35 -15.17 27.16
N VAL J 148 -25.93 -14.02 26.64
CA VAL J 148 -26.75 -13.20 25.76
C VAL J 148 -26.11 -13.20 24.39
N GLY J 149 -26.90 -13.54 23.36
CA GLY J 149 -26.37 -13.61 22.03
C GLY J 149 -25.52 -14.84 21.80
N GLN J 150 -24.29 -14.84 22.31
CA GLN J 150 -23.41 -16.00 22.16
C GLN J 150 -22.37 -15.98 23.27
N ALA J 151 -21.84 -17.16 23.57
CA ALA J 151 -20.74 -17.33 24.53
C ALA J 151 -19.85 -18.44 23.99
N ALA J 152 -18.90 -18.07 23.13
CA ALA J 152 -18.03 -19.02 22.46
C ALA J 152 -16.61 -18.93 23.00
N SER J 153 -15.86 -20.02 22.81
CA SER J 153 -14.47 -20.13 23.24
C SER J 153 -14.33 -19.79 24.72
N MET J 154 -13.59 -18.73 25.04
CA MET J 154 -13.44 -18.32 26.44
C MET J 154 -14.76 -17.80 27.00
N GLY J 155 -15.65 -17.31 26.15
CA GLY J 155 -16.94 -16.85 26.61
C GLY J 155 -17.78 -17.95 27.23
N SER J 156 -17.60 -19.19 26.76
CA SER J 156 -18.32 -20.31 27.36
C SER J 156 -17.71 -20.72 28.69
N LEU J 157 -16.39 -20.57 28.84
CA LEU J 157 -15.75 -20.89 30.12
C LEU J 157 -16.22 -19.93 31.21
N LEU J 158 -16.26 -18.64 30.91
CA LEU J 158 -16.73 -17.67 31.89
C LEU J 158 -18.22 -17.86 32.20
N LEU J 159 -19.01 -18.30 31.22
CA LEU J 159 -20.40 -18.62 31.48
C LEU J 159 -20.53 -19.80 32.43
N ALA J 160 -19.71 -20.84 32.24
CA ALA J 160 -19.72 -21.97 33.14
C ALA J 160 -19.00 -21.66 34.45
N ALA J 161 -18.21 -20.59 34.49
CA ALA J 161 -17.51 -20.22 35.72
C ALA J 161 -18.43 -19.58 36.75
N GLY J 162 -19.68 -19.31 36.39
CA GLY J 162 -20.60 -18.70 37.33
C GLY J 162 -20.88 -19.59 38.53
N THR J 163 -21.38 -18.97 39.58
CA THR J 163 -21.76 -19.70 40.78
C THR J 163 -22.80 -20.76 40.44
N PRO J 164 -22.63 -22.00 40.88
CA PRO J 164 -23.56 -23.06 40.49
C PRO J 164 -25.00 -22.71 40.81
N GLY J 165 -25.88 -22.97 39.84
CA GLY J 165 -27.27 -22.59 39.96
C GLY J 165 -27.58 -21.17 39.55
N MET J 166 -26.56 -20.37 39.22
CA MET J 166 -26.75 -18.97 38.84
C MET J 166 -26.20 -18.69 37.45
N ARG J 167 -26.14 -19.71 36.60
CA ARG J 167 -25.67 -19.58 35.23
C ARG J 167 -26.87 -19.64 34.30
N HIS J 168 -27.26 -18.49 33.75
CA HIS J 168 -28.47 -18.38 32.96
C HIS J 168 -28.14 -18.16 31.50
N SER J 169 -29.18 -18.21 30.67
CA SER J 169 -29.03 -18.01 29.23
C SER J 169 -30.39 -17.69 28.64
N LEU J 170 -30.41 -16.72 27.74
CA LEU J 170 -31.63 -16.37 27.02
C LEU J 170 -31.95 -17.47 26.00
N PRO J 171 -33.20 -17.53 25.54
CA PRO J 171 -33.61 -18.70 24.72
C PRO J 171 -32.84 -18.89 23.43
N ASN J 172 -32.49 -17.81 22.72
CA ASN J 172 -31.93 -17.90 21.38
C ASN J 172 -30.43 -17.68 21.34
N SER J 173 -29.72 -17.95 22.44
CA SER J 173 -28.28 -17.82 22.46
C SER J 173 -27.63 -19.08 21.88
N ARG J 174 -26.32 -19.02 21.72
CA ARG J 174 -25.54 -20.20 21.32
C ARG J 174 -24.24 -20.21 22.11
N ILE J 175 -23.77 -21.42 22.41
CA ILE J 175 -22.57 -21.64 23.20
C ILE J 175 -21.65 -22.57 22.43
N MET J 176 -20.38 -22.18 22.30
CA MET J 176 -19.41 -22.94 21.53
C MET J 176 -18.20 -23.27 22.39
N ILE J 177 -17.77 -24.53 22.36
CA ILE J 177 -16.59 -24.99 23.07
C ILE J 177 -15.67 -25.67 22.07
N HIS J 178 -14.37 -25.43 22.21
CA HIS J 178 -13.37 -26.02 21.32
C HIS J 178 -12.03 -25.99 22.03
N GLN J 179 -11.08 -26.73 21.47
CA GLN J 179 -9.73 -26.77 22.03
C GLN J 179 -9.01 -25.47 21.73
N PRO J 180 -7.99 -25.11 22.53
CA PRO J 180 -7.26 -23.87 22.28
C PRO J 180 -6.53 -23.91 20.95
N SER J 181 -6.36 -22.75 20.35
CA SER J 181 -5.62 -22.59 19.11
C SER J 181 -4.47 -21.62 19.32
N GLY J 182 -3.43 -21.76 18.52
CA GLY J 182 -2.28 -20.88 18.64
C GLY J 182 -1.31 -21.04 17.49
N GLY J 183 -0.07 -20.61 17.74
CA GLY J 183 0.97 -20.72 16.73
C GLY J 183 2.33 -20.70 17.38
N ALA J 184 3.33 -21.10 16.60
CA ALA J 184 4.71 -21.08 17.07
C ALA J 184 5.64 -20.85 15.88
N ARG J 185 6.74 -20.18 16.15
CA ARG J 185 7.73 -19.90 15.11
C ARG J 185 9.09 -19.79 15.78
N GLY J 186 10.11 -20.34 15.12
CA GLY J 186 11.46 -20.29 15.60
C GLY J 186 12.16 -21.60 15.36
N GLN J 187 13.28 -21.79 16.04
CA GLN J 187 14.04 -23.03 15.92
C GLN J 187 13.22 -24.20 16.47
N ALA J 188 13.64 -25.41 16.10
CA ALA J 188 12.91 -26.62 16.51
C ALA J 188 12.81 -26.70 18.03
N THR J 189 13.84 -26.25 18.74
CA THR J 189 13.80 -26.22 20.20
C THR J 189 12.69 -25.28 20.69
N ASP J 190 12.64 -24.08 20.12
CA ASP J 190 11.59 -23.12 20.48
C ASP J 190 10.21 -23.68 20.12
N ILE J 191 10.07 -24.20 18.90
CA ILE J 191 8.78 -24.72 18.44
C ILE J 191 8.21 -25.71 19.45
N GLU J 192 9.06 -26.54 20.03
CA GLU J 192 8.60 -27.54 20.99
C GLU J 192 8.13 -26.89 22.29
N ILE J 193 8.90 -25.90 22.78
CA ILE J 193 8.53 -25.22 24.02
C ILE J 193 7.15 -24.59 23.90
N GLN J 194 6.88 -23.92 22.77
CA GLN J 194 5.56 -23.34 22.57
C GLN J 194 4.50 -24.42 22.42
N ALA J 195 4.82 -25.49 21.70
CA ALA J 195 3.85 -26.58 21.52
C ALA J 195 3.58 -27.29 22.85
N ARG J 196 4.59 -27.42 23.69
CA ARG J 196 4.39 -28.01 25.01
C ARG J 196 3.47 -27.15 25.86
N GLU J 197 3.61 -25.82 25.77
CA GLU J 197 2.81 -24.92 26.59
C GLU J 197 1.36 -24.90 26.12
N ILE J 198 1.11 -24.94 24.81
CA ILE J 198 -0.26 -24.92 24.32
C ILE J 198 -0.96 -26.24 24.66
N MET J 199 -0.20 -27.32 24.86
CA MET J 199 -0.81 -28.55 25.32
C MET J 199 -1.19 -28.45 26.80
N LYS J 200 -0.33 -27.81 27.60
CA LYS J 200 -0.66 -27.56 29.00
C LYS J 200 -1.95 -26.77 29.12
N LEU J 201 -2.10 -25.70 28.32
CA LEU J 201 -3.33 -24.94 28.33
C LEU J 201 -4.51 -25.77 27.87
N LYS J 202 -4.28 -26.74 26.99
CA LYS J 202 -5.37 -27.61 26.54
C LYS J 202 -5.88 -28.46 27.70
N LYS J 203 -4.96 -29.07 28.46
CA LYS J 203 -5.37 -29.86 29.62
C LYS J 203 -5.95 -28.96 30.71
N GLN J 204 -5.35 -27.77 30.90
CA GLN J 204 -5.82 -26.85 31.93
C GLN J 204 -7.25 -26.43 31.69
N LEU J 205 -7.56 -25.97 30.47
CA LEU J 205 -8.93 -25.58 30.14
C LEU J 205 -9.87 -26.77 30.16
N TYR J 206 -9.38 -27.95 29.81
CA TYR J 206 -10.21 -29.15 29.87
C TYR J 206 -10.59 -29.47 31.32
N ASN J 207 -9.65 -29.29 32.25
CA ASN J 207 -9.94 -29.56 33.65
C ASN J 207 -10.90 -28.52 34.23
N ILE J 208 -10.75 -27.26 33.82
CA ILE J 208 -11.66 -26.21 34.27
C ILE J 208 -13.07 -26.50 33.78
N TYR J 209 -13.20 -26.82 32.49
CA TYR J 209 -14.52 -27.17 31.96
C TYR J 209 -15.09 -28.39 32.65
N ALA J 210 -14.25 -29.39 32.92
CA ALA J 210 -14.73 -30.59 33.60
C ALA J 210 -15.11 -30.31 35.04
N LYS J 211 -14.50 -29.29 35.66
CA LYS J 211 -14.81 -28.97 37.04
C LYS J 211 -16.20 -28.38 37.19
N HIS J 212 -16.55 -27.41 36.33
CA HIS J 212 -17.80 -26.69 36.46
C HIS J 212 -18.97 -27.33 35.72
N THR J 213 -18.70 -28.15 34.71
CA THR J 213 -19.77 -28.83 33.99
C THR J 213 -20.14 -30.18 34.59
N LYS J 214 -19.40 -30.63 35.61
CA LYS J 214 -19.61 -31.92 36.26
C LYS J 214 -19.51 -33.07 35.26
N GLN J 215 -18.66 -32.91 34.24
CA GLN J 215 -18.46 -33.91 33.21
C GLN J 215 -17.11 -34.59 33.41
N SER J 216 -16.99 -35.77 32.80
CA SER J 216 -15.72 -36.48 32.85
C SER J 216 -14.73 -35.84 31.88
N LEU J 217 -13.44 -36.13 32.10
CA LEU J 217 -12.41 -35.59 31.23
C LEU J 217 -12.53 -36.14 29.81
N GLN J 218 -13.02 -37.38 29.65
CA GLN J 218 -13.20 -37.93 28.32
C GLN J 218 -14.25 -37.18 27.53
N VAL J 219 -15.39 -36.85 28.16
CA VAL J 219 -16.45 -36.10 27.48
C VAL J 219 -15.93 -34.73 27.09
N ILE J 220 -15.12 -34.11 27.93
CA ILE J 220 -14.56 -32.80 27.61
C ILE J 220 -13.63 -32.90 26.41
N GLU J 221 -12.78 -33.93 26.38
CA GLU J 221 -11.82 -34.08 25.28
C GLU J 221 -12.53 -34.37 23.96
N SER J 222 -13.55 -35.24 23.99
CA SER J 222 -14.25 -35.59 22.75
C SER J 222 -15.08 -34.43 22.23
N ALA J 223 -15.71 -33.67 23.12
CA ALA J 223 -16.57 -32.59 22.68
C ALA J 223 -15.75 -31.41 22.16
N MET J 224 -14.66 -31.07 22.85
CA MET J 224 -13.88 -29.88 22.54
C MET J 224 -12.74 -30.14 21.57
N GLU J 225 -12.62 -31.36 21.03
CA GLU J 225 -11.58 -31.62 20.03
C GLU J 225 -11.80 -30.77 18.79
N ARG J 226 -13.04 -30.70 18.32
CA ARG J 226 -13.45 -29.81 17.26
C ARG J 226 -14.36 -28.73 17.84
N ASP J 227 -14.77 -27.80 16.99
CA ASP J 227 -15.73 -26.79 17.42
C ASP J 227 -17.07 -27.45 17.69
N ARG J 228 -17.59 -27.27 18.91
CA ARG J 228 -18.85 -27.86 19.33
C ARG J 228 -19.82 -26.74 19.66
N TYR J 229 -20.90 -26.65 18.88
CA TYR J 229 -21.93 -25.63 19.09
C TYR J 229 -23.12 -26.23 19.83
N MET J 230 -23.66 -25.48 20.78
CA MET J 230 -24.73 -25.94 21.64
C MET J 230 -25.79 -24.86 21.79
N SER J 231 -27.05 -25.28 21.82
CA SER J 231 -28.14 -24.42 22.21
C SER J 231 -28.13 -24.23 23.72
N PRO J 232 -28.86 -23.25 24.23
CA PRO J 232 -28.90 -23.09 25.70
C PRO J 232 -29.36 -24.34 26.43
N MET J 233 -30.32 -25.07 25.87
CA MET J 233 -30.73 -26.33 26.49
C MET J 233 -29.62 -27.36 26.44
N GLU J 234 -28.93 -27.46 25.30
CA GLU J 234 -27.83 -28.42 25.20
C GLU J 234 -26.70 -28.07 26.15
N ALA J 235 -26.43 -26.78 26.35
CA ALA J 235 -25.40 -26.38 27.30
C ALA J 235 -25.86 -26.61 28.74
N GLN J 236 -27.17 -26.56 28.99
CA GLN J 236 -27.67 -26.86 30.32
C GLN J 236 -27.48 -28.33 30.66
N GLU J 237 -27.71 -29.23 29.68
CA GLU J 237 -27.50 -30.65 29.93
C GLU J 237 -26.01 -30.97 30.02
N PHE J 238 -25.19 -30.30 29.22
CA PHE J 238 -23.75 -30.50 29.29
C PHE J 238 -23.16 -29.94 30.57
N GLY J 239 -23.82 -28.98 31.21
CA GLY J 239 -23.34 -28.41 32.44
C GLY J 239 -22.70 -27.04 32.32
N ILE J 240 -22.88 -26.35 31.19
CA ILE J 240 -22.28 -25.03 31.03
C ILE J 240 -23.11 -23.97 31.75
N LEU J 241 -24.44 -24.07 31.69
CA LEU J 241 -25.33 -23.14 32.36
C LEU J 241 -26.37 -23.93 33.16
N ASP J 242 -27.22 -23.21 33.88
CA ASP J 242 -28.18 -23.82 34.79
C ASP J 242 -29.64 -23.58 34.39
N LYS J 243 -29.97 -22.39 33.90
CA LYS J 243 -31.34 -22.02 33.63
C LYS J 243 -31.45 -21.36 32.27
N VAL J 244 -32.47 -21.76 31.51
CA VAL J 244 -32.79 -21.17 30.22
C VAL J 244 -34.15 -20.50 30.38
N LEU J 245 -34.15 -19.18 30.58
CA LEU J 245 -35.37 -18.43 30.84
C LEU J 245 -35.80 -17.64 29.61
N VAL J 246 -37.11 -17.52 29.43
CA VAL J 246 -37.67 -16.71 28.35
C VAL J 246 -38.18 -15.41 28.96
N HIS J 247 -39.46 -15.38 29.30
CA HIS J 247 -40.03 -14.27 30.07
C HIS J 247 -39.95 -14.61 31.55
N PRO J 248 -39.28 -13.79 32.38
CA PRO J 248 -39.06 -14.08 33.79
C PRO J 248 -40.34 -14.22 34.60
N ILE K 59 -21.66 15.24 17.99
CA ILE K 59 -22.98 15.02 18.55
C ILE K 59 -23.49 16.28 19.25
N PRO K 60 -24.79 16.55 19.13
CA PRO K 60 -25.36 17.75 19.74
C PRO K 60 -25.62 17.57 21.23
N ILE K 61 -25.99 18.67 21.88
CA ILE K 61 -26.29 18.66 23.31
C ILE K 61 -27.76 18.94 23.54
N TYR K 73 -26.94 17.32 28.02
CA TYR K 73 -26.21 16.16 27.53
C TYR K 73 -26.57 15.85 26.08
N ASP K 74 -26.05 14.73 25.58
CA ASP K 74 -26.31 14.31 24.21
C ASP K 74 -27.80 14.14 23.96
N ILE K 75 -28.21 14.32 22.70
CA ILE K 75 -29.63 14.25 22.35
C ILE K 75 -30.17 12.83 22.55
N TYR K 76 -29.31 11.82 22.42
CA TYR K 76 -29.76 10.45 22.62
C TYR K 76 -30.07 10.17 24.08
N SER K 77 -29.36 10.83 25.00
CA SER K 77 -29.70 10.71 26.41
C SER K 77 -31.05 11.36 26.70
N ARG K 78 -31.34 12.49 26.03
CA ARG K 78 -32.64 13.13 26.18
C ARG K 78 -33.75 12.21 25.69
N LEU K 79 -33.52 11.48 24.60
CA LEU K 79 -34.50 10.53 24.12
C LEU K 79 -34.59 9.31 25.03
N LEU K 80 -33.47 8.91 25.65
CA LEU K 80 -33.53 7.81 26.61
C LEU K 80 -34.32 8.20 27.85
N ARG K 81 -34.30 9.48 28.23
CA ARG K 81 -35.17 9.96 29.29
C ARG K 81 -36.63 9.80 28.90
N GLU K 82 -36.96 10.06 27.63
CA GLU K 82 -38.28 9.82 27.09
C GLU K 82 -38.54 8.35 26.78
N ARG K 83 -37.68 7.46 27.28
CA ARG K 83 -37.82 6.01 27.11
C ARG K 83 -37.79 5.63 25.63
N ILE K 84 -36.80 6.16 24.92
CA ILE K 84 -36.61 5.91 23.50
C ILE K 84 -35.21 5.37 23.29
N VAL K 85 -35.11 4.19 22.66
CA VAL K 85 -33.84 3.58 22.32
C VAL K 85 -33.68 3.64 20.80
N CYS K 86 -32.53 4.14 20.35
CA CYS K 86 -32.23 4.28 18.93
C CYS K 86 -31.43 3.07 18.46
N VAL K 87 -31.95 2.35 17.46
CA VAL K 87 -31.24 1.24 16.86
C VAL K 87 -31.05 1.53 15.37
N MET K 88 -30.05 2.36 15.04
CA MET K 88 -29.80 2.78 13.67
C MET K 88 -28.36 2.47 13.30
N GLY K 89 -28.15 2.04 12.06
CA GLY K 89 -26.84 1.64 11.59
C GLY K 89 -26.66 0.14 11.66
N PRO K 90 -25.48 -0.35 11.25
CA PRO K 90 -25.22 -1.78 11.32
C PRO K 90 -25.25 -2.30 12.76
N ILE K 91 -25.65 -3.55 12.91
CA ILE K 91 -25.83 -4.18 14.23
C ILE K 91 -24.66 -5.13 14.47
N ASP K 92 -23.85 -4.82 15.48
CA ASP K 92 -22.78 -5.72 15.90
C ASP K 92 -22.81 -5.89 17.41
N ASP K 93 -21.76 -6.49 17.97
CA ASP K 93 -21.71 -6.71 19.42
C ASP K 93 -21.66 -5.40 20.18
N SER K 94 -21.11 -4.35 19.57
CA SER K 94 -21.06 -3.05 20.24
C SER K 94 -22.42 -2.37 20.24
N VAL K 95 -23.14 -2.42 19.12
CA VAL K 95 -24.49 -1.86 19.07
C VAL K 95 -25.43 -2.66 19.96
N ALA K 96 -25.26 -3.98 19.99
CA ALA K 96 -26.07 -4.81 20.87
C ALA K 96 -25.85 -4.45 22.33
N SER K 97 -24.61 -4.18 22.73
CA SER K 97 -24.34 -3.85 24.12
C SER K 97 -25.01 -2.55 24.54
N LEU K 98 -25.00 -1.55 23.66
CA LEU K 98 -25.62 -0.27 24.00
C LEU K 98 -27.14 -0.38 24.07
N VAL K 99 -27.74 -1.07 23.10
CA VAL K 99 -29.20 -1.21 23.09
C VAL K 99 -29.66 -2.06 24.26
N ILE K 100 -28.95 -3.13 24.57
CA ILE K 100 -29.33 -3.98 25.70
C ILE K 100 -29.19 -3.20 27.01
N ALA K 101 -28.13 -2.38 27.12
CA ALA K 101 -27.93 -1.58 28.32
C ALA K 101 -29.02 -0.52 28.48
N GLN K 102 -29.43 0.11 27.37
CA GLN K 102 -30.49 1.10 27.45
C GLN K 102 -31.83 0.45 27.81
N LEU K 103 -32.12 -0.73 27.24
CA LEU K 103 -33.35 -1.42 27.59
C LEU K 103 -33.38 -1.82 29.05
N LEU K 104 -32.26 -2.33 29.56
CA LEU K 104 -32.20 -2.69 30.98
C LEU K 104 -32.29 -1.46 31.86
N PHE K 105 -31.69 -0.35 31.44
CA PHE K 105 -31.81 0.89 32.17
C PHE K 105 -33.25 1.37 32.19
N LEU K 106 -33.95 1.26 31.06
CA LEU K 106 -35.35 1.67 31.01
C LEU K 106 -36.25 0.73 31.80
N GLN K 107 -35.89 -0.55 31.90
CA GLN K 107 -36.70 -1.47 32.69
C GLN K 107 -36.55 -1.21 34.18
N SER K 108 -35.33 -0.87 34.64
CA SER K 108 -35.14 -0.58 36.05
C SER K 108 -35.85 0.72 36.45
N GLU K 109 -36.05 1.64 35.50
CA GLU K 109 -36.79 2.86 35.82
C GLU K 109 -38.27 2.56 36.05
N SER K 110 -38.86 1.73 35.18
CA SER K 110 -40.29 1.38 35.29
C SER K 110 -40.54 0.14 34.44
N ASN K 111 -40.89 -0.96 35.08
CA ASN K 111 -41.16 -2.21 34.37
C ASN K 111 -42.53 -2.24 33.72
N LYS K 112 -43.25 -1.11 33.72
CA LYS K 112 -44.58 -1.02 33.13
C LYS K 112 -44.67 0.01 32.01
N LYS K 113 -43.95 1.12 32.11
CA LYS K 113 -43.99 2.13 31.06
C LYS K 113 -43.47 1.54 29.76
N PRO K 114 -44.04 1.92 28.61
CA PRO K 114 -43.57 1.37 27.33
C PRO K 114 -42.22 1.93 26.93
N ILE K 115 -41.51 1.16 26.12
CA ILE K 115 -40.21 1.53 25.57
C ILE K 115 -40.35 1.70 24.07
N HIS K 116 -39.93 2.85 23.56
CA HIS K 116 -39.96 3.10 22.13
C HIS K 116 -38.60 2.76 21.53
N MET K 117 -38.61 2.04 20.41
CA MET K 117 -37.40 1.57 19.76
C MET K 117 -37.45 1.96 18.29
N TYR K 118 -36.64 2.94 17.90
CA TYR K 118 -36.60 3.41 16.53
C TYR K 118 -35.52 2.65 15.76
N ILE K 119 -35.91 2.08 14.61
CA ILE K 119 -35.06 1.18 13.86
C ILE K 119 -34.79 1.78 12.48
N ASN K 120 -33.50 1.89 12.13
CA ASN K 120 -33.04 2.32 10.82
C ASN K 120 -31.74 1.56 10.53
N SER K 121 -31.86 0.24 10.35
CA SER K 121 -30.70 -0.62 10.24
C SER K 121 -30.77 -1.48 8.99
N PRO K 122 -29.65 -1.64 8.28
CA PRO K 122 -29.61 -2.57 7.14
C PRO K 122 -29.29 -4.01 7.53
N GLY K 123 -29.19 -4.30 8.83
CA GLY K 123 -28.89 -5.64 9.30
C GLY K 123 -27.61 -5.72 10.10
N GLY K 124 -27.10 -6.93 10.30
CA GLY K 124 -25.86 -7.09 11.03
C GLY K 124 -25.62 -8.54 11.42
N VAL K 125 -24.81 -8.72 12.46
CA VAL K 125 -24.47 -10.06 12.94
C VAL K 125 -25.71 -10.73 13.51
N VAL K 126 -25.84 -12.04 13.30
CA VAL K 126 -27.01 -12.77 13.77
C VAL K 126 -27.01 -12.87 15.29
N THR K 127 -25.86 -13.21 15.88
CA THR K 127 -25.79 -13.35 17.33
C THR K 127 -26.08 -12.04 18.04
N ALA K 128 -25.62 -10.92 17.48
CA ALA K 128 -25.89 -9.62 18.09
C ALA K 128 -27.36 -9.26 17.96
N GLY K 129 -27.96 -9.53 16.80
CA GLY K 129 -29.38 -9.24 16.63
C GLY K 129 -30.26 -10.13 17.49
N LEU K 130 -29.87 -11.40 17.67
CA LEU K 130 -30.61 -12.27 18.56
C LEU K 130 -30.43 -11.89 20.02
N ALA K 131 -29.30 -11.29 20.37
CA ALA K 131 -29.12 -10.77 21.73
C ALA K 131 -30.12 -9.65 22.00
N ILE K 132 -30.33 -8.76 21.02
CA ILE K 132 -31.30 -7.70 21.18
C ILE K 132 -32.72 -8.27 21.21
N TYR K 133 -32.98 -9.28 20.38
CA TYR K 133 -34.32 -9.88 20.34
C TYR K 133 -34.68 -10.51 21.68
N ASP K 134 -33.76 -11.28 22.26
CA ASP K 134 -34.06 -11.95 23.52
C ASP K 134 -34.19 -10.95 24.68
N THR K 135 -33.43 -9.86 24.63
CA THR K 135 -33.60 -8.82 25.64
C THR K 135 -34.96 -8.15 25.51
N MET K 136 -35.43 -7.95 24.27
CA MET K 136 -36.77 -7.41 24.07
C MET K 136 -37.84 -8.33 24.64
N GLN K 137 -37.71 -9.64 24.42
CA GLN K 137 -38.72 -10.56 24.91
C GLN K 137 -38.63 -10.75 26.41
N TYR K 138 -37.42 -10.61 26.98
CA TYR K 138 -37.26 -10.83 28.42
C TYR K 138 -37.92 -9.71 29.22
N ILE K 139 -37.62 -8.45 28.89
CA ILE K 139 -38.13 -7.35 29.68
C ILE K 139 -39.65 -7.31 29.61
N LEU K 140 -40.26 -6.91 30.72
CA LEU K 140 -41.71 -6.88 30.83
C LEU K 140 -42.32 -5.67 30.14
N ASN K 141 -41.53 -4.63 29.89
CA ASN K 141 -42.07 -3.41 29.32
C ASN K 141 -42.60 -3.66 27.92
N PRO K 142 -43.78 -3.13 27.59
CA PRO K 142 -44.22 -3.13 26.18
C PRO K 142 -43.26 -2.31 25.33
N ILE K 143 -42.91 -2.85 24.18
CA ILE K 143 -41.94 -2.21 23.29
C ILE K 143 -42.65 -1.77 22.03
N CYS K 144 -42.54 -0.48 21.72
CA CYS K 144 -43.10 0.10 20.50
C CYS K 144 -41.98 0.25 19.48
N THR K 145 -41.99 -0.62 18.47
CA THR K 145 -40.99 -0.57 17.41
C THR K 145 -41.46 0.31 16.27
N TRP K 146 -40.55 1.15 15.78
CA TRP K 146 -40.85 2.08 14.70
C TRP K 146 -39.84 1.90 13.58
N CYS K 147 -40.32 1.51 12.40
CA CYS K 147 -39.47 1.37 11.23
C CYS K 147 -39.29 2.75 10.59
N VAL K 148 -38.08 3.29 10.71
CA VAL K 148 -37.73 4.59 10.14
C VAL K 148 -36.67 4.37 9.08
N GLY K 149 -36.90 4.92 7.89
CA GLY K 149 -35.97 4.73 6.79
C GLY K 149 -35.99 3.33 6.21
N GLN K 150 -35.44 2.36 6.94
CA GLN K 150 -35.45 0.98 6.49
C GLN K 150 -35.20 0.07 7.69
N ALA K 151 -35.57 -1.20 7.52
CA ALA K 151 -35.33 -2.23 8.54
C ALA K 151 -35.09 -3.52 7.76
N ALA K 152 -33.82 -3.77 7.42
CA ALA K 152 -33.44 -4.89 6.59
C ALA K 152 -32.69 -5.92 7.42
N SER K 153 -32.76 -7.17 6.96
CA SER K 153 -32.07 -8.29 7.63
C SER K 153 -32.47 -8.36 9.09
N MET K 154 -31.49 -8.28 10.00
CA MET K 154 -31.83 -8.31 11.41
C MET K 154 -32.68 -7.12 11.83
N GLY K 155 -32.56 -6.01 11.11
CA GLY K 155 -33.38 -4.85 11.41
C GLY K 155 -34.87 -5.10 11.24
N SER K 156 -35.23 -6.02 10.34
CA SER K 156 -36.62 -6.41 10.18
C SER K 156 -37.07 -7.36 11.28
N LEU K 157 -36.16 -8.19 11.80
CA LEU K 157 -36.52 -9.08 12.89
C LEU K 157 -36.85 -8.29 14.15
N LEU K 158 -36.00 -7.34 14.52
CA LEU K 158 -36.29 -6.52 15.70
C LEU K 158 -37.55 -5.68 15.49
N LEU K 159 -37.84 -5.30 14.25
CA LEU K 159 -39.09 -4.60 13.98
C LEU K 159 -40.29 -5.49 14.25
N ALA K 160 -40.23 -6.74 13.82
CA ALA K 160 -41.29 -7.70 14.11
C ALA K 160 -41.23 -8.22 15.54
N ALA K 161 -40.15 -7.94 16.27
CA ALA K 161 -40.01 -8.39 17.65
C ALA K 161 -40.74 -7.50 18.64
N GLY K 162 -41.36 -6.42 18.18
CA GLY K 162 -42.07 -5.54 19.08
C GLY K 162 -43.31 -6.19 19.66
N THR K 163 -43.82 -5.57 20.71
CA THR K 163 -45.05 -6.05 21.34
C THR K 163 -46.18 -6.06 20.31
N PRO K 164 -46.96 -7.14 20.23
CA PRO K 164 -48.01 -7.22 19.21
C PRO K 164 -48.97 -6.04 19.29
N GLY K 165 -49.26 -5.46 18.12
CA GLY K 165 -50.08 -4.28 18.04
C GLY K 165 -49.36 -2.97 18.21
N MET K 166 -48.05 -3.00 18.49
CA MET K 166 -47.27 -1.80 18.72
C MET K 166 -46.07 -1.70 17.79
N ARG K 167 -46.14 -2.35 16.62
CA ARG K 167 -45.07 -2.30 15.63
C ARG K 167 -45.50 -1.34 14.53
N HIS K 168 -44.86 -0.18 14.48
CA HIS K 168 -45.25 0.89 13.57
C HIS K 168 -44.18 1.10 12.50
N SER K 169 -44.59 1.78 11.43
CA SER K 169 -43.69 2.06 10.33
C SER K 169 -44.15 3.33 9.62
N LEU K 170 -43.19 4.20 9.32
CA LEU K 170 -43.48 5.40 8.56
C LEU K 170 -43.85 5.04 7.13
N PRO K 171 -44.48 5.97 6.40
CA PRO K 171 -45.02 5.59 5.07
C PRO K 171 -43.95 5.17 4.06
N ASN K 172 -42.79 5.82 4.05
CA ASN K 172 -41.80 5.64 2.99
C ASN K 172 -40.61 4.79 3.42
N SER K 173 -40.80 3.86 4.36
CA SER K 173 -39.75 2.94 4.75
C SER K 173 -39.77 1.70 3.86
N ARG K 174 -38.74 0.87 4.00
CA ARG K 174 -38.70 -0.40 3.31
C ARG K 174 -38.22 -1.47 4.28
N ILE K 175 -38.71 -2.69 4.07
CA ILE K 175 -38.41 -3.83 4.93
C ILE K 175 -37.90 -4.96 4.07
N MET K 176 -36.77 -5.53 4.45
CA MET K 176 -36.13 -6.60 3.68
C MET K 176 -35.92 -7.81 4.57
N ILE K 177 -36.27 -8.99 4.06
CA ILE K 177 -36.04 -10.25 4.75
C ILE K 177 -35.26 -11.17 3.82
N HIS K 178 -34.29 -11.88 4.37
CA HIS K 178 -33.50 -12.83 3.60
C HIS K 178 -32.90 -13.85 4.55
N GLN K 179 -32.48 -14.99 3.99
CA GLN K 179 -31.85 -16.02 4.79
C GLN K 179 -30.47 -15.57 5.25
N PRO K 180 -29.96 -16.12 6.34
CA PRO K 180 -28.64 -15.71 6.82
C PRO K 180 -27.55 -16.04 5.82
N SER K 181 -26.53 -15.19 5.80
CA SER K 181 -25.35 -15.37 4.98
C SER K 181 -24.12 -15.44 5.89
N GLY K 182 -23.11 -16.18 5.45
CA GLY K 182 -21.93 -16.35 6.26
C GLY K 182 -20.81 -16.99 5.49
N GLY K 183 -19.87 -17.57 6.23
CA GLY K 183 -18.72 -18.20 5.61
C GLY K 183 -18.12 -19.28 6.47
N ALA K 184 -17.31 -20.12 5.84
CA ALA K 184 -16.63 -21.22 6.52
C ALA K 184 -15.33 -21.52 5.80
N ARG K 185 -14.29 -21.84 6.57
CA ARG K 185 -12.98 -22.12 6.01
C ARG K 185 -12.22 -23.03 6.97
N GLY K 186 -11.54 -24.02 6.42
CA GLY K 186 -10.76 -24.97 7.20
C GLY K 186 -10.85 -26.35 6.61
N GLN K 187 -10.58 -27.35 7.44
CA GLN K 187 -10.70 -28.74 7.00
C GLN K 187 -12.16 -29.10 6.74
N ALA K 188 -12.36 -30.17 5.97
CA ALA K 188 -13.71 -30.62 5.67
C ALA K 188 -14.51 -30.89 6.94
N THR K 189 -13.85 -31.39 7.98
CA THR K 189 -14.52 -31.59 9.26
C THR K 189 -15.01 -30.26 9.82
N ASP K 190 -14.14 -29.25 9.81
CA ASP K 190 -14.53 -27.92 10.28
C ASP K 190 -15.65 -27.33 9.42
N ILE K 191 -15.52 -27.46 8.10
CA ILE K 191 -16.54 -26.94 7.18
C ILE K 191 -17.90 -27.55 7.51
N GLU K 192 -17.92 -28.85 7.80
CA GLU K 192 -19.18 -29.51 8.15
C GLU K 192 -19.78 -28.91 9.41
N ILE K 193 -18.94 -28.55 10.39
CA ILE K 193 -19.42 -28.00 11.65
C ILE K 193 -20.03 -26.63 11.42
N GLN K 194 -19.31 -25.76 10.71
CA GLN K 194 -19.81 -24.40 10.48
C GLN K 194 -21.11 -24.41 9.69
N ALA K 195 -21.15 -25.18 8.61
CA ALA K 195 -22.37 -25.28 7.80
C ALA K 195 -23.52 -25.88 8.62
N ARG K 196 -23.20 -26.75 9.58
CA ARG K 196 -24.23 -27.26 10.48
C ARG K 196 -24.83 -26.14 11.31
N GLU K 197 -23.98 -25.34 11.96
CA GLU K 197 -24.47 -24.24 12.78
C GLU K 197 -25.20 -23.20 11.93
N ILE K 198 -24.74 -22.96 10.71
CA ILE K 198 -25.35 -21.93 9.86
C ILE K 198 -26.77 -22.35 9.48
N MET K 199 -26.98 -23.64 9.20
CA MET K 199 -28.34 -24.10 8.90
C MET K 199 -29.22 -24.03 10.14
N LYS K 200 -28.65 -24.29 11.33
CA LYS K 200 -29.42 -24.13 12.56
C LYS K 200 -29.92 -22.70 12.72
N LEU K 201 -29.07 -21.72 12.39
CA LEU K 201 -29.51 -20.33 12.44
C LEU K 201 -30.58 -20.05 11.41
N LYS K 202 -30.54 -20.72 10.26
CA LYS K 202 -31.57 -20.51 9.25
C LYS K 202 -32.94 -20.97 9.74
N LYS K 203 -33.00 -22.16 10.35
CA LYS K 203 -34.28 -22.62 10.89
C LYS K 203 -34.69 -21.80 12.11
N GLN K 204 -33.72 -21.43 12.94
CA GLN K 204 -34.02 -20.67 14.16
C GLN K 204 -34.65 -19.33 13.83
N LEU K 205 -34.04 -18.57 12.92
CA LEU K 205 -34.59 -17.28 12.53
C LEU K 205 -35.90 -17.45 11.77
N TYR K 206 -36.05 -18.52 10.98
CA TYR K 206 -37.33 -18.79 10.34
C TYR K 206 -38.42 -19.02 11.39
N ASN K 207 -38.08 -19.71 12.49
CA ASN K 207 -39.07 -19.97 13.53
C ASN K 207 -39.44 -18.69 14.26
N ILE K 208 -38.45 -17.83 14.54
CA ILE K 208 -38.73 -16.55 15.17
C ILE K 208 -39.61 -15.70 14.27
N TYR K 209 -39.30 -15.66 12.97
CA TYR K 209 -40.14 -14.91 12.04
C TYR K 209 -41.56 -15.48 12.00
N ALA K 210 -41.68 -16.81 11.92
CA ALA K 210 -43.01 -17.40 11.87
C ALA K 210 -43.78 -17.17 13.17
N LYS K 211 -43.07 -17.03 14.29
CA LYS K 211 -43.73 -16.80 15.56
C LYS K 211 -44.40 -15.43 15.61
N HIS K 212 -43.67 -14.39 15.25
CA HIS K 212 -44.18 -13.03 15.40
C HIS K 212 -44.98 -12.54 14.20
N THR K 213 -44.81 -13.15 13.03
CA THR K 213 -45.58 -12.77 11.86
C THR K 213 -46.84 -13.59 11.67
N LYS K 214 -47.05 -14.60 12.53
CA LYS K 214 -48.23 -15.47 12.45
C LYS K 214 -48.33 -16.17 11.10
N GLN K 215 -47.18 -16.47 10.49
CA GLN K 215 -47.12 -17.10 9.18
C GLN K 215 -46.66 -18.54 9.31
N SER K 216 -47.02 -19.34 8.32
CA SER K 216 -46.59 -20.73 8.30
C SER K 216 -45.10 -20.82 7.96
N LEU K 217 -44.49 -21.95 8.32
CA LEU K 217 -43.08 -22.14 8.04
C LEU K 217 -42.81 -22.22 6.54
N GLN K 218 -43.79 -22.66 5.76
CA GLN K 218 -43.62 -22.71 4.31
C GLN K 218 -43.52 -21.31 3.71
N VAL K 219 -44.39 -20.40 4.16
CA VAL K 219 -44.34 -19.03 3.65
C VAL K 219 -43.01 -18.37 4.01
N ILE K 220 -42.49 -18.66 5.19
CA ILE K 220 -41.23 -18.07 5.62
C ILE K 220 -40.07 -18.59 4.76
N GLU K 221 -40.06 -19.90 4.48
CA GLU K 221 -39.02 -20.45 3.62
C GLU K 221 -39.10 -19.91 2.21
N SER K 222 -40.32 -19.70 1.70
CA SER K 222 -40.48 -19.22 0.34
C SER K 222 -40.12 -17.75 0.21
N ALA K 223 -40.41 -16.95 1.24
CA ALA K 223 -40.16 -15.52 1.16
C ALA K 223 -38.70 -15.18 1.44
N MET K 224 -38.07 -15.88 2.39
CA MET K 224 -36.72 -15.55 2.82
C MET K 224 -35.65 -16.37 2.11
N GLU K 225 -36.02 -17.13 1.07
CA GLU K 225 -35.00 -17.87 0.32
C GLU K 225 -34.08 -16.91 -0.42
N ARG K 226 -34.65 -15.92 -1.10
CA ARG K 226 -33.91 -14.82 -1.71
C ARG K 226 -34.23 -13.54 -0.96
N ASP K 227 -33.57 -12.45 -1.37
CA ASP K 227 -33.84 -11.15 -0.77
C ASP K 227 -35.25 -10.71 -1.14
N ARG K 228 -36.07 -10.44 -0.13
CA ARG K 228 -37.46 -10.03 -0.31
C ARG K 228 -37.64 -8.64 0.26
N TYR K 229 -37.91 -7.67 -0.60
CA TYR K 229 -38.13 -6.29 -0.20
C TYR K 229 -39.62 -6.00 -0.13
N MET K 230 -40.03 -5.31 0.94
CA MET K 230 -41.44 -5.07 1.22
C MET K 230 -41.67 -3.62 1.58
N SER K 231 -42.83 -3.10 1.17
CA SER K 231 -43.30 -1.80 1.61
C SER K 231 -43.90 -1.95 3.01
N PRO K 232 -44.13 -0.83 3.72
CA PRO K 232 -44.76 -0.94 5.05
C PRO K 232 -46.10 -1.66 5.02
N MET K 233 -46.89 -1.45 3.96
CA MET K 233 -48.15 -2.18 3.84
C MET K 233 -47.91 -3.65 3.55
N GLU K 234 -46.94 -3.96 2.68
CA GLU K 234 -46.63 -5.36 2.38
C GLU K 234 -46.11 -6.08 3.61
N ALA K 235 -45.34 -5.40 4.44
CA ALA K 235 -44.87 -6.01 5.68
C ALA K 235 -45.97 -6.08 6.73
N GLN K 236 -46.96 -5.19 6.65
CA GLN K 236 -48.10 -5.28 7.55
C GLN K 236 -48.96 -6.50 7.23
N GLU K 237 -49.22 -6.74 5.95
CA GLU K 237 -49.97 -7.93 5.56
C GLU K 237 -49.18 -9.20 5.85
N PHE K 238 -47.86 -9.16 5.62
CA PHE K 238 -47.03 -10.32 5.91
C PHE K 238 -46.94 -10.61 7.41
N GLY K 239 -47.18 -9.62 8.26
CA GLY K 239 -47.12 -9.80 9.70
C GLY K 239 -45.88 -9.23 10.38
N ILE K 240 -45.08 -8.43 9.69
CA ILE K 240 -43.88 -7.87 10.29
C ILE K 240 -44.22 -6.70 11.20
N LEU K 241 -45.12 -5.82 10.76
CA LEU K 241 -45.53 -4.65 11.53
C LEU K 241 -47.05 -4.64 11.63
N ASP K 242 -47.57 -3.64 12.35
CA ASP K 242 -49.00 -3.55 12.65
C ASP K 242 -49.67 -2.32 12.07
N LYS K 243 -49.01 -1.16 12.09
CA LYS K 243 -49.64 0.10 11.68
C LYS K 243 -48.69 0.87 10.75
N VAL K 244 -49.26 1.45 9.70
CA VAL K 244 -48.53 2.30 8.76
C VAL K 244 -49.16 3.68 8.85
N LEU K 245 -48.57 4.58 9.63
CA LEU K 245 -49.15 5.88 9.90
C LEU K 245 -48.55 6.93 8.98
N VAL K 246 -49.40 7.84 8.51
CA VAL K 246 -48.95 8.97 7.71
C VAL K 246 -49.17 10.30 8.41
N HIS K 247 -50.00 10.35 9.44
CA HIS K 247 -50.34 11.59 10.15
C HIS K 247 -50.98 12.60 9.20
N ILE L 59 -15.59 22.83 17.24
CA ILE L 59 -16.82 23.58 17.47
C ILE L 59 -16.60 24.67 18.51
N PRO L 60 -16.97 25.90 18.18
CA PRO L 60 -16.83 26.99 19.14
C PRO L 60 -17.83 26.86 20.28
N ILE L 61 -17.45 27.43 21.43
CA ILE L 61 -18.26 27.30 22.65
C ILE L 61 -19.01 28.60 22.95
N TYR L 73 -22.04 25.56 25.44
CA TYR L 73 -22.08 24.35 24.61
C TYR L 73 -21.70 24.66 23.17
N ASP L 74 -21.87 23.68 22.29
CA ASP L 74 -21.54 23.87 20.88
C ASP L 74 -22.51 24.85 20.23
N ILE L 75 -22.03 25.51 19.17
CA ILE L 75 -22.82 26.54 18.52
C ILE L 75 -24.08 25.95 17.89
N TYR L 76 -24.05 24.67 17.51
CA TYR L 76 -25.23 24.05 16.95
C TYR L 76 -26.28 23.77 18.01
N SER L 77 -25.86 23.54 19.25
CA SER L 77 -26.83 23.40 20.35
C SER L 77 -27.53 24.72 20.61
N ARG L 78 -26.81 25.83 20.52
CA ARG L 78 -27.43 27.14 20.68
C ARG L 78 -28.47 27.39 19.59
N LEU L 79 -28.18 26.94 18.37
CA LEU L 79 -29.18 27.05 17.30
C LEU L 79 -30.35 26.11 17.55
N LEU L 80 -30.10 24.95 18.18
CA LEU L 80 -31.18 24.03 18.49
C LEU L 80 -32.13 24.62 19.53
N ARG L 81 -31.60 25.41 20.47
CA ARG L 81 -32.46 26.14 21.39
C ARG L 81 -33.35 27.12 20.64
N GLU L 82 -32.82 27.76 19.61
CA GLU L 82 -33.57 28.62 18.71
C GLU L 82 -34.44 27.84 17.72
N ARG L 83 -34.60 26.54 17.93
CA ARG L 83 -35.38 25.66 17.06
C ARG L 83 -34.84 25.69 15.63
N ILE L 84 -33.53 25.45 15.50
CA ILE L 84 -32.86 25.41 14.21
C ILE L 84 -32.11 24.08 14.10
N VAL L 85 -32.44 23.30 13.07
CA VAL L 85 -31.81 22.02 12.81
C VAL L 85 -30.93 22.16 11.57
N CYS L 86 -29.67 21.77 11.68
CA CYS L 86 -28.73 21.87 10.57
C CYS L 86 -28.64 20.52 9.87
N VAL L 87 -28.88 20.53 8.56
CA VAL L 87 -28.72 19.34 7.72
C VAL L 87 -27.70 19.67 6.63
N MET L 88 -26.41 19.61 6.97
CA MET L 88 -25.33 19.96 6.06
C MET L 88 -24.39 18.79 5.89
N GLY L 89 -23.90 18.61 4.65
CA GLY L 89 -23.02 17.51 4.32
C GLY L 89 -23.78 16.33 3.76
N PRO L 90 -23.06 15.24 3.45
CA PRO L 90 -23.72 14.04 2.93
C PRO L 90 -24.69 13.45 3.95
N ILE L 91 -25.76 12.84 3.43
CA ILE L 91 -26.84 12.32 4.25
C ILE L 91 -26.70 10.80 4.33
N ASP L 92 -26.27 10.31 5.48
CA ASP L 92 -26.22 8.88 5.76
C ASP L 92 -27.08 8.57 6.98
N ASP L 93 -26.97 7.35 7.50
CA ASP L 93 -27.76 6.99 8.67
C ASP L 93 -27.35 7.79 9.88
N SER L 94 -26.10 8.25 9.95
CA SER L 94 -25.66 9.06 11.08
C SER L 94 -26.31 10.44 11.07
N VAL L 95 -26.31 11.10 9.91
CA VAL L 95 -26.95 12.41 9.79
C VAL L 95 -28.45 12.28 9.98
N ALA L 96 -29.04 11.22 9.45
CA ALA L 96 -30.48 11.02 9.60
C ALA L 96 -30.87 10.85 11.05
N SER L 97 -30.08 10.09 11.82
CA SER L 97 -30.38 9.90 13.23
C SER L 97 -30.30 11.21 13.99
N LEU L 98 -29.26 12.02 13.71
CA LEU L 98 -29.12 13.29 14.42
C LEU L 98 -30.25 14.24 14.07
N VAL L 99 -30.65 14.30 12.80
CA VAL L 99 -31.71 15.22 12.40
C VAL L 99 -33.05 14.77 12.99
N ILE L 100 -33.34 13.47 12.92
CA ILE L 100 -34.61 12.98 13.46
C ILE L 100 -34.66 13.17 14.98
N ALA L 101 -33.53 12.94 15.66
CA ALA L 101 -33.50 13.12 17.11
C ALA L 101 -33.77 14.58 17.48
N GLN L 102 -33.20 15.51 16.71
CA GLN L 102 -33.45 16.92 16.98
C GLN L 102 -34.89 17.30 16.67
N LEU L 103 -35.45 16.76 15.59
CA LEU L 103 -36.84 17.06 15.25
C LEU L 103 -37.79 16.55 16.34
N LEU L 104 -37.53 15.36 16.86
CA LEU L 104 -38.38 14.79 17.90
C LEU L 104 -38.20 15.53 19.23
N PHE L 105 -36.99 15.98 19.51
CA PHE L 105 -36.77 16.81 20.70
C PHE L 105 -37.46 18.16 20.57
N LEU L 106 -37.46 18.74 19.36
CA LEU L 106 -38.10 20.04 19.17
C LEU L 106 -39.62 19.93 19.20
N GLN L 107 -40.18 18.77 18.82
CA GLN L 107 -41.61 18.59 18.88
C GLN L 107 -42.08 18.36 20.32
N SER L 108 -41.31 17.63 21.12
CA SER L 108 -41.68 17.43 22.52
C SER L 108 -41.67 18.74 23.28
N GLU L 109 -40.76 19.66 22.94
CA GLU L 109 -40.75 20.96 23.58
C GLU L 109 -41.98 21.77 23.20
N SER L 110 -42.38 21.70 21.93
CA SER L 110 -43.55 22.42 21.44
C SER L 110 -43.96 21.90 20.07
N ASN L 111 -45.15 21.31 19.98
CA ASN L 111 -45.67 20.82 18.70
C ASN L 111 -46.42 21.89 17.92
N LYS L 112 -46.25 23.17 18.29
CA LYS L 112 -46.85 24.29 17.58
C LYS L 112 -45.81 25.28 17.06
N LYS L 113 -44.73 25.50 17.79
CA LYS L 113 -43.69 26.39 17.33
C LYS L 113 -43.03 25.82 16.09
N PRO L 114 -42.70 26.66 15.10
CA PRO L 114 -42.09 26.15 13.87
C PRO L 114 -40.67 25.66 14.12
N ILE L 115 -40.19 24.86 13.17
CA ILE L 115 -38.84 24.31 13.19
C ILE L 115 -38.12 24.76 11.94
N HIS L 116 -36.96 25.38 12.11
CA HIS L 116 -36.15 25.85 11.00
C HIS L 116 -35.09 24.80 10.66
N MET L 117 -35.06 24.41 9.39
CA MET L 117 -34.17 23.35 8.91
C MET L 117 -33.27 23.94 7.83
N TYR L 118 -31.99 24.11 8.16
CA TYR L 118 -31.00 24.63 7.22
C TYR L 118 -30.35 23.48 6.47
N ILE L 119 -30.32 23.58 5.15
CA ILE L 119 -29.88 22.49 4.27
C ILE L 119 -28.72 22.98 3.41
N ASN L 120 -27.58 22.29 3.52
CA ASN L 120 -26.42 22.49 2.66
C ASN L 120 -25.86 21.10 2.36
N SER L 121 -26.62 20.31 1.62
CA SER L 121 -26.29 18.92 1.40
C SER L 121 -26.19 18.61 -0.09
N PRO L 122 -25.20 17.83 -0.49
CA PRO L 122 -25.12 17.35 -1.88
C PRO L 122 -25.91 16.09 -2.16
N GLY L 123 -26.50 15.46 -1.13
CA GLY L 123 -27.28 14.25 -1.26
C GLY L 123 -26.84 13.20 -0.25
N GLY L 124 -27.15 11.96 -0.55
CA GLY L 124 -26.75 10.86 0.32
C GLY L 124 -27.56 9.61 0.05
N VAL L 125 -27.66 8.75 1.07
CA VAL L 125 -28.39 7.50 0.94
C VAL L 125 -29.87 7.77 0.81
N VAL L 126 -30.56 6.97 0.00
CA VAL L 126 -31.98 7.17 -0.22
C VAL L 126 -32.77 6.86 1.05
N THR L 127 -32.46 5.74 1.71
CA THR L 127 -33.22 5.34 2.89
C THR L 127 -33.07 6.35 4.02
N ALA L 128 -31.88 6.95 4.17
CA ALA L 128 -31.67 7.93 5.23
C ALA L 128 -32.41 9.23 4.93
N GLY L 129 -32.45 9.64 3.67
CA GLY L 129 -33.19 10.85 3.32
C GLY L 129 -34.69 10.68 3.43
N LEU L 130 -35.20 9.48 3.13
CA LEU L 130 -36.62 9.22 3.31
C LEU L 130 -36.99 9.17 4.79
N ALA L 131 -36.07 8.71 5.64
CA ALA L 131 -36.31 8.74 7.08
C ALA L 131 -36.49 10.17 7.57
N ILE L 132 -35.62 11.08 7.10
CA ILE L 132 -35.75 12.49 7.45
C ILE L 132 -37.03 13.06 6.85
N TYR L 133 -37.39 12.61 5.64
CA TYR L 133 -38.60 13.10 5.00
C TYR L 133 -39.85 12.70 5.77
N ASP L 134 -39.95 11.42 6.14
CA ASP L 134 -41.13 10.94 6.86
C ASP L 134 -41.21 11.53 8.26
N THR L 135 -40.08 11.81 8.90
CA THR L 135 -40.10 12.47 10.20
C THR L 135 -40.57 13.92 10.07
N MET L 136 -40.22 14.58 8.96
CA MET L 136 -40.72 15.92 8.71
C MET L 136 -42.23 15.93 8.54
N GLN L 137 -42.75 14.98 7.75
CA GLN L 137 -44.19 14.89 7.52
C GLN L 137 -44.95 14.41 8.75
N TYR L 138 -44.29 13.68 9.65
CA TYR L 138 -44.98 13.14 10.82
C TYR L 138 -45.20 14.21 11.89
N ILE L 139 -44.15 14.96 12.23
CA ILE L 139 -44.26 15.92 13.31
C ILE L 139 -45.27 17.00 12.94
N LEU L 140 -45.99 17.48 13.96
CA LEU L 140 -47.02 18.49 13.78
C LEU L 140 -46.45 19.87 13.52
N ASN L 141 -45.18 20.10 13.86
CA ASN L 141 -44.62 21.44 13.76
C ASN L 141 -44.50 21.86 12.30
N PRO L 142 -44.84 23.09 11.98
CA PRO L 142 -44.47 23.64 10.66
C PRO L 142 -42.95 23.68 10.55
N ILE L 143 -42.46 23.42 9.35
CA ILE L 143 -41.03 23.31 9.11
C ILE L 143 -40.64 24.30 8.04
N CYS L 144 -39.69 25.18 8.36
CA CYS L 144 -39.18 26.18 7.43
C CYS L 144 -37.82 25.70 6.93
N THR L 145 -37.78 25.23 5.69
CA THR L 145 -36.54 24.78 5.07
C THR L 145 -35.82 25.94 4.39
N TRP L 146 -34.51 26.01 4.58
CA TRP L 146 -33.68 27.08 4.04
C TRP L 146 -32.54 26.46 3.25
N CYS L 147 -32.56 26.64 1.93
CA CYS L 147 -31.49 26.14 1.08
C CYS L 147 -30.31 27.10 1.12
N VAL L 148 -29.22 26.67 1.73
CA VAL L 148 -28.02 27.48 1.87
C VAL L 148 -26.88 26.77 1.15
N GLY L 149 -26.22 27.49 0.25
CA GLY L 149 -25.16 26.89 -0.55
C GLY L 149 -25.67 25.99 -1.65
N GLN L 150 -26.17 24.81 -1.30
CA GLN L 150 -26.67 23.87 -2.29
C GLN L 150 -27.57 22.85 -1.62
N ALA L 151 -28.57 22.39 -2.38
CA ALA L 151 -29.47 21.31 -1.97
C ALA L 151 -29.60 20.40 -3.18
N ALA L 152 -28.79 19.35 -3.20
CA ALA L 152 -28.70 18.44 -4.32
C ALA L 152 -29.13 17.04 -3.91
N SER L 153 -29.69 16.30 -4.86
CA SER L 153 -30.10 14.90 -4.68
C SER L 153 -31.11 14.84 -3.54
N MET L 154 -30.83 14.10 -2.47
CA MET L 154 -31.75 14.04 -1.34
C MET L 154 -31.89 15.38 -0.66
N GLY L 155 -30.85 16.22 -0.67
CA GLY L 155 -30.95 17.54 -0.08
C GLY L 155 -32.04 18.39 -0.70
N SER L 156 -32.23 18.27 -2.01
CA SER L 156 -33.32 19.02 -2.66
C SER L 156 -34.68 18.48 -2.26
N LEU L 157 -34.76 17.18 -1.95
CA LEU L 157 -36.03 16.61 -1.52
C LEU L 157 -36.44 17.16 -0.15
N LEU L 158 -35.48 17.24 0.78
CA LEU L 158 -35.77 17.83 2.09
C LEU L 158 -36.13 19.31 1.98
N LEU L 159 -35.58 20.00 0.96
CA LEU L 159 -35.97 21.39 0.73
C LEU L 159 -37.43 21.49 0.30
N ALA L 160 -37.85 20.62 -0.61
CA ALA L 160 -39.24 20.63 -1.06
C ALA L 160 -40.17 20.03 -0.02
N ALA L 161 -39.64 19.28 0.95
CA ALA L 161 -40.46 18.66 1.97
C ALA L 161 -40.93 19.62 3.06
N GLY L 162 -40.48 20.87 3.01
CA GLY L 162 -40.89 21.84 4.01
C GLY L 162 -42.38 22.13 3.95
N THR L 163 -42.85 22.79 4.99
CA THR L 163 -44.24 23.21 5.05
C THR L 163 -44.53 24.16 3.89
N PRO L 164 -45.62 23.94 3.14
CA PRO L 164 -45.90 24.79 1.98
C PRO L 164 -45.93 26.27 2.34
N GLY L 165 -45.19 27.07 1.56
CA GLY L 165 -45.04 28.47 1.84
C GLY L 165 -43.92 28.82 2.78
N MET L 166 -43.17 27.84 3.26
CA MET L 166 -42.08 28.07 4.19
C MET L 166 -40.76 27.49 3.67
N ARG L 167 -40.67 27.25 2.37
CA ARG L 167 -39.46 26.71 1.75
C ARG L 167 -38.71 27.85 1.08
N HIS L 168 -37.60 28.25 1.70
CA HIS L 168 -36.84 29.41 1.25
C HIS L 168 -35.48 28.96 0.70
N SER L 169 -34.77 29.92 0.11
CA SER L 169 -33.43 29.66 -0.42
C SER L 169 -32.69 30.98 -0.57
N LEU L 170 -31.38 30.93 -0.32
CA LEU L 170 -30.54 32.10 -0.51
C LEU L 170 -30.31 32.34 -2.01
N PRO L 171 -29.98 33.58 -2.40
CA PRO L 171 -29.95 33.90 -3.84
C PRO L 171 -28.96 33.08 -4.64
N ASN L 172 -27.78 32.81 -4.10
CA ASN L 172 -26.72 32.15 -4.85
C ASN L 172 -26.66 30.65 -4.62
N SER L 173 -27.71 30.06 -4.05
CA SER L 173 -27.73 28.62 -3.87
C SER L 173 -27.98 27.93 -5.21
N ARG L 174 -27.80 26.62 -5.22
CA ARG L 174 -28.15 25.83 -6.39
C ARG L 174 -28.88 24.57 -5.94
N ILE L 175 -29.80 24.11 -6.77
CA ILE L 175 -30.63 22.94 -6.49
C ILE L 175 -30.46 21.95 -7.62
N MET L 176 -30.23 20.69 -7.28
CA MET L 176 -30.03 19.63 -8.27
C MET L 176 -30.97 18.47 -7.99
N ILE L 177 -31.54 17.92 -9.05
CA ILE L 177 -32.47 16.79 -8.98
C ILE L 177 -32.04 15.75 -10.02
N HIS L 178 -32.02 14.49 -9.62
CA HIS L 178 -31.65 13.41 -10.53
C HIS L 178 -32.24 12.12 -9.99
N GLN L 179 -32.24 11.10 -10.84
CA GLN L 179 -32.80 9.81 -10.47
C GLN L 179 -31.84 9.06 -9.55
N PRO L 180 -32.34 8.11 -8.77
CA PRO L 180 -31.47 7.38 -7.84
C PRO L 180 -30.43 6.55 -8.58
N SER L 181 -29.27 6.41 -7.93
CA SER L 181 -28.18 5.62 -8.47
C SER L 181 -27.74 4.60 -7.43
N GLY L 182 -27.15 3.50 -7.91
CA GLY L 182 -26.71 2.45 -7.01
C GLY L 182 -26.04 1.33 -7.77
N GLY L 183 -25.92 0.18 -7.11
CA GLY L 183 -25.27 -0.96 -7.71
C GLY L 183 -25.86 -2.26 -7.20
N ALA L 184 -25.54 -3.33 -7.93
CA ALA L 184 -26.03 -4.67 -7.59
C ALA L 184 -24.98 -5.70 -7.98
N ARG L 185 -24.96 -6.80 -7.22
CA ARG L 185 -24.01 -7.87 -7.46
C ARG L 185 -24.60 -9.18 -6.97
N GLY L 186 -24.27 -10.28 -7.65
CA GLY L 186 -24.69 -11.62 -7.31
C GLY L 186 -25.23 -12.34 -8.52
N GLN L 187 -26.03 -13.37 -8.27
CA GLN L 187 -26.62 -14.14 -9.35
C GLN L 187 -27.67 -13.30 -10.08
N ALA L 188 -28.06 -13.78 -11.26
CA ALA L 188 -29.00 -13.02 -12.09
C ALA L 188 -30.35 -12.84 -11.40
N THR L 189 -30.79 -13.85 -10.64
CA THR L 189 -32.03 -13.70 -9.87
C THR L 189 -31.89 -12.58 -8.84
N ASP L 190 -30.74 -12.52 -8.16
CA ASP L 190 -30.51 -11.44 -7.21
C ASP L 190 -30.46 -10.09 -7.90
N ILE L 191 -29.73 -10.02 -9.02
CA ILE L 191 -29.63 -8.76 -9.77
C ILE L 191 -31.01 -8.23 -10.12
N GLU L 192 -31.91 -9.11 -10.54
CA GLU L 192 -33.25 -8.66 -10.92
C GLU L 192 -34.00 -8.11 -9.71
N ILE L 193 -33.77 -8.68 -8.53
CA ILE L 193 -34.43 -8.20 -7.32
C ILE L 193 -33.97 -6.78 -6.98
N GLN L 194 -32.66 -6.55 -7.04
CA GLN L 194 -32.13 -5.22 -6.74
C GLN L 194 -32.58 -4.19 -7.76
N ALA L 195 -32.62 -4.57 -9.04
CA ALA L 195 -33.03 -3.65 -10.09
C ALA L 195 -34.48 -3.23 -9.93
N ARG L 196 -35.35 -4.18 -9.59
CA ARG L 196 -36.74 -3.84 -9.35
C ARG L 196 -36.88 -2.92 -8.14
N GLU L 197 -36.09 -3.17 -7.09
CA GLU L 197 -36.11 -2.31 -5.92
C GLU L 197 -35.63 -0.90 -6.25
N ILE L 198 -34.54 -0.79 -7.02
CA ILE L 198 -34.03 0.52 -7.40
C ILE L 198 -35.04 1.25 -8.29
N MET L 199 -35.86 0.50 -9.03
CA MET L 199 -36.91 1.15 -9.81
C MET L 199 -38.06 1.57 -8.92
N LYS L 200 -38.37 0.78 -7.90
CA LYS L 200 -39.37 1.18 -6.91
C LYS L 200 -39.01 2.51 -6.27
N LEU L 201 -37.73 2.68 -5.90
CA LEU L 201 -37.29 3.95 -5.34
C LEU L 201 -37.38 5.07 -6.36
N LYS L 202 -37.17 4.77 -7.64
CA LYS L 202 -37.26 5.80 -8.67
C LYS L 202 -38.70 6.32 -8.80
N LYS L 203 -39.68 5.41 -8.86
CA LYS L 203 -41.08 5.85 -8.91
C LYS L 203 -41.50 6.47 -7.61
N GLN L 204 -41.01 5.95 -6.47
CA GLN L 204 -41.38 6.49 -5.17
C GLN L 204 -40.89 7.92 -5.02
N LEU L 205 -39.61 8.16 -5.34
CA LEU L 205 -39.08 9.51 -5.27
C LEU L 205 -39.74 10.43 -6.29
N TYR L 206 -40.11 9.91 -7.46
CA TYR L 206 -40.81 10.74 -8.44
C TYR L 206 -42.16 11.19 -7.89
N ASN L 207 -42.85 10.31 -7.16
CA ASN L 207 -44.15 10.68 -6.59
C ASN L 207 -43.99 11.71 -5.47
N ILE L 208 -42.95 11.54 -4.64
CA ILE L 208 -42.69 12.50 -3.57
C ILE L 208 -42.38 13.88 -4.14
N TYR L 209 -41.54 13.93 -5.19
CA TYR L 209 -41.23 15.22 -5.80
C TYR L 209 -42.48 15.84 -6.43
N ALA L 210 -43.29 15.03 -7.10
CA ALA L 210 -44.49 15.56 -7.74
C ALA L 210 -45.51 16.05 -6.70
N LYS L 211 -45.48 15.49 -5.50
CA LYS L 211 -46.44 15.88 -4.47
C LYS L 211 -46.17 17.30 -4.00
N HIS L 212 -44.92 17.63 -3.68
CA HIS L 212 -44.60 18.93 -3.11
C HIS L 212 -44.35 20.00 -4.15
N THR L 213 -43.93 19.63 -5.36
CA THR L 213 -43.71 20.59 -6.42
C THR L 213 -44.97 20.90 -7.22
N LYS L 214 -46.06 20.16 -6.99
CA LYS L 214 -47.32 20.36 -7.71
C LYS L 214 -47.14 20.13 -9.21
N GLN L 215 -46.17 19.31 -9.58
CA GLN L 215 -45.87 19.00 -10.97
C GLN L 215 -46.41 17.63 -11.35
N SER L 216 -46.60 17.42 -12.64
CA SER L 216 -47.06 16.13 -13.13
C SER L 216 -45.92 15.12 -13.09
N LEU L 217 -46.30 13.83 -13.03
CA LEU L 217 -45.31 12.77 -12.97
C LEU L 217 -44.48 12.72 -14.25
N GLN L 218 -45.06 13.13 -15.37
CA GLN L 218 -44.29 13.20 -16.61
C GLN L 218 -43.16 14.21 -16.52
N VAL L 219 -43.44 15.40 -15.97
CA VAL L 219 -42.42 16.43 -15.84
C VAL L 219 -41.31 15.95 -14.91
N ILE L 220 -41.67 15.21 -13.86
CA ILE L 220 -40.68 14.70 -12.93
C ILE L 220 -39.79 13.67 -13.63
N GLU L 221 -40.38 12.80 -14.45
CA GLU L 221 -39.58 11.80 -15.15
C GLU L 221 -38.63 12.45 -16.14
N SER L 222 -39.11 13.44 -16.89
CA SER L 222 -38.27 14.08 -17.90
C SER L 222 -37.19 14.95 -17.28
N ALA L 223 -37.46 15.52 -16.10
CA ALA L 223 -36.48 16.42 -15.49
C ALA L 223 -35.41 15.65 -14.73
N MET L 224 -35.80 14.61 -14.01
CA MET L 224 -34.88 13.87 -13.15
C MET L 224 -34.23 12.67 -13.83
N GLU L 225 -34.40 12.52 -15.15
CA GLU L 225 -33.74 11.42 -15.85
C GLU L 225 -32.23 11.61 -15.86
N ARG L 226 -31.78 12.83 -16.18
CA ARG L 226 -30.38 13.21 -16.05
C ARG L 226 -30.24 14.27 -14.96
N ASP L 227 -28.99 14.55 -14.59
CA ASP L 227 -28.74 15.57 -13.58
C ASP L 227 -29.27 16.93 -14.06
N ARG L 228 -30.17 17.51 -13.28
CA ARG L 228 -30.79 18.79 -13.62
C ARG L 228 -30.42 19.80 -12.56
N TYR L 229 -29.67 20.82 -12.95
CA TYR L 229 -29.27 21.89 -12.04
C TYR L 229 -30.17 23.10 -12.23
N MET L 230 -30.58 23.70 -11.10
CA MET L 230 -31.51 24.82 -11.10
C MET L 230 -31.01 25.92 -10.20
N SER L 231 -31.30 27.16 -10.61
CA SER L 231 -31.10 28.32 -9.75
C SER L 231 -32.25 28.41 -8.76
N PRO L 232 -32.12 29.21 -7.71
CA PRO L 232 -33.25 29.33 -6.76
C PRO L 232 -34.54 29.79 -7.43
N MET L 233 -34.44 30.70 -8.40
CA MET L 233 -35.64 31.12 -9.12
C MET L 233 -36.21 29.99 -9.96
N GLU L 234 -35.35 29.17 -10.57
CA GLU L 234 -35.83 28.04 -11.35
C GLU L 234 -36.50 27.01 -10.45
N ALA L 235 -35.98 26.82 -9.24
CA ALA L 235 -36.59 25.86 -8.31
C ALA L 235 -37.89 26.40 -7.74
N GLN L 236 -38.04 27.72 -7.67
CA GLN L 236 -39.32 28.30 -7.28
C GLN L 236 -40.36 28.14 -8.37
N GLU L 237 -39.95 28.27 -9.64
CA GLU L 237 -40.84 28.01 -10.75
C GLU L 237 -41.23 26.54 -10.81
N PHE L 238 -40.26 25.64 -10.57
CA PHE L 238 -40.54 24.21 -10.61
C PHE L 238 -41.35 23.75 -9.41
N GLY L 239 -41.36 24.51 -8.32
CA GLY L 239 -42.10 24.16 -7.13
C GLY L 239 -41.29 23.57 -6.01
N ILE L 240 -39.97 23.55 -6.12
CA ILE L 240 -39.13 22.98 -5.07
C ILE L 240 -39.13 23.88 -3.85
N LEU L 241 -39.00 25.18 -4.05
CA LEU L 241 -39.03 26.15 -2.96
C LEU L 241 -40.08 27.20 -3.26
N ASP L 242 -40.31 28.07 -2.27
CA ASP L 242 -41.38 29.07 -2.32
C ASP L 242 -40.86 30.50 -2.42
N LYS L 243 -39.77 30.83 -1.73
CA LYS L 243 -39.28 32.21 -1.66
C LYS L 243 -37.78 32.25 -1.89
N VAL L 244 -37.34 33.15 -2.78
CA VAL L 244 -35.93 33.45 -3.00
C VAL L 244 -35.68 34.83 -2.39
N LEU L 245 -35.08 34.86 -1.21
CA LEU L 245 -34.90 36.09 -0.46
C LEU L 245 -33.43 36.52 -0.49
N VAL L 246 -33.19 37.79 -0.77
CA VAL L 246 -31.85 38.35 -0.73
C VAL L 246 -31.56 38.77 0.70
N HIS L 247 -32.00 39.96 1.06
CA HIS L 247 -31.98 40.41 2.43
C HIS L 247 -33.30 40.05 3.11
N PRO L 248 -33.31 39.92 4.43
CA PRO L 248 -34.54 39.52 5.13
C PRO L 248 -35.65 40.53 4.89
N PRO L 249 -36.85 40.07 4.48
CA PRO L 249 -38.00 40.91 4.15
C PRO L 249 -38.40 41.85 5.27
N LEU M 58 -2.96 22.54 20.99
CA LEU M 58 -4.41 22.41 21.11
C LEU M 58 -5.06 23.78 21.24
N ILE M 59 -6.38 23.81 21.16
CA ILE M 59 -7.16 25.03 21.38
C ILE M 59 -6.89 25.55 22.79
N PRO M 60 -6.30 26.73 22.94
CA PRO M 60 -6.03 27.26 24.29
C PRO M 60 -7.32 27.63 25.01
N ILE M 61 -7.22 27.64 26.34
CA ILE M 61 -8.34 27.93 27.22
C ILE M 61 -8.09 29.27 27.88
N VAL M 62 -9.16 30.03 28.11
CA VAL M 62 -9.06 31.33 28.78
C VAL M 62 -10.06 31.39 29.93
N ARG M 71 -17.04 29.22 32.87
CA ARG M 71 -16.21 30.37 33.20
C ARG M 71 -14.90 30.39 32.39
N ALA M 72 -14.81 29.51 31.41
CA ALA M 72 -13.65 29.43 30.53
C ALA M 72 -14.07 28.76 29.23
N TYR M 73 -13.36 29.10 28.15
CA TYR M 73 -13.65 28.57 26.82
C TYR M 73 -12.41 28.73 25.95
N ASP M 74 -12.50 28.18 24.74
CA ASP M 74 -11.39 28.25 23.81
C ASP M 74 -11.11 29.69 23.39
N ILE M 75 -9.91 29.91 22.85
CA ILE M 75 -9.52 31.25 22.46
C ILE M 75 -10.41 31.78 21.35
N TYR M 76 -10.96 30.89 20.52
CA TYR M 76 -11.82 31.34 19.43
C TYR M 76 -13.20 31.70 19.94
N SER M 77 -13.66 31.08 21.03
CA SER M 77 -14.92 31.50 21.62
C SER M 77 -14.79 32.87 22.28
N ARG M 78 -13.62 33.14 22.89
CA ARG M 78 -13.39 34.46 23.47
C ARG M 78 -13.44 35.55 22.40
N LEU M 79 -12.84 35.29 21.24
CA LEU M 79 -12.90 36.26 20.15
C LEU M 79 -14.30 36.39 19.58
N LEU M 80 -15.08 35.30 19.58
CA LEU M 80 -16.48 35.40 19.17
C LEU M 80 -17.27 36.29 20.13
N ARG M 81 -16.87 36.30 21.41
CA ARG M 81 -17.48 37.24 22.36
C ARG M 81 -17.16 38.67 22.00
N GLU M 82 -16.01 38.92 21.38
CA GLU M 82 -15.67 40.23 20.84
C GLU M 82 -16.21 40.45 19.44
N ARG M 83 -17.12 39.57 18.99
CA ARG M 83 -17.72 39.64 17.66
C ARG M 83 -16.68 39.50 16.55
N ILE M 84 -15.89 38.43 16.63
CA ILE M 84 -14.83 38.14 15.67
C ILE M 84 -15.03 36.71 15.18
N VAL M 85 -15.16 36.54 13.87
CA VAL M 85 -15.29 35.23 13.24
C VAL M 85 -14.06 34.98 12.37
N CYS M 86 -13.40 33.86 12.58
CA CYS M 86 -12.19 33.50 11.85
C CYS M 86 -12.54 32.55 10.71
N VAL M 87 -12.17 32.93 9.49
CA VAL M 87 -12.34 32.09 8.32
C VAL M 87 -10.95 31.78 7.75
N MET M 88 -10.23 30.88 8.41
CA MET M 88 -8.88 30.53 8.00
C MET M 88 -8.83 29.05 7.65
N GLY M 89 -7.98 28.73 6.67
CA GLY M 89 -7.87 27.39 6.17
C GLY M 89 -8.78 27.15 4.99
N PRO M 90 -8.75 25.94 4.45
CA PRO M 90 -9.62 25.62 3.31
C PRO M 90 -11.09 25.73 3.68
N ILE M 91 -11.91 26.08 2.68
CA ILE M 91 -13.33 26.35 2.88
C ILE M 91 -14.11 25.16 2.33
N ASP M 92 -14.71 24.38 3.22
CA ASP M 92 -15.63 23.32 2.81
C ASP M 92 -16.97 23.47 3.51
N ASP M 93 -17.83 22.46 3.43
CA ASP M 93 -19.13 22.55 4.09
C ASP M 93 -18.96 22.61 5.60
N SER M 94 -17.92 21.98 6.14
CA SER M 94 -17.70 21.99 7.58
C SER M 94 -17.37 23.40 8.07
N VAL M 95 -16.40 24.05 7.43
CA VAL M 95 -16.05 25.43 7.82
C VAL M 95 -17.21 26.37 7.53
N ALA M 96 -17.94 26.13 6.44
CA ALA M 96 -19.08 26.98 6.12
C ALA M 96 -20.15 26.91 7.20
N SER M 97 -20.42 25.70 7.70
CA SER M 97 -21.44 25.55 8.75
C SER M 97 -21.05 26.32 10.01
N LEU M 98 -19.77 26.22 10.41
CA LEU M 98 -19.33 26.89 11.63
C LEU M 98 -19.35 28.41 11.46
N VAL M 99 -18.93 28.91 10.31
CA VAL M 99 -18.90 30.35 10.10
C VAL M 99 -20.32 30.91 10.07
N ILE M 100 -21.22 30.25 9.34
CA ILE M 100 -22.61 30.71 9.26
C ILE M 100 -23.27 30.65 10.63
N ALA M 101 -22.96 29.61 11.42
CA ALA M 101 -23.53 29.51 12.76
C ALA M 101 -23.08 30.66 13.65
N GLN M 102 -21.81 31.04 13.54
CA GLN M 102 -21.29 32.15 14.35
C GLN M 102 -21.89 33.48 13.90
N LEU M 103 -22.10 33.65 12.59
CA LEU M 103 -22.71 34.88 12.10
C LEU M 103 -24.15 35.01 12.58
N LEU M 104 -24.91 33.91 12.52
CA LEU M 104 -26.30 33.94 12.98
C LEU M 104 -26.38 34.15 14.48
N PHE M 105 -25.46 33.55 15.24
CA PHE M 105 -25.41 33.80 16.67
C PHE M 105 -25.06 35.25 16.97
N LEU M 106 -24.10 35.81 16.24
CA LEU M 106 -23.75 37.21 16.47
C LEU M 106 -24.88 38.14 16.10
N GLN M 107 -25.67 37.79 15.09
CA GLN M 107 -26.81 38.63 14.71
C GLN M 107 -27.90 38.56 15.78
N SER M 108 -28.12 37.38 16.36
CA SER M 108 -29.13 37.27 17.42
C SER M 108 -28.71 38.05 18.66
N GLU M 109 -27.39 38.15 18.92
CA GLU M 109 -26.94 38.96 20.04
C GLU M 109 -27.17 40.44 19.77
N SER M 110 -26.86 40.90 18.57
CA SER M 110 -27.06 42.30 18.21
C SER M 110 -26.96 42.41 16.69
N ASN M 111 -28.06 42.76 16.06
CA ASN M 111 -28.10 42.97 14.62
C ASN M 111 -27.64 44.37 14.21
N LYS M 112 -26.99 45.10 15.12
CA LYS M 112 -26.46 46.42 14.82
C LYS M 112 -24.95 46.50 15.01
N LYS M 113 -24.41 45.83 16.03
CA LYS M 113 -22.98 45.87 16.26
C LYS M 113 -22.24 45.21 15.10
N PRO M 114 -21.10 45.75 14.69
CA PRO M 114 -20.37 45.16 13.56
C PRO M 114 -19.75 43.83 13.92
N ILE M 115 -19.54 43.03 12.87
CA ILE M 115 -18.94 41.70 12.98
C ILE M 115 -17.62 41.73 12.22
N HIS M 116 -16.54 41.34 12.90
CA HIS M 116 -15.21 41.29 12.31
C HIS M 116 -14.93 39.87 11.81
N MET M 117 -14.52 39.77 10.55
CA MET M 117 -14.30 38.49 9.89
C MET M 117 -12.86 38.44 9.37
N TYR M 118 -12.00 37.70 10.05
CA TYR M 118 -10.60 37.58 9.66
C TYR M 118 -10.42 36.40 8.72
N ILE M 119 -9.77 36.64 7.59
CA ILE M 119 -9.69 35.68 6.49
C ILE M 119 -8.24 35.35 6.22
N ASN M 120 -7.88 34.06 6.36
CA ASN M 120 -6.58 33.52 5.96
C ASN M 120 -6.85 32.20 5.23
N SER M 121 -7.50 32.31 4.08
CA SER M 121 -7.96 31.14 3.38
C SER M 121 -7.29 31.03 2.01
N PRO M 122 -6.92 29.82 1.58
CA PRO M 122 -6.45 29.62 0.21
C PRO M 122 -7.55 29.36 -0.81
N GLY M 123 -8.80 29.27 -0.38
CA GLY M 123 -9.89 28.96 -1.28
C GLY M 123 -10.69 27.77 -0.80
N GLY M 124 -11.46 27.17 -1.68
CA GLY M 124 -12.19 25.97 -1.29
C GLY M 124 -13.37 25.73 -2.22
N VAL M 125 -14.37 25.02 -1.69
CA VAL M 125 -15.55 24.67 -2.46
C VAL M 125 -16.32 25.93 -2.83
N VAL M 126 -16.84 25.97 -4.06
CA VAL M 126 -17.58 27.14 -4.52
C VAL M 126 -18.89 27.26 -3.76
N THR M 127 -19.63 26.15 -3.63
CA THR M 127 -20.93 26.21 -2.99
C THR M 127 -20.81 26.57 -1.51
N ALA M 128 -19.78 26.09 -0.84
CA ALA M 128 -19.58 26.44 0.55
C ALA M 128 -19.25 27.92 0.72
N GLY M 129 -18.37 28.44 -0.12
CA GLY M 129 -18.04 29.86 -0.04
C GLY M 129 -19.23 30.74 -0.37
N LEU M 130 -20.05 30.34 -1.36
CA LEU M 130 -21.24 31.10 -1.68
C LEU M 130 -22.26 31.06 -0.56
N ALA M 131 -22.32 29.95 0.18
CA ALA M 131 -23.17 29.91 1.37
C ALA M 131 -22.75 30.97 2.37
N ILE M 132 -21.44 31.11 2.60
CA ILE M 132 -20.93 32.13 3.50
C ILE M 132 -21.18 33.52 2.92
N TYR M 133 -21.04 33.67 1.60
CA TYR M 133 -21.30 34.96 0.97
C TYR M 133 -22.74 35.40 1.20
N ASP M 134 -23.70 34.51 0.90
CA ASP M 134 -25.11 34.88 1.05
C ASP M 134 -25.48 35.12 2.51
N THR M 135 -24.85 34.40 3.44
CA THR M 135 -25.09 34.66 4.85
C THR M 135 -24.55 36.03 5.25
N MET M 136 -23.43 36.44 4.66
CA MET M 136 -22.88 37.76 4.94
C MET M 136 -23.83 38.85 4.46
N GLN M 137 -24.32 38.72 3.24
CA GLN M 137 -25.24 39.72 2.70
C GLN M 137 -26.59 39.69 3.40
N TYR M 138 -26.97 38.54 3.95
CA TYR M 138 -28.28 38.42 4.58
C TYR M 138 -28.32 39.15 5.92
N ILE M 139 -27.37 38.84 6.81
CA ILE M 139 -27.42 39.41 8.14
C ILE M 139 -27.31 40.93 8.07
N LEU M 140 -28.00 41.59 9.00
CA LEU M 140 -28.06 43.05 8.99
C LEU M 140 -26.78 43.69 9.49
N ASN M 141 -25.91 42.93 10.14
CA ASN M 141 -24.73 43.51 10.75
C ASN M 141 -23.74 43.93 9.67
N PRO M 142 -23.11 45.10 9.82
CA PRO M 142 -21.96 45.44 8.97
C PRO M 142 -20.81 44.50 9.29
N ILE M 143 -20.12 44.06 8.25
CA ILE M 143 -19.08 43.05 8.38
C ILE M 143 -17.76 43.68 7.96
N CYS M 144 -16.78 43.65 8.88
CA CYS M 144 -15.42 44.11 8.61
C CYS M 144 -14.58 42.90 8.25
N THR M 145 -14.22 42.77 6.98
CA THR M 145 -13.36 41.69 6.52
C THR M 145 -11.91 42.13 6.57
N TRP M 146 -11.06 41.28 7.15
CA TRP M 146 -9.64 41.55 7.28
C TRP M 146 -8.86 40.44 6.59
N CYS M 147 -8.04 40.81 5.62
CA CYS M 147 -7.21 39.84 4.91
C CYS M 147 -5.89 39.70 5.67
N VAL M 148 -5.72 38.58 6.35
CA VAL M 148 -4.51 38.28 7.09
C VAL M 148 -3.80 37.12 6.40
N GLY M 149 -2.54 37.33 6.05
CA GLY M 149 -1.78 36.30 5.35
C GLY M 149 -2.12 36.19 3.87
N GLN M 150 -3.29 35.65 3.55
CA GLN M 150 -3.71 35.53 2.17
C GLN M 150 -5.23 35.41 2.11
N ALA M 151 -5.79 35.85 0.98
CA ALA M 151 -7.21 35.69 0.66
C ALA M 151 -7.26 35.28 -0.80
N ALA M 152 -7.34 33.98 -1.04
CA ALA M 152 -7.26 33.42 -2.38
C ALA M 152 -8.58 32.73 -2.72
N SER M 153 -8.89 32.72 -4.02
CA SER M 153 -10.11 32.12 -4.56
C SER M 153 -11.36 32.52 -3.76
N MET M 154 -12.00 31.55 -3.10
CA MET M 154 -13.19 31.86 -2.31
C MET M 154 -12.89 32.88 -1.22
N GLY M 155 -11.67 32.81 -0.65
CA GLY M 155 -11.31 33.75 0.38
C GLY M 155 -11.30 35.19 -0.11
N SER M 156 -10.86 35.39 -1.35
CA SER M 156 -10.85 36.74 -1.90
C SER M 156 -12.26 37.22 -2.21
N LEU M 157 -13.16 36.31 -2.56
CA LEU M 157 -14.56 36.69 -2.73
C LEU M 157 -15.17 37.14 -1.42
N LEU M 158 -14.87 36.41 -0.34
CA LEU M 158 -15.36 36.83 0.97
C LEU M 158 -14.73 38.15 1.41
N LEU M 159 -13.47 38.39 1.04
CA LEU M 159 -12.83 39.66 1.38
C LEU M 159 -13.56 40.83 0.74
N ALA M 160 -13.87 40.72 -0.55
CA ALA M 160 -14.57 41.81 -1.22
C ALA M 160 -16.05 41.87 -0.84
N ALA M 161 -16.59 40.80 -0.28
CA ALA M 161 -18.01 40.76 0.11
C ALA M 161 -18.28 41.55 1.37
N GLY M 162 -17.25 42.10 2.01
CA GLY M 162 -17.46 42.89 3.20
C GLY M 162 -18.22 44.16 2.94
N THR M 163 -18.69 44.75 4.04
CA THR M 163 -19.38 46.02 3.98
C THR M 163 -18.49 47.07 3.30
N PRO M 164 -19.03 47.83 2.35
CA PRO M 164 -18.21 48.87 1.69
C PRO M 164 -17.59 49.83 2.69
N GLY M 165 -16.28 50.03 2.57
CA GLY M 165 -15.55 50.87 3.49
C GLY M 165 -14.99 50.16 4.70
N MET M 166 -15.27 48.86 4.87
CA MET M 166 -14.81 48.11 6.03
C MET M 166 -14.00 46.88 5.63
N ARG M 167 -13.50 46.84 4.41
CA ARG M 167 -12.69 45.72 3.92
C ARG M 167 -11.22 46.11 4.05
N HIS M 168 -10.55 45.54 5.03
CA HIS M 168 -9.17 45.91 5.36
C HIS M 168 -8.21 44.78 5.01
N SER M 169 -6.93 45.13 4.95
CA SER M 169 -5.88 44.15 4.67
C SER M 169 -4.59 44.61 5.33
N LEU M 170 -3.85 43.64 5.86
CA LEU M 170 -2.54 43.89 6.41
C LEU M 170 -1.53 44.09 5.28
N PRO M 171 -0.40 44.74 5.57
CA PRO M 171 0.50 45.14 4.46
C PRO M 171 1.09 43.99 3.68
N ASN M 172 1.45 42.88 4.33
CA ASN M 172 2.14 41.78 3.68
C ASN M 172 1.21 40.66 3.23
N SER M 173 -0.09 40.90 3.21
CA SER M 173 -1.03 39.90 2.71
C SER M 173 -0.96 39.83 1.19
N ARG M 174 -1.61 38.80 0.64
CA ARG M 174 -1.74 38.67 -0.80
C ARG M 174 -3.15 38.22 -1.12
N ILE M 175 -3.64 38.64 -2.29
CA ILE M 175 -4.99 38.34 -2.74
C ILE M 175 -4.89 37.68 -4.10
N MET M 176 -5.61 36.57 -4.29
CA MET M 176 -5.58 35.80 -5.52
C MET M 176 -7.00 35.64 -6.03
N ILE M 177 -7.20 35.85 -7.33
CA ILE M 177 -8.48 35.63 -7.97
C ILE M 177 -8.28 34.77 -9.21
N HIS M 178 -9.19 33.83 -9.45
CA HIS M 178 -9.12 33.00 -10.64
C HIS M 178 -10.49 32.37 -10.87
N GLN M 179 -10.67 31.86 -12.09
CA GLN M 179 -11.93 31.22 -12.45
C GLN M 179 -12.07 29.87 -11.73
N PRO M 180 -13.30 29.42 -11.51
CA PRO M 180 -13.49 28.15 -10.80
C PRO M 180 -12.91 26.97 -11.57
N SER M 181 -12.52 25.94 -10.83
CA SER M 181 -12.01 24.71 -11.40
C SER M 181 -12.89 23.56 -10.96
N GLY M 182 -12.85 22.48 -11.73
CA GLY M 182 -13.67 21.32 -11.39
C GLY M 182 -13.37 20.14 -12.27
N GLY M 183 -14.29 19.17 -12.23
CA GLY M 183 -14.16 17.97 -13.04
C GLY M 183 -15.51 17.41 -13.42
N ALA M 184 -15.49 16.53 -14.43
CA ALA M 184 -16.69 15.88 -14.94
C ALA M 184 -16.33 14.50 -15.45
N ARG M 185 -17.27 13.56 -15.29
CA ARG M 185 -17.07 12.19 -15.72
C ARG M 185 -18.43 11.55 -15.98
N GLY M 186 -18.49 10.72 -17.02
CA GLY M 186 -19.69 10.02 -17.39
C GLY M 186 -19.89 10.05 -18.89
N GLN M 187 -21.13 9.82 -19.32
CA GLN M 187 -21.46 9.89 -20.74
C GLN M 187 -21.38 11.33 -21.24
N ALA M 188 -21.29 11.48 -22.56
CA ALA M 188 -21.14 12.80 -23.16
C ALA M 188 -22.31 13.70 -22.81
N THR M 189 -23.51 13.14 -22.66
CA THR M 189 -24.65 13.94 -22.21
C THR M 189 -24.41 14.48 -20.80
N ASP M 190 -23.85 13.65 -19.92
CA ASP M 190 -23.52 14.10 -18.57
C ASP M 190 -22.42 15.16 -18.62
N ILE M 191 -21.37 14.89 -19.40
CA ILE M 191 -20.24 15.82 -19.48
C ILE M 191 -20.71 17.21 -19.87
N GLU M 192 -21.66 17.29 -20.81
CA GLU M 192 -22.19 18.59 -21.23
C GLU M 192 -22.97 19.27 -20.11
N ILE M 193 -23.64 18.50 -19.25
CA ILE M 193 -24.46 19.10 -18.20
C ILE M 193 -23.60 19.77 -17.15
N GLN M 194 -22.65 19.03 -16.57
CA GLN M 194 -21.78 19.61 -15.55
C GLN M 194 -20.88 20.69 -16.12
N ALA M 195 -20.48 20.57 -17.40
CA ALA M 195 -19.71 21.64 -18.02
C ALA M 195 -20.53 22.91 -18.11
N ARG M 196 -21.82 22.80 -18.43
CA ARG M 196 -22.68 23.97 -18.46
C ARG M 196 -22.86 24.54 -17.06
N GLU M 197 -22.97 23.67 -16.05
CA GLU M 197 -23.11 24.14 -14.69
C GLU M 197 -21.83 24.82 -14.21
N ILE M 198 -20.66 24.30 -14.59
CA ILE M 198 -19.40 24.92 -14.19
C ILE M 198 -19.22 26.27 -14.87
N MET M 199 -19.81 26.45 -16.06
CA MET M 199 -19.78 27.76 -16.71
C MET M 199 -20.72 28.74 -16.04
N LYS M 200 -21.88 28.26 -15.57
CA LYS M 200 -22.79 29.13 -14.84
C LYS M 200 -22.14 29.67 -13.57
N LEU M 201 -21.42 28.81 -12.84
CA LEU M 201 -20.67 29.28 -11.67
C LEU M 201 -19.62 30.30 -12.08
N LYS M 202 -18.98 30.09 -13.24
CA LYS M 202 -18.01 31.05 -13.73
C LYS M 202 -18.65 32.42 -13.95
N LYS M 203 -19.81 32.46 -14.61
CA LYS M 203 -20.50 33.73 -14.81
C LYS M 203 -21.04 34.27 -13.48
N GLN M 204 -21.50 33.38 -12.61
CA GLN M 204 -22.06 33.81 -11.33
C GLN M 204 -20.99 34.46 -10.46
N LEU M 205 -19.83 33.80 -10.33
CA LEU M 205 -18.74 34.37 -9.54
C LEU M 205 -18.19 35.63 -10.20
N TYR M 206 -18.17 35.68 -11.54
CA TYR M 206 -17.73 36.90 -12.22
C TYR M 206 -18.66 38.08 -11.90
N ASN M 207 -19.97 37.82 -11.82
CA ASN M 207 -20.91 38.89 -11.53
C ASN M 207 -20.81 39.35 -10.09
N ILE M 208 -20.57 38.41 -9.17
CA ILE M 208 -20.39 38.78 -7.76
C ILE M 208 -19.16 39.66 -7.60
N TYR M 209 -18.04 39.27 -8.23
CA TYR M 209 -16.83 40.08 -8.16
C TYR M 209 -17.04 41.43 -8.80
N ALA M 210 -17.74 41.49 -9.94
CA ALA M 210 -17.99 42.77 -10.59
C ALA M 210 -18.92 43.64 -9.76
N LYS M 211 -19.76 43.02 -8.92
CA LYS M 211 -20.65 43.78 -8.06
C LYS M 211 -19.89 44.51 -6.96
N HIS M 212 -19.00 43.79 -6.27
CA HIS M 212 -18.35 44.35 -5.08
C HIS M 212 -17.06 45.09 -5.41
N THR M 213 -16.38 44.73 -6.50
CA THR M 213 -15.19 45.45 -6.92
C THR M 213 -15.50 46.67 -7.78
N LYS M 214 -16.79 46.90 -8.10
CA LYS M 214 -17.21 48.01 -8.95
C LYS M 214 -16.52 47.97 -10.30
N GLN M 215 -16.12 46.79 -10.74
CA GLN M 215 -15.42 46.60 -12.01
C GLN M 215 -16.39 46.14 -13.08
N SER M 216 -16.01 46.38 -14.33
CA SER M 216 -16.80 45.89 -15.44
C SER M 216 -16.60 44.38 -15.58
N LEU M 217 -17.61 43.74 -16.18
CA LEU M 217 -17.50 42.30 -16.46
C LEU M 217 -16.35 42.01 -17.41
N GLN M 218 -16.01 42.96 -18.29
CA GLN M 218 -14.88 42.78 -19.19
C GLN M 218 -13.58 42.61 -18.43
N VAL M 219 -13.36 43.44 -17.41
CA VAL M 219 -12.11 43.39 -16.65
C VAL M 219 -12.08 42.16 -15.75
N ILE M 220 -13.23 41.77 -15.21
CA ILE M 220 -13.30 40.59 -14.36
C ILE M 220 -12.96 39.33 -15.16
N GLU M 221 -13.48 39.22 -16.38
CA GLU M 221 -13.17 38.07 -17.22
C GLU M 221 -11.69 38.02 -17.56
N SER M 222 -11.11 39.18 -17.91
CA SER M 222 -9.71 39.22 -18.30
C SER M 222 -8.79 38.92 -17.13
N ALA M 223 -9.14 39.39 -15.92
CA ALA M 223 -8.26 39.21 -14.78
C ALA M 223 -8.32 37.79 -14.24
N MET M 224 -9.52 37.20 -14.18
CA MET M 224 -9.72 35.91 -13.53
C MET M 224 -9.57 34.72 -14.46
N GLU M 225 -9.20 34.96 -15.73
CA GLU M 225 -9.05 33.84 -16.65
C GLU M 225 -7.94 32.91 -16.20
N ARG M 226 -6.81 33.47 -15.75
CA ARG M 226 -5.75 32.70 -15.13
C ARG M 226 -5.69 33.06 -13.65
N ASP M 227 -4.68 32.54 -12.97
CA ASP M 227 -4.44 32.93 -11.59
C ASP M 227 -3.85 34.34 -11.53
N ARG M 228 -4.55 35.24 -10.85
CA ARG M 228 -4.13 36.63 -10.72
C ARG M 228 -3.78 36.91 -9.27
N TYR M 229 -2.53 37.31 -9.02
CA TYR M 229 -2.04 37.62 -7.69
C TYR M 229 -1.90 39.13 -7.54
N MET M 230 -2.41 39.67 -6.43
CA MET M 230 -2.39 41.10 -6.16
C MET M 230 -1.86 41.38 -4.77
N SER M 231 -1.13 42.48 -4.64
CA SER M 231 -0.77 43.02 -3.34
C SER M 231 -1.96 43.75 -2.75
N PRO M 232 -1.95 44.05 -1.45
CA PRO M 232 -3.07 44.79 -0.86
C PRO M 232 -3.32 46.13 -1.54
N MET M 233 -2.28 46.80 -2.03
CA MET M 233 -2.49 48.03 -2.80
C MET M 233 -3.15 47.73 -4.14
N GLU M 234 -2.72 46.66 -4.81
CA GLU M 234 -3.32 46.31 -6.09
C GLU M 234 -4.77 45.87 -5.93
N ALA M 235 -5.07 45.11 -4.88
CA ALA M 235 -6.45 44.73 -4.64
C ALA M 235 -7.30 45.94 -4.22
N GLN M 236 -6.68 46.93 -3.57
CA GLN M 236 -7.41 48.14 -3.24
C GLN M 236 -7.78 48.93 -4.50
N GLU M 237 -6.85 48.97 -5.47
CA GLU M 237 -7.16 49.62 -6.73
C GLU M 237 -8.14 48.80 -7.55
N PHE M 238 -8.04 47.47 -7.49
CA PHE M 238 -8.99 46.62 -8.20
C PHE M 238 -10.37 46.66 -7.56
N GLY M 239 -10.47 47.06 -6.30
CA GLY M 239 -11.73 47.13 -5.60
C GLY M 239 -12.02 45.97 -4.68
N ILE M 240 -11.05 45.09 -4.44
CA ILE M 240 -11.29 43.94 -3.58
C ILE M 240 -11.35 44.36 -2.12
N LEU M 241 -10.48 45.28 -1.71
CA LEU M 241 -10.44 45.80 -0.36
C LEU M 241 -10.42 47.32 -0.40
N ASP M 242 -10.54 47.93 0.78
CA ASP M 242 -10.67 49.39 0.90
C ASP M 242 -9.47 50.04 1.57
N LYS M 243 -8.89 49.42 2.60
CA LYS M 243 -7.83 50.03 3.39
C LYS M 243 -6.69 49.05 3.61
N VAL M 244 -5.46 49.54 3.45
CA VAL M 244 -4.25 48.78 3.76
C VAL M 244 -3.57 49.50 4.90
N LEU M 245 -3.68 48.96 6.11
CA LEU M 245 -3.16 49.60 7.32
C LEU M 245 -2.02 48.78 7.90
N VAL M 246 -0.95 49.46 8.30
CA VAL M 246 0.18 48.82 8.96
C VAL M 246 -0.10 48.74 10.45
N HIS M 247 -0.22 49.91 11.08
CA HIS M 247 -0.61 50.06 12.47
C HIS M 247 -2.01 50.68 12.55
N PRO M 248 -2.76 50.38 13.60
CA PRO M 248 -4.13 50.93 13.72
C PRO M 248 -4.09 52.44 13.85
N PRO M 249 -4.90 53.16 13.06
CA PRO M 249 -4.95 54.63 13.05
C PRO M 249 -5.35 55.21 14.41
N PRO N 57 3.62 14.52 28.63
CA PRO N 57 2.81 13.74 27.70
C PRO N 57 1.59 14.52 27.20
N LEU N 58 0.44 14.31 27.83
CA LEU N 58 -0.73 15.10 27.53
C LEU N 58 -0.49 16.55 27.95
N ILE N 59 -1.38 17.43 27.49
CA ILE N 59 -1.32 18.83 27.90
C ILE N 59 -1.57 18.88 29.41
N PRO N 60 -0.56 19.25 30.22
CA PRO N 60 -0.73 19.17 31.68
C PRO N 60 -1.73 20.19 32.19
N ILE N 61 -2.41 19.82 33.27
CA ILE N 61 -3.47 20.62 33.87
C ILE N 61 -2.92 21.31 35.12
N VAL N 62 -3.08 22.64 35.17
CA VAL N 62 -2.66 23.42 36.34
C VAL N 62 -3.89 23.89 37.12
N TYR N 73 -6.40 24.45 33.63
CA TYR N 73 -6.30 24.37 32.18
C TYR N 73 -4.95 23.88 31.72
N ASP N 74 -4.75 23.81 30.40
CA ASP N 74 -3.48 23.33 29.87
C ASP N 74 -2.35 24.26 30.28
N ILE N 75 -1.13 23.71 30.28
CA ILE N 75 0.02 24.47 30.73
C ILE N 75 0.22 25.72 29.86
N TYR N 76 -0.21 25.66 28.60
CA TYR N 76 -0.06 26.82 27.72
C TYR N 76 -1.07 27.91 28.03
N SER N 77 -2.26 27.54 28.53
CA SER N 77 -3.21 28.54 28.98
C SER N 77 -2.67 29.31 30.18
N ARG N 78 -1.94 28.63 31.05
CA ARG N 78 -1.31 29.31 32.18
C ARG N 78 -0.25 30.29 31.70
N LEU N 79 0.54 29.90 30.70
CA LEU N 79 1.55 30.81 30.17
C LEU N 79 0.92 31.95 29.39
N LEU N 80 -0.23 31.72 28.74
CA LEU N 80 -0.94 32.81 28.09
C LEU N 80 -1.42 33.83 29.11
N ARG N 81 -1.77 33.38 30.32
CA ARG N 81 -2.12 34.33 31.37
C ARG N 81 -0.92 35.19 31.75
N GLU N 82 0.28 34.61 31.70
CA GLU N 82 1.52 35.36 31.92
C GLU N 82 1.97 36.13 30.67
N ARG N 83 1.10 36.25 29.66
CA ARG N 83 1.40 36.97 28.42
C ARG N 83 2.57 36.33 27.67
N ILE N 84 2.50 35.01 27.54
CA ILE N 84 3.51 34.23 26.82
C ILE N 84 2.82 33.43 25.73
N VAL N 85 3.30 33.58 24.50
CA VAL N 85 2.79 32.85 23.35
C VAL N 85 3.90 31.95 22.82
N CYS N 86 3.61 30.67 22.64
CA CYS N 86 4.58 29.71 22.15
C CYS N 86 4.37 29.49 20.65
N VAL N 87 5.42 29.75 19.87
CA VAL N 87 5.41 29.49 18.44
C VAL N 87 6.47 28.43 18.14
N MET N 88 6.13 27.18 18.41
CA MET N 88 7.07 26.08 18.29
C MET N 88 6.53 25.05 17.31
N GLY N 89 7.43 24.46 16.52
CA GLY N 89 7.06 23.52 15.49
C GLY N 89 6.83 24.21 14.17
N PRO N 90 6.50 23.43 13.14
CA PRO N 90 6.24 24.02 11.82
C PRO N 90 5.05 24.97 11.86
N ILE N 91 5.15 26.03 11.06
CA ILE N 91 4.19 27.13 11.07
C ILE N 91 3.30 27.00 9.83
N ASP N 92 2.04 26.63 10.04
CA ASP N 92 1.04 26.58 8.96
C ASP N 92 -0.12 27.52 9.31
N ASP N 93 -1.17 27.49 8.49
CA ASP N 93 -2.33 28.34 8.74
C ASP N 93 -2.95 28.03 10.09
N SER N 94 -2.88 26.77 10.53
CA SER N 94 -3.41 26.39 11.84
C SER N 94 -2.65 27.08 12.96
N VAL N 95 -1.32 26.94 12.96
CA VAL N 95 -0.50 27.59 13.97
C VAL N 95 -0.61 29.11 13.86
N ALA N 96 -0.72 29.62 12.62
CA ALA N 96 -0.91 31.05 12.44
C ALA N 96 -2.20 31.52 13.09
N SER N 97 -3.27 30.76 12.96
CA SER N 97 -4.55 31.14 13.57
C SER N 97 -4.45 31.17 15.09
N LEU N 98 -3.83 30.15 15.69
CA LEU N 98 -3.71 30.12 17.14
C LEU N 98 -2.86 31.27 17.66
N VAL N 99 -1.76 31.58 16.97
CA VAL N 99 -0.86 32.62 17.46
C VAL N 99 -1.49 34.00 17.28
N ILE N 100 -2.15 34.23 16.15
CA ILE N 100 -2.80 35.52 15.96
C ILE N 100 -3.96 35.69 16.94
N ALA N 101 -4.65 34.60 17.28
CA ALA N 101 -5.76 34.69 18.23
C ALA N 101 -5.26 35.01 19.63
N GLN N 102 -4.13 34.41 20.04
CA GLN N 102 -3.57 34.71 21.35
C GLN N 102 -3.05 36.15 21.42
N LEU N 103 -2.46 36.64 20.33
CA LEU N 103 -1.94 38.01 20.33
C LEU N 103 -3.07 39.02 20.43
N LEU N 104 -4.17 38.79 19.71
CA LEU N 104 -5.31 39.68 19.78
C LEU N 104 -5.95 39.66 21.15
N PHE N 105 -6.08 38.47 21.75
CA PHE N 105 -6.60 38.38 23.11
C PHE N 105 -5.70 39.11 24.10
N LEU N 106 -4.38 38.98 23.94
CA LEU N 106 -3.47 39.67 24.84
C LEU N 106 -3.48 41.17 24.62
N GLN N 107 -3.79 41.63 23.41
CA GLN N 107 -3.92 43.07 23.18
C GLN N 107 -5.20 43.61 23.81
N SER N 108 -6.29 42.83 23.74
CA SER N 108 -7.54 43.26 24.36
C SER N 108 -7.44 43.30 25.87
N GLU N 109 -6.65 42.40 26.45
CA GLU N 109 -6.45 42.43 27.90
C GLU N 109 -5.67 43.67 28.32
N SER N 110 -4.63 44.02 27.57
CA SER N 110 -3.84 45.22 27.83
C SER N 110 -3.04 45.55 26.58
N ASN N 111 -3.24 46.73 26.03
CA ASN N 111 -2.51 47.15 24.84
C ASN N 111 -1.16 47.78 25.17
N LYS N 112 -0.76 47.77 26.43
CA LYS N 112 0.54 48.29 26.84
C LYS N 112 1.47 47.22 27.38
N LYS N 113 0.95 46.22 28.10
CA LYS N 113 1.79 45.19 28.68
C LYS N 113 2.52 44.42 27.58
N PRO N 114 3.75 44.00 27.80
CA PRO N 114 4.51 43.29 26.75
C PRO N 114 4.02 41.87 26.58
N ILE N 115 4.24 41.34 25.38
CA ILE N 115 3.90 39.97 25.02
C ILE N 115 5.19 39.24 24.73
N HIS N 116 5.42 38.13 25.42
CA HIS N 116 6.60 37.32 25.19
C HIS N 116 6.24 36.21 24.21
N MET N 117 7.07 36.06 23.17
CA MET N 117 6.83 35.08 22.11
C MET N 117 8.02 34.14 22.03
N TYR N 118 7.83 32.89 22.42
CA TYR N 118 8.90 31.90 22.42
C TYR N 118 8.86 31.10 21.13
N ILE N 119 9.97 31.10 20.39
CA ILE N 119 10.03 30.57 19.04
C ILE N 119 10.99 29.39 19.02
N ASN N 120 10.46 28.21 18.64
CA ASN N 120 11.25 27.00 18.40
C ASN N 120 10.69 26.34 17.15
N SER N 121 10.86 27.01 16.01
CA SER N 121 10.24 26.58 14.78
C SER N 121 11.30 26.28 13.72
N PRO N 122 11.11 25.22 12.93
CA PRO N 122 12.01 24.97 11.78
C PRO N 122 11.61 25.69 10.51
N GLY N 123 10.51 26.44 10.50
CA GLY N 123 10.03 27.13 9.33
C GLY N 123 8.58 26.81 9.07
N GLY N 124 8.15 27.01 7.83
CA GLY N 124 6.80 26.66 7.45
C GLY N 124 6.34 27.48 6.25
N VAL N 125 5.02 27.61 6.15
CA VAL N 125 4.40 28.31 5.03
C VAL N 125 4.71 29.80 5.09
N VAL N 126 4.94 30.40 3.93
CA VAL N 126 5.29 31.82 3.87
C VAL N 126 4.09 32.67 4.29
N THR N 127 2.92 32.38 3.73
CA THR N 127 1.75 33.20 4.02
C THR N 127 1.35 33.11 5.49
N ALA N 128 1.49 31.93 6.09
CA ALA N 128 1.14 31.79 7.50
C ALA N 128 2.06 32.61 8.39
N GLY N 129 3.36 32.56 8.12
CA GLY N 129 4.30 33.34 8.91
C GLY N 129 4.15 34.84 8.70
N LEU N 130 3.85 35.25 7.46
CA LEU N 130 3.61 36.67 7.22
C LEU N 130 2.34 37.14 7.91
N ALA N 131 1.35 36.26 8.07
CA ALA N 131 0.18 36.61 8.87
C ALA N 131 0.58 36.86 10.32
N ILE N 132 1.44 36.00 10.86
CA ILE N 132 1.94 36.21 12.22
C ILE N 132 2.77 37.48 12.28
N TYR N 133 3.56 37.77 11.24
CA TYR N 133 4.43 38.94 11.26
C TYR N 133 3.64 40.24 11.26
N ASP N 134 2.64 40.34 10.38
CA ASP N 134 1.86 41.57 10.30
C ASP N 134 1.06 41.81 11.58
N THR N 135 0.54 40.74 12.17
CA THR N 135 -0.15 40.88 13.44
C THR N 135 0.78 41.39 14.53
N MET N 136 2.04 40.93 14.51
CA MET N 136 3.02 41.41 15.48
C MET N 136 3.29 42.89 15.29
N GLN N 137 3.37 43.34 14.04
CA GLN N 137 3.62 44.76 13.79
C GLN N 137 2.37 45.59 14.01
N TYR N 138 1.19 45.00 13.85
CA TYR N 138 -0.05 45.78 13.98
C TYR N 138 -0.37 46.08 15.45
N ILE N 139 -0.36 45.05 16.29
CA ILE N 139 -0.74 45.24 17.69
C ILE N 139 0.22 46.20 18.37
N LEU N 140 -0.31 47.01 19.28
CA LEU N 140 0.46 48.05 19.93
C LEU N 140 1.40 47.52 21.00
N ASN N 141 1.19 46.28 21.44
CA ASN N 141 1.99 45.75 22.53
C ASN N 141 3.42 45.50 22.07
N PRO N 142 4.42 45.85 22.86
CA PRO N 142 5.78 45.39 22.59
C PRO N 142 5.85 43.89 22.69
N ILE N 143 6.62 43.27 21.80
CA ILE N 143 6.74 41.82 21.74
C ILE N 143 8.19 41.44 21.95
N CYS N 144 8.44 40.65 22.99
CA CYS N 144 9.78 40.14 23.28
C CYS N 144 9.91 38.75 22.68
N THR N 145 10.66 38.65 21.59
CA THR N 145 10.90 37.38 20.94
C THR N 145 12.09 36.68 21.59
N TRP N 146 11.93 35.39 21.85
CA TRP N 146 12.97 34.58 22.47
C TRP N 146 13.23 33.35 21.59
N CYS N 147 14.42 33.27 21.03
CA CYS N 147 14.81 32.12 20.24
C CYS N 147 15.25 31.01 21.18
N VAL N 148 14.51 29.90 21.17
CA VAL N 148 14.81 28.74 22.00
C VAL N 148 14.97 27.54 21.09
N GLY N 149 16.11 26.86 21.21
CA GLY N 149 16.40 25.74 20.35
C GLY N 149 16.84 26.14 18.97
N GLN N 150 15.90 26.58 18.13
CA GLN N 150 16.21 27.00 16.77
C GLN N 150 15.15 27.97 16.29
N ALA N 151 15.55 28.87 15.40
CA ALA N 151 14.64 29.79 14.71
C ALA N 151 15.07 29.79 13.25
N ALA N 152 14.55 28.83 12.49
CA ALA N 152 14.90 28.66 11.09
C ALA N 152 13.78 29.12 10.16
N SER N 153 14.19 29.65 9.01
CA SER N 153 13.29 29.97 7.91
C SER N 153 12.27 30.94 8.47
N MET N 154 10.97 30.62 8.53
CA MET N 154 10.04 31.64 9.02
C MET N 154 10.28 31.97 10.49
N GLY N 155 10.76 31.00 11.29
CA GLY N 155 11.08 31.31 12.67
C GLY N 155 12.05 32.47 12.81
N SER N 156 13.06 32.51 11.94
CA SER N 156 14.04 33.59 12.04
C SER N 156 13.42 34.94 11.68
N LEU N 157 12.43 34.95 10.81
CA LEU N 157 11.75 36.20 10.49
C LEU N 157 10.93 36.69 11.68
N LEU N 158 10.23 35.78 12.34
CA LEU N 158 9.48 36.17 13.53
C LEU N 158 10.42 36.58 14.66
N LEU N 159 11.57 35.91 14.78
CA LEU N 159 12.52 36.26 15.82
C LEU N 159 13.06 37.67 15.63
N ALA N 160 13.36 38.05 14.38
CA ALA N 160 13.82 39.40 14.09
C ALA N 160 12.70 40.42 14.07
N ALA N 161 11.44 39.98 14.07
CA ALA N 161 10.30 40.88 14.02
C ALA N 161 9.92 41.44 15.39
N GLY N 162 10.63 41.06 16.44
CA GLY N 162 10.35 41.56 17.77
C GLY N 162 10.61 43.05 17.91
N THR N 163 10.10 43.61 19.00
CA THR N 163 10.30 45.01 19.30
C THR N 163 11.79 45.28 19.47
N PRO N 164 12.30 46.37 18.89
CA PRO N 164 13.73 46.68 18.99
C PRO N 164 14.24 46.69 20.43
N GLY N 165 15.30 45.93 20.68
CA GLY N 165 15.86 45.79 22.00
C GLY N 165 15.33 44.60 22.80
N MET N 166 14.31 43.91 22.30
CA MET N 166 13.67 42.84 23.05
C MET N 166 13.72 41.50 22.32
N ARG N 167 14.63 41.36 21.35
CA ARG N 167 14.82 40.12 20.62
C ARG N 167 15.98 39.37 21.27
N HIS N 168 15.65 38.33 22.03
CA HIS N 168 16.62 37.57 22.81
C HIS N 168 16.81 36.18 22.22
N SER N 169 17.87 35.53 22.67
CA SER N 169 18.17 34.17 22.23
C SER N 169 18.98 33.49 23.33
N LEU N 170 18.71 32.22 23.53
CA LEU N 170 19.46 31.41 24.48
C LEU N 170 20.80 31.01 23.88
N PRO N 171 21.81 30.75 24.73
CA PRO N 171 23.18 30.62 24.21
C PRO N 171 23.37 29.51 23.18
N ASN N 172 22.62 28.42 23.27
CA ASN N 172 22.85 27.28 22.39
C ASN N 172 21.80 27.15 21.29
N SER N 173 21.11 28.24 20.96
CA SER N 173 20.18 28.22 19.85
C SER N 173 20.93 28.30 18.52
N ARG N 174 20.21 28.08 17.44
CA ARG N 174 20.75 28.30 16.11
C ARG N 174 19.69 29.02 15.27
N ILE N 175 20.15 29.88 14.38
CA ILE N 175 19.28 30.71 13.56
C ILE N 175 19.65 30.48 12.11
N MET N 176 18.64 30.21 11.29
CA MET N 176 18.85 29.88 9.88
C MET N 176 17.99 30.81 9.02
N ILE N 177 18.60 31.37 7.98
CA ILE N 177 17.91 32.22 7.03
C ILE N 177 18.20 31.71 5.62
N HIS N 178 17.20 31.75 4.74
CA HIS N 178 17.37 31.30 3.37
C HIS N 178 16.18 31.80 2.54
N GLN N 179 16.34 31.73 1.23
CA GLN N 179 15.30 32.21 0.32
C GLN N 179 14.14 31.20 0.27
N PRO N 180 12.96 31.64 -0.14
CA PRO N 180 11.80 30.74 -0.15
C PRO N 180 11.98 29.58 -1.11
N SER N 181 11.35 28.46 -0.79
CA SER N 181 11.28 27.30 -1.64
C SER N 181 9.83 27.02 -1.98
N GLY N 182 9.59 26.41 -3.14
CA GLY N 182 8.23 26.10 -3.51
C GLY N 182 8.19 25.26 -4.77
N GLY N 183 6.97 25.11 -5.30
CA GLY N 183 6.76 24.32 -6.49
C GLY N 183 5.86 25.04 -7.48
N ALA N 184 5.82 24.50 -8.69
CA ALA N 184 4.96 25.03 -9.74
C ALA N 184 4.65 23.90 -10.72
N ARG N 185 3.40 23.86 -11.19
CA ARG N 185 2.99 22.85 -12.15
C ARG N 185 1.81 23.38 -12.94
N GLY N 186 1.72 22.97 -14.21
CA GLY N 186 0.66 23.36 -15.11
C GLY N 186 1.22 23.72 -16.47
N GLN N 187 0.42 24.46 -17.23
CA GLN N 187 0.88 24.97 -18.52
C GLN N 187 1.96 26.03 -18.32
N ALA N 188 2.67 26.34 -19.40
CA ALA N 188 3.75 27.32 -19.33
C ALA N 188 3.26 28.66 -18.83
N THR N 189 2.01 29.00 -19.11
CA THR N 189 1.45 30.24 -18.58
C THR N 189 1.31 30.18 -17.08
N ASP N 190 0.84 29.05 -16.54
CA ASP N 190 0.71 28.91 -15.09
C ASP N 190 2.07 28.82 -14.42
N ILE N 191 3.05 28.21 -15.09
CA ILE N 191 4.41 28.14 -14.54
C ILE N 191 4.98 29.53 -14.34
N GLU N 192 4.77 30.42 -15.33
CA GLU N 192 5.32 31.77 -15.25
C GLU N 192 4.61 32.60 -14.18
N ILE N 193 3.30 32.42 -14.02
CA ILE N 193 2.56 33.15 -13.00
C ILE N 193 3.01 32.72 -11.61
N GLN N 194 3.16 31.41 -11.41
N GLN N 194 3.18 31.41 -11.41
CA GLN N 194 3.62 30.89 -10.12
CA GLN N 194 3.61 30.91 -10.12
C GLN N 194 5.05 31.32 -9.84
C GLN N 194 5.05 31.31 -9.82
N ALA N 195 5.92 31.26 -10.84
CA ALA N 195 7.30 31.67 -10.64
C ALA N 195 7.40 33.17 -10.40
N ARG N 196 6.57 33.95 -11.07
CA ARG N 196 6.57 35.39 -10.83
C ARG N 196 6.13 35.71 -9.41
N GLU N 197 5.21 34.90 -8.85
CA GLU N 197 4.75 35.15 -7.50
C GLU N 197 5.80 34.77 -6.47
N ILE N 198 6.47 33.63 -6.65
CA ILE N 198 7.47 33.21 -5.67
C ILE N 198 8.67 34.13 -5.70
N MET N 199 8.91 34.81 -6.82
CA MET N 199 9.97 35.81 -6.85
C MET N 199 9.56 37.05 -6.07
N LYS N 200 8.29 37.46 -6.18
CA LYS N 200 7.80 38.58 -5.37
C LYS N 200 7.97 38.28 -3.88
N LEU N 201 7.65 37.05 -3.47
CA LEU N 201 7.86 36.66 -2.08
C LEU N 201 9.34 36.76 -1.70
N LYS N 202 10.23 36.31 -2.58
CA LYS N 202 11.66 36.38 -2.30
C LYS N 202 12.10 37.81 -2.06
N LYS N 203 11.64 38.75 -2.90
CA LYS N 203 11.99 40.15 -2.70
C LYS N 203 11.29 40.72 -1.46
N GLN N 204 10.06 40.28 -1.20
CA GLN N 204 9.30 40.80 -0.08
C GLN N 204 9.95 40.43 1.25
N LEU N 205 10.31 39.15 1.42
CA LEU N 205 10.94 38.72 2.66
C LEU N 205 12.33 39.33 2.81
N TYR N 206 13.04 39.50 1.70
CA TYR N 206 14.32 40.19 1.75
C TYR N 206 14.16 41.61 2.29
N ASN N 207 13.06 42.28 1.91
CA ASN N 207 12.81 43.62 2.41
C ASN N 207 12.47 43.62 3.90
N ILE N 208 11.73 42.60 4.35
CA ILE N 208 11.40 42.49 5.76
C ILE N 208 12.65 42.25 6.58
N TYR N 209 13.51 41.33 6.14
CA TYR N 209 14.76 41.08 6.84
C TYR N 209 15.64 42.33 6.88
N ALA N 210 15.78 42.98 5.72
CA ALA N 210 16.58 44.20 5.68
C ALA N 210 15.96 45.30 6.53
N LYS N 211 14.64 45.28 6.71
CA LYS N 211 13.98 46.27 7.55
C LYS N 211 14.37 46.11 9.01
N HIS N 212 14.40 44.88 9.51
CA HIS N 212 14.61 44.66 10.93
C HIS N 212 16.09 44.46 11.30
N THR N 213 16.85 43.76 10.45
CA THR N 213 18.29 43.66 10.68
C THR N 213 19.04 44.93 10.32
N LYS N 214 18.38 45.88 9.66
CA LYS N 214 18.99 47.14 9.24
C LYS N 214 20.22 46.91 8.37
N GLN N 215 20.22 45.81 7.63
CA GLN N 215 21.29 45.49 6.69
C GLN N 215 20.92 45.99 5.31
N SER N 216 21.94 46.15 4.46
CA SER N 216 21.70 46.50 3.08
C SER N 216 21.12 45.31 2.33
N LEU N 217 20.28 45.60 1.34
CA LEU N 217 19.65 44.54 0.56
C LEU N 217 20.69 43.64 -0.09
N GLN N 218 21.85 44.19 -0.45
CA GLN N 218 22.92 43.37 -0.99
C GLN N 218 23.36 42.30 0.01
N VAL N 219 23.51 42.70 1.28
CA VAL N 219 23.90 41.73 2.29
C VAL N 219 22.80 40.68 2.47
N ILE N 220 21.55 41.11 2.44
CA ILE N 220 20.45 40.17 2.61
C ILE N 220 20.41 39.18 1.45
N GLU N 221 20.57 39.68 0.22
CA GLU N 221 20.55 38.80 -0.95
C GLU N 221 21.67 37.77 -0.88
N SER N 222 22.88 38.21 -0.54
CA SER N 222 24.03 37.30 -0.51
C SER N 222 23.91 36.30 0.63
N ALA N 223 23.30 36.68 1.75
CA ALA N 223 23.24 35.78 2.89
C ALA N 223 22.16 34.72 2.72
N MET N 224 21.01 35.10 2.20
CA MET N 224 19.85 34.21 2.12
C MET N 224 19.73 33.50 0.78
N GLU N 225 20.74 33.61 -0.09
CA GLU N 225 20.67 32.89 -1.35
C GLU N 225 20.71 31.38 -1.11
N ARG N 226 21.58 30.92 -0.23
CA ARG N 226 21.60 29.56 0.24
C ARG N 226 21.24 29.53 1.73
N ASP N 227 21.11 28.33 2.29
CA ASP N 227 20.84 28.21 3.71
C ASP N 227 22.02 28.74 4.51
N ARG N 228 21.76 29.74 5.35
CA ARG N 228 22.78 30.40 6.14
C ARG N 228 22.51 30.13 7.62
N TYR N 229 23.43 29.42 8.28
CA TYR N 229 23.31 29.10 9.69
C TYR N 229 24.11 30.08 10.53
N MET N 230 23.52 30.54 11.63
CA MET N 230 24.13 31.52 12.51
C MET N 230 24.03 31.09 13.97
N SER N 231 25.11 31.25 14.71
CA SER N 231 25.07 31.13 16.15
C SER N 231 24.30 32.34 16.71
N PRO N 232 23.89 32.28 17.98
CA PRO N 232 23.23 33.46 18.56
C PRO N 232 24.09 34.72 18.53
N MET N 233 25.40 34.59 18.71
CA MET N 233 26.28 35.74 18.57
C MET N 233 26.34 36.22 17.14
N GLU N 234 26.41 35.28 16.18
CA GLU N 234 26.44 35.65 14.77
C GLU N 234 25.13 36.30 14.34
N ALA N 235 23.99 35.79 14.84
CA ALA N 235 22.71 36.38 14.48
C ALA N 235 22.53 37.75 15.12
N GLN N 236 23.17 37.99 16.26
CA GLN N 236 23.19 39.33 16.82
C GLN N 236 24.02 40.26 15.94
N GLU N 237 25.18 39.79 15.48
CA GLU N 237 26.02 40.58 14.58
C GLU N 237 25.31 40.87 13.26
N PHE N 238 24.49 39.93 12.78
CA PHE N 238 23.72 40.17 11.56
C PHE N 238 22.56 41.12 11.79
N GLY N 239 22.10 41.25 13.03
CA GLY N 239 20.97 42.10 13.34
C GLY N 239 19.65 41.38 13.51
N ILE N 240 19.66 40.04 13.59
CA ILE N 240 18.42 39.30 13.76
C ILE N 240 17.93 39.36 15.20
N LEU N 241 18.84 39.41 16.17
CA LEU N 241 18.48 39.50 17.57
C LEU N 241 19.35 40.56 18.25
N ASP N 242 19.06 40.82 19.52
CA ASP N 242 19.69 41.90 20.27
C ASP N 242 20.46 41.45 21.49
N LYS N 243 20.05 40.37 22.16
CA LYS N 243 20.71 39.93 23.38
C LYS N 243 20.86 38.42 23.39
N VAL N 244 22.06 37.93 23.67
CA VAL N 244 22.33 36.52 23.93
C VAL N 244 22.64 36.41 25.41
N LEU N 245 21.68 35.94 26.19
CA LEU N 245 21.81 35.88 27.64
C LEU N 245 21.80 34.42 28.11
N VAL N 246 22.72 34.09 29.00
CA VAL N 246 22.78 32.75 29.60
C VAL N 246 21.82 32.72 30.77
N HIS N 247 22.19 33.38 31.85
CA HIS N 247 21.34 33.55 33.01
C HIS N 247 20.70 34.94 32.99
N PRO N 248 19.50 35.09 33.55
CA PRO N 248 18.80 36.38 33.47
C PRO N 248 19.54 37.45 34.25
N PRO N 249 19.79 38.62 33.63
CA PRO N 249 20.49 39.73 34.26
C PRO N 249 19.78 40.25 35.51
N1 BO2 O . 26.16 11.98 -5.80
C2 BO2 O . 26.60 11.24 -6.81
C3 BO2 O . 27.72 10.44 -6.65
N4 BO2 O . 28.36 10.42 -5.50
C5 BO2 O . 27.92 11.17 -4.49
C6 BO2 O . 26.80 11.96 -4.65
C7 BO2 O . 25.86 11.26 -8.16
O8 BO2 O . 26.12 10.46 -8.98
N9 BO2 O . 24.83 12.26 -8.42
C10 BO2 O . 24.16 12.23 -9.71
C11 BO2 O . 22.72 11.73 -9.59
C12 BO2 O . 22.10 12.08 -8.24
C13 BO2 O . 22.10 11.15 -7.21
C14 BO2 O . 21.53 11.47 -5.98
C15 BO2 O . 20.93 12.71 -5.79
C16 BO2 O . 20.93 13.64 -6.83
C17 BO2 O . 21.50 13.31 -8.05
C18 BO2 O . 24.21 13.60 -10.41
O19 BO2 O . 23.77 14.57 -9.90
N20 BO2 O . 24.82 13.69 -11.72
C21 BO2 O . 24.90 14.93 -12.47
C22 BO2 O . 26.25 14.97 -13.18
C23 BO2 O . 26.61 16.39 -13.62
C24 BO2 O . 28.06 16.50 -14.04
C25 BO2 O . 26.35 17.35 -12.46
B26 BO2 O . 23.68 14.92 -13.50
O27 BO2 O . 23.80 13.58 -14.47
O28 BO2 O . 22.23 14.90 -12.67
CL CL P . 41.64 9.13 -20.25
CL CL Q . 39.46 9.57 -28.26
N1 BO2 R . 8.09 20.41 -19.53
C2 BO2 R . 8.74 19.71 -20.45
C3 BO2 R . 10.09 19.94 -20.68
N4 BO2 R . 10.74 20.84 -19.96
C5 BO2 R . 10.09 21.54 -19.03
C6 BO2 R . 8.74 21.31 -18.81
C7 BO2 R . 7.99 18.67 -21.28
O8 BO2 R . 8.62 17.89 -21.93
N9 BO2 R . 6.55 18.63 -21.29
C10 BO2 R . 5.85 17.63 -22.09
C11 BO2 R . 5.29 16.47 -21.26
C12 BO2 R . 5.37 16.75 -19.75
C13 BO2 R . 6.45 16.33 -19.01
C14 BO2 R . 6.51 16.59 -17.65
C15 BO2 R . 5.48 17.28 -17.02
C16 BO2 R . 4.38 17.71 -17.78
C17 BO2 R . 4.34 17.45 -19.13
C18 BO2 R . 4.74 18.29 -22.93
O19 BO2 R . 3.91 18.97 -22.44
N20 BO2 R . 4.73 18.05 -24.37
C21 BO2 R . 3.68 18.62 -25.20
C22 BO2 R . 4.32 19.16 -26.49
C23 BO2 R . 3.41 20.16 -27.17
C24 BO2 R . 4.18 20.99 -28.19
C25 BO2 R . 2.79 21.07 -26.12
B26 BO2 R . 2.66 17.45 -25.48
O27 BO2 R . 3.45 16.18 -26.20
O28 BO2 R . 1.96 16.97 -24.04
N1 BO2 S . -13.36 10.15 -24.05
C2 BO2 S . -12.72 9.65 -25.08
C3 BO2 S . -12.05 10.49 -25.95
N4 BO2 S . -12.04 11.80 -25.74
C5 BO2 S . -12.69 12.29 -24.70
C6 BO2 S . -13.37 11.45 -23.83
C7 BO2 S . -12.72 8.14 -25.33
O8 BO2 S . -11.97 7.68 -26.13
N9 BO2 S . -13.63 7.27 -24.60
C10 BO2 S . -13.61 5.84 -24.87
C11 BO2 S . -12.98 5.02 -23.74
C12 BO2 S . -12.80 5.85 -22.48
C13 BO2 S . -11.59 6.45 -22.20
C14 BO2 S . -11.43 7.20 -21.05
C15 BO2 S . -12.50 7.37 -20.18
C16 BO2 S . -13.71 6.76 -20.46
C17 BO2 S . -13.87 6.00 -21.60
C18 BO2 S . -15.03 5.33 -25.18
O19 BO2 S . -15.95 5.61 -24.49
N20 BO2 S . -15.22 4.48 -26.35
C21 BO2 S . -16.51 3.94 -26.72
C22 BO2 S . -16.69 4.08 -28.24
C23 BO2 S . -18.15 3.97 -28.65
C24 BO2 S . -18.33 4.37 -30.12
C25 BO2 S . -18.98 4.92 -27.80
B26 BO2 S . -16.50 2.42 -26.29
O27 BO2 S . -15.32 1.61 -27.13
O28 BO2 S . -16.22 2.29 -24.64
CL CL T . -12.24 -1.57 -47.85
N1 BO2 U . -22.35 -11.19 -16.37
C2 BO2 U . -21.71 -11.71 -17.41
C3 BO2 U . -21.95 -11.23 -18.68
N4 BO2 U . -22.84 -10.27 -18.87
C5 BO2 U . -23.50 -9.77 -17.84
C6 BO2 U . -23.25 -10.24 -16.56
C7 BO2 U . -20.67 -12.81 -17.17
O8 BO2 U . -19.88 -13.06 -18.03
N9 BO2 U . -20.64 -13.54 -15.92
C10 BO2 U . -19.66 -14.58 -15.67
C11 BO2 U . -18.64 -14.10 -14.63
C12 BO2 U . -18.41 -12.59 -14.75
C13 BO2 U . -17.53 -12.09 -15.70
C14 BO2 U . -17.33 -10.72 -15.81
C15 BO2 U . -18.01 -9.84 -14.98
C16 BO2 U . -18.90 -10.34 -14.03
C17 BO2 U . -19.09 -11.71 -13.92
C18 BO2 U . -20.29 -15.90 -15.21
O19 BO2 U . -20.91 -15.97 -14.20
N20 BO2 U . -20.11 -17.08 -16.03
C21 BO2 U . -20.66 -18.37 -15.66
C22 BO2 U . -21.25 -19.02 -16.93
C23 BO2 U . -22.27 -20.10 -16.57
C24 BO2 U . -23.11 -20.48 -17.79
C25 BO2 U . -23.18 -19.59 -15.47
B26 BO2 U . -19.51 -19.23 -15.02
O27 BO2 U . -18.26 -19.42 -16.10
O28 BO2 U . -18.93 -18.44 -13.66
N1 BO2 V . -11.44 -27.44 -1.63
C2 BO2 V . -10.96 -27.77 -2.81
C3 BO2 V . -11.80 -27.95 -3.88
N4 BO2 V . -13.11 -27.80 -3.73
C5 BO2 V . -13.59 -27.47 -2.54
C6 BO2 V . -12.75 -27.29 -1.46
C7 BO2 V . -9.46 -27.94 -2.99
O8 BO2 V . -9.02 -28.06 -4.08
N9 BO2 V . -8.58 -27.95 -1.83
C10 BO2 V . -7.15 -28.12 -2.03
C11 BO2 V . -6.40 -26.79 -1.97
C12 BO2 V . -7.30 -25.65 -1.54
C13 BO2 V . -7.99 -24.89 -2.47
C14 BO2 V . -8.81 -23.86 -2.06
C15 BO2 V . -8.93 -23.57 -0.70
C16 BO2 V . -8.24 -24.32 0.23
C17 BO2 V . -7.42 -25.36 -0.19
C18 BO2 V . -6.56 -29.11 -1.01
O19 BO2 V . -6.77 -28.98 0.14
N20 BO2 V . -5.73 -30.19 -1.51
C21 BO2 V . -5.12 -31.18 -0.62
C22 BO2 V . -5.34 -32.55 -1.25
C23 BO2 V . -5.21 -33.68 -0.23
C24 BO2 V . -5.79 -34.98 -0.79
C25 BO2 V . -5.95 -33.29 1.04
B26 BO2 V . -3.57 -30.82 -0.49
O27 BO2 V . -2.89 -30.70 -2.01
O28 BO2 V . -3.43 -29.35 0.29
N1 BO2 W . 10.85 -26.62 8.87
C2 BO2 W . 10.91 -26.65 7.54
C3 BO2 W . 10.01 -27.43 6.83
N4 BO2 W . 9.08 -28.12 7.48
C5 BO2 W . 9.03 -28.08 8.80
C6 BO2 W . 9.94 -27.32 9.51
C7 BO2 W . 11.97 -25.85 6.79
O8 BO2 W . 11.95 -25.83 5.61
N9 BO2 W . 12.98 -25.11 7.53
C10 BO2 W . 14.00 -24.32 6.85
C11 BO2 W . 13.60 -22.84 6.90
C12 BO2 W . 12.49 -22.54 5.89
C13 BO2 W . 12.81 -22.15 4.60
C14 BO2 W . 11.80 -21.87 3.69
C15 BO2 W . 10.47 -21.98 4.06
C16 BO2 W . 10.16 -22.35 5.35
C17 BO2 W . 11.17 -22.63 6.27
C18 BO2 W . 15.37 -24.48 7.52
O19 BO2 W . 15.51 -24.33 8.69
N20 BO2 W . 16.53 -24.82 6.71
C21 BO2 W . 17.86 -24.96 7.31
C22 BO2 W . 18.47 -26.30 6.86
C23 BO2 W . 19.57 -26.75 7.82
C24 BO2 W . 19.83 -28.25 7.69
C25 BO2 W . 19.13 -26.46 9.25
B26 BO2 W . 18.70 -23.69 6.88
O27 BO2 W . 18.59 -23.44 5.24
O28 BO2 W . 18.10 -22.34 7.66
CL CL X . 27.71 -40.18 -5.69
N1 BO2 Y . 26.47 -8.86 6.76
C2 BO2 Y . 27.30 -9.45 5.93
C3 BO2 Y . 27.89 -10.66 6.29
N4 BO2 Y . 27.61 -11.20 7.46
C5 BO2 Y . 26.77 -10.60 8.29
C6 BO2 Y . 26.19 -9.40 7.94
C7 BO2 Y . 27.60 -8.82 4.57
O8 BO2 Y . 27.77 -9.50 3.63
N9 BO2 Y . 27.69 -7.37 4.44
C10 BO2 Y . 27.96 -6.78 3.15
C11 BO2 Y . 26.69 -6.12 2.61
C12 BO2 Y . 25.45 -6.70 3.28
C13 BO2 Y . 24.85 -7.86 2.78
C14 BO2 Y . 23.73 -8.37 3.40
C15 BO2 Y . 23.19 -7.74 4.52
C16 BO2 Y . 23.78 -6.58 5.01
C17 BO2 Y . 24.91 -6.06 4.38
C18 BO2 Y . 29.08 -5.72 3.19
O19 BO2 Y . 29.22 -5.01 4.12
N20 BO2 Y . 29.96 -5.59 2.05
C21 BO2 Y . 31.04 -4.61 1.98
C22 BO2 Y . 32.36 -5.36 1.79
C23 BO2 Y . 33.54 -4.45 2.09
C24 BO2 Y . 34.85 -5.23 2.16
C25 BO2 Y . 33.28 -3.74 3.41
B26 BO2 Y . 30.68 -3.66 0.77
O27 BO2 Y . 30.58 -4.57 -0.61
O28 BO2 Y . 29.21 -2.92 1.03
CL CL Z . 45.51 -15.93 -10.71
N1 BO2 AA . 20.90 16.40 12.52
C2 BO2 AA . 20.34 17.06 13.51
C3 BO2 AA . 20.32 18.45 13.50
N4 BO2 AA . 20.86 19.11 12.50
C5 BO2 AA . 21.43 18.44 11.50
C6 BO2 AA . 21.45 17.05 11.51
C7 BO2 AA . 19.72 16.30 14.68
O8 BO2 AA . 18.94 16.87 15.37
N9 BO2 AA . 20.09 14.92 14.93
C10 BO2 AA . 19.50 14.18 16.03
C11 BO2 AA . 18.48 13.17 15.50
C12 BO2 AA . 17.59 13.83 14.43
C13 BO2 AA . 16.51 14.62 14.80
C14 BO2 AA . 15.72 15.21 13.83
C15 BO2 AA . 16.01 15.02 12.48
C16 BO2 AA . 17.08 14.24 12.12
C17 BO2 AA . 17.86 13.64 13.09
C18 BO2 AA . 20.55 13.43 16.87
O19 BO2 AA . 21.36 12.74 16.36
N20 BO2 AA . 20.52 13.56 18.32
C21 BO2 AA . 21.47 12.87 19.19
C22 BO2 AA . 22.00 13.87 20.22
C23 BO2 AA . 23.34 13.44 20.81
C24 BO2 AA . 24.12 14.64 21.33
C25 BO2 AA . 24.15 12.70 19.75
B26 BO2 AA . 20.71 11.65 19.85
O27 BO2 AA . 19.30 12.17 20.58
O28 BO2 AA . 20.34 10.52 18.69
CL CL BA . 19.39 26.22 37.16
N1 BO2 CA . 17.12 -4.76 23.27
C2 BO2 CA . 16.48 -4.20 24.28
C3 BO2 CA . 17.12 -3.21 25.02
N4 BO2 CA . 18.35 -2.85 24.71
C5 BO2 CA . 18.99 -3.40 23.69
C6 BO2 CA . 18.35 -4.38 22.95
C7 BO2 CA . 15.06 -4.65 24.62
O8 BO2 CA . 14.42 -4.07 25.43
N9 BO2 CA . 14.48 -5.80 23.93
C10 BO2 CA . 13.13 -6.27 24.22
C11 BO2 CA . 12.50 -6.82 22.94
C12 BO2 CA . 11.94 -5.70 22.07
C13 BO2 CA . 12.57 -4.47 21.95
C14 BO2 CA . 12.03 -3.48 21.15
C15 BO2 CA . 10.86 -3.72 20.45
C16 BO2 CA . 10.23 -4.94 20.56
C17 BO2 CA . 10.76 -5.93 21.37
C18 BO2 CA . 13.23 -7.38 25.29
O19 BO2 CA . 14.30 -7.66 25.71
N20 BO2 CA . 12.02 -8.07 25.77
C21 BO2 CA . 11.95 -9.13 26.77
C22 BO2 CA . 12.52 -8.52 28.06
C23 BO2 CA . 12.90 -9.64 29.03
C24 BO2 CA . 13.70 -9.09 30.20
C25 BO2 CA . 13.73 -10.67 28.29
B26 BO2 CA . 10.44 -9.53 26.97
O27 BO2 CA . 9.71 -8.15 27.58
O28 BO2 CA . 9.75 -9.84 25.49
CL CL DA . 10.43 -1.22 48.62
N1 BO2 EA . -2.26 -19.96 22.07
C2 BO2 EA . -2.56 -19.13 23.04
C3 BO2 EA . -1.66 -18.90 24.07
N4 BO2 EA . -0.49 -19.52 24.08
C5 BO2 EA . -0.19 -20.36 23.10
C6 BO2 EA . -1.09 -20.58 22.07
C7 BO2 EA . -3.90 -18.40 23.05
O8 BO2 EA . -4.07 -17.52 23.82
N9 BO2 EA . -4.94 -18.78 22.09
C10 BO2 EA . -6.23 -18.09 22.06
C11 BO2 EA . -6.25 -17.10 20.88
C12 BO2 EA . -4.99 -16.22 20.87
C13 BO2 EA . -4.93 -15.04 21.60
C14 BO2 EA . -3.78 -14.26 21.57
C15 BO2 EA . -2.69 -14.65 20.81
C16 BO2 EA . -2.75 -15.83 20.09
C17 BO2 EA . -3.90 -16.61 20.12
C18 BO2 EA . -7.41 -19.06 21.95
O19 BO2 EA . -7.41 -19.93 21.13
N20 BO2 EA . -8.55 -18.92 22.84
C21 BO2 EA . -9.72 -19.79 22.81
C22 BO2 EA . -9.99 -20.32 24.22
C23 BO2 EA . -10.93 -21.52 24.21
C24 BO2 EA . -11.02 -22.16 25.59
C25 BO2 EA . -10.43 -22.54 23.19
B26 BO2 EA . -10.95 -18.95 22.27
O27 BO2 EA . -11.28 -17.71 23.33
O28 BO2 EA . -10.56 -18.30 20.78
N1 BO2 FA . -22.47 -16.09 9.71
C2 BO2 FA . -23.01 -15.62 10.82
C3 BO2 FA . -23.03 -16.40 11.97
N4 BO2 FA . -22.49 -17.61 11.96
C5 BO2 FA . -21.94 -18.08 10.85
C6 BO2 FA . -21.93 -17.31 9.70
C7 BO2 FA . -23.63 -14.21 10.84
O8 BO2 FA . -23.64 -13.59 11.84
N9 BO2 FA . -24.21 -13.64 9.63
C10 BO2 FA . -24.78 -12.30 9.67
C11 BO2 FA . -23.75 -11.24 9.24
C12 BO2 FA . -22.53 -11.90 8.61
C13 BO2 FA . -21.41 -12.22 9.36
C14 BO2 FA . -20.31 -12.81 8.77
C15 BO2 FA . -20.31 -13.08 7.41
C16 BO2 FA . -21.43 -12.75 6.64
C17 BO2 FA . -22.52 -12.16 7.24
C18 BO2 FA . -26.05 -12.19 8.82
O19 BO2 FA . -26.11 -12.73 7.76
N20 BO2 FA . -27.17 -11.42 9.31
C21 BO2 FA . -28.41 -11.27 8.55
C22 BO2 FA . -29.56 -11.71 9.44
C23 BO2 FA . -30.82 -12.00 8.64
C24 BO2 FA . -31.82 -12.79 9.47
C25 BO2 FA . -30.44 -12.78 7.39
B26 BO2 FA . -28.54 -9.75 8.13
O27 BO2 FA . -28.51 -8.79 9.49
O28 BO2 FA . -27.24 -9.36 7.15
N1 BO2 GA . -29.15 2.61 -4.23
C2 BO2 GA . -29.68 3.10 -3.12
C3 BO2 GA . -30.61 2.35 -2.41
N4 BO2 GA . -30.97 1.15 -2.85
C5 BO2 GA . -30.44 0.67 -3.96
C6 BO2 GA . -29.51 1.42 -4.67
C7 BO2 GA . -29.27 4.47 -2.63
O8 BO2 GA . -29.46 4.77 -1.50
N9 BO2 GA . -28.62 5.41 -3.54
C10 BO2 GA . -28.22 6.73 -3.05
C11 BO2 GA . -26.71 6.79 -2.84
C12 BO2 GA . -26.11 5.40 -2.68
C13 BO2 GA . -26.11 4.76 -1.44
C14 BO2 GA . -25.56 3.49 -1.31
C15 BO2 GA . -25.02 2.86 -2.42
C16 BO2 GA . -25.02 3.49 -3.65
C17 BO2 GA . -25.56 4.76 -3.78
C18 BO2 GA . -28.63 7.84 -4.03
O19 BO2 GA . -28.46 7.71 -5.20
N20 BO2 GA . -29.25 9.04 -3.50
C21 BO2 GA . -29.65 10.16 -4.35
C22 BO2 GA . -31.11 10.52 -4.04
C23 BO2 GA . -31.75 11.30 -5.18
C24 BO2 GA . -33.26 11.28 -5.05
C25 BO2 GA . -31.32 10.66 -6.50
B26 BO2 GA . -28.68 11.36 -4.05
O27 BO2 GA . -28.76 11.76 -2.43
O28 BO2 GA . -27.12 10.95 -4.45
CL CL HA . -45.09 19.07 9.38
N1 BO2 IA . -16.71 22.90 -9.38
C2 BO2 IA . -16.97 23.13 -8.10
C3 BO2 IA . -18.26 22.90 -7.62
N4 BO2 IA . -19.20 22.46 -8.44
C5 BO2 IA . -18.93 22.23 -9.71
C6 BO2 IA . -17.65 22.46 -10.19
C7 BO2 IA . -15.89 23.63 -7.15
O8 BO2 IA . -16.05 23.55 -5.98
N9 BO2 IA . -14.65 24.22 -7.68
C10 BO2 IA . -13.60 24.69 -6.78
C11 BO2 IA . -12.40 23.76 -6.92
C12 BO2 IA . -12.52 22.59 -5.94
C13 BO2 IA . -11.99 22.71 -4.67
C14 BO2 IA . -12.09 21.65 -3.78
C15 BO2 IA . -12.72 20.48 -4.16
C16 BO2 IA . -13.25 20.36 -5.44
C17 BO2 IA . -13.15 21.41 -6.34
C18 BO2 IA . -13.15 26.11 -7.12
O19 BO2 IA . -12.83 26.43 -8.22
N20 BO2 IA . -13.11 27.08 -6.05
C21 BO2 IA . -12.69 28.43 -6.30
C22 BO2 IA . -13.78 29.28 -5.67
C23 BO2 IA . -13.72 30.76 -6.00
C24 BO2 IA . -14.96 31.38 -5.34
C25 BO2 IA . -13.63 31.00 -7.51
B26 BO2 IA . -11.33 28.55 -5.55
O27 BO2 IA . -11.50 28.20 -3.93
O28 BO2 IA . -10.32 27.40 -6.23
N1 BO2 JA . 6.19 28.40 -2.16
C2 BO2 JA . 5.56 28.80 -1.06
C3 BO2 JA . 4.37 29.49 -1.18
N4 BO2 JA . 3.86 29.75 -2.36
C5 BO2 JA . 4.48 29.36 -3.45
C6 BO2 JA . 5.68 28.67 -3.35
C7 BO2 JA . 6.13 28.48 0.33
O8 BO2 JA . 5.46 28.71 1.28
N9 BO2 JA . 7.44 27.89 0.53
C10 BO2 JA . 7.89 27.60 1.89
C11 BO2 JA . 8.28 26.13 2.01
C12 BO2 JA . 7.20 25.26 1.37
C13 BO2 JA . 5.87 25.45 1.71
C14 BO2 JA . 4.88 24.68 1.13
C15 BO2 JA . 5.22 23.70 0.22
C16 BO2 JA . 6.54 23.49 -0.13
C17 BO2 JA . 7.53 24.28 0.45
C18 BO2 JA . 9.05 28.49 2.32
O19 BO2 JA . 9.48 29.29 1.55
N20 BO2 JA . 9.60 28.30 3.66
C21 BO2 JA . 10.69 29.10 4.19
C22 BO2 JA . 10.04 30.46 4.33
C23 BO2 JA . 11.10 31.53 4.48
C24 BO2 JA . 10.36 32.87 4.34
C25 BO2 JA . 12.07 31.39 3.31
B26 BO2 JA . 11.09 28.56 5.61
O27 BO2 JA . 10.13 29.22 6.82
O28 BO2 JA . 10.79 26.94 5.69
CL CL KA . 4.43 46.07 17.58
#